data_9MRT
#
_entry.id   9MRT
#
_cell.length_a   1.00
_cell.length_b   1.00
_cell.length_c   1.00
_cell.angle_alpha   90.00
_cell.angle_beta   90.00
_cell.angle_gamma   90.00
#
_symmetry.space_group_name_H-M   'P 1'
#
loop_
_entity.id
_entity.type
_entity.pdbx_description
1 polymer 'Transient receptor potential cation channel subfamily M member 4'
2 non-polymer '[(2R)-1-octadecanoyloxy-3-[oxidanyl-[(1R,2R,3S,4R,5R,6S)-2,3,6-tris(oxidanyl)-4,5-diphosphonooxy-cyclohexyl]oxy-phospho ryl]oxy-propan-2-yl] (8Z)-icosa-5,8,11,14-tetraenoate'
3 non-polymer 'CALCIUM ION'
#
_entity_poly.entity_id   1
_entity_poly.type   'polypeptide(L)'
_entity_poly.pdbx_seq_one_letter_code
;MVVPEKEQSWIPKIFKKKTCTTFIVDSTDPGGTLCQCGRPRTAHPAVAMEDAFGAAVVTVWDSDAHTTEKPTDAYGELDF
TGAGRKHSNFLRLSDRTDPAAVYSLVTRTWGFRAPNLVVSVLGGSGGPVLQTWLQDLLRRGLVRAAQSTGAWIVTGGLHT
GIGRHVGVAVRDHQMASTGGTKVVAMGVAPWGVVRNRDTLINPKGSFPARYRWRGDPEDGVQFPLDYNYSAFFLVDDGTH
GCLGGENRFRLRLESYISQQKTGVGGTGIDIPVLLLLIDGDEKMLTRIENATQAQLPCLLVAGSGGAADCLAETLEDTLA
PGSGGARQGEARDRIRRFFPKGDLEVLQAQVERIMTRKELLTVYSSEDGSEEFETIVLKALVKACGSSEASAYLDELRLA
VAWNRVDIAQSELFRGDIQWRSFHLEASLMDALLNDRPEFVRLLISHGLSLGHFLTPMRLAQLYSAAPSNSLIRNLLDQA
SHSAGTKAPALKGGAAELRPPDVGHVLRMLLGKMCAPRYPSGGAWDPHPGQGFGESMYLLSDKATSPLSLDAGLGQAPWS
DLLLWALLLNRAQMAMYFWEMGSNAVSSALGACLLLRVMARLEPDAEEAARRKDLAFKFEGMGVDLFGECYRSSEVRAAR
LLLRRCPLWGDATCLQLAMQADARAFFAQDGVQSLLTQKWWGDMASTTPIWALVLAFFCPPLIYTRLITFRKSEEEPTRE
ELEFDMDSVINGEGPVGTADPAEKTPLGVPRQSGRPGCCGGRCGGRRCLRRWFHFWGAPVTIFMGNVVSYLLFLLLFSRV
LLVDFQPAPPGSLELLLYFWAFTLLCEELRQGLSGGGGSLASGGPGPGHASLSQRLRLYLADSWNQCDLVALTCFLLGVG
CRLTPGLYHLGRTVLCIDFMVFTVRLLHIFTVNKQLGPKIVIVSKMMKDVFFFLFFLGVWLVAYGVATEGLLRPRDSDFP
SILRRVFYRPYLQIFGQIPQEDMDVALMEHSNCSSEPGFWAHPPGAQAGTCVSQYANWLVVLLLVIFLLVANILLVNLLI
AMFSYTFGKVQGNSDLYWKAQRYRLIREFHSRPALAPPFIVISHLRLLLRQLCRRPRSPQPSSPALEHFRVYLSKEAERK
LLTWESVHKENFLLARARDKRESDSERLKRTSQKVDLALKQLGHIREYEQRLKVLEREVQQCSRVLGWVAEALSRSALLP
PGGPPPPDLPGSKD
;
_entity_poly.pdbx_strand_id   B,A,C,D
#
loop_
_chem_comp.id
_chem_comp.type
_chem_comp.name
_chem_comp.formula
CA non-polymer 'CALCIUM ION' 'Ca 2'
PT5 non-polymer '[(2R)-1-octadecanoyloxy-3-[oxidanyl-[(1R,2R,3S,4R,5R,6S)-2,3,6-tris(oxidanyl)-4,5-diphosphonooxy-cyclohexyl]oxy-phospho ryl]oxy-propan-2-yl] (8Z)-icosa-5,8,11,14-tetraenoate' 'C47 H85 O19 P3'
#
# COMPACT_ATOMS: atom_id res chain seq x y z
N GLU A 7 -13.69 34.83 62.27
CA GLU A 7 -13.48 33.39 62.21
C GLU A 7 -12.04 33.04 62.58
N GLN A 8 -11.13 33.98 62.35
CA GLN A 8 -9.72 33.80 62.69
C GLN A 8 -9.41 34.21 64.12
N SER A 9 -10.41 34.66 64.89
CA SER A 9 -10.17 35.21 66.22
C SER A 9 -9.55 34.19 67.17
N TRP A 10 -10.03 32.94 67.12
CA TRP A 10 -9.58 31.92 68.06
C TRP A 10 -8.27 31.27 67.65
N ILE A 11 -7.61 31.76 66.60
CA ILE A 11 -6.33 31.19 66.19
C ILE A 11 -5.27 31.26 67.28
N PRO A 12 -5.07 32.38 67.98
CA PRO A 12 -4.06 32.40 69.06
C PRO A 12 -4.37 31.45 70.21
N LYS A 13 -5.62 31.00 70.35
CA LYS A 13 -6.00 30.11 71.44
C LYS A 13 -5.86 28.64 71.09
N ILE A 14 -6.06 28.28 69.81
CA ILE A 14 -5.92 26.88 69.41
C ILE A 14 -4.47 26.55 69.10
N PHE A 15 -3.70 27.49 68.57
CA PHE A 15 -2.31 27.27 68.19
C PHE A 15 -1.39 28.14 69.03
N LYS A 16 -0.16 27.67 69.22
CA LYS A 16 0.80 28.33 70.08
C LYS A 16 2.12 28.53 69.34
N LYS A 17 2.79 29.63 69.65
CA LYS A 17 4.17 29.85 69.26
C LYS A 17 5.11 29.42 70.38
N LYS A 18 6.41 29.47 70.09
CA LYS A 18 7.40 29.11 71.09
C LYS A 18 7.45 30.16 72.21
N ASP A 64 13.56 21.44 73.46
CA ASP A 64 13.03 22.77 73.73
C ASP A 64 12.63 22.94 75.18
N ALA A 65 13.37 22.27 76.08
CA ALA A 65 13.08 22.36 77.50
C ALA A 65 13.36 23.75 78.06
N HIS A 66 14.10 24.59 77.33
CA HIS A 66 14.39 25.95 77.76
C HIS A 66 13.29 26.93 77.41
N THR A 67 12.22 26.51 76.74
CA THR A 67 11.19 27.41 76.25
C THR A 67 9.83 26.94 76.73
N THR A 68 8.86 27.85 76.62
CA THR A 68 7.47 27.57 76.97
C THR A 68 6.56 28.13 75.88
N GLU A 69 5.35 27.55 75.79
CA GLU A 69 4.42 27.94 74.76
C GLU A 69 3.76 29.28 75.09
N LYS A 70 3.43 30.03 74.04
CA LYS A 70 2.77 31.32 74.12
C LYS A 70 1.75 31.41 73.01
N PRO A 71 0.73 32.26 73.17
CA PRO A 71 -0.29 32.37 72.11
C PRO A 71 0.29 32.78 70.77
N THR A 72 -0.28 32.22 69.71
CA THR A 72 0.17 32.52 68.35
C THR A 72 -0.14 33.98 68.00
N ASP A 73 0.84 34.65 67.39
CA ASP A 73 0.72 36.06 67.03
C ASP A 73 0.59 36.31 65.54
N ALA A 74 1.34 35.59 64.70
CA ALA A 74 1.32 35.83 63.26
C ALA A 74 0.33 34.86 62.61
N TYR A 75 -0.68 35.41 61.96
CA TYR A 75 -1.71 34.63 61.28
C TYR A 75 -2.58 35.59 60.47
N GLY A 76 -3.42 35.01 59.63
CA GLY A 76 -4.37 35.77 58.85
C GLY A 76 -4.20 35.49 57.37
N GLU A 77 -4.71 36.39 56.55
CA GLU A 77 -4.54 36.32 55.11
C GLU A 77 -3.21 36.96 54.70
N LEU A 78 -2.79 36.69 53.47
CA LEU A 78 -1.50 37.15 52.99
C LEU A 78 -1.63 37.59 51.54
N ASP A 79 -1.23 38.83 51.26
CA ASP A 79 -1.21 39.37 49.91
C ASP A 79 0.22 39.80 49.58
N PHE A 80 0.73 39.33 48.45
CA PHE A 80 2.05 39.73 47.98
C PHE A 80 1.92 41.04 47.22
N THR A 81 2.70 42.04 47.61
CA THR A 81 2.56 43.39 47.07
C THR A 81 2.87 43.41 45.57
N GLY A 82 1.84 43.75 44.78
CA GLY A 82 2.01 43.90 43.35
C GLY A 82 2.07 42.61 42.56
N ALA A 83 1.91 41.46 43.21
CA ALA A 83 1.97 40.19 42.51
C ALA A 83 0.71 39.89 41.70
N GLY A 84 -0.41 40.50 42.07
CA GLY A 84 -1.66 40.22 41.39
C GLY A 84 -2.22 38.83 41.60
N ARG A 85 -1.69 38.09 42.56
CA ARG A 85 -2.14 36.74 42.82
C ARG A 85 -3.40 36.74 43.70
N LYS A 86 -4.00 35.56 43.82
CA LYS A 86 -5.15 35.39 44.70
C LYS A 86 -4.72 35.56 46.17
N HIS A 87 -5.65 36.05 46.99
CA HIS A 87 -5.38 36.17 48.41
C HIS A 87 -5.15 34.79 49.03
N SER A 88 -4.03 34.63 49.73
CA SER A 88 -3.67 33.38 50.36
C SER A 88 -3.93 33.44 51.86
N ASN A 89 -3.48 32.39 52.55
CA ASN A 89 -3.57 32.32 54.01
C ASN A 89 -2.22 31.88 54.56
N PHE A 90 -1.97 32.26 55.82
CA PHE A 90 -0.72 31.88 56.47
C PHE A 90 -0.95 31.75 57.97
N LEU A 91 -0.06 31.02 58.63
CA LEU A 91 -0.19 30.75 60.05
C LEU A 91 1.18 30.48 60.65
N ARG A 92 1.37 30.93 61.88
CA ARG A 92 2.55 30.59 62.66
C ARG A 92 2.15 29.59 63.74
N LEU A 93 2.86 28.47 63.82
CA LEU A 93 2.53 27.43 64.78
C LEU A 93 3.78 26.68 65.18
N SER A 94 3.74 26.08 66.35
CA SER A 94 4.89 25.32 66.84
C SER A 94 4.89 23.91 66.26
N ASP A 95 6.04 23.25 66.34
CA ASP A 95 6.17 21.88 65.88
C ASP A 95 5.37 20.91 66.76
N ARG A 96 5.03 21.32 67.98
CA ARG A 96 4.28 20.43 68.88
C ARG A 96 2.84 20.23 68.40
N THR A 97 2.33 21.14 67.57
CA THR A 97 0.92 21.11 67.18
C THR A 97 0.57 19.81 66.47
N ASP A 98 -0.51 19.17 66.93
CA ASP A 98 -0.98 17.93 66.32
C ASP A 98 -1.70 18.23 65.01
N PRO A 99 -1.58 17.33 64.02
CA PRO A 99 -2.11 17.64 62.68
C PRO A 99 -3.61 17.82 62.60
N ALA A 100 -4.37 17.31 63.58
CA ALA A 100 -5.82 17.35 63.47
C ALA A 100 -6.35 18.78 63.44
N ALA A 101 -5.84 19.63 64.33
CA ALA A 101 -6.31 21.02 64.40
C ALA A 101 -5.97 21.77 63.11
N VAL A 102 -4.76 21.57 62.59
CA VAL A 102 -4.35 22.26 61.36
C VAL A 102 -5.18 21.79 60.18
N TYR A 103 -5.42 20.47 60.08
CA TYR A 103 -6.25 19.95 58.99
C TYR A 103 -7.66 20.49 59.07
N SER A 104 -8.24 20.53 60.27
CA SER A 104 -9.57 21.11 60.43
C SER A 104 -9.58 22.58 60.04
N LEU A 105 -8.54 23.32 60.44
CA LEU A 105 -8.42 24.72 60.06
C LEU A 105 -8.44 24.88 58.55
N VAL A 106 -7.59 24.12 57.85
CA VAL A 106 -7.50 24.25 56.40
C VAL A 106 -8.82 23.89 55.73
N THR A 107 -9.43 22.79 56.18
CA THR A 107 -10.62 22.29 55.50
C THR A 107 -11.87 23.11 55.81
N ARG A 108 -11.95 23.72 56.98
CA ARG A 108 -13.21 24.32 57.43
C ARG A 108 -13.15 25.83 57.61
N THR A 109 -12.02 26.39 58.03
CA THR A 109 -11.90 27.83 58.21
C THR A 109 -11.37 28.53 56.96
N TRP A 110 -10.30 28.00 56.36
CA TRP A 110 -9.77 28.56 55.12
C TRP A 110 -10.61 28.16 53.91
N GLY A 111 -11.45 27.13 54.03
CA GLY A 111 -12.40 26.79 53.00
C GLY A 111 -11.90 25.87 51.92
N PHE A 112 -10.66 25.36 52.01
CA PHE A 112 -10.16 24.43 51.01
C PHE A 112 -10.90 23.11 51.10
N ARG A 113 -11.27 22.55 49.95
CA ARG A 113 -11.97 21.29 49.91
C ARG A 113 -10.99 20.13 50.14
N ALA A 114 -11.55 18.98 50.51
CA ALA A 114 -10.73 17.80 50.73
C ALA A 114 -10.07 17.38 49.42
N PRO A 115 -8.78 17.05 49.43
CA PRO A 115 -8.10 16.71 48.19
C PRO A 115 -8.33 15.27 47.77
N ASN A 116 -8.40 15.06 46.45
CA ASN A 116 -8.46 13.71 45.92
C ASN A 116 -7.19 12.93 46.22
N LEU A 117 -6.03 13.58 46.11
CA LEU A 117 -4.77 12.97 46.45
C LEU A 117 -3.82 14.06 46.91
N VAL A 118 -2.78 13.66 47.64
CA VAL A 118 -1.75 14.58 48.13
C VAL A 118 -0.40 14.02 47.72
N VAL A 119 0.42 14.86 47.09
CA VAL A 119 1.81 14.51 46.78
C VAL A 119 2.72 15.50 47.47
N SER A 120 3.65 15.00 48.27
CA SER A 120 4.61 15.82 48.98
C SER A 120 5.97 15.67 48.31
N VAL A 121 6.53 16.78 47.85
CA VAL A 121 7.78 16.78 47.10
C VAL A 121 8.90 17.19 48.05
N LEU A 122 9.93 16.35 48.11
CA LEU A 122 11.08 16.61 48.97
C LEU A 122 12.35 16.47 48.13
N GLY A 123 13.28 17.40 48.32
CA GLY A 123 14.48 17.42 47.51
C GLY A 123 15.38 18.56 47.96
N GLY A 124 16.45 18.74 47.19
CA GLY A 124 17.47 19.69 47.57
C GLY A 124 17.96 20.60 46.45
N SER A 125 19.29 20.71 46.32
CA SER A 125 19.99 21.56 45.37
C SER A 125 19.90 23.03 45.77
N GLY A 126 19.12 23.32 46.82
CA GLY A 126 19.10 24.63 47.43
C GLY A 126 18.66 25.77 46.53
N GLY A 127 19.61 26.63 46.18
CA GLY A 127 19.33 27.84 45.45
C GLY A 127 19.09 27.65 43.96
N PRO A 128 20.11 27.20 43.24
CA PRO A 128 20.00 27.14 41.78
C PRO A 128 18.87 26.22 41.31
N VAL A 129 18.27 26.60 40.20
CA VAL A 129 17.17 25.84 39.63
C VAL A 129 17.68 24.50 39.12
N LEU A 130 16.78 23.51 39.10
CA LEU A 130 17.16 22.17 38.68
C LEU A 130 17.42 22.12 37.18
N GLN A 131 18.02 21.01 36.74
CA GLN A 131 18.19 20.77 35.32
C GLN A 131 16.83 20.64 34.64
N THR A 132 16.77 21.03 33.37
CA THR A 132 15.47 21.20 32.71
C THR A 132 14.69 19.90 32.57
N TRP A 133 15.36 18.75 32.61
CA TRP A 133 14.60 17.49 32.56
C TRP A 133 13.85 17.27 33.86
N LEU A 134 14.42 17.68 35.00
CA LEU A 134 13.66 17.68 36.24
C LEU A 134 12.52 18.67 36.20
N GLN A 135 12.73 19.80 35.52
CA GLN A 135 11.65 20.77 35.33
C GLN A 135 10.50 20.15 34.53
N ASP A 136 10.82 19.41 33.47
CA ASP A 136 9.79 18.75 32.69
C ASP A 136 9.11 17.65 33.49
N LEU A 137 9.87 16.94 34.31
CA LEU A 137 9.27 15.93 35.18
C LEU A 137 8.29 16.57 36.16
N LEU A 138 8.61 17.76 36.66
CA LEU A 138 7.71 18.46 37.57
C LEU A 138 6.46 18.95 36.84
N ARG A 139 6.64 19.61 35.69
CA ARG A 139 5.52 20.25 35.02
C ARG A 139 4.71 19.27 34.20
N ARG A 140 5.33 18.68 33.18
CA ARG A 140 4.65 17.74 32.30
C ARG A 140 4.38 16.40 32.96
N GLY A 141 4.89 16.19 34.17
CA GLY A 141 4.66 14.99 34.94
C GLY A 141 3.68 15.17 36.07
N LEU A 142 4.22 15.40 37.27
CA LEU A 142 3.43 15.48 38.50
C LEU A 142 2.27 16.46 38.37
N VAL A 143 2.55 17.69 37.96
CA VAL A 143 1.51 18.72 37.96
C VAL A 143 0.47 18.45 36.89
N ARG A 144 0.91 17.99 35.71
CA ARG A 144 -0.04 17.66 34.66
C ARG A 144 -0.97 16.53 35.09
N ALA A 145 -0.43 15.53 35.76
CA ALA A 145 -1.26 14.42 36.25
C ALA A 145 -2.21 14.90 37.35
N ALA A 146 -1.71 15.73 38.28
CA ALA A 146 -2.54 16.21 39.37
C ALA A 146 -3.65 17.13 38.87
N GLN A 147 -3.46 17.74 37.69
CA GLN A 147 -4.50 18.60 37.13
C GLN A 147 -5.78 17.83 36.82
N SER A 148 -5.68 16.54 36.49
CA SER A 148 -6.86 15.77 36.11
C SER A 148 -7.71 15.41 37.33
N THR A 149 -7.07 15.01 38.43
CA THR A 149 -7.81 14.57 39.60
C THR A 149 -8.09 15.70 40.59
N GLY A 150 -7.26 16.74 40.59
CA GLY A 150 -7.30 17.74 41.63
C GLY A 150 -6.56 17.25 42.85
N ALA A 151 -5.68 18.07 43.41
CA ALA A 151 -4.79 17.56 44.44
C ALA A 151 -4.16 18.71 45.21
N TRP A 152 -3.62 18.37 46.38
CA TRP A 152 -2.75 19.26 47.15
C TRP A 152 -1.32 18.84 46.91
N ILE A 153 -0.46 19.80 46.57
CA ILE A 153 0.96 19.54 46.36
C ILE A 153 1.72 20.24 47.47
N VAL A 154 2.35 19.47 48.34
CA VAL A 154 3.01 19.98 49.54
C VAL A 154 4.51 19.97 49.31
N THR A 155 5.14 21.11 49.54
CA THR A 155 6.59 21.25 49.42
C THR A 155 7.00 22.49 50.19
N GLY A 156 8.26 22.89 50.06
CA GLY A 156 8.71 24.13 50.69
C GLY A 156 7.99 25.33 50.11
N GLY A 157 7.52 26.22 50.99
CA GLY A 157 6.84 27.42 50.57
C GLY A 157 7.77 28.60 50.35
N LEU A 158 9.03 28.30 50.04
CA LEU A 158 10.07 29.31 49.88
C LEU A 158 10.47 29.43 48.41
N HIS A 159 11.33 30.40 48.14
CA HIS A 159 11.84 30.59 46.79
C HIS A 159 13.01 29.67 46.47
N THR A 160 13.25 28.62 47.24
CA THR A 160 14.24 27.61 46.85
C THR A 160 13.84 26.98 45.52
N GLY A 161 14.81 26.33 44.87
CA GLY A 161 14.60 25.90 43.50
C GLY A 161 13.43 24.96 43.31
N ILE A 162 13.32 23.94 44.16
CA ILE A 162 12.26 22.95 43.99
C ILE A 162 10.89 23.56 44.23
N GLY A 163 10.75 24.32 45.32
CA GLY A 163 9.49 24.99 45.59
C GLY A 163 9.16 26.04 44.56
N ARG A 164 10.20 26.72 44.07
CA ARG A 164 9.98 27.78 43.06
C ARG A 164 9.44 27.15 41.78
N HIS A 165 9.99 26.02 41.36
CA HIS A 165 9.53 25.41 40.12
C HIS A 165 8.18 24.72 40.31
N VAL A 166 7.92 24.17 41.50
CA VAL A 166 6.60 23.62 41.77
C VAL A 166 5.55 24.71 41.67
N GLY A 167 5.83 25.87 42.27
CA GLY A 167 4.89 26.98 42.22
C GLY A 167 4.65 27.47 40.81
N VAL A 168 5.73 27.61 40.02
CA VAL A 168 5.54 28.13 38.67
C VAL A 168 4.82 27.11 37.79
N ALA A 169 5.07 25.81 37.98
CA ALA A 169 4.33 24.81 37.23
C ALA A 169 2.85 24.82 37.58
N VAL A 170 2.55 24.91 38.88
CA VAL A 170 1.15 25.00 39.31
C VAL A 170 0.49 26.24 38.72
N ARG A 171 1.19 27.37 38.73
CA ARG A 171 0.66 28.60 38.15
C ARG A 171 0.42 28.45 36.65
N ASP A 172 1.36 27.83 35.94
CA ASP A 172 1.22 27.65 34.50
C ASP A 172 0.02 26.79 34.17
N HIS A 173 -0.18 25.70 34.91
CA HIS A 173 -1.35 24.87 34.65
C HIS A 173 -2.63 25.52 35.18
N GLN A 174 -2.50 26.49 36.07
CA GLN A 174 -3.66 27.25 36.53
C GLN A 174 -4.12 28.23 35.46
N MET A 175 -3.17 28.90 34.80
CA MET A 175 -3.53 29.88 33.78
C MET A 175 -4.07 29.20 32.53
N ALA A 176 -3.63 27.96 32.26
CA ALA A 176 -4.09 27.24 31.09
C ALA A 176 -5.41 26.51 31.32
N SER A 177 -5.88 26.41 32.55
CA SER A 177 -7.13 25.71 32.82
C SER A 177 -8.31 26.54 32.34
N THR A 178 -9.34 25.85 31.85
CA THR A 178 -10.54 26.50 31.35
C THR A 178 -11.74 26.35 32.28
N GLY A 179 -11.65 25.54 33.32
CA GLY A 179 -12.70 25.36 34.29
C GLY A 179 -12.33 25.92 35.65
N GLY A 180 -12.86 25.30 36.70
CA GLY A 180 -12.58 25.74 38.05
C GLY A 180 -11.21 25.28 38.54
N THR A 181 -10.74 25.93 39.60
CA THR A 181 -9.47 25.56 40.21
C THR A 181 -9.57 24.21 40.89
N LYS A 182 -8.58 23.35 40.66
CA LYS A 182 -8.56 22.01 41.24
C LYS A 182 -7.25 21.65 41.93
N VAL A 183 -6.13 22.27 41.58
CA VAL A 183 -4.84 21.97 42.19
C VAL A 183 -4.43 23.12 43.09
N VAL A 184 -4.06 22.80 44.32
CA VAL A 184 -3.63 23.80 45.31
C VAL A 184 -2.23 23.45 45.76
N ALA A 185 -1.34 24.45 45.77
CA ALA A 185 0.02 24.29 46.26
C ALA A 185 0.10 24.76 47.71
N MET A 186 0.53 23.86 48.60
CA MET A 186 0.65 24.14 50.02
C MET A 186 2.12 24.13 50.41
N GLY A 187 2.55 25.14 51.16
CA GLY A 187 3.93 25.26 51.58
C GLY A 187 4.07 25.15 53.08
N VAL A 188 4.96 24.26 53.51
CA VAL A 188 5.34 24.12 54.92
C VAL A 188 6.80 24.56 55.05
N ALA A 189 7.02 25.60 55.86
CA ALA A 189 8.33 26.23 55.95
C ALA A 189 8.65 26.53 57.39
N PRO A 190 9.93 26.60 57.76
CA PRO A 190 10.29 26.95 59.13
C PRO A 190 10.26 28.45 59.37
N TRP A 191 9.77 28.84 60.53
CA TRP A 191 9.77 30.24 60.93
C TRP A 191 11.20 30.71 61.23
N GLY A 192 11.40 32.02 61.11
CA GLY A 192 12.71 32.60 61.31
C GLY A 192 13.52 32.62 60.03
N VAL A 193 13.28 31.64 59.16
CA VAL A 193 13.90 31.63 57.85
C VAL A 193 13.14 32.52 56.87
N VAL A 194 11.89 32.86 57.18
CA VAL A 194 11.08 33.66 56.28
C VAL A 194 11.59 35.10 56.31
N ARG A 195 11.95 35.62 55.13
CA ARG A 195 12.48 36.97 55.02
C ARG A 195 11.36 37.99 55.16
N ASN A 196 11.68 39.12 55.81
CA ASN A 196 10.74 40.22 56.00
C ASN A 196 9.47 39.77 56.72
N ARG A 197 9.62 38.86 57.67
CA ARG A 197 8.48 38.33 58.42
C ARG A 197 7.93 39.32 59.44
N ASP A 198 8.59 40.48 59.60
CA ASP A 198 8.18 41.44 60.62
C ASP A 198 6.73 41.90 60.42
N THR A 199 6.30 42.06 59.15
CA THR A 199 4.95 42.52 58.88
C THR A 199 3.89 41.51 59.30
N LEU A 200 4.23 40.23 59.33
CA LEU A 200 3.24 39.19 59.60
C LEU A 200 2.74 39.21 61.04
N ILE A 201 3.39 39.96 61.93
CA ILE A 201 3.02 39.97 63.34
C ILE A 201 1.92 41.00 63.59
N ASN A 202 0.67 40.58 63.42
CA ASN A 202 -0.49 41.44 63.69
C ASN A 202 -1.65 40.58 64.17
N PRO A 203 -1.81 40.44 65.49
CA PRO A 203 -2.91 39.68 66.09
C PRO A 203 -4.28 40.28 65.77
N PHE A 207 -7.43 39.33 58.86
CA PHE A 207 -6.71 40.54 58.46
C PHE A 207 -5.81 40.28 57.25
N PRO A 208 -6.04 41.02 56.17
CA PRO A 208 -5.19 40.88 54.98
C PRO A 208 -3.85 41.59 55.14
N ALA A 209 -2.78 40.81 55.32
CA ALA A 209 -1.45 41.39 55.45
C ALA A 209 -0.87 41.72 54.08
N ARG A 210 0.01 42.72 54.06
CA ARG A 210 0.73 43.11 52.84
C ARG A 210 2.19 42.70 53.00
N TYR A 211 2.71 41.95 52.04
CA TYR A 211 4.00 41.30 52.15
C TYR A 211 4.92 41.80 51.04
N ARG A 212 6.01 42.46 51.42
CA ARG A 212 7.01 42.94 50.46
C ARG A 212 8.06 41.84 50.25
N TRP A 213 7.76 40.95 49.30
CA TRP A 213 8.59 39.79 49.05
C TRP A 213 9.85 40.11 48.25
N ARG A 214 9.94 41.31 47.65
CA ARG A 214 11.05 41.63 46.77
C ARG A 214 12.30 42.12 47.51
N GLY A 215 12.25 42.19 48.84
CA GLY A 215 13.39 42.67 49.61
C GLY A 215 14.67 41.90 49.37
N GLN A 222 18.10 33.49 54.87
CA GLN A 222 16.65 33.67 54.81
C GLN A 222 16.14 33.62 53.37
N PHE A 223 14.88 33.22 53.22
CA PHE A 223 14.25 33.14 51.91
C PHE A 223 12.85 33.72 51.97
N PRO A 224 12.37 34.32 50.88
CA PRO A 224 11.01 34.87 50.87
C PRO A 224 9.99 33.82 50.46
N LEU A 225 8.75 34.08 50.85
CA LEU A 225 7.65 33.18 50.49
C LEU A 225 7.37 33.24 49.00
N ASP A 226 7.00 32.08 48.44
CA ASP A 226 6.68 31.98 47.02
C ASP A 226 5.23 32.36 46.81
N TYR A 227 4.99 33.35 45.96
CA TYR A 227 3.66 33.95 45.81
C TYR A 227 2.68 33.07 45.05
N ASN A 228 3.13 31.97 44.46
CA ASN A 228 2.22 31.10 43.72
C ASN A 228 1.46 30.13 44.63
N TYR A 229 1.77 30.10 45.92
CA TYR A 229 1.10 29.19 46.83
C TYR A 229 -0.16 29.83 47.42
N SER A 230 -1.11 28.99 47.82
CA SER A 230 -2.38 29.46 48.34
C SER A 230 -2.48 29.42 49.85
N ALA A 231 -1.58 28.69 50.53
CA ALA A 231 -1.59 28.64 51.98
C ALA A 231 -0.18 28.30 52.47
N PHE A 232 0.16 28.80 53.65
CA PHE A 232 1.47 28.60 54.24
C PHE A 232 1.34 28.15 55.69
N PHE A 233 2.17 27.18 56.07
CA PHE A 233 2.33 26.76 57.46
C PHE A 233 3.76 27.06 57.87
N LEU A 234 3.92 27.96 58.85
CA LEU A 234 5.25 28.37 59.30
C LEU A 234 5.50 27.72 60.65
N VAL A 235 6.22 26.60 60.63
CA VAL A 235 6.53 25.87 61.86
C VAL A 235 7.69 26.55 62.56
N ASP A 236 7.45 27.02 63.78
CA ASP A 236 8.45 27.74 64.56
C ASP A 236 9.27 26.74 65.34
N ASP A 237 10.54 26.57 64.95
CA ASP A 237 11.44 25.67 65.66
C ASP A 237 11.94 26.26 66.98
N GLY A 238 11.70 27.55 67.23
CA GLY A 238 12.27 28.21 68.39
C GLY A 238 13.67 28.71 68.12
N THR A 239 14.48 27.88 67.50
CA THR A 239 15.82 28.28 67.07
C THR A 239 15.68 29.14 65.82
N HIS A 240 15.84 30.46 65.98
CA HIS A 240 15.65 31.38 64.87
C HIS A 240 16.74 31.17 63.83
N GLY A 241 16.32 30.95 62.58
CA GLY A 241 17.24 30.70 61.49
C GLY A 241 17.60 29.26 61.27
N CYS A 242 17.11 28.34 62.12
CA CYS A 242 17.43 26.93 61.97
C CYS A 242 16.66 26.33 60.80
N LEU A 243 17.29 25.35 60.14
CA LEU A 243 16.71 24.66 59.00
C LEU A 243 16.47 23.19 59.34
N GLY A 244 15.32 22.68 58.92
CA GLY A 244 14.98 21.29 59.14
C GLY A 244 14.10 21.01 60.33
N GLY A 245 13.67 22.04 61.06
CA GLY A 245 12.81 21.82 62.21
C GLY A 245 11.36 21.56 61.88
N GLU A 246 10.98 21.70 60.60
CA GLU A 246 9.58 21.53 60.23
C GLU A 246 9.23 20.09 59.87
N ASN A 247 10.22 19.19 59.82
CA ASN A 247 9.94 17.80 59.46
C ASN A 247 9.04 17.14 60.51
N ARG A 248 9.28 17.42 61.79
CA ARG A 248 8.53 16.77 62.86
C ARG A 248 7.05 17.08 62.81
N PHE A 249 6.65 18.16 62.13
CA PHE A 249 5.25 18.46 61.92
C PHE A 249 4.78 18.01 60.54
N ARG A 250 5.64 18.14 59.53
CA ARG A 250 5.26 17.80 58.16
C ARG A 250 4.97 16.32 58.02
N LEU A 251 5.82 15.47 58.60
CA LEU A 251 5.60 14.03 58.49
C LEU A 251 4.31 13.62 59.18
N ARG A 252 4.04 14.17 60.37
CA ARG A 252 2.81 13.84 61.08
C ARG A 252 1.59 14.33 60.31
N LEU A 253 1.68 15.52 59.71
CA LEU A 253 0.57 16.03 58.89
C LEU A 253 0.31 15.11 57.71
N GLU A 254 1.37 14.66 57.04
CA GLU A 254 1.20 13.72 55.92
C GLU A 254 0.55 12.42 56.38
N SER A 255 0.99 11.89 57.52
CA SER A 255 0.40 10.66 58.04
C SER A 255 -1.07 10.84 58.36
N TYR A 256 -1.41 11.96 59.01
CA TYR A 256 -2.80 12.21 59.38
C TYR A 256 -3.69 12.36 58.15
N ILE A 257 -3.18 13.04 57.11
CA ILE A 257 -3.94 13.14 55.87
C ILE A 257 -4.09 11.76 55.22
N SER A 258 -3.05 10.92 55.32
CA SER A 258 -3.12 9.57 54.78
C SER A 258 -4.17 8.73 55.50
N GLN A 259 -4.35 8.96 56.80
CA GLN A 259 -5.35 8.22 57.57
C GLN A 259 -6.73 8.87 57.53
N GLN A 260 -6.89 9.99 56.83
CA GLN A 260 -8.14 10.74 56.84
C GLN A 260 -9.08 10.25 55.74
N LYS A 261 -10.38 10.40 55.99
CA LYS A 261 -11.42 10.10 55.02
C LYS A 261 -12.13 11.39 54.63
N THR A 262 -12.64 11.43 53.41
CA THR A 262 -13.36 12.60 52.92
C THR A 262 -14.66 12.81 53.68
N GLY A 268 -16.87 9.80 51.96
CA GLY A 268 -16.16 8.93 52.87
C GLY A 268 -15.05 8.14 52.22
N ILE A 269 -14.46 8.70 51.17
CA ILE A 269 -13.39 8.04 50.45
C ILE A 269 -12.05 8.41 51.07
N ASP A 270 -11.20 7.37 51.19
CA ASP A 270 -9.84 7.58 51.75
C ASP A 270 -9.04 8.49 50.84
N ILE A 271 -8.13 9.28 51.42
CA ILE A 271 -7.31 10.22 50.66
C ILE A 271 -5.91 9.63 50.55
N PRO A 272 -5.46 9.22 49.37
CA PRO A 272 -4.10 8.68 49.23
C PRO A 272 -3.06 9.77 49.34
N VAL A 273 -1.93 9.45 49.97
CA VAL A 273 -0.83 10.37 50.15
C VAL A 273 0.44 9.72 49.63
N LEU A 274 1.23 10.47 48.85
CA LEU A 274 2.43 9.96 48.22
C LEU A 274 3.56 10.96 48.43
N LEU A 275 4.79 10.45 48.55
CA LEU A 275 5.97 11.28 48.69
C LEU A 275 6.86 11.11 47.47
N LEU A 276 7.39 12.23 46.96
CA LEU A 276 8.26 12.23 45.79
C LEU A 276 9.62 12.78 46.20
N LEU A 277 10.67 12.01 45.95
CA LEU A 277 12.03 12.35 46.36
C LEU A 277 12.86 12.65 45.12
N ILE A 278 13.09 13.95 44.86
CA ILE A 278 13.88 14.32 43.69
C ILE A 278 15.36 13.99 43.91
N ASP A 279 15.92 14.42 45.02
CA ASP A 279 17.28 14.08 45.42
C ASP A 279 17.37 14.30 46.92
N GLY A 280 18.58 14.28 47.45
CA GLY A 280 18.74 14.61 48.85
C GLY A 280 20.15 14.38 49.35
N ASP A 281 20.43 14.97 50.50
CA ASP A 281 21.64 14.74 51.28
C ASP A 281 21.40 13.58 52.24
N GLU A 282 22.30 13.44 53.22
CA GLU A 282 22.19 12.36 54.18
C GLU A 282 20.93 12.47 55.04
N LYS A 283 20.39 13.68 55.21
CA LYS A 283 19.19 13.87 56.01
C LYS A 283 17.94 13.33 55.31
N MET A 284 17.94 13.29 53.98
CA MET A 284 16.79 12.72 53.28
C MET A 284 16.68 11.22 53.49
N LEU A 285 17.80 10.55 53.80
CA LEU A 285 17.72 9.15 54.19
C LEU A 285 16.94 8.98 55.49
N THR A 286 17.21 9.85 56.47
CA THR A 286 16.43 9.83 57.71
C THR A 286 14.96 10.16 57.44
N ARG A 287 14.72 11.13 56.56
CA ARG A 287 13.34 11.48 56.21
C ARG A 287 12.61 10.29 55.58
N ILE A 288 13.28 9.57 54.67
CA ILE A 288 12.68 8.41 54.04
C ILE A 288 12.44 7.30 55.05
N GLU A 289 13.40 7.08 55.96
CA GLU A 289 13.21 6.05 56.98
C GLU A 289 12.01 6.37 57.87
N ASN A 290 11.89 7.63 58.27
CA ASN A 290 10.76 8.03 59.12
C ASN A 290 9.43 7.92 58.37
N ALA A 291 9.43 8.26 57.08
CA ALA A 291 8.22 8.13 56.28
C ALA A 291 7.91 6.69 55.90
N THR A 292 8.87 5.77 56.07
CA THR A 292 8.63 4.36 55.81
C THR A 292 8.19 3.60 57.06
N GLN A 293 8.75 3.93 58.23
CA GLN A 293 8.29 3.29 59.46
C GLN A 293 6.82 3.59 59.71
N ALA A 294 6.40 4.83 59.48
CA ALA A 294 4.99 5.22 59.46
C ALA A 294 4.57 5.21 57.99
N GLN A 295 3.89 4.12 57.59
CA GLN A 295 3.75 3.75 56.18
C GLN A 295 3.29 4.90 55.28
N LEU A 296 4.15 5.29 54.34
CA LEU A 296 3.84 6.26 53.32
C LEU A 296 4.64 5.90 52.07
N PRO A 297 3.98 5.67 50.93
CA PRO A 297 4.72 5.32 49.71
C PRO A 297 5.63 6.45 49.27
N CYS A 298 6.75 6.08 48.65
CA CYS A 298 7.77 7.03 48.23
C CYS A 298 8.19 6.73 46.80
N LEU A 299 8.51 7.78 46.05
CA LEU A 299 9.02 7.66 44.70
C LEU A 299 10.43 8.24 44.64
N LEU A 300 11.32 7.53 43.95
CA LEU A 300 12.72 7.93 43.85
C LEU A 300 13.01 8.31 42.40
N VAL A 301 13.52 9.52 42.18
CA VAL A 301 13.81 9.97 40.83
C VAL A 301 15.16 9.41 40.41
N ALA A 302 15.17 8.66 39.31
CA ALA A 302 16.39 8.05 38.81
C ALA A 302 17.17 9.05 37.95
N GLY A 303 18.49 8.99 38.05
CA GLY A 303 19.36 9.87 37.30
C GLY A 303 19.56 11.24 37.89
N SER A 304 18.94 11.54 39.02
CA SER A 304 19.08 12.84 39.67
C SER A 304 20.10 12.84 40.78
N GLY A 305 20.77 11.72 41.02
CA GLY A 305 21.82 11.66 42.02
C GLY A 305 21.29 11.71 43.45
N GLY A 306 22.23 11.84 44.38
CA GLY A 306 21.93 11.99 45.79
C GLY A 306 21.28 10.76 46.38
N ALA A 307 20.48 11.01 47.42
CA ALA A 307 19.81 9.91 48.11
C ALA A 307 18.82 9.19 47.21
N ALA A 308 18.21 9.92 46.27
CA ALA A 308 17.27 9.28 45.34
C ALA A 308 17.97 8.20 44.53
N ASP A 309 19.11 8.52 43.92
CA ASP A 309 19.84 7.52 43.14
C ASP A 309 20.44 6.46 44.04
N CYS A 310 20.89 6.84 45.24
CA CYS A 310 21.46 5.86 46.15
C CYS A 310 20.43 4.79 46.52
N LEU A 311 19.19 5.21 46.78
CA LEU A 311 18.14 4.26 47.11
C LEU A 311 17.60 3.55 45.87
N ALA A 312 17.69 4.18 44.70
CA ALA A 312 17.18 3.56 43.48
C ALA A 312 18.10 2.45 42.99
N GLU A 313 19.41 2.66 43.07
CA GLU A 313 20.35 1.68 42.49
C GLU A 313 20.38 0.39 43.30
N THR A 314 20.18 0.47 44.62
CA THR A 314 20.11 -0.75 45.42
C THR A 314 18.80 -1.50 45.22
N LEU A 315 17.72 -0.78 44.89
CA LEU A 315 16.46 -1.45 44.58
C LEU A 315 16.56 -2.25 43.29
N GLU A 316 17.11 -1.65 42.24
CA GLU A 316 17.22 -2.31 40.95
C GLU A 316 18.63 -2.20 40.40
N GLU A 330 30.60 -3.72 46.84
CA GLU A 330 30.34 -2.52 46.06
C GLU A 330 29.20 -1.70 46.65
N ALA A 331 28.61 -2.19 47.75
CA ALA A 331 27.61 -1.41 48.46
C ALA A 331 28.25 -0.21 49.15
N ARG A 332 29.37 -0.42 49.83
CA ARG A 332 30.13 0.69 50.38
C ARG A 332 30.62 1.61 49.27
N ASP A 333 31.04 1.04 48.15
CA ASP A 333 31.47 1.85 47.01
C ASP A 333 30.34 2.71 46.49
N ARG A 334 29.13 2.16 46.42
CA ARG A 334 27.97 2.93 45.98
C ARG A 334 27.65 4.05 46.96
N ILE A 335 27.69 3.74 48.26
CA ILE A 335 27.38 4.75 49.28
C ILE A 335 28.40 5.88 49.22
N ARG A 336 29.68 5.55 49.02
CA ARG A 336 30.68 6.59 48.84
C ARG A 336 30.48 7.34 47.53
N ARG A 337 30.00 6.63 46.51
CA ARG A 337 29.80 7.23 45.19
C ARG A 337 28.75 8.32 45.23
N PHE A 338 27.68 8.10 46.00
CA PHE A 338 26.64 9.13 46.13
C PHE A 338 26.79 9.98 47.38
N PHE A 339 27.57 9.53 48.36
CA PHE A 339 27.86 10.30 49.57
C PHE A 339 29.36 10.24 49.85
N PRO A 340 30.14 11.08 49.18
CA PRO A 340 31.60 11.02 49.38
C PRO A 340 32.04 11.28 50.81
N LYS A 341 31.34 12.16 51.54
CA LYS A 341 31.70 12.49 52.91
C LYS A 341 30.90 11.71 53.95
N GLY A 342 30.05 10.79 53.52
CA GLY A 342 29.14 10.14 54.45
C GLY A 342 29.86 9.14 55.36
N ASP A 343 29.24 8.89 56.51
CA ASP A 343 29.70 7.87 57.46
C ASP A 343 29.25 6.52 56.92
N LEU A 344 30.20 5.73 56.44
CA LEU A 344 29.87 4.53 55.67
C LEU A 344 29.08 3.53 56.51
N GLU A 345 29.48 3.30 57.76
CA GLU A 345 28.80 2.30 58.58
C GLU A 345 27.37 2.72 58.91
N VAL A 346 27.19 3.96 59.37
CA VAL A 346 25.86 4.44 59.72
C VAL A 346 24.97 4.51 58.49
N LEU A 347 25.52 4.98 57.37
CA LEU A 347 24.74 5.03 56.14
C LEU A 347 24.35 3.64 55.67
N GLN A 348 25.25 2.66 55.80
CA GLN A 348 24.93 1.30 55.41
C GLN A 348 23.81 0.73 56.28
N ALA A 349 23.89 0.96 57.59
CA ALA A 349 22.83 0.51 58.49
C ALA A 349 21.50 1.15 58.14
N GLN A 350 21.52 2.46 57.85
CA GLN A 350 20.29 3.17 57.50
C GLN A 350 19.71 2.64 56.18
N VAL A 351 20.58 2.39 55.19
CA VAL A 351 20.12 1.89 53.91
C VAL A 351 19.52 0.50 54.06
N GLU A 352 20.14 -0.36 54.89
CA GLU A 352 19.55 -1.68 55.13
C GLU A 352 18.21 -1.57 55.84
N ARG A 353 18.09 -0.68 56.83
CA ARG A 353 16.81 -0.48 57.50
C ARG A 353 15.75 -0.01 56.53
N ILE A 354 16.11 0.86 55.59
CA ILE A 354 15.16 1.31 54.58
C ILE A 354 14.78 0.16 53.65
N MET A 355 15.76 -0.60 53.18
CA MET A 355 15.53 -1.69 52.24
C MET A 355 14.83 -2.89 52.86
N THR A 356 14.70 -2.93 54.19
CA THR A 356 13.87 -3.95 54.82
C THR A 356 12.43 -3.89 54.35
N ARG A 357 11.95 -2.73 53.91
CA ARG A 357 10.55 -2.47 53.62
C ARG A 357 10.37 -1.93 52.21
N LYS A 358 10.88 -2.67 51.22
CA LYS A 358 10.86 -2.21 49.83
C LYS A 358 9.45 -1.97 49.30
N GLU A 359 8.42 -2.50 49.97
CA GLU A 359 7.06 -2.36 49.48
C GLU A 359 6.62 -0.89 49.41
N LEU A 360 7.27 0.00 50.13
CA LEU A 360 6.92 1.41 50.16
C LEU A 360 7.80 2.28 49.29
N LEU A 361 8.64 1.68 48.44
CA LEU A 361 9.56 2.42 47.60
C LEU A 361 9.34 2.07 46.13
N THR A 362 9.41 3.08 45.27
CA THR A 362 9.28 2.89 43.83
C THR A 362 10.28 3.82 43.14
N VAL A 363 10.71 3.42 41.94
CA VAL A 363 11.68 4.21 41.17
C VAL A 363 10.98 4.76 39.94
N TYR A 364 11.08 6.07 39.75
CA TYR A 364 10.54 6.78 38.58
C TYR A 364 11.70 7.12 37.66
N SER A 365 11.63 6.64 36.42
CA SER A 365 12.67 6.84 35.43
C SER A 365 12.14 7.68 34.28
N SER A 366 13.01 8.53 33.73
CA SER A 366 12.61 9.42 32.64
C SER A 366 12.26 8.62 31.38
N GLU A 367 12.85 7.45 31.21
CA GLU A 367 12.57 6.61 30.05
C GLU A 367 11.18 5.98 30.15
N GLU A 372 4.61 6.12 32.60
CA GLU A 372 4.71 7.53 32.97
C GLU A 372 4.37 7.73 34.45
N PHE A 373 4.14 8.99 34.83
CA PHE A 373 3.94 9.32 36.24
C PHE A 373 2.70 8.63 36.82
N GLU A 374 1.59 8.65 36.08
CA GLU A 374 0.34 8.12 36.60
C GLU A 374 0.43 6.63 36.87
N THR A 375 1.04 5.88 35.95
CA THR A 375 1.17 4.44 36.13
C THR A 375 2.01 4.11 37.37
N ILE A 376 3.13 4.81 37.54
CA ILE A 376 3.99 4.57 38.69
C ILE A 376 3.27 4.93 39.98
N VAL A 377 2.51 6.03 39.97
CA VAL A 377 1.74 6.41 41.16
C VAL A 377 0.72 5.33 41.51
N LEU A 378 0.03 4.80 40.50
CA LEU A 378 -0.95 3.75 40.75
C LEU A 378 -0.29 2.49 41.31
N LYS A 379 0.84 2.10 40.72
CA LYS A 379 1.55 0.93 41.22
C LYS A 379 1.98 1.11 42.67
N ALA A 380 2.52 2.29 42.99
CA ALA A 380 2.98 2.54 44.35
C ALA A 380 1.81 2.55 45.33
N LEU A 381 0.68 3.15 44.94
CA LEU A 381 -0.48 3.19 45.83
C LEU A 381 -1.05 1.80 46.07
N VAL A 382 -1.11 0.96 45.03
CA VAL A 382 -1.64 -0.38 45.19
C VAL A 382 -0.69 -1.23 46.03
N LYS A 383 0.62 -1.05 45.85
CA LYS A 383 1.60 -1.91 46.49
C LYS A 383 1.51 -1.86 48.02
N ALA A 384 1.11 -0.73 48.58
CA ALA A 384 1.10 -0.54 50.02
C ALA A 384 -0.27 -0.68 50.67
N CYS A 385 -1.29 -1.10 49.90
CA CYS A 385 -2.67 -1.14 50.46
C CYS A 385 -2.81 -2.29 51.46
N GLY A 386 -2.62 -3.53 51.00
CA GLY A 386 -2.71 -4.70 51.89
C GLY A 386 -4.08 -5.29 52.17
N SER A 387 -4.99 -4.50 52.72
CA SER A 387 -6.30 -5.01 53.12
C SER A 387 -7.14 -5.34 51.89
N SER A 388 -8.31 -5.94 52.12
CA SER A 388 -9.13 -6.45 51.03
C SER A 388 -10.63 -6.22 51.20
N GLU A 389 -11.06 -5.23 51.98
CA GLU A 389 -12.48 -5.00 52.23
C GLU A 389 -13.15 -4.15 51.16
N ALA A 390 -12.41 -3.78 50.10
CA ALA A 390 -12.94 -3.06 48.94
C ALA A 390 -13.26 -1.61 49.25
N SER A 391 -13.13 -1.21 50.52
CA SER A 391 -13.29 0.19 50.87
C SER A 391 -11.97 0.94 50.74
N ALA A 392 -10.85 0.24 50.89
CA ALA A 392 -9.53 0.87 50.82
C ALA A 392 -9.06 1.08 49.38
N TYR A 393 -9.77 0.56 48.39
CA TYR A 393 -9.36 0.67 46.99
C TYR A 393 -10.22 1.63 46.17
N LEU A 394 -11.21 2.28 46.78
CA LEU A 394 -12.06 3.20 46.03
C LEU A 394 -11.26 4.38 45.50
N ASP A 395 -10.35 4.89 46.32
CA ASP A 395 -9.51 6.05 45.91
C ASP A 395 -8.67 5.67 44.69
N GLU A 396 -8.04 4.50 44.71
CA GLU A 396 -7.26 4.05 43.57
C GLU A 396 -8.15 3.89 42.33
N LEU A 397 -9.37 3.40 42.51
CA LEU A 397 -10.28 3.26 41.38
C LEU A 397 -10.64 4.62 40.79
N ARG A 398 -10.89 5.62 41.64
CA ARG A 398 -11.19 6.96 41.13
C ARG A 398 -9.99 7.55 40.40
N LEU A 399 -8.79 7.35 40.94
CA LEU A 399 -7.60 7.84 40.26
C LEU A 399 -7.42 7.16 38.91
N ALA A 400 -7.66 5.85 38.84
CA ALA A 400 -7.54 5.13 37.58
C ALA A 400 -8.58 5.59 36.57
N VAL A 401 -9.79 5.88 37.03
CA VAL A 401 -10.82 6.41 36.13
C VAL A 401 -10.39 7.76 35.59
N ALA A 402 -9.87 8.63 36.47
CA ALA A 402 -9.48 9.97 36.05
C ALA A 402 -8.30 9.94 35.08
N TRP A 403 -7.35 9.01 35.29
CA TRP A 403 -6.16 8.93 34.46
C TRP A 403 -6.26 7.90 33.34
N ASN A 404 -7.42 7.26 33.18
CA ASN A 404 -7.64 6.27 32.12
C ASN A 404 -6.63 5.13 32.20
N ARG A 405 -6.45 4.59 33.41
CA ARG A 405 -5.55 3.46 33.64
C ARG A 405 -6.36 2.15 33.64
N VAL A 406 -6.69 1.71 32.44
CA VAL A 406 -7.56 0.54 32.29
C VAL A 406 -6.85 -0.73 32.78
N ASP A 407 -5.62 -0.94 32.32
CA ASP A 407 -4.92 -2.18 32.66
C ASP A 407 -4.59 -2.26 34.14
N ILE A 408 -4.22 -1.13 34.76
CA ILE A 408 -3.92 -1.14 36.19
C ILE A 408 -5.16 -1.54 36.98
N ALA A 409 -6.30 -0.95 36.64
CA ALA A 409 -7.54 -1.29 37.35
C ALA A 409 -7.89 -2.75 37.15
N GLN A 410 -7.89 -3.22 35.89
CA GLN A 410 -8.30 -4.58 35.59
C GLN A 410 -7.38 -5.61 36.23
N SER A 411 -6.08 -5.30 36.35
CA SER A 411 -5.15 -6.23 36.94
C SER A 411 -5.18 -6.20 38.47
N GLU A 412 -4.94 -5.03 39.06
CA GLU A 412 -4.79 -4.93 40.51
C GLU A 412 -6.14 -4.83 41.23
N LEU A 413 -7.00 -3.91 40.81
CA LEU A 413 -8.16 -3.57 41.63
C LEU A 413 -9.26 -4.61 41.54
N PHE A 414 -9.51 -5.18 40.37
CA PHE A 414 -10.55 -6.18 40.20
C PHE A 414 -9.93 -7.58 40.13
N ARG A 415 -9.65 -8.10 41.33
CA ARG A 415 -9.23 -9.48 41.50
C ARG A 415 -10.19 -10.17 42.45
N GLY A 416 -10.25 -11.50 42.38
CA GLY A 416 -11.18 -12.28 43.17
C GLY A 416 -11.01 -12.11 44.66
N ASP A 417 -9.84 -11.68 45.12
CA ASP A 417 -9.64 -11.38 46.53
C ASP A 417 -10.59 -10.29 47.00
N ILE A 418 -10.69 -9.20 46.23
CA ILE A 418 -11.47 -8.04 46.63
C ILE A 418 -12.93 -8.27 46.26
N GLN A 419 -13.81 -8.22 47.26
CA GLN A 419 -15.23 -8.55 47.10
C GLN A 419 -16.03 -7.28 46.81
N TRP A 420 -16.07 -6.92 45.53
CA TRP A 420 -16.83 -5.76 45.09
C TRP A 420 -18.32 -6.10 44.99
N ARG A 421 -19.14 -5.05 44.90
CA ARG A 421 -20.53 -5.17 44.49
C ARG A 421 -21.03 -3.81 44.02
N SER A 422 -22.28 -3.78 43.57
CA SER A 422 -22.87 -2.67 42.82
C SER A 422 -22.61 -1.29 43.40
N PHE A 423 -22.92 -1.09 44.68
CA PHE A 423 -22.86 0.24 45.27
C PHE A 423 -21.43 0.77 45.31
N HIS A 424 -20.43 -0.12 45.33
CA HIS A 424 -19.05 0.31 45.20
C HIS A 424 -18.78 0.93 43.83
N LEU A 425 -19.32 0.33 42.77
CA LEU A 425 -18.95 0.69 41.41
C LEU A 425 -19.90 1.68 40.73
N GLU A 426 -21.03 2.02 41.35
CA GLU A 426 -21.98 2.92 40.70
C GLU A 426 -21.36 4.28 40.42
N ALA A 427 -20.67 4.85 41.41
CA ALA A 427 -20.08 6.17 41.23
C ALA A 427 -19.00 6.16 40.16
N SER A 428 -18.17 5.13 40.14
CA SER A 428 -17.14 5.02 39.11
C SER A 428 -17.76 4.83 37.73
N LEU A 429 -18.86 4.09 37.64
CA LEU A 429 -19.54 3.93 36.35
C LEU A 429 -20.06 5.26 35.86
N MET A 430 -20.67 6.05 36.74
CA MET A 430 -21.16 7.37 36.34
C MET A 430 -20.00 8.27 35.92
N ASP A 431 -18.88 8.20 36.63
CA ASP A 431 -17.70 8.98 36.27
C ASP A 431 -17.19 8.60 34.90
N ALA A 432 -17.17 7.29 34.59
CA ALA A 432 -16.67 6.85 33.30
C ALA A 432 -17.64 7.19 32.18
N LEU A 433 -18.95 7.18 32.48
CA LEU A 433 -19.93 7.57 31.48
C LEU A 433 -19.81 9.05 31.14
N LEU A 434 -19.68 9.90 32.16
CA LEU A 434 -19.66 11.34 31.93
C LEU A 434 -18.40 11.78 31.19
N ASN A 435 -17.27 11.14 31.50
CA ASN A 435 -15.97 11.58 30.99
C ASN A 435 -15.48 10.76 29.81
N ASP A 436 -16.35 9.94 29.20
CA ASP A 436 -16.04 9.21 27.97
C ASP A 436 -14.83 8.29 28.16
N ARG A 437 -15.01 7.28 29.00
CA ARG A 437 -14.01 6.25 29.27
C ARG A 437 -14.65 4.90 28.92
N PRO A 438 -14.67 4.53 27.64
CA PRO A 438 -15.39 3.30 27.24
C PRO A 438 -14.87 2.04 27.91
N GLU A 439 -13.55 1.93 28.08
CA GLU A 439 -12.99 0.71 28.66
C GLU A 439 -13.42 0.53 30.11
N PHE A 440 -13.47 1.61 30.89
CA PHE A 440 -13.94 1.48 32.27
C PHE A 440 -15.45 1.21 32.31
N VAL A 441 -16.20 1.73 31.34
CA VAL A 441 -17.63 1.41 31.25
C VAL A 441 -17.81 -0.08 31.02
N ARG A 442 -17.00 -0.65 30.11
CA ARG A 442 -17.06 -2.09 29.88
C ARG A 442 -16.64 -2.89 31.11
N LEU A 443 -15.57 -2.44 31.77
CA LEU A 443 -15.02 -3.20 32.90
C LEU A 443 -15.97 -3.19 34.10
N LEU A 444 -16.52 -2.03 34.44
CA LEU A 444 -17.33 -1.93 35.64
C LEU A 444 -18.64 -2.69 35.49
N ILE A 445 -19.23 -2.67 34.30
CA ILE A 445 -20.47 -3.41 34.07
C ILE A 445 -20.22 -4.91 34.12
N SER A 446 -19.08 -5.35 33.59
CA SER A 446 -18.79 -6.79 33.55
C SER A 446 -18.56 -7.36 34.94
N HIS A 447 -18.31 -6.51 35.94
CA HIS A 447 -18.03 -6.97 37.29
C HIS A 447 -19.22 -6.82 38.23
N GLY A 448 -20.43 -7.02 37.73
CA GLY A 448 -21.59 -7.15 38.60
C GLY A 448 -22.39 -5.89 38.84
N LEU A 449 -22.21 -4.86 38.03
CA LEU A 449 -23.01 -3.64 38.19
C LEU A 449 -24.33 -3.82 37.45
N SER A 450 -25.42 -3.97 38.20
CA SER A 450 -26.74 -4.23 37.64
C SER A 450 -27.23 -2.97 36.92
N LEU A 451 -27.19 -3.00 35.59
CA LEU A 451 -27.56 -1.82 34.82
C LEU A 451 -29.05 -1.50 34.94
N GLY A 452 -29.89 -2.53 35.07
CA GLY A 452 -31.32 -2.29 35.18
C GLY A 452 -31.69 -1.46 36.38
N HIS A 453 -31.05 -1.71 37.53
CA HIS A 453 -31.26 -0.91 38.72
C HIS A 453 -30.50 0.41 38.67
N PHE A 454 -29.36 0.45 37.98
CA PHE A 454 -28.52 1.65 37.96
C PHE A 454 -29.22 2.79 37.23
N LEU A 455 -29.79 2.51 36.06
CA LEU A 455 -30.31 3.59 35.22
C LEU A 455 -31.62 4.12 35.78
N THR A 456 -31.67 5.43 35.99
CA THR A 456 -32.84 6.14 36.47
C THR A 456 -33.02 7.37 35.59
N PRO A 457 -34.24 7.89 35.47
CA PRO A 457 -34.43 9.11 34.67
C PRO A 457 -33.55 10.26 35.10
N MET A 458 -33.23 10.39 36.38
CA MET A 458 -32.35 11.45 36.85
C MET A 458 -30.96 11.32 36.23
N ARG A 459 -30.35 10.14 36.35
CA ARG A 459 -29.01 9.94 35.80
C ARG A 459 -29.04 9.94 34.27
N LEU A 460 -30.13 9.45 33.67
CA LEU A 460 -30.26 9.50 32.22
C LEU A 460 -30.29 10.93 31.72
N ALA A 461 -31.01 11.81 32.41
CA ALA A 461 -30.99 13.23 32.06
C ALA A 461 -29.61 13.84 32.35
N GLN A 462 -28.95 13.39 33.42
CA GLN A 462 -27.63 13.92 33.75
C GLN A 462 -26.61 13.56 32.68
N LEU A 463 -26.77 12.42 32.01
CA LEU A 463 -25.85 12.04 30.94
C LEU A 463 -25.93 13.02 29.78
N TYR A 464 -27.13 13.45 29.41
CA TYR A 464 -27.26 14.41 28.32
C TYR A 464 -26.72 15.79 28.70
N SER A 465 -26.60 16.06 30.01
CA SER A 465 -25.99 17.30 30.46
C SER A 465 -24.48 17.33 30.19
N ALA A 466 -23.88 16.21 29.86
CA ALA A 466 -22.43 16.16 29.60
C ALA A 466 -22.08 16.55 28.17
N ALA A 467 -23.06 16.87 27.34
CA ALA A 467 -22.76 17.30 25.97
C ALA A 467 -22.04 18.64 26.00
N PRO A 468 -21.09 18.87 25.08
CA PRO A 468 -20.45 20.19 25.00
C PRO A 468 -21.48 21.27 24.69
N SER A 469 -21.20 22.48 25.19
CA SER A 469 -22.14 23.58 25.01
C SER A 469 -22.30 23.96 23.55
N ASN A 470 -21.26 23.82 22.74
CA ASN A 470 -21.31 24.17 21.33
C ASN A 470 -21.65 22.99 20.42
N SER A 471 -21.94 21.83 20.98
CA SER A 471 -22.23 20.65 20.18
C SER A 471 -23.59 20.78 19.49
N LEU A 472 -23.77 19.96 18.44
CA LEU A 472 -25.03 19.96 17.71
C LEU A 472 -26.18 19.46 18.59
N ILE A 473 -25.94 18.44 19.40
CA ILE A 473 -27.00 17.87 20.21
C ILE A 473 -27.48 18.88 21.25
N ARG A 474 -26.57 19.70 21.77
CA ARG A 474 -26.98 20.75 22.70
C ARG A 474 -27.91 21.75 22.04
N ASN A 475 -27.57 22.17 20.81
CA ASN A 475 -28.44 23.09 20.08
C ASN A 475 -29.79 22.46 19.81
N LEU A 476 -29.80 21.18 19.43
CA LEU A 476 -31.07 20.50 19.14
C LEU A 476 -31.94 20.39 20.39
N LEU A 477 -31.33 20.07 21.53
CA LEU A 477 -32.06 20.00 22.78
C LEU A 477 -32.63 21.36 23.16
N ASP A 478 -31.84 22.42 23.01
CA ASP A 478 -32.33 23.76 23.32
C ASP A 478 -33.49 24.15 22.40
N GLN A 479 -33.39 23.84 21.12
CA GLN A 479 -34.48 24.15 20.19
C GLN A 479 -35.72 23.36 20.54
N ALA A 480 -35.56 22.08 20.91
CA ALA A 480 -36.72 21.27 21.30
C ALA A 480 -37.39 21.84 22.55
N SER A 481 -36.59 22.29 23.52
CA SER A 481 -37.16 22.86 24.73
C SER A 481 -37.81 24.21 24.47
N HIS A 482 -37.30 24.97 23.49
CA HIS A 482 -37.91 26.24 23.16
C HIS A 482 -39.22 26.07 22.41
N SER A 483 -39.49 24.89 21.87
CA SER A 483 -40.74 24.64 21.15
C SER A 483 -41.88 24.37 22.12
N ARG A 499 -36.84 20.32 34.12
CA ARG A 499 -36.76 20.33 32.66
C ARG A 499 -36.32 18.97 32.12
N PRO A 500 -37.25 18.24 31.52
CA PRO A 500 -36.90 16.95 30.91
C PRO A 500 -35.98 17.15 29.72
N PRO A 501 -35.16 16.15 29.38
CA PRO A 501 -34.21 16.32 28.28
C PRO A 501 -34.87 16.58 26.93
N ASP A 502 -36.10 16.12 26.73
CA ASP A 502 -36.82 16.25 25.46
C ASP A 502 -36.07 15.58 24.31
N VAL A 503 -35.45 14.44 24.58
CA VAL A 503 -34.72 13.72 23.53
C VAL A 503 -35.67 13.15 22.50
N GLY A 504 -36.85 12.69 22.92
CA GLY A 504 -37.81 12.14 21.99
C GLY A 504 -38.24 13.14 20.92
N HIS A 505 -38.39 14.40 21.29
CA HIS A 505 -38.72 15.43 20.32
C HIS A 505 -37.59 15.58 19.30
N VAL A 506 -36.34 15.52 19.76
CA VAL A 506 -35.20 15.60 18.84
C VAL A 506 -35.19 14.42 17.89
N LEU A 507 -35.49 13.23 18.41
CA LEU A 507 -35.54 12.05 17.55
C LEU A 507 -36.66 12.18 16.50
N ARG A 508 -37.82 12.71 16.91
CA ARG A 508 -38.89 12.93 15.95
C ARG A 508 -38.47 13.93 14.88
N MET A 509 -37.80 15.01 15.28
CA MET A 509 -37.36 16.00 14.31
C MET A 509 -36.32 15.43 13.34
N LEU A 510 -35.43 14.56 13.85
CA LEU A 510 -34.36 14.03 13.02
C LEU A 510 -34.83 12.91 12.10
N LEU A 511 -35.36 11.84 12.68
CA LEU A 511 -35.67 10.64 11.92
C LEU A 511 -37.06 10.65 11.31
N GLY A 512 -37.97 11.48 11.81
CA GLY A 512 -39.35 11.46 11.37
C GLY A 512 -40.17 10.44 12.13
N LYS A 513 -41.49 10.57 12.00
CA LYS A 513 -42.40 9.74 12.76
C LYS A 513 -42.24 8.26 12.43
N MET A 514 -41.91 7.95 11.17
CA MET A 514 -41.86 6.56 10.73
C MET A 514 -40.79 5.76 11.48
N CYS A 515 -39.60 6.34 11.65
CA CYS A 515 -38.47 5.58 12.18
C CYS A 515 -38.01 6.02 13.57
N ALA A 516 -38.51 7.14 14.08
CA ALA A 516 -38.01 7.65 15.35
C ALA A 516 -38.43 6.75 16.50
N PRO A 517 -37.50 6.34 17.37
CA PRO A 517 -37.90 5.64 18.59
C PRO A 517 -38.74 6.53 19.50
N ARG A 518 -39.69 5.91 20.19
CA ARG A 518 -40.46 6.62 21.21
C ARG A 518 -39.70 6.74 22.52
N TYR A 519 -38.55 7.41 22.50
CA TYR A 519 -37.67 7.50 23.66
C TYR A 519 -38.41 8.15 24.83
N PRO A 520 -38.20 7.67 26.06
CA PRO A 520 -37.37 6.52 26.47
C PRO A 520 -37.92 5.18 25.98
N SER A 521 -37.04 4.21 25.73
CA SER A 521 -37.45 2.90 25.22
C SER A 521 -38.07 2.05 26.33
N ALA A 557 -35.43 -1.75 28.88
CA ALA A 557 -34.31 -1.86 27.95
C ALA A 557 -33.36 -0.67 28.09
N PRO A 558 -32.48 -0.72 29.09
CA PRO A 558 -31.52 0.38 29.26
C PRO A 558 -30.50 0.46 28.14
N TRP A 559 -30.19 -0.67 27.48
CA TRP A 559 -29.18 -0.68 26.43
C TRP A 559 -29.60 0.20 25.27
N SER A 560 -30.88 0.20 24.91
CA SER A 560 -31.35 1.04 23.81
C SER A 560 -31.20 2.52 24.16
N ASP A 561 -31.54 2.91 25.39
CA ASP A 561 -31.39 4.30 25.80
C ASP A 561 -29.92 4.71 25.80
N LEU A 562 -29.05 3.85 26.31
CA LEU A 562 -27.63 4.18 26.32
C LEU A 562 -27.06 4.27 24.91
N LEU A 563 -27.50 3.39 24.01
CA LEU A 563 -27.05 3.44 22.61
C LEU A 563 -27.52 4.73 21.95
N LEU A 564 -28.76 5.13 22.19
CA LEU A 564 -29.25 6.39 21.63
C LEU A 564 -28.47 7.57 22.16
N TRP A 565 -28.19 7.58 23.47
CA TRP A 565 -27.40 8.67 24.05
C TRP A 565 -26.01 8.73 23.44
N ALA A 566 -25.36 7.57 23.28
CA ALA A 566 -24.02 7.56 22.69
C ALA A 566 -24.05 8.00 21.24
N LEU A 567 -25.09 7.63 20.49
CA LEU A 567 -25.18 8.03 19.09
C LEU A 567 -25.40 9.53 18.96
N LEU A 568 -26.24 10.10 19.82
CA LEU A 568 -26.51 11.53 19.76
C LEU A 568 -25.26 12.35 20.08
N LEU A 569 -24.44 11.87 21.03
CA LEU A 569 -23.23 12.58 21.44
C LEU A 569 -22.01 12.18 20.63
N ASN A 570 -22.15 11.31 19.63
CA ASN A 570 -21.04 10.88 18.77
C ASN A 570 -19.93 10.19 19.56
N ARG A 571 -20.31 9.38 20.55
CA ARG A 571 -19.37 8.56 21.31
C ARG A 571 -19.26 7.19 20.63
N ALA A 572 -18.25 7.07 19.77
CA ALA A 572 -18.16 5.92 18.87
C ALA A 572 -17.99 4.61 19.64
N GLN A 573 -16.99 4.54 20.52
CA GLN A 573 -16.68 3.29 21.19
C GLN A 573 -17.79 2.87 22.15
N MET A 574 -18.36 3.82 22.89
CA MET A 574 -19.45 3.48 23.79
C MET A 574 -20.71 3.09 23.04
N ALA A 575 -20.95 3.70 21.87
CA ALA A 575 -22.07 3.28 21.04
C ALA A 575 -21.88 1.85 20.55
N MET A 576 -20.66 1.52 20.13
CA MET A 576 -20.38 0.15 19.70
C MET A 576 -20.60 -0.84 20.84
N TYR A 577 -20.13 -0.48 22.04
CA TYR A 577 -20.31 -1.36 23.19
C TYR A 577 -21.79 -1.55 23.52
N PHE A 578 -22.56 -0.45 23.52
CA PHE A 578 -23.98 -0.54 23.83
C PHE A 578 -24.74 -1.32 22.76
N TRP A 579 -24.30 -1.24 21.51
CA TRP A 579 -24.91 -2.06 20.46
C TRP A 579 -24.61 -3.53 20.70
N GLU A 580 -23.35 -3.87 21.02
CA GLU A 580 -22.98 -5.26 21.18
C GLU A 580 -23.57 -5.86 22.46
N MET A 581 -23.99 -5.02 23.40
CA MET A 581 -24.61 -5.54 24.62
C MET A 581 -26.11 -5.74 24.48
N GLY A 582 -26.77 -4.99 23.59
CA GLY A 582 -28.21 -5.04 23.47
C GLY A 582 -28.71 -6.05 22.46
N SER A 583 -30.03 -6.10 22.31
CA SER A 583 -30.72 -6.99 21.38
C SER A 583 -31.18 -6.20 20.15
N ASN A 584 -31.93 -6.87 19.27
CA ASN A 584 -32.40 -6.29 18.02
C ASN A 584 -31.25 -5.69 17.22
N ALA A 585 -30.19 -6.49 17.04
CA ALA A 585 -28.91 -5.93 16.63
C ALA A 585 -28.93 -5.43 15.19
N VAL A 586 -29.55 -6.17 14.27
CA VAL A 586 -29.54 -5.76 12.86
C VAL A 586 -30.34 -4.46 12.68
N SER A 587 -31.54 -4.41 13.22
CA SER A 587 -32.35 -3.22 13.10
C SER A 587 -31.73 -2.05 13.85
N SER A 588 -31.10 -2.32 15.00
CA SER A 588 -30.41 -1.26 15.73
C SER A 588 -29.23 -0.70 14.96
N ALA A 589 -28.46 -1.56 14.29
CA ALA A 589 -27.36 -1.07 13.47
C ALA A 589 -27.86 -0.24 12.31
N LEU A 590 -28.93 -0.69 11.65
CA LEU A 590 -29.49 0.10 10.55
C LEU A 590 -30.02 1.45 11.04
N GLY A 591 -30.73 1.46 12.18
CA GLY A 591 -31.22 2.71 12.73
C GLY A 591 -30.11 3.64 13.15
N ALA A 592 -29.04 3.09 13.73
CA ALA A 592 -27.88 3.90 14.10
C ALA A 592 -27.24 4.52 12.87
N CYS A 593 -27.10 3.74 11.80
CA CYS A 593 -26.56 4.30 10.56
C CYS A 593 -27.46 5.43 10.05
N LEU A 594 -28.77 5.23 10.09
CA LEU A 594 -29.71 6.26 9.65
C LEU A 594 -29.55 7.54 10.47
N LEU A 595 -29.52 7.40 11.79
CA LEU A 595 -29.42 8.57 12.67
C LEU A 595 -28.10 9.31 12.44
N LEU A 596 -27.00 8.56 12.34
CA LEU A 596 -25.70 9.21 12.16
C LEU A 596 -25.61 9.91 10.81
N ARG A 597 -26.18 9.32 9.77
CA ARG A 597 -26.14 9.97 8.46
C ARG A 597 -27.09 11.16 8.40
N VAL A 598 -28.17 11.13 9.17
CA VAL A 598 -29.05 12.30 9.27
C VAL A 598 -28.33 13.44 9.97
N MET A 599 -27.68 13.15 11.09
CA MET A 599 -27.01 14.20 11.86
C MET A 599 -25.74 14.69 11.17
N ALA A 600 -25.19 13.91 10.25
CA ALA A 600 -23.97 14.32 9.57
C ALA A 600 -24.19 15.48 8.61
N ARG A 601 -25.40 15.63 8.07
CA ARG A 601 -25.71 16.75 7.20
C ARG A 601 -26.06 18.01 7.98
N LEU A 602 -26.19 17.91 9.30
CA LEU A 602 -26.65 19.01 10.13
C LEU A 602 -25.53 19.69 10.90
N GLU A 603 -24.27 19.34 10.64
CA GLU A 603 -23.18 19.85 11.46
C GLU A 603 -22.35 20.85 10.68
N PRO A 604 -21.98 21.98 11.30
CA PRO A 604 -21.19 22.99 10.58
C PRO A 604 -19.73 22.61 10.42
N ASP A 605 -19.17 21.92 11.42
CA ASP A 605 -17.77 21.52 11.37
C ASP A 605 -17.62 20.31 10.46
N ALA A 606 -16.71 20.41 9.48
CA ALA A 606 -16.59 19.39 8.46
C ALA A 606 -16.07 18.06 9.03
N GLU A 607 -15.07 18.12 9.91
CA GLU A 607 -14.47 16.88 10.39
C GLU A 607 -15.40 16.16 11.37
N GLU A 608 -16.28 16.90 12.05
CA GLU A 608 -17.29 16.25 12.88
C GLU A 608 -18.27 15.46 12.01
N ALA A 609 -18.69 16.03 10.88
CA ALA A 609 -19.53 15.31 9.94
C ALA A 609 -18.80 14.10 9.37
N ALA A 610 -17.50 14.25 9.10
CA ALA A 610 -16.72 13.10 8.64
C ALA A 610 -16.67 12.00 9.68
N ARG A 611 -16.51 12.36 10.95
CA ARG A 611 -16.55 11.37 12.03
C ARG A 611 -17.90 10.65 12.07
N ARG A 612 -18.99 11.40 11.95
CA ARG A 612 -20.31 10.78 11.97
C ARG A 612 -20.51 9.84 10.78
N LYS A 613 -20.05 10.25 9.60
CA LYS A 613 -20.13 9.38 8.43
C LYS A 613 -19.31 8.11 8.62
N ASP A 614 -18.12 8.24 9.21
CA ASP A 614 -17.29 7.07 9.46
C ASP A 614 -17.97 6.10 10.42
N LEU A 615 -18.57 6.63 11.49
CA LEU A 615 -19.27 5.78 12.45
C LEU A 615 -20.48 5.12 11.81
N ALA A 616 -21.19 5.86 10.93
CA ALA A 616 -22.32 5.27 10.23
C ALA A 616 -21.87 4.13 9.31
N PHE A 617 -20.74 4.31 8.63
CA PHE A 617 -20.19 3.22 7.82
C PHE A 617 -19.85 2.01 8.69
N LYS A 618 -19.26 2.24 9.86
CA LYS A 618 -18.94 1.12 10.74
C LYS A 618 -20.19 0.37 11.19
N PHE A 619 -21.24 1.09 11.59
CA PHE A 619 -22.46 0.44 12.03
C PHE A 619 -23.13 -0.32 10.89
N GLU A 620 -23.14 0.27 9.69
CA GLU A 620 -23.69 -0.42 8.53
C GLU A 620 -22.93 -1.71 8.25
N GLY A 621 -21.60 -1.66 8.33
CA GLY A 621 -20.82 -2.86 8.12
C GLY A 621 -21.10 -3.94 9.15
N MET A 622 -21.27 -3.53 10.41
CA MET A 622 -21.60 -4.50 11.44
C MET A 622 -22.95 -5.16 11.17
N GLY A 623 -23.95 -4.36 10.78
CA GLY A 623 -25.23 -4.94 10.44
C GLY A 623 -25.16 -5.89 9.26
N VAL A 624 -24.38 -5.52 8.24
CA VAL A 624 -24.22 -6.37 7.07
C VAL A 624 -23.59 -7.70 7.45
N ASP A 625 -22.53 -7.66 8.26
CA ASP A 625 -21.85 -8.89 8.65
C ASP A 625 -22.74 -9.78 9.51
N LEU A 626 -23.47 -9.19 10.45
CA LEU A 626 -24.35 -9.99 11.30
C LEU A 626 -25.48 -10.63 10.49
N PHE A 627 -26.08 -9.87 9.56
CA PHE A 627 -27.14 -10.46 8.76
C PHE A 627 -26.59 -11.53 7.82
N GLY A 628 -25.36 -11.35 7.33
CA GLY A 628 -24.75 -12.40 6.53
C GLY A 628 -24.58 -13.69 7.30
N GLU A 629 -24.10 -13.59 8.56
CA GLU A 629 -23.96 -14.79 9.37
C GLU A 629 -25.32 -15.43 9.65
N CYS A 630 -26.32 -14.61 9.98
CA CYS A 630 -27.65 -15.13 10.26
C CYS A 630 -28.24 -15.83 9.04
N TYR A 631 -28.05 -15.25 7.85
CA TYR A 631 -28.57 -15.85 6.64
C TYR A 631 -27.84 -17.15 6.29
N ARG A 632 -26.53 -17.19 6.48
CA ARG A 632 -25.80 -18.42 6.24
C ARG A 632 -26.20 -19.50 7.23
N SER A 633 -26.66 -19.12 8.42
CA SER A 633 -27.15 -20.12 9.36
C SER A 633 -28.52 -20.67 8.95
N SER A 634 -29.45 -19.81 8.55
CA SER A 634 -30.82 -20.23 8.28
C SER A 634 -31.49 -19.20 7.40
N GLU A 635 -31.92 -19.61 6.20
CA GLU A 635 -32.54 -18.67 5.26
C GLU A 635 -33.92 -18.22 5.73
N VAL A 636 -34.70 -19.15 6.27
CA VAL A 636 -36.06 -18.82 6.68
C VAL A 636 -36.07 -17.86 7.87
N ARG A 637 -35.24 -18.15 8.88
CA ARG A 637 -35.18 -17.26 10.03
C ARG A 637 -34.61 -15.90 9.66
N ALA A 638 -33.62 -15.88 8.77
CA ALA A 638 -33.07 -14.61 8.31
C ALA A 638 -34.12 -13.79 7.57
N ALA A 639 -34.91 -14.44 6.72
CA ALA A 639 -35.98 -13.73 6.01
C ALA A 639 -37.02 -13.20 6.98
N ARG A 640 -37.34 -13.99 8.01
CA ARG A 640 -38.28 -13.53 9.03
C ARG A 640 -37.73 -12.34 9.81
N LEU A 641 -36.43 -12.37 10.10
CA LEU A 641 -35.78 -11.27 10.81
C LEU A 641 -35.71 -10.02 9.96
N LEU A 642 -35.61 -10.18 8.64
CA LEU A 642 -35.47 -9.03 7.75
C LEU A 642 -36.79 -8.28 7.60
N LEU A 643 -37.92 -8.99 7.63
CA LEU A 643 -39.21 -8.40 7.35
C LEU A 643 -40.03 -8.12 8.61
N ARG A 644 -39.51 -8.39 9.80
CA ARG A 644 -40.24 -8.09 11.02
C ARG A 644 -40.18 -6.61 11.34
N ARG A 645 -41.22 -6.11 12.01
CA ARG A 645 -41.25 -4.73 12.48
C ARG A 645 -40.60 -4.63 13.84
N CYS A 646 -39.69 -3.68 13.99
CA CYS A 646 -38.96 -3.49 15.24
C CYS A 646 -39.61 -2.39 16.05
N PRO A 647 -40.14 -2.68 17.24
CA PRO A 647 -40.74 -1.61 18.06
C PRO A 647 -39.77 -0.50 18.41
N LEU A 648 -38.49 -0.82 18.59
CA LEU A 648 -37.51 0.19 18.99
C LEU A 648 -37.32 1.28 17.94
N TRP A 649 -37.71 1.03 16.69
CA TRP A 649 -37.47 2.02 15.65
C TRP A 649 -38.74 2.37 14.88
N GLY A 650 -39.82 2.64 15.60
CA GLY A 650 -41.05 3.06 14.95
C GLY A 650 -41.74 2.00 14.13
N ASP A 651 -41.54 0.72 14.46
CA ASP A 651 -42.16 -0.41 13.77
C ASP A 651 -41.73 -0.50 12.31
N ALA A 652 -40.61 0.11 11.95
CA ALA A 652 -40.09 -0.02 10.60
C ALA A 652 -39.33 -1.33 10.45
N THR A 653 -39.38 -1.89 9.24
CA THR A 653 -38.63 -3.09 8.92
C THR A 653 -37.18 -2.73 8.59
N CYS A 654 -36.34 -3.76 8.53
CA CYS A 654 -34.93 -3.53 8.23
C CYS A 654 -34.75 -2.92 6.85
N LEU A 655 -35.55 -3.34 5.87
CA LEU A 655 -35.46 -2.79 4.54
C LEU A 655 -35.83 -1.31 4.50
N GLN A 656 -36.86 -0.91 5.25
CA GLN A 656 -37.24 0.49 5.30
C GLN A 656 -36.16 1.34 5.97
N LEU A 657 -35.56 0.84 7.05
CA LEU A 657 -34.48 1.56 7.71
C LEU A 657 -33.29 1.70 6.77
N ALA A 658 -32.96 0.64 6.04
CA ALA A 658 -31.85 0.71 5.09
C ALA A 658 -32.15 1.67 3.95
N MET A 659 -33.42 1.71 3.50
CA MET A 659 -33.81 2.63 2.45
C MET A 659 -33.68 4.08 2.91
N GLN A 660 -34.16 4.37 4.12
CA GLN A 660 -34.02 5.73 4.65
C GLN A 660 -32.56 6.09 4.85
N ALA A 661 -31.76 5.17 5.38
CA ALA A 661 -30.35 5.41 5.65
C ALA A 661 -29.49 5.44 4.40
N ASP A 662 -30.06 5.08 3.24
CA ASP A 662 -29.31 4.97 2.00
C ASP A 662 -28.15 3.98 2.15
N ALA A 663 -28.39 2.92 2.91
CA ALA A 663 -27.39 1.89 3.18
C ALA A 663 -27.37 0.89 2.02
N ARG A 664 -26.63 1.28 0.97
CA ARG A 664 -26.59 0.47 -0.24
C ARG A 664 -25.81 -0.82 -0.03
N ALA A 665 -24.91 -0.86 0.96
CA ALA A 665 -24.17 -2.08 1.23
C ALA A 665 -25.05 -3.15 1.85
N PHE A 666 -26.12 -2.74 2.54
CA PHE A 666 -27.03 -3.72 3.13
C PHE A 666 -27.89 -4.38 2.06
N PHE A 667 -28.32 -3.61 1.05
CA PHE A 667 -29.12 -4.18 -0.03
C PHE A 667 -28.30 -5.11 -0.91
N ALA A 668 -26.99 -4.88 -1.00
CA ALA A 668 -26.13 -5.71 -1.85
C ALA A 668 -25.78 -7.04 -1.22
N GLN A 669 -26.17 -7.29 0.02
CA GLN A 669 -25.90 -8.56 0.66
C GLN A 669 -26.64 -9.68 -0.07
N ASP A 670 -26.02 -10.86 -0.11
CA ASP A 670 -26.56 -11.96 -0.90
C ASP A 670 -27.90 -12.44 -0.37
N GLY A 671 -28.09 -12.48 0.95
CA GLY A 671 -29.37 -12.91 1.48
C GLY A 671 -30.48 -11.95 1.14
N VAL A 672 -30.21 -10.64 1.25
CA VAL A 672 -31.21 -9.64 0.91
C VAL A 672 -31.58 -9.74 -0.57
N GLN A 673 -30.57 -9.88 -1.43
CA GLN A 673 -30.84 -9.98 -2.87
C GLN A 673 -31.58 -11.26 -3.21
N SER A 674 -31.27 -12.37 -2.54
CA SER A 674 -31.99 -13.62 -2.77
C SER A 674 -33.47 -13.48 -2.37
N LEU A 675 -33.72 -12.87 -1.21
CA LEU A 675 -35.10 -12.65 -0.78
C LEU A 675 -35.83 -11.73 -1.75
N LEU A 676 -35.16 -10.68 -2.23
CA LEU A 676 -35.78 -9.77 -3.18
C LEU A 676 -36.08 -10.46 -4.50
N THR A 677 -35.18 -11.32 -4.96
CA THR A 677 -35.43 -12.09 -6.19
C THR A 677 -36.63 -13.02 -6.01
N GLN A 678 -36.73 -13.67 -4.85
CA GLN A 678 -37.85 -14.55 -4.59
C GLN A 678 -39.16 -13.77 -4.56
N LYS A 679 -39.15 -12.56 -4.00
CA LYS A 679 -40.33 -11.70 -4.05
C LYS A 679 -40.64 -11.27 -5.49
N TRP A 680 -39.60 -10.97 -6.27
CA TRP A 680 -39.78 -10.48 -7.63
C TRP A 680 -40.41 -11.53 -8.52
N TRP A 681 -39.99 -12.78 -8.40
CA TRP A 681 -40.53 -13.82 -9.27
C TRP A 681 -41.84 -14.41 -8.75
N GLY A 682 -42.29 -14.01 -7.57
CA GLY A 682 -43.59 -14.46 -7.07
C GLY A 682 -43.62 -15.96 -6.86
N ASP A 683 -44.61 -16.62 -7.48
CA ASP A 683 -44.77 -18.06 -7.36
C ASP A 683 -44.06 -18.82 -8.47
N MET A 684 -43.44 -18.14 -9.41
CA MET A 684 -42.58 -18.79 -10.39
C MET A 684 -41.19 -18.99 -9.82
N ALA A 685 -40.48 -19.97 -10.36
CA ALA A 685 -39.11 -20.21 -9.95
C ALA A 685 -38.19 -19.11 -10.48
N SER A 686 -37.33 -18.59 -9.62
CA SER A 686 -36.45 -17.49 -10.01
C SER A 686 -35.45 -17.92 -11.09
N THR A 687 -35.30 -19.23 -11.31
CA THR A 687 -34.39 -19.74 -12.33
C THR A 687 -35.03 -19.79 -13.72
N THR A 688 -36.28 -19.33 -13.85
CA THR A 688 -36.92 -19.29 -15.16
C THR A 688 -36.15 -18.34 -16.08
N PRO A 689 -35.81 -18.76 -17.29
CA PRO A 689 -35.10 -17.86 -18.21
C PRO A 689 -35.99 -16.70 -18.64
N ILE A 690 -35.35 -15.58 -18.98
CA ILE A 690 -36.07 -14.38 -19.40
C ILE A 690 -36.79 -14.64 -20.71
N TRP A 691 -36.15 -15.35 -21.64
CA TRP A 691 -36.78 -15.63 -22.93
C TRP A 691 -38.03 -16.48 -22.76
N ALA A 692 -37.99 -17.44 -21.83
CA ALA A 692 -39.17 -18.24 -21.55
C ALA A 692 -40.30 -17.38 -21.01
N LEU A 693 -39.98 -16.44 -20.11
CA LEU A 693 -41.00 -15.56 -19.55
C LEU A 693 -41.62 -14.69 -20.63
N VAL A 694 -40.80 -14.12 -21.52
CA VAL A 694 -41.33 -13.28 -22.59
C VAL A 694 -42.19 -14.10 -23.53
N LEU A 695 -41.72 -15.30 -23.89
CA LEU A 695 -42.46 -16.16 -24.81
C LEU A 695 -43.81 -16.56 -24.22
N ALA A 696 -43.82 -16.88 -22.92
CA ALA A 696 -45.09 -17.20 -22.27
C ALA A 696 -46.00 -15.99 -22.15
N PHE A 697 -45.41 -14.79 -21.99
CA PHE A 697 -46.22 -13.58 -21.91
C PHE A 697 -46.91 -13.30 -23.24
N PHE A 698 -46.19 -13.45 -24.34
CA PHE A 698 -46.80 -13.20 -25.65
C PHE A 698 -47.56 -14.40 -26.20
N CYS A 699 -47.39 -15.58 -25.59
CA CYS A 699 -48.15 -16.78 -25.95
C CYS A 699 -48.66 -17.41 -24.67
N PRO A 700 -49.82 -16.98 -24.19
CA PRO A 700 -50.33 -17.46 -22.89
C PRO A 700 -50.50 -18.97 -22.81
N PRO A 701 -50.85 -19.67 -23.90
CA PRO A 701 -50.97 -21.14 -23.78
C PRO A 701 -49.70 -21.83 -23.33
N LEU A 702 -48.53 -21.23 -23.53
CA LEU A 702 -47.27 -21.86 -23.13
C LEU A 702 -47.11 -21.91 -21.62
N ILE A 703 -47.98 -21.24 -20.86
CA ILE A 703 -47.87 -21.25 -19.41
C ILE A 703 -48.03 -22.66 -18.85
N TYR A 704 -48.96 -23.42 -19.42
CA TYR A 704 -49.31 -24.73 -18.88
C TYR A 704 -48.39 -25.84 -19.33
N THR A 705 -47.40 -25.54 -20.17
CA THR A 705 -46.37 -26.52 -20.51
C THR A 705 -45.32 -26.56 -19.40
N ARG A 706 -44.21 -27.24 -19.68
CA ARG A 706 -43.07 -27.28 -18.77
C ARG A 706 -42.07 -26.18 -19.05
N LEU A 707 -42.42 -25.21 -19.89
CA LEU A 707 -41.53 -24.08 -20.17
C LEU A 707 -41.30 -23.25 -18.90
N ILE A 708 -42.35 -23.03 -18.12
CA ILE A 708 -42.27 -22.23 -16.90
C ILE A 708 -42.32 -23.18 -15.71
N THR A 709 -41.39 -23.02 -14.79
CA THR A 709 -41.34 -23.83 -13.57
C THR A 709 -41.96 -23.06 -12.42
N PHE A 710 -42.94 -23.67 -11.77
CA PHE A 710 -43.64 -23.06 -10.64
C PHE A 710 -43.19 -23.75 -9.36
N ARG A 711 -42.89 -22.95 -8.34
CA ARG A 711 -42.43 -23.50 -7.06
C ARG A 711 -43.62 -23.79 -6.15
N GLY A 765 -61.34 -26.21 -14.59
CA GLY A 765 -60.80 -26.70 -13.34
C GLY A 765 -60.10 -25.62 -12.53
N ARG A 766 -60.11 -25.77 -11.21
CA ARG A 766 -59.45 -24.80 -10.35
C ARG A 766 -57.93 -24.84 -10.52
N ARG A 767 -57.38 -25.99 -10.91
CA ARG A 767 -55.95 -26.11 -11.09
C ARG A 767 -55.45 -25.19 -12.19
N CYS A 768 -56.22 -25.07 -13.28
CA CYS A 768 -55.86 -24.16 -14.36
C CYS A 768 -55.87 -22.71 -13.90
N LEU A 769 -56.90 -22.32 -13.14
CA LEU A 769 -57.01 -20.95 -12.67
C LEU A 769 -55.90 -20.61 -11.69
N ARG A 770 -55.50 -21.58 -10.86
CA ARG A 770 -54.40 -21.35 -9.92
C ARG A 770 -53.10 -21.02 -10.65
N ARG A 771 -52.78 -21.79 -11.70
CA ARG A 771 -51.57 -21.52 -12.47
C ARG A 771 -51.68 -20.22 -13.23
N TRP A 772 -52.85 -19.90 -13.76
CA TRP A 772 -53.06 -18.63 -14.43
C TRP A 772 -52.77 -17.45 -13.50
N PHE A 773 -53.37 -17.46 -12.31
CA PHE A 773 -53.17 -16.39 -11.35
C PHE A 773 -51.76 -16.39 -10.79
N HIS A 774 -51.10 -17.54 -10.76
CA HIS A 774 -49.71 -17.59 -10.33
C HIS A 774 -48.80 -16.91 -11.33
N PHE A 775 -49.02 -17.16 -12.63
CA PHE A 775 -48.19 -16.52 -13.64
C PHE A 775 -48.46 -15.03 -13.73
N TRP A 776 -49.74 -14.64 -13.81
CA TRP A 776 -50.04 -13.24 -14.06
C TRP A 776 -49.96 -12.37 -12.81
N GLY A 777 -49.89 -12.97 -11.63
CA GLY A 777 -49.78 -12.19 -10.41
C GLY A 777 -48.37 -11.89 -9.96
N ALA A 778 -47.37 -12.37 -10.68
CA ALA A 778 -45.99 -12.16 -10.28
C ALA A 778 -45.57 -10.72 -10.54
N PRO A 779 -44.78 -10.10 -9.67
CA PRO A 779 -44.33 -8.72 -9.93
C PRO A 779 -43.59 -8.55 -11.25
N VAL A 780 -42.79 -9.52 -11.66
CA VAL A 780 -42.04 -9.38 -12.91
C VAL A 780 -42.97 -9.40 -14.12
N THR A 781 -44.03 -10.22 -14.07
CA THR A 781 -45.00 -10.23 -15.16
C THR A 781 -45.79 -8.93 -15.21
N ILE A 782 -46.16 -8.39 -14.05
CA ILE A 782 -46.83 -7.09 -14.00
C ILE A 782 -45.92 -6.00 -14.55
N PHE A 783 -44.63 -6.08 -14.24
CA PHE A 783 -43.67 -5.11 -14.75
C PHE A 783 -43.58 -5.17 -16.27
N MET A 784 -43.51 -6.39 -16.82
CA MET A 784 -43.45 -6.54 -18.27
C MET A 784 -44.72 -6.01 -18.93
N GLY A 785 -45.89 -6.34 -18.35
CA GLY A 785 -47.14 -5.83 -18.89
C GLY A 785 -47.22 -4.31 -18.86
N ASN A 786 -46.71 -3.71 -17.78
CA ASN A 786 -46.73 -2.26 -17.68
C ASN A 786 -45.74 -1.62 -18.64
N VAL A 787 -44.61 -2.26 -18.91
CA VAL A 787 -43.69 -1.75 -19.92
C VAL A 787 -44.37 -1.72 -21.28
N VAL A 788 -45.04 -2.82 -21.63
CA VAL A 788 -45.75 -2.87 -22.92
C VAL A 788 -46.85 -1.81 -22.97
N SER A 789 -47.59 -1.67 -21.87
CA SER A 789 -48.68 -0.69 -21.81
C SER A 789 -48.15 0.73 -21.97
N TYR A 790 -47.04 1.05 -21.32
CA TYR A 790 -46.51 2.41 -21.39
C TYR A 790 -45.94 2.71 -22.76
N LEU A 791 -45.30 1.72 -23.40
CA LEU A 791 -44.86 1.93 -24.79
C LEU A 791 -46.05 2.19 -25.70
N LEU A 792 -47.14 1.43 -25.53
CA LEU A 792 -48.32 1.66 -26.36
C LEU A 792 -48.96 3.01 -26.05
N PHE A 793 -48.94 3.45 -24.80
CA PHE A 793 -49.46 4.76 -24.44
C PHE A 793 -48.67 5.88 -25.12
N LEU A 794 -47.34 5.76 -25.11
CA LEU A 794 -46.52 6.75 -25.80
C LEU A 794 -46.76 6.73 -27.31
N LEU A 795 -46.94 5.54 -27.90
CA LEU A 795 -47.25 5.47 -29.32
C LEU A 795 -48.58 6.15 -29.64
N LEU A 796 -49.60 5.91 -28.81
CA LEU A 796 -50.89 6.57 -29.00
C LEU A 796 -50.78 8.08 -28.83
N PHE A 797 -50.01 8.53 -27.84
CA PHE A 797 -49.82 9.96 -27.62
C PHE A 797 -49.17 10.60 -28.84
N SER A 798 -48.12 9.99 -29.37
CA SER A 798 -47.46 10.54 -30.54
C SER A 798 -48.40 10.54 -31.75
N ARG A 799 -49.16 9.46 -31.93
CA ARG A 799 -50.10 9.40 -33.05
C ARG A 799 -51.11 10.54 -32.96
N VAL A 800 -51.71 10.74 -31.79
CA VAL A 800 -52.70 11.79 -31.63
C VAL A 800 -52.07 13.16 -31.88
N LEU A 801 -50.90 13.40 -31.28
CA LEU A 801 -50.25 14.70 -31.38
C LEU A 801 -49.91 15.04 -32.84
N LEU A 802 -49.42 14.05 -33.59
CA LEU A 802 -48.95 14.32 -34.94
C LEU A 802 -50.02 14.22 -36.01
N VAL A 803 -51.13 13.51 -35.76
CA VAL A 803 -52.11 13.34 -36.82
C VAL A 803 -53.50 13.83 -36.40
N ASP A 804 -53.95 13.43 -35.21
CA ASP A 804 -55.36 13.54 -34.87
C ASP A 804 -55.73 14.81 -34.10
N PHE A 805 -54.74 15.61 -33.72
CA PHE A 805 -54.97 16.77 -32.86
C PHE A 805 -55.34 18.00 -33.67
N GLN A 806 -56.57 18.02 -34.16
CA GLN A 806 -57.07 19.12 -34.96
C GLN A 806 -57.91 20.07 -34.11
N PRO A 807 -58.17 21.28 -34.60
CA PRO A 807 -59.04 22.21 -33.85
C PRO A 807 -60.46 21.72 -33.69
N ALA A 808 -60.89 20.74 -34.50
CA ALA A 808 -62.22 20.17 -34.36
C ALA A 808 -62.34 19.44 -33.02
N PRO A 809 -63.56 19.18 -32.56
CA PRO A 809 -63.72 18.46 -31.30
C PRO A 809 -63.08 17.09 -31.37
N PRO A 810 -62.62 16.57 -30.24
CA PRO A 810 -61.77 15.35 -30.24
C PRO A 810 -62.48 14.15 -30.84
N GLY A 811 -61.69 13.32 -31.55
CA GLY A 811 -62.18 12.09 -32.12
C GLY A 811 -62.06 10.91 -31.16
N SER A 812 -62.18 9.71 -31.74
CA SER A 812 -62.19 8.50 -30.92
C SER A 812 -60.83 8.23 -30.28
N LEU A 813 -59.74 8.35 -31.06
CA LEU A 813 -58.43 8.06 -30.50
C LEU A 813 -58.04 9.05 -29.42
N GLU A 814 -58.42 10.32 -29.57
CA GLU A 814 -58.12 11.30 -28.53
C GLU A 814 -58.91 11.03 -27.25
N LEU A 815 -60.17 10.59 -27.38
CA LEU A 815 -60.93 10.20 -26.20
C LEU A 815 -60.33 8.99 -25.52
N LEU A 816 -59.84 8.03 -26.32
CA LEU A 816 -59.14 6.88 -25.75
C LEU A 816 -57.89 7.32 -24.99
N LEU A 817 -57.14 8.28 -25.55
CA LEU A 817 -55.99 8.83 -24.85
C LEU A 817 -56.39 9.51 -23.54
N TYR A 818 -57.51 10.24 -23.58
CA TYR A 818 -58.02 10.89 -22.37
C TYR A 818 -58.32 9.86 -21.29
N PHE A 819 -59.00 8.78 -21.67
CA PHE A 819 -59.35 7.74 -20.70
C PHE A 819 -58.10 7.06 -20.15
N TRP A 820 -57.12 6.81 -21.01
CA TRP A 820 -55.86 6.22 -20.57
C TRP A 820 -55.16 7.11 -19.54
N ALA A 821 -55.11 8.43 -19.82
CA ALA A 821 -54.51 9.34 -18.86
C ALA A 821 -55.30 9.40 -17.56
N PHE A 822 -56.63 9.30 -17.66
CA PHE A 822 -57.46 9.26 -16.45
C PHE A 822 -57.14 8.05 -15.60
N THR A 823 -56.96 6.89 -16.22
CA THR A 823 -56.60 5.69 -15.44
C THR A 823 -55.21 5.83 -14.84
N LEU A 824 -54.28 6.48 -15.55
CA LEU A 824 -52.98 6.75 -14.96
C LEU A 824 -53.09 7.64 -13.73
N LEU A 825 -53.93 8.67 -13.81
CA LEU A 825 -54.15 9.54 -12.65
C LEU A 825 -54.79 8.78 -11.49
N CYS A 826 -55.73 7.88 -11.79
CA CYS A 826 -56.33 7.07 -10.75
C CYS A 826 -55.31 6.14 -10.09
N GLU A 827 -54.39 5.58 -10.89
CA GLU A 827 -53.33 4.76 -10.31
C GLU A 827 -52.41 5.59 -9.41
N GLU A 828 -52.10 6.82 -9.82
CA GLU A 828 -51.30 7.68 -8.96
C GLU A 828 -52.04 8.00 -7.66
N LEU A 829 -53.36 8.21 -7.75
CA LEU A 829 -54.16 8.44 -6.54
C LEU A 829 -54.14 7.23 -5.63
N ARG A 830 -54.26 6.03 -6.20
CA ARG A 830 -54.19 4.81 -5.40
C ARG A 830 -52.84 4.67 -4.71
N GLN A 831 -51.75 4.95 -5.42
CA GLN A 831 -50.43 4.89 -4.82
C GLN A 831 -50.29 5.92 -3.69
N GLY A 832 -50.84 7.12 -3.88
CA GLY A 832 -50.77 8.13 -2.84
C GLY A 832 -51.54 7.73 -1.60
N LEU A 833 -52.73 7.15 -1.79
CA LEU A 833 -53.55 6.76 -0.65
C LEU A 833 -53.00 5.55 0.08
N SER A 834 -52.00 4.87 -0.48
CA SER A 834 -51.35 3.74 0.17
C SER A 834 -49.97 4.08 0.69
N GLY A 835 -49.54 5.34 0.61
CA GLY A 835 -48.24 5.73 1.10
C GLY A 835 -47.08 5.40 0.18
N GLY A 836 -47.35 5.03 -1.06
CA GLY A 836 -46.30 4.70 -2.01
C GLY A 836 -45.65 3.35 -1.73
N HIS A 849 -51.03 1.56 10.98
CA HIS A 849 -51.85 2.66 10.48
C HIS A 849 -51.05 3.95 10.42
N ALA A 850 -51.27 4.73 9.38
CA ALA A 850 -50.60 6.02 9.21
C ALA A 850 -51.62 7.07 8.82
N SER A 851 -51.38 8.31 9.25
CA SER A 851 -52.28 9.40 8.92
C SER A 851 -52.22 9.70 7.42
N LEU A 852 -53.28 10.34 6.92
CA LEU A 852 -53.36 10.64 5.50
C LEU A 852 -52.23 11.56 5.06
N SER A 853 -51.93 12.58 5.87
CA SER A 853 -50.85 13.49 5.52
C SER A 853 -49.50 12.79 5.51
N GLN A 854 -49.29 11.84 6.43
CA GLN A 854 -48.04 11.08 6.44
C GLN A 854 -47.90 10.25 5.17
N ARG A 855 -48.97 9.56 4.77
CA ARG A 855 -48.95 8.78 3.53
C ARG A 855 -48.70 9.67 2.32
N LEU A 856 -49.34 10.84 2.29
CA LEU A 856 -49.15 11.74 1.16
C LEU A 856 -47.74 12.30 1.10
N ARG A 857 -47.14 12.59 2.26
CA ARG A 857 -45.75 13.05 2.26
C ARG A 857 -44.81 11.94 1.82
N LEU A 858 -45.06 10.71 2.26
CA LEU A 858 -44.24 9.59 1.80
C LEU A 858 -44.35 9.41 0.29
N TYR A 859 -45.56 9.57 -0.25
CA TYR A 859 -45.75 9.48 -1.70
C TYR A 859 -45.02 10.61 -2.42
N LEU A 860 -45.11 11.83 -1.90
CA LEU A 860 -44.50 12.97 -2.56
C LEU A 860 -42.98 12.97 -2.44
N ALA A 861 -42.41 12.24 -1.48
CA ALA A 861 -40.97 12.20 -1.34
C ALA A 861 -40.28 11.50 -2.51
N ASP A 862 -41.00 10.66 -3.24
CA ASP A 862 -40.43 9.91 -4.36
C ASP A 862 -40.36 10.79 -5.59
N SER A 863 -39.18 10.89 -6.21
CA SER A 863 -39.00 11.75 -7.37
C SER A 863 -39.75 11.25 -8.60
N TRP A 864 -39.89 9.93 -8.76
CA TRP A 864 -40.68 9.42 -9.87
C TRP A 864 -42.15 9.79 -9.73
N ASN A 865 -42.67 9.83 -8.50
CA ASN A 865 -44.02 10.31 -8.30
C ASN A 865 -44.14 11.80 -8.60
N GLN A 866 -43.10 12.58 -8.32
CA GLN A 866 -43.09 13.98 -8.72
C GLN A 866 -43.13 14.13 -10.23
N CYS A 867 -42.36 13.30 -10.95
CA CYS A 867 -42.41 13.33 -12.41
C CYS A 867 -43.79 12.95 -12.93
N ASP A 868 -44.41 11.93 -12.32
CA ASP A 868 -45.77 11.55 -12.70
C ASP A 868 -46.75 12.69 -12.47
N LEU A 869 -46.64 13.38 -11.34
CA LEU A 869 -47.54 14.49 -11.05
C LEU A 869 -47.35 15.63 -12.04
N VAL A 870 -46.09 15.94 -12.38
CA VAL A 870 -45.84 16.99 -13.37
C VAL A 870 -46.45 16.62 -14.71
N ALA A 871 -46.24 15.38 -15.14
CA ALA A 871 -46.77 14.93 -16.43
C ALA A 871 -48.30 14.99 -16.45
N LEU A 872 -48.95 14.49 -15.40
CA LEU A 872 -50.40 14.47 -15.39
C LEU A 872 -50.98 15.88 -15.28
N THR A 873 -50.36 16.75 -14.49
CA THR A 873 -50.82 18.14 -14.39
C THR A 873 -50.69 18.86 -15.72
N CYS A 874 -49.56 18.68 -16.42
CA CYS A 874 -49.40 19.30 -17.72
C CYS A 874 -50.38 18.73 -18.74
N PHE A 875 -50.67 17.44 -18.68
CA PHE A 875 -51.66 16.85 -19.57
C PHE A 875 -53.04 17.46 -19.33
N LEU A 876 -53.41 17.59 -18.05
CA LEU A 876 -54.71 18.17 -17.73
C LEU A 876 -54.80 19.63 -18.17
N LEU A 877 -53.73 20.40 -17.96
CA LEU A 877 -53.70 21.78 -18.41
C LEU A 877 -53.81 21.88 -19.93
N GLY A 878 -53.08 21.03 -20.65
CA GLY A 878 -53.16 21.06 -22.10
C GLY A 878 -54.53 20.70 -22.63
N VAL A 879 -55.16 19.67 -22.04
CA VAL A 879 -56.50 19.29 -22.47
C VAL A 879 -57.50 20.39 -22.16
N GLY A 880 -57.39 21.01 -20.98
CA GLY A 880 -58.28 22.11 -20.65
C GLY A 880 -58.13 23.28 -21.59
N CYS A 881 -56.90 23.62 -21.97
CA CYS A 881 -56.69 24.69 -22.93
C CYS A 881 -57.25 24.30 -24.30
N ARG A 882 -57.06 23.04 -24.70
CA ARG A 882 -57.53 22.60 -26.01
C ARG A 882 -59.05 22.67 -26.11
N LEU A 883 -59.77 22.29 -25.06
CA LEU A 883 -61.22 22.30 -25.11
C LEU A 883 -61.81 23.71 -25.02
N THR A 884 -61.00 24.71 -24.74
CA THR A 884 -61.44 26.10 -24.64
C THR A 884 -61.25 26.80 -25.97
N PRO A 885 -62.26 27.50 -26.48
CA PRO A 885 -62.07 28.26 -27.73
C PRO A 885 -61.01 29.33 -27.57
N GLY A 886 -60.16 29.46 -28.58
CA GLY A 886 -59.10 30.45 -28.58
C GLY A 886 -57.83 30.06 -27.86
N LEU A 887 -57.75 28.84 -27.33
CA LEU A 887 -56.56 28.35 -26.64
C LEU A 887 -56.03 27.06 -27.25
N TYR A 888 -56.37 26.77 -28.51
CA TYR A 888 -55.98 25.51 -29.13
C TYR A 888 -54.45 25.39 -29.27
N HIS A 889 -53.80 26.46 -29.73
CA HIS A 889 -52.35 26.41 -29.93
C HIS A 889 -51.60 26.29 -28.61
N LEU A 890 -52.08 26.98 -27.58
CA LEU A 890 -51.46 26.86 -26.26
C LEU A 890 -51.57 25.44 -25.75
N GLY A 891 -52.73 24.81 -25.93
CA GLY A 891 -52.88 23.41 -25.55
C GLY A 891 -51.95 22.51 -26.34
N ARG A 892 -51.81 22.79 -27.64
CA ARG A 892 -50.87 22.01 -28.46
C ARG A 892 -49.46 22.07 -27.90
N THR A 893 -48.98 23.27 -27.60
CA THR A 893 -47.61 23.40 -27.11
C THR A 893 -47.44 22.77 -25.74
N VAL A 894 -48.43 22.93 -24.85
CA VAL A 894 -48.35 22.32 -23.53
C VAL A 894 -48.31 20.80 -23.65
N LEU A 895 -49.11 20.22 -24.55
CA LEU A 895 -49.09 18.78 -24.71
C LEU A 895 -47.81 18.31 -25.42
N CYS A 896 -47.22 19.15 -26.27
CA CYS A 896 -45.93 18.79 -26.87
C CYS A 896 -44.84 18.69 -25.81
N ILE A 897 -44.81 19.61 -24.85
CA ILE A 897 -43.84 19.51 -23.75
C ILE A 897 -44.22 18.35 -22.82
N ASP A 898 -45.52 18.11 -22.65
CA ASP A 898 -45.96 17.02 -21.80
C ASP A 898 -45.53 15.66 -22.35
N PHE A 899 -45.50 15.52 -23.68
CA PHE A 899 -45.00 14.28 -24.26
C PHE A 899 -43.53 14.06 -23.90
N MET A 900 -42.72 15.12 -23.91
CA MET A 900 -41.34 15.00 -23.46
C MET A 900 -41.27 14.57 -22.00
N VAL A 901 -42.13 15.14 -21.16
CA VAL A 901 -42.14 14.76 -19.75
C VAL A 901 -42.50 13.28 -19.59
N PHE A 902 -43.47 12.82 -20.36
CA PHE A 902 -43.90 11.42 -20.30
C PHE A 902 -42.82 10.47 -20.81
N THR A 903 -42.08 10.89 -21.85
CA THR A 903 -41.13 9.97 -22.48
C THR A 903 -39.89 9.74 -21.61
N VAL A 904 -39.42 10.78 -20.92
CA VAL A 904 -38.26 10.61 -20.05
C VAL A 904 -38.59 9.72 -18.86
N ARG A 905 -39.87 9.52 -18.56
CA ARG A 905 -40.27 8.57 -17.52
C ARG A 905 -39.90 7.14 -17.86
N LEU A 906 -39.61 6.86 -19.14
CA LEU A 906 -39.19 5.52 -19.54
C LEU A 906 -37.89 5.10 -18.88
N LEU A 907 -37.08 6.05 -18.41
CA LEU A 907 -35.80 5.72 -17.81
C LEU A 907 -35.95 4.87 -16.55
N HIS A 908 -37.10 4.95 -15.88
CA HIS A 908 -37.30 4.12 -14.69
C HIS A 908 -37.31 2.64 -15.03
N ILE A 909 -37.73 2.29 -16.26
CA ILE A 909 -37.72 0.90 -16.69
C ILE A 909 -36.29 0.36 -16.75
N PHE A 910 -35.32 1.22 -17.05
CA PHE A 910 -33.94 0.78 -17.21
C PHE A 910 -33.36 0.18 -15.94
N THR A 911 -33.91 0.51 -14.77
CA THR A 911 -33.34 0.07 -13.51
C THR A 911 -33.51 -1.43 -13.27
N VAL A 912 -34.29 -2.12 -14.11
CA VAL A 912 -34.37 -3.56 -14.03
C VAL A 912 -33.10 -4.23 -14.51
N ASN A 913 -32.27 -3.51 -15.26
CA ASN A 913 -31.08 -4.07 -15.88
C ASN A 913 -29.83 -3.54 -15.18
N LYS A 914 -28.87 -4.44 -14.95
CA LYS A 914 -27.67 -4.07 -14.22
C LYS A 914 -26.80 -3.09 -14.97
N GLN A 915 -26.76 -3.20 -16.30
CA GLN A 915 -25.95 -2.29 -17.11
C GLN A 915 -26.59 -0.91 -17.23
N LEU A 916 -27.91 -0.87 -17.43
CA LEU A 916 -28.59 0.39 -17.69
C LEU A 916 -28.93 1.16 -16.42
N GLY A 917 -29.01 0.49 -15.27
CA GLY A 917 -29.44 1.10 -14.03
C GLY A 917 -28.61 2.28 -13.56
N PRO A 918 -27.34 2.04 -13.22
CA PRO A 918 -26.50 3.13 -12.69
C PRO A 918 -26.25 4.26 -13.68
N LYS A 919 -26.41 4.02 -14.98
CA LYS A 919 -26.24 5.08 -15.96
C LYS A 919 -27.26 6.19 -15.76
N ILE A 920 -28.43 5.87 -15.21
CA ILE A 920 -29.42 6.89 -14.92
C ILE A 920 -28.93 7.83 -13.83
N VAL A 921 -28.32 7.28 -12.78
CA VAL A 921 -27.73 8.09 -11.73
C VAL A 921 -26.60 8.94 -12.31
N ILE A 922 -25.79 8.35 -13.18
CA ILE A 922 -24.70 9.09 -13.81
C ILE A 922 -25.24 10.28 -14.59
N VAL A 923 -26.30 10.06 -15.38
CA VAL A 923 -26.90 11.15 -16.16
C VAL A 923 -27.47 12.22 -15.24
N SER A 924 -28.11 11.80 -14.15
CA SER A 924 -28.70 12.75 -13.22
C SER A 924 -27.64 13.66 -12.60
N LYS A 925 -26.46 13.10 -12.29
CA LYS A 925 -25.40 13.93 -11.73
C LYS A 925 -24.71 14.78 -12.80
N MET A 926 -24.61 14.25 -14.02
CA MET A 926 -24.09 15.04 -15.13
C MET A 926 -24.97 16.25 -15.42
N MET A 927 -26.27 16.15 -15.12
CA MET A 927 -27.12 17.32 -15.27
C MET A 927 -26.73 18.44 -14.31
N LYS A 928 -26.36 18.10 -13.07
CA LYS A 928 -25.85 19.11 -12.15
C LYS A 928 -24.52 19.67 -12.63
N ASP A 929 -23.67 18.82 -13.20
CA ASP A 929 -22.44 19.31 -13.82
C ASP A 929 -22.74 20.36 -14.90
N VAL A 930 -23.74 20.08 -15.75
CA VAL A 930 -24.12 21.03 -16.78
C VAL A 930 -24.63 22.33 -16.16
N PHE A 931 -25.44 22.21 -15.10
CA PHE A 931 -25.96 23.40 -14.44
C PHE A 931 -24.83 24.29 -13.96
N PHE A 932 -23.78 23.69 -13.39
CA PHE A 932 -22.66 24.51 -12.91
C PHE A 932 -21.82 25.06 -14.05
N PHE A 933 -21.71 24.31 -15.16
CA PHE A 933 -20.97 24.78 -16.33
C PHE A 933 -21.65 25.98 -16.97
N LEU A 934 -22.97 26.06 -16.84
CA LEU A 934 -23.72 27.14 -17.49
C LEU A 934 -23.34 28.51 -16.97
N PHE A 935 -22.80 28.63 -15.75
CA PHE A 935 -22.37 29.94 -15.25
C PHE A 935 -21.18 30.47 -16.05
N PHE A 936 -20.15 29.64 -16.22
CA PHE A 936 -19.01 30.02 -17.04
C PHE A 936 -19.44 30.28 -18.47
N LEU A 937 -20.30 29.42 -19.01
CA LEU A 937 -20.76 29.61 -20.39
C LEU A 937 -21.49 30.94 -20.54
N GLY A 938 -22.34 31.30 -19.58
CA GLY A 938 -23.06 32.55 -19.66
C GLY A 938 -22.16 33.76 -19.56
N VAL A 939 -21.17 33.72 -18.66
CA VAL A 939 -20.26 34.85 -18.53
C VAL A 939 -19.49 35.06 -19.83
N TRP A 940 -18.93 33.98 -20.39
CA TRP A 940 -18.16 34.11 -21.61
C TRP A 940 -19.03 34.53 -22.79
N LEU A 941 -20.26 34.00 -22.86
CA LEU A 941 -21.17 34.40 -23.93
C LEU A 941 -21.53 35.87 -23.84
N VAL A 942 -21.80 36.37 -22.63
CA VAL A 942 -22.13 37.78 -22.48
C VAL A 942 -20.97 38.64 -22.95
N ALA A 943 -19.75 38.35 -22.46
CA ALA A 943 -18.60 39.16 -22.85
C ALA A 943 -18.40 39.17 -24.36
N TYR A 944 -18.28 37.97 -24.95
CA TYR A 944 -17.98 37.86 -26.38
C TYR A 944 -19.10 38.43 -27.24
N GLY A 945 -20.35 38.09 -26.93
CA GLY A 945 -21.45 38.53 -27.75
C GLY A 945 -21.64 40.04 -27.72
N VAL A 946 -21.53 40.64 -26.53
CA VAL A 946 -21.69 42.09 -26.46
C VAL A 946 -20.54 42.80 -27.17
N ALA A 947 -19.30 42.28 -27.01
CA ALA A 947 -18.19 42.91 -27.73
C ALA A 947 -18.37 42.82 -29.23
N THR A 948 -18.77 41.64 -29.74
CA THR A 948 -18.95 41.48 -31.18
C THR A 948 -20.08 42.35 -31.70
N GLU A 949 -21.19 42.41 -30.96
CA GLU A 949 -22.32 43.24 -31.38
C GLU A 949 -21.95 44.72 -31.38
N GLY A 950 -21.17 45.16 -30.39
CA GLY A 950 -20.71 46.54 -30.38
C GLY A 950 -19.75 46.86 -31.49
N LEU A 951 -18.88 45.92 -31.86
CA LEU A 951 -17.96 46.16 -32.96
C LEU A 951 -18.66 46.16 -34.31
N LEU A 952 -19.62 45.26 -34.52
CA LEU A 952 -20.27 45.16 -35.82
C LEU A 952 -21.27 46.26 -36.08
N ARG A 953 -21.95 46.75 -35.03
CA ARG A 953 -22.96 47.79 -35.13
C ARG A 953 -24.03 47.51 -36.19
N PRO A 954 -24.77 46.40 -36.06
CA PRO A 954 -25.84 46.14 -37.04
C PRO A 954 -26.90 47.22 -37.01
N ARG A 955 -27.39 47.60 -38.19
CA ARG A 955 -28.38 48.67 -38.27
C ARG A 955 -29.76 48.17 -37.88
N ASP A 956 -30.07 46.90 -38.17
CA ASP A 956 -31.34 46.29 -37.76
C ASP A 956 -31.20 45.85 -36.30
N SER A 957 -31.36 46.80 -35.40
CA SER A 957 -31.17 46.56 -33.97
C SER A 957 -32.51 46.72 -33.26
N ASP A 958 -32.95 45.65 -32.61
CA ASP A 958 -34.04 45.67 -31.65
C ASP A 958 -33.78 44.54 -30.66
N PHE A 959 -34.48 44.59 -29.53
CA PHE A 959 -34.15 43.70 -28.43
C PHE A 959 -34.12 42.22 -28.82
N PRO A 960 -35.10 41.66 -29.55
CA PRO A 960 -34.98 40.24 -29.94
C PRO A 960 -33.79 39.95 -30.83
N SER A 961 -33.51 40.83 -31.80
CA SER A 961 -32.37 40.61 -32.69
C SER A 961 -31.05 40.73 -31.94
N ILE A 962 -30.95 41.71 -31.03
CA ILE A 962 -29.75 41.87 -30.22
C ILE A 962 -29.53 40.64 -29.36
N LEU A 963 -30.59 40.14 -28.72
CA LEU A 963 -30.46 38.93 -27.91
C LEU A 963 -30.03 37.75 -28.76
N ARG A 964 -30.60 37.62 -29.96
CA ARG A 964 -30.26 36.50 -30.84
C ARG A 964 -28.80 36.54 -31.24
N ARG A 965 -28.29 37.73 -31.58
CA ARG A 965 -26.90 37.84 -32.01
C ARG A 965 -25.91 37.85 -30.84
N VAL A 966 -26.37 38.13 -29.62
CA VAL A 966 -25.46 38.12 -28.48
C VAL A 966 -25.37 36.73 -27.86
N PHE A 967 -26.48 36.01 -27.76
CA PHE A 967 -26.51 34.72 -27.11
C PHE A 967 -26.64 33.54 -28.06
N TYR A 968 -27.62 33.59 -28.97
CA TYR A 968 -27.93 32.42 -29.78
C TYR A 968 -26.85 32.14 -30.82
N ARG A 969 -26.43 33.16 -31.57
CA ARG A 969 -25.45 32.93 -32.62
C ARG A 969 -24.08 32.49 -32.10
N PRO A 970 -23.51 33.10 -31.05
CA PRO A 970 -22.25 32.55 -30.51
C PRO A 970 -22.42 31.15 -29.94
N TYR A 971 -23.59 30.81 -29.42
CA TYR A 971 -23.80 29.49 -28.85
C TYR A 971 -23.69 28.39 -29.92
N LEU A 972 -24.25 28.64 -31.10
CA LEU A 972 -24.18 27.66 -32.17
C LEU A 972 -22.77 27.50 -32.73
N GLN A 973 -21.88 28.47 -32.49
CA GLN A 973 -20.49 28.33 -32.92
C GLN A 973 -19.78 27.23 -32.14
N ILE A 974 -20.23 26.94 -30.91
CA ILE A 974 -19.65 25.85 -30.14
C ILE A 974 -19.89 24.52 -30.84
N PHE A 975 -20.95 24.43 -31.64
CA PHE A 975 -21.30 23.19 -32.32
C PHE A 975 -21.05 23.28 -33.83
N GLY A 976 -20.09 24.09 -34.25
CA GLY A 976 -19.63 24.11 -35.63
C GLY A 976 -20.43 24.96 -36.58
N GLN A 977 -21.36 25.79 -36.09
CA GLN A 977 -22.13 26.67 -36.96
C GLN A 977 -21.50 28.06 -36.91
N ILE A 978 -20.60 28.32 -37.85
CA ILE A 978 -19.80 29.53 -37.88
C ILE A 978 -20.16 30.32 -39.14
N PRO A 979 -20.96 31.38 -39.01
CA PRO A 979 -21.36 32.21 -40.17
C PRO A 979 -20.35 33.30 -40.50
N GLN A 980 -19.29 32.91 -41.21
CA GLN A 980 -18.23 33.86 -41.55
C GLN A 980 -18.75 34.99 -42.42
N GLU A 981 -19.68 34.70 -43.33
CA GLU A 981 -20.17 35.72 -44.25
C GLU A 981 -20.98 36.81 -43.56
N ASP A 982 -21.43 36.56 -42.32
CA ASP A 982 -22.20 37.54 -41.57
C ASP A 982 -21.37 38.33 -40.57
N MET A 983 -20.09 37.98 -40.40
CA MET A 983 -19.22 38.67 -39.46
C MET A 983 -17.97 39.25 -40.09
N ASP A 984 -17.50 38.70 -41.21
CA ASP A 984 -16.27 39.13 -41.84
C ASP A 984 -16.62 39.99 -43.05
N VAL A 985 -16.19 41.25 -43.04
CA VAL A 985 -16.53 42.18 -44.12
C VAL A 985 -15.72 41.94 -45.37
N ALA A 986 -14.67 41.12 -45.30
CA ALA A 986 -13.95 40.73 -46.51
C ALA A 986 -14.77 39.79 -47.37
N LEU A 987 -15.79 39.15 -46.81
CA LEU A 987 -16.68 38.25 -47.54
C LEU A 987 -18.01 38.89 -47.89
N MET A 988 -18.20 40.16 -47.54
CA MET A 988 -19.43 40.88 -47.85
C MET A 988 -19.19 41.86 -49.00
N GLU A 989 -20.28 42.36 -49.55
CA GLU A 989 -20.20 43.45 -50.51
C GLU A 989 -20.24 44.78 -49.77
N HIS A 990 -19.48 45.74 -50.27
CA HIS A 990 -19.35 47.06 -49.65
C HIS A 990 -20.30 48.02 -50.34
N SER A 991 -21.23 48.59 -49.59
CA SER A 991 -22.24 49.46 -50.16
C SER A 991 -22.54 50.59 -49.20
N ASN A 992 -23.07 51.69 -49.75
CA ASN A 992 -23.49 52.85 -48.95
C ASN A 992 -24.91 52.64 -48.41
N CYS A 993 -25.03 51.65 -47.53
CA CYS A 993 -26.30 51.30 -46.91
C CYS A 993 -26.47 51.92 -45.52
N SER A 994 -25.83 53.05 -45.28
CA SER A 994 -25.96 53.73 -43.99
C SER A 994 -25.77 55.23 -44.21
N SER A 995 -26.30 56.02 -43.28
CA SER A 995 -26.16 57.47 -43.34
C SER A 995 -25.00 57.98 -42.50
N GLU A 996 -24.49 57.18 -41.57
CA GLU A 996 -23.41 57.59 -40.70
C GLU A 996 -22.09 57.64 -41.47
N PRO A 997 -21.14 58.45 -41.00
CA PRO A 997 -19.81 58.43 -41.61
C PRO A 997 -19.11 57.11 -41.39
N GLY A 998 -18.23 56.76 -42.33
CA GLY A 998 -17.52 55.51 -42.28
C GLY A 998 -17.92 54.55 -43.39
N PHE A 999 -17.27 53.40 -43.39
CA PHE A 999 -17.48 52.38 -44.41
C PHE A 999 -18.33 51.24 -43.85
N TRP A 1000 -19.26 50.75 -44.67
CA TRP A 1000 -20.24 49.77 -44.24
C TRP A 1000 -20.32 48.64 -45.25
N ALA A 1001 -20.80 47.48 -44.80
CA ALA A 1001 -20.93 46.29 -45.63
C ALA A 1001 -22.28 45.64 -45.37
N HIS A 1002 -22.73 44.84 -46.32
CA HIS A 1002 -24.04 44.22 -46.26
C HIS A 1002 -23.90 42.73 -46.02
N PRO A 1003 -24.32 42.21 -44.86
CA PRO A 1003 -24.32 40.76 -44.65
C PRO A 1003 -25.51 40.12 -45.34
N PRO A 1004 -25.33 38.92 -45.90
CA PRO A 1004 -26.45 38.27 -46.60
C PRO A 1004 -27.45 37.60 -45.68
N GLY A 1005 -27.11 37.36 -44.41
CA GLY A 1005 -28.02 36.66 -43.52
C GLY A 1005 -29.28 37.45 -43.25
N ALA A 1006 -30.39 36.72 -43.07
CA ALA A 1006 -31.67 37.35 -42.80
C ALA A 1006 -31.68 38.03 -41.45
N GLN A 1007 -31.09 37.41 -40.43
CA GLN A 1007 -31.05 37.94 -39.08
C GLN A 1007 -29.68 38.49 -38.70
N ALA A 1008 -28.83 38.79 -39.68
CA ALA A 1008 -27.49 39.27 -39.40
C ALA A 1008 -27.40 40.79 -39.34
N GLY A 1009 -28.51 41.50 -39.54
CA GLY A 1009 -28.48 42.94 -39.65
C GLY A 1009 -28.26 43.36 -41.09
N THR A 1010 -28.95 44.40 -41.54
CA THR A 1010 -28.84 44.79 -42.94
C THR A 1010 -27.47 45.39 -43.26
N CYS A 1011 -26.86 46.10 -42.32
CA CYS A 1011 -25.64 46.85 -42.60
C CYS A 1011 -24.77 46.84 -41.35
N VAL A 1012 -23.48 46.49 -41.53
CA VAL A 1012 -22.54 46.43 -40.42
C VAL A 1012 -21.33 47.31 -40.73
N SER A 1013 -20.62 47.70 -39.67
CA SER A 1013 -19.47 48.58 -39.81
C SER A 1013 -18.23 47.79 -40.21
N GLN A 1014 -17.41 48.41 -41.07
CA GLN A 1014 -16.14 47.81 -41.47
C GLN A 1014 -15.00 48.16 -40.54
N TYR A 1015 -15.20 49.08 -39.60
CA TYR A 1015 -14.10 49.56 -38.78
C TYR A 1015 -13.63 48.47 -37.81
N ALA A 1016 -12.33 48.17 -37.86
CA ALA A 1016 -11.70 47.20 -36.97
C ALA A 1016 -12.35 45.82 -37.06
N ASN A 1017 -12.65 45.38 -38.28
CA ASN A 1017 -13.21 44.05 -38.47
C ASN A 1017 -12.19 42.95 -38.19
N TRP A 1018 -10.90 43.26 -38.34
CA TRP A 1018 -9.86 42.33 -37.93
C TRP A 1018 -10.01 41.97 -36.46
N LEU A 1019 -10.49 42.91 -35.64
CA LEU A 1019 -10.72 42.61 -34.23
C LEU A 1019 -11.90 41.67 -34.03
N VAL A 1020 -12.94 41.78 -34.87
CA VAL A 1020 -14.03 40.81 -34.85
C VAL A 1020 -13.51 39.42 -35.20
N VAL A 1021 -12.66 39.33 -36.22
CA VAL A 1021 -12.09 38.05 -36.60
C VAL A 1021 -11.21 37.48 -35.50
N LEU A 1022 -10.42 38.34 -34.84
CA LEU A 1022 -9.59 37.90 -33.74
C LEU A 1022 -10.43 37.42 -32.56
N LEU A 1023 -11.54 38.11 -32.29
CA LEU A 1023 -12.44 37.68 -31.23
C LEU A 1023 -13.05 36.32 -31.55
N LEU A 1024 -13.39 36.09 -32.82
CA LEU A 1024 -13.87 34.76 -33.22
C LEU A 1024 -12.80 33.69 -33.01
N VAL A 1025 -11.55 34.01 -33.36
CA VAL A 1025 -10.45 33.06 -33.18
C VAL A 1025 -10.28 32.73 -31.69
N ILE A 1026 -10.35 33.74 -30.83
CA ILE A 1026 -10.20 33.51 -29.40
C ILE A 1026 -11.39 32.73 -28.85
N PHE A 1027 -12.60 33.02 -29.36
CA PHE A 1027 -13.80 32.33 -28.92
C PHE A 1027 -13.71 30.84 -29.24
N LEU A 1028 -13.26 30.50 -30.45
CA LEU A 1028 -13.20 29.09 -30.84
C LEU A 1028 -12.24 28.31 -29.97
N LEU A 1029 -11.27 28.98 -29.34
CA LEU A 1029 -10.33 28.31 -28.46
C LEU A 1029 -10.85 28.25 -27.03
N VAL A 1030 -11.45 29.36 -26.56
CA VAL A 1030 -11.91 29.42 -25.18
C VAL A 1030 -13.14 28.56 -24.96
N ALA A 1031 -14.10 28.61 -25.87
CA ALA A 1031 -15.39 27.95 -25.66
C ALA A 1031 -15.39 26.51 -26.19
N ASN A 1032 -15.07 26.34 -27.47
CA ASN A 1032 -15.20 25.03 -28.10
C ASN A 1032 -14.28 24.00 -27.47
N ILE A 1033 -13.13 24.43 -26.96
CA ILE A 1033 -12.16 23.48 -26.41
C ILE A 1033 -12.10 23.58 -24.89
N LEU A 1034 -11.77 24.76 -24.37
CA LEU A 1034 -11.44 24.86 -22.95
C LEU A 1034 -12.66 24.62 -22.06
N LEU A 1035 -13.74 25.37 -22.28
CA LEU A 1035 -14.91 25.24 -21.41
C LEU A 1035 -15.62 23.91 -21.62
N VAL A 1036 -15.74 23.48 -22.88
CA VAL A 1036 -16.37 22.20 -23.17
C VAL A 1036 -15.61 21.05 -22.52
N ASN A 1037 -14.27 21.11 -22.56
CA ASN A 1037 -13.50 20.04 -21.95
C ASN A 1037 -13.41 20.17 -20.44
N LEU A 1038 -13.59 21.37 -19.88
CA LEU A 1038 -13.80 21.48 -18.44
C LEU A 1038 -15.07 20.74 -18.02
N LEU A 1039 -16.15 20.95 -18.77
CA LEU A 1039 -17.39 20.22 -18.51
C LEU A 1039 -17.19 18.72 -18.68
N ILE A 1040 -16.42 18.32 -19.70
CA ILE A 1040 -16.19 16.90 -19.95
C ILE A 1040 -15.36 16.27 -18.83
N ALA A 1041 -14.39 17.02 -18.29
CA ALA A 1041 -13.62 16.51 -17.17
C ALA A 1041 -14.49 16.34 -15.92
N MET A 1042 -15.40 17.30 -15.69
CA MET A 1042 -16.38 17.12 -14.62
C MET A 1042 -17.23 15.88 -14.86
N PHE A 1043 -17.64 15.67 -16.12
CA PHE A 1043 -18.41 14.48 -16.47
C PHE A 1043 -17.62 13.20 -16.16
N SER A 1044 -16.34 13.19 -16.50
CA SER A 1044 -15.52 12.00 -16.28
C SER A 1044 -15.37 11.72 -14.79
N TYR A 1045 -15.16 12.76 -13.98
CA TYR A 1045 -15.07 12.57 -12.55
C TYR A 1045 -16.37 12.01 -11.97
N THR A 1046 -17.50 12.58 -12.39
CA THR A 1046 -18.80 12.09 -11.95
C THR A 1046 -19.02 10.64 -12.38
N PHE A 1047 -18.66 10.30 -13.62
CA PHE A 1047 -18.85 8.95 -14.12
C PHE A 1047 -18.02 7.96 -13.32
N GLY A 1048 -16.76 8.31 -13.02
CA GLY A 1048 -15.91 7.41 -12.27
C GLY A 1048 -16.40 7.19 -10.85
N LYS A 1049 -16.96 8.23 -10.23
CA LYS A 1049 -17.46 8.07 -8.87
C LYS A 1049 -18.57 7.03 -8.80
N VAL A 1050 -19.49 7.02 -9.77
CA VAL A 1050 -20.59 6.07 -9.75
C VAL A 1050 -20.15 4.71 -10.29
N GLN A 1051 -19.25 4.70 -11.27
CA GLN A 1051 -18.76 3.44 -11.83
C GLN A 1051 -17.96 2.66 -10.80
N GLY A 1052 -17.38 3.34 -9.82
CA GLY A 1052 -16.73 2.63 -8.73
C GLY A 1052 -17.66 1.75 -7.93
N ASN A 1053 -18.91 2.19 -7.72
CA ASN A 1053 -19.87 1.45 -6.90
C ASN A 1053 -21.16 1.14 -7.65
N SER A 1054 -21.06 0.71 -8.91
CA SER A 1054 -22.27 0.55 -9.72
C SER A 1054 -23.20 -0.54 -9.20
N ASP A 1055 -22.64 -1.63 -8.66
CA ASP A 1055 -23.46 -2.74 -8.20
C ASP A 1055 -24.31 -2.34 -7.00
N LEU A 1056 -23.74 -1.57 -6.08
CA LEU A 1056 -24.52 -1.09 -4.93
C LEU A 1056 -25.69 -0.24 -5.38
N TYR A 1057 -25.44 0.70 -6.29
CA TYR A 1057 -26.51 1.54 -6.83
C TYR A 1057 -27.59 0.70 -7.48
N TRP A 1058 -27.18 -0.28 -8.30
CA TRP A 1058 -28.17 -1.07 -9.02
C TRP A 1058 -28.98 -1.94 -8.08
N LYS A 1059 -28.36 -2.46 -7.02
CA LYS A 1059 -29.11 -3.32 -6.10
C LYS A 1059 -30.07 -2.53 -5.24
N ALA A 1060 -29.70 -1.30 -4.87
CA ALA A 1060 -30.69 -0.42 -4.23
C ALA A 1060 -31.85 -0.11 -5.19
N GLN A 1061 -31.53 0.20 -6.45
CA GLN A 1061 -32.58 0.44 -7.44
C GLN A 1061 -33.47 -0.78 -7.61
N ARG A 1062 -32.86 -1.97 -7.57
CA ARG A 1062 -33.61 -3.21 -7.72
C ARG A 1062 -34.57 -3.40 -6.56
N TYR A 1063 -34.12 -3.11 -5.34
CA TYR A 1063 -35.04 -3.15 -4.20
C TYR A 1063 -36.21 -2.20 -4.42
N ARG A 1064 -35.92 -0.97 -4.86
CA ARG A 1064 -36.99 0.00 -5.06
C ARG A 1064 -37.99 -0.47 -6.10
N LEU A 1065 -37.50 -1.02 -7.21
CA LEU A 1065 -38.37 -1.50 -8.29
C LEU A 1065 -39.23 -2.67 -7.82
N ILE A 1066 -38.61 -3.64 -7.13
CA ILE A 1066 -39.35 -4.80 -6.65
C ILE A 1066 -40.42 -4.38 -5.65
N ARG A 1067 -40.09 -3.45 -4.76
CA ARG A 1067 -41.07 -2.95 -3.81
C ARG A 1067 -42.21 -2.23 -4.52
N GLU A 1068 -41.89 -1.46 -5.57
CA GLU A 1068 -42.91 -0.74 -6.32
C GLU A 1068 -43.89 -1.70 -6.98
N PHE A 1069 -43.38 -2.75 -7.61
CA PHE A 1069 -44.27 -3.63 -8.36
C PHE A 1069 -44.81 -4.80 -7.55
N HIS A 1070 -44.43 -4.91 -6.27
CA HIS A 1070 -44.98 -5.97 -5.43
C HIS A 1070 -46.43 -5.69 -5.03
N SER A 1071 -46.84 -4.42 -5.05
CA SER A 1071 -48.18 -4.04 -4.61
C SER A 1071 -49.04 -3.45 -5.72
N ARG A 1072 -48.54 -3.34 -6.94
CA ARG A 1072 -49.32 -2.78 -8.02
C ARG A 1072 -50.39 -3.77 -8.48
N PRO A 1073 -51.54 -3.29 -8.94
CA PRO A 1073 -52.56 -4.19 -9.50
C PRO A 1073 -52.02 -4.94 -10.71
N ALA A 1074 -52.56 -6.15 -10.92
CA ALA A 1074 -52.06 -7.04 -11.95
C ALA A 1074 -52.46 -6.62 -13.36
N LEU A 1075 -53.48 -5.78 -13.50
CA LEU A 1075 -53.91 -5.33 -14.82
C LEU A 1075 -53.22 -4.02 -15.19
N ALA A 1076 -52.68 -3.97 -16.39
CA ALA A 1076 -52.01 -2.77 -16.87
C ALA A 1076 -53.03 -1.79 -17.43
N PRO A 1077 -52.71 -0.49 -17.43
CA PRO A 1077 -53.63 0.50 -18.00
C PRO A 1077 -53.83 0.26 -19.49
N PRO A 1078 -54.99 0.65 -20.03
CA PRO A 1078 -56.13 1.30 -19.37
C PRO A 1078 -57.07 0.29 -18.72
N PHE A 1079 -56.74 -1.00 -18.78
CA PHE A 1079 -57.56 -2.03 -18.15
C PHE A 1079 -57.44 -2.02 -16.63
N ILE A 1080 -56.52 -1.22 -16.09
CA ILE A 1080 -56.30 -1.12 -14.65
C ILE A 1080 -57.54 -0.53 -13.97
N VAL A 1081 -58.45 0.04 -14.76
CA VAL A 1081 -59.69 0.58 -14.21
C VAL A 1081 -60.52 -0.53 -13.56
N ILE A 1082 -60.39 -1.76 -14.05
CA ILE A 1082 -61.11 -2.88 -13.45
C ILE A 1082 -60.61 -3.13 -12.03
N SER A 1083 -59.28 -3.14 -11.85
CA SER A 1083 -58.72 -3.37 -10.53
C SER A 1083 -59.05 -2.24 -9.57
N HIS A 1084 -59.01 -1.00 -10.05
CA HIS A 1084 -59.38 0.13 -9.20
C HIS A 1084 -60.84 0.05 -8.79
N LEU A 1085 -61.71 -0.36 -9.71
CA LEU A 1085 -63.13 -0.51 -9.38
C LEU A 1085 -63.34 -1.62 -8.36
N ARG A 1086 -62.60 -2.74 -8.52
CA ARG A 1086 -62.69 -3.82 -7.55
C ARG A 1086 -62.25 -3.35 -6.17
N LEU A 1087 -61.14 -2.61 -6.10
CA LEU A 1087 -60.67 -2.09 -4.81
C LEU A 1087 -61.69 -1.13 -4.21
N LEU A 1088 -62.28 -0.27 -5.04
CA LEU A 1088 -63.27 0.67 -4.54
C LEU A 1088 -64.50 -0.04 -3.99
N LEU A 1089 -64.95 -1.10 -4.68
CA LEU A 1089 -66.08 -1.88 -4.18
C LEU A 1089 -65.71 -2.62 -2.90
N ARG A 1090 -64.48 -3.14 -2.83
CA ARG A 1090 -64.03 -3.82 -1.62
C ARG A 1090 -64.02 -2.88 -0.41
N GLN A 1091 -63.64 -1.63 -0.62
CA GLN A 1091 -63.63 -0.66 0.47
C GLN A 1091 -65.01 -0.12 0.80
N LEU A 1092 -65.84 0.14 -0.21
CA LEU A 1092 -67.13 0.79 0.01
C LEU A 1092 -68.22 -0.17 0.43
N CYS A 1093 -67.97 -1.48 0.39
CA CYS A 1093 -68.97 -2.47 0.77
C CYS A 1093 -68.38 -3.52 1.70
N TYR A 1112 -49.85 -14.09 22.49
CA TYR A 1112 -48.82 -14.75 23.30
C TYR A 1112 -47.87 -15.58 22.44
N LEU A 1113 -48.44 -16.27 21.45
CA LEU A 1113 -47.61 -17.08 20.55
C LEU A 1113 -46.69 -16.21 19.70
N SER A 1114 -47.18 -15.06 19.24
CA SER A 1114 -46.36 -14.16 18.44
C SER A 1114 -45.15 -13.70 19.23
N LYS A 1115 -45.35 -13.33 20.49
CA LYS A 1115 -44.22 -12.89 21.32
C LYS A 1115 -43.28 -14.05 21.64
N GLU A 1116 -43.81 -15.27 21.74
CA GLU A 1116 -42.95 -16.44 21.91
C GLU A 1116 -42.02 -16.62 20.72
N ALA A 1117 -42.59 -16.55 19.51
CA ALA A 1117 -41.77 -16.67 18.31
C ALA A 1117 -40.78 -15.52 18.20
N GLU A 1118 -41.22 -14.32 18.59
CA GLU A 1118 -40.32 -13.17 18.59
C GLU A 1118 -39.13 -13.39 19.51
N ARG A 1119 -39.40 -13.90 20.72
CA ARG A 1119 -38.32 -14.15 21.67
C ARG A 1119 -37.37 -15.22 21.16
N LYS A 1120 -37.90 -16.28 20.56
CA LYS A 1120 -37.04 -17.32 19.99
C LYS A 1120 -36.16 -16.77 18.88
N LEU A 1121 -36.75 -15.96 17.98
CA LEU A 1121 -35.98 -15.37 16.88
C LEU A 1121 -34.90 -14.43 17.41
N LEU A 1122 -35.22 -13.61 18.41
CA LEU A 1122 -34.24 -12.70 18.96
C LEU A 1122 -33.13 -13.44 19.69
N THR A 1123 -33.44 -14.54 20.37
CA THR A 1123 -32.40 -15.35 20.99
C THR A 1123 -31.46 -15.94 19.94
N TRP A 1124 -32.03 -16.44 18.84
CA TRP A 1124 -31.21 -16.95 17.75
C TRP A 1124 -30.28 -15.86 17.20
N GLU A 1125 -30.83 -14.67 16.99
CA GLU A 1125 -30.02 -13.56 16.47
C GLU A 1125 -28.92 -13.17 17.45
N SER A 1126 -29.23 -13.12 18.74
CA SER A 1126 -28.23 -12.72 19.73
C SER A 1126 -27.13 -13.77 19.86
N VAL A 1127 -27.48 -15.05 19.73
CA VAL A 1127 -26.47 -16.09 19.74
C VAL A 1127 -25.53 -15.93 18.55
N HIS A 1128 -26.08 -15.63 17.37
CA HIS A 1128 -25.19 -15.44 16.22
C HIS A 1128 -24.37 -14.16 16.34
N LYS A 1129 -24.92 -13.13 16.97
CA LYS A 1129 -24.12 -11.93 17.26
C LYS A 1129 -22.96 -12.27 18.19
N GLU A 1130 -23.21 -13.11 19.20
CA GLU A 1130 -22.13 -13.51 20.10
C GLU A 1130 -21.06 -14.30 19.36
N ASN A 1131 -21.46 -15.21 18.47
CA ASN A 1131 -20.47 -15.94 17.67
C ASN A 1131 -19.65 -14.98 16.81
N PHE A 1132 -20.32 -13.99 16.19
CA PHE A 1132 -19.64 -13.00 15.37
C PHE A 1132 -18.61 -12.20 16.19
N LEU A 1133 -19.01 -11.78 17.39
CA LEU A 1133 -18.09 -11.01 18.23
C LEU A 1133 -16.93 -11.86 18.74
N LEU A 1134 -17.20 -13.13 19.07
CA LEU A 1134 -16.13 -14.03 19.48
C LEU A 1134 -15.13 -14.25 18.35
N ALA A 1135 -15.63 -14.41 17.12
CA ALA A 1135 -14.74 -14.56 15.99
C ALA A 1135 -13.88 -13.32 15.78
N ARG A 1136 -14.49 -12.14 15.92
CA ARG A 1136 -13.70 -10.91 15.80
C ARG A 1136 -12.63 -10.80 16.88
N ALA A 1137 -12.99 -11.11 18.13
CA ALA A 1137 -12.02 -11.06 19.22
C ALA A 1137 -10.89 -12.06 19.01
N ARG A 1138 -11.22 -13.26 18.55
CA ARG A 1138 -10.21 -14.27 18.30
C ARG A 1138 -9.28 -13.86 17.17
N ASP A 1139 -9.82 -13.22 16.12
CA ASP A 1139 -8.97 -12.70 15.06
C ASP A 1139 -8.06 -11.59 15.58
N LYS A 1140 -8.57 -10.72 16.46
CA LYS A 1140 -7.75 -9.65 17.01
C LYS A 1140 -6.63 -10.20 17.88
N ARG A 1141 -6.92 -11.25 18.65
CA ARG A 1141 -5.93 -11.79 19.58
C ARG A 1141 -4.70 -12.34 18.83
N GLU A 1142 -4.91 -12.87 17.64
CA GLU A 1142 -3.83 -13.51 16.89
C GLU A 1142 -3.10 -12.58 15.93
N SER A 1143 -3.38 -11.27 15.98
CA SER A 1143 -2.65 -10.33 15.14
C SER A 1143 -1.20 -10.23 15.62
N ASP A 1144 -0.34 -9.73 14.72
CA ASP A 1144 1.08 -9.64 15.04
C ASP A 1144 1.34 -8.63 16.15
N SER A 1145 0.58 -7.53 16.18
CA SER A 1145 0.77 -6.52 17.21
C SER A 1145 0.47 -7.10 18.60
N GLU A 1146 -0.62 -7.84 18.73
CA GLU A 1146 -0.95 -8.44 20.01
C GLU A 1146 0.03 -9.55 20.39
N ARG A 1147 0.51 -10.32 19.41
CA ARG A 1147 1.55 -11.30 19.69
C ARG A 1147 2.80 -10.63 20.23
N LEU A 1148 3.22 -9.53 19.60
CA LEU A 1148 4.41 -8.82 20.07
C LEU A 1148 4.20 -8.24 21.46
N LYS A 1149 3.01 -7.71 21.73
CA LYS A 1149 2.71 -7.17 23.06
C LYS A 1149 2.79 -8.27 24.12
N ARG A 1150 2.20 -9.43 23.84
CA ARG A 1150 2.25 -10.53 24.79
C ARG A 1150 3.67 -11.06 24.96
N THR A 1151 4.46 -11.06 23.88
CA THR A 1151 5.85 -11.47 23.98
C THR A 1151 6.63 -10.52 24.88
N SER A 1152 6.40 -9.22 24.74
CA SER A 1152 7.05 -8.25 25.61
C SER A 1152 6.66 -8.48 27.07
N GLN A 1153 5.37 -8.72 27.32
CA GLN A 1153 4.93 -8.97 28.69
C GLN A 1153 5.54 -10.24 29.27
N LYS A 1154 5.63 -11.31 28.47
CA LYS A 1154 6.22 -12.54 28.98
C LYS A 1154 7.73 -12.41 29.16
N VAL A 1155 8.39 -11.58 28.35
CA VAL A 1155 9.81 -11.30 28.61
C VAL A 1155 9.97 -10.51 29.91
N ASP A 1156 9.01 -9.62 30.20
CA ASP A 1156 9.03 -8.94 31.49
C ASP A 1156 8.88 -9.94 32.63
N LEU A 1157 7.99 -10.91 32.48
CA LEU A 1157 7.84 -11.95 33.50
C LEU A 1157 9.12 -12.77 33.66
N ALA A 1158 9.78 -13.08 32.54
CA ALA A 1158 11.04 -13.81 32.61
C ALA A 1158 12.11 -13.00 33.32
N LEU A 1159 12.15 -11.68 33.06
CA LEU A 1159 13.09 -10.82 33.76
C LEU A 1159 12.79 -10.79 35.26
N LYS A 1160 11.51 -10.77 35.62
CA LYS A 1160 11.14 -10.82 37.03
C LYS A 1160 11.61 -12.12 37.67
N GLN A 1161 11.43 -13.24 36.96
CA GLN A 1161 11.89 -14.53 37.47
C GLN A 1161 13.40 -14.54 37.66
N LEU A 1162 14.14 -14.01 36.68
CA LEU A 1162 15.59 -13.94 36.80
C LEU A 1162 16.04 -13.03 37.93
N GLY A 1163 15.36 -11.91 38.15
CA GLY A 1163 15.69 -11.06 39.28
C GLY A 1163 15.43 -11.75 40.61
N HIS A 1164 14.31 -12.47 40.71
CA HIS A 1164 13.97 -13.14 41.95
C HIS A 1164 14.86 -14.34 42.21
N ILE A 1165 15.43 -14.95 41.15
CA ILE A 1165 16.24 -16.15 41.34
C ILE A 1165 17.64 -15.82 41.88
N ARG A 1166 18.09 -14.58 41.77
CA ARG A 1166 19.40 -14.21 42.30
C ARG A 1166 19.28 -13.68 43.72
N GLU B 7 -43.17 -48.94 31.93
CA GLU B 7 -41.72 -49.03 31.97
C GLU B 7 -41.18 -48.47 33.29
N GLN B 8 -41.94 -47.54 33.88
CA GLN B 8 -41.57 -46.94 35.16
C GLN B 8 -42.08 -47.74 36.34
N SER B 9 -42.76 -48.87 36.10
CA SER B 9 -43.41 -49.61 37.18
C SER B 9 -42.41 -50.13 38.21
N TRP B 10 -41.26 -50.63 37.76
CA TRP B 10 -40.29 -51.25 38.65
C TRP B 10 -39.39 -50.23 39.34
N ILE B 11 -39.65 -48.93 39.18
CA ILE B 11 -38.84 -47.92 39.85
C ILE B 11 -38.86 -48.06 41.38
N PRO B 12 -40.00 -48.24 42.04
CA PRO B 12 -39.97 -48.43 43.51
C PRO B 12 -39.22 -49.66 43.97
N LYS B 13 -38.99 -50.64 43.09
CA LYS B 13 -38.30 -51.86 43.47
C LYS B 13 -36.80 -51.79 43.26
N ILE B 14 -36.33 -51.02 42.27
CA ILE B 14 -34.90 -50.90 42.04
C ILE B 14 -34.30 -49.81 42.92
N PHE B 15 -35.05 -48.75 43.21
CA PHE B 15 -34.56 -47.63 44.00
C PHE B 15 -35.36 -47.52 45.29
N LYS B 16 -34.72 -46.97 46.32
CA LYS B 16 -35.31 -46.88 47.64
C LYS B 16 -35.20 -45.45 48.17
N LYS B 17 -36.21 -45.06 48.94
CA LYS B 17 -36.16 -43.85 49.75
C LYS B 17 -35.71 -44.19 51.16
N LYS B 18 -35.51 -43.14 51.96
CA LYS B 18 -35.11 -43.33 53.35
C LYS B 18 -36.25 -43.93 54.17
N ASP B 64 -26.85 -42.67 59.16
CA ASP B 64 -28.27 -42.95 58.99
C ASP B 64 -28.65 -44.27 59.64
N ALA B 65 -27.98 -44.60 60.76
CA ALA B 65 -28.27 -45.84 61.46
C ALA B 65 -29.65 -45.82 62.11
N HIS B 66 -30.27 -44.65 62.24
CA HIS B 66 -31.60 -44.53 62.81
C HIS B 66 -32.71 -44.78 61.80
N THR B 67 -32.39 -45.02 60.53
CA THR B 67 -33.39 -45.14 59.48
C THR B 67 -33.21 -46.44 58.74
N THR B 68 -34.24 -46.81 57.98
CA THR B 68 -34.23 -48.00 57.14
C THR B 68 -34.80 -47.65 55.77
N GLU B 69 -34.42 -48.45 54.77
CA GLU B 69 -34.85 -48.19 53.41
C GLU B 69 -36.30 -48.61 53.19
N LYS B 70 -36.97 -47.88 52.30
CA LYS B 70 -38.36 -48.12 51.93
C LYS B 70 -38.49 -47.91 50.43
N PRO B 71 -39.50 -48.50 49.81
CA PRO B 71 -39.66 -48.35 48.35
C PRO B 71 -39.83 -46.89 47.94
N THR B 72 -39.25 -46.55 46.79
CA THR B 72 -39.33 -45.19 46.27
C THR B 72 -40.77 -44.85 45.88
N ASP B 73 -41.20 -43.65 46.26
CA ASP B 73 -42.57 -43.19 46.01
C ASP B 73 -42.67 -42.11 44.96
N ALA B 74 -41.75 -41.13 44.94
CA ALA B 74 -41.83 -40.02 44.01
C ALA B 74 -40.97 -40.33 42.78
N TYR B 75 -41.61 -40.38 41.62
CA TYR B 75 -40.93 -40.66 40.35
C TYR B 75 -41.92 -40.43 39.22
N GLY B 76 -41.40 -40.43 38.00
CA GLY B 76 -42.21 -40.30 36.82
C GLY B 76 -41.74 -39.13 35.97
N GLU B 77 -42.63 -38.67 35.10
CA GLU B 77 -42.37 -37.49 34.29
C GLU B 77 -42.74 -36.23 35.07
N LEU B 78 -42.27 -35.08 34.57
CA LEU B 78 -42.46 -33.82 35.26
C LEU B 78 -42.75 -32.73 34.25
N ASP B 79 -43.87 -32.03 34.43
CA ASP B 79 -44.25 -30.91 33.60
C ASP B 79 -44.41 -29.67 34.49
N PHE B 80 -43.74 -28.59 34.12
CA PHE B 80 -43.87 -27.32 34.84
C PHE B 80 -45.10 -26.59 34.31
N THR B 81 -45.99 -26.20 35.21
CA THR B 81 -47.28 -25.63 34.82
C THR B 81 -47.09 -24.31 34.09
N GLY B 82 -47.49 -24.29 32.81
CA GLY B 82 -47.46 -23.08 32.02
C GLY B 82 -46.10 -22.69 31.48
N ALA B 83 -45.07 -23.50 31.73
CA ALA B 83 -43.73 -23.17 31.25
C ALA B 83 -43.56 -23.42 29.75
N GLY B 84 -44.38 -24.29 29.17
CA GLY B 84 -44.23 -24.62 27.76
C GLY B 84 -42.98 -25.39 27.41
N ARG B 85 -42.27 -25.92 28.40
CA ARG B 85 -41.05 -26.66 28.15
C ARG B 85 -41.35 -28.11 27.76
N LYS B 86 -40.31 -28.81 27.32
CA LYS B 86 -40.43 -30.22 27.02
C LYS B 86 -40.68 -31.02 28.30
N HIS B 87 -41.40 -32.14 28.16
CA HIS B 87 -41.63 -33.02 29.29
C HIS B 87 -40.30 -33.59 29.80
N SER B 88 -40.04 -33.44 31.09
CA SER B 88 -38.82 -33.92 31.71
C SER B 88 -39.10 -35.20 32.49
N ASN B 89 -38.07 -35.65 33.22
CA ASN B 89 -38.17 -36.81 34.10
C ASN B 89 -37.58 -36.45 35.46
N PHE B 90 -38.05 -37.16 36.49
CA PHE B 90 -37.55 -36.94 37.83
C PHE B 90 -37.62 -38.24 38.62
N LEU B 91 -36.84 -38.31 39.69
CA LEU B 91 -36.74 -39.51 40.50
C LEU B 91 -36.32 -39.15 41.91
N ARG B 92 -36.86 -39.87 42.89
CA ARG B 92 -36.43 -39.78 44.27
C ARG B 92 -35.63 -41.03 44.61
N LEU B 93 -34.43 -40.85 45.15
CA LEU B 93 -33.56 -41.98 45.46
C LEU B 93 -32.67 -41.62 46.63
N SER B 94 -32.22 -42.65 47.33
CA SER B 94 -31.34 -42.44 48.48
C SER B 94 -29.89 -42.27 48.03
N ASP B 95 -29.07 -41.71 48.92
CA ASP B 95 -27.65 -41.55 48.64
C ASP B 95 -26.93 -42.90 48.56
N ARG B 96 -27.51 -43.96 49.12
CA ARG B 96 -26.86 -45.27 49.08
C ARG B 96 -26.85 -45.86 47.67
N THR B 97 -27.73 -45.38 46.80
CA THR B 97 -27.89 -45.98 45.47
C THR B 97 -26.59 -45.92 44.67
N ASP B 98 -26.19 -47.06 44.12
CA ASP B 98 -24.99 -47.14 43.30
C ASP B 98 -25.25 -46.55 41.91
N PRO B 99 -24.24 -45.90 41.32
CA PRO B 99 -24.49 -45.16 40.06
C PRO B 99 -24.90 -46.02 38.88
N ALA B 100 -24.63 -47.33 38.91
CA ALA B 100 -24.89 -48.16 37.74
C ALA B 100 -26.37 -48.20 37.41
N ALA B 101 -27.22 -48.39 38.41
CA ALA B 101 -28.67 -48.47 38.17
C ALA B 101 -29.20 -47.15 37.64
N VAL B 102 -28.75 -46.03 38.20
CA VAL B 102 -29.23 -44.72 37.75
C VAL B 102 -28.78 -44.44 36.33
N TYR B 103 -27.51 -44.77 36.01
CA TYR B 103 -27.02 -44.57 34.65
C TYR B 103 -27.79 -45.42 33.65
N SER B 104 -28.05 -46.68 34.00
CA SER B 104 -28.85 -47.53 33.12
C SER B 104 -30.25 -46.97 32.95
N LEU B 105 -30.85 -46.48 34.03
CA LEU B 105 -32.16 -45.84 33.95
C LEU B 105 -32.16 -44.69 32.96
N VAL B 106 -31.20 -43.77 33.11
CA VAL B 106 -31.16 -42.60 32.24
C VAL B 106 -30.94 -43.00 30.79
N THR B 107 -30.01 -43.93 30.56
CA THR B 107 -29.64 -44.26 29.19
C THR B 107 -30.68 -45.13 28.48
N ARG B 108 -31.42 -45.95 29.22
CA ARG B 108 -32.26 -46.97 28.59
C ARG B 108 -33.75 -46.78 28.83
N THR B 109 -34.17 -46.28 29.99
CA THR B 109 -35.58 -46.07 30.28
C THR B 109 -36.05 -44.67 29.90
N TRP B 110 -35.28 -43.64 30.29
CA TRP B 110 -35.62 -42.27 29.92
C TRP B 110 -35.22 -41.96 28.47
N GLY B 111 -34.36 -42.77 27.87
CA GLY B 111 -34.07 -42.66 26.45
C GLY B 111 -32.96 -41.70 26.08
N PHE B 112 -32.28 -41.09 27.05
CA PHE B 112 -31.18 -40.19 26.74
C PHE B 112 -30.01 -40.98 26.16
N ARG B 113 -29.40 -40.45 25.10
CA ARG B 113 -28.27 -41.11 24.48
C ARG B 113 -27.00 -40.88 25.31
N ALA B 114 -26.00 -41.72 25.06
CA ALA B 114 -24.73 -41.59 25.77
C ALA B 114 -24.07 -40.27 25.39
N PRO B 115 -23.54 -39.52 26.36
CA PRO B 115 -22.96 -38.22 26.06
C PRO B 115 -21.54 -38.32 25.53
N ASN B 116 -21.20 -37.41 24.61
CA ASN B 116 -19.83 -37.31 24.14
C ASN B 116 -18.90 -36.88 25.26
N LEU B 117 -19.33 -35.94 26.11
CA LEU B 117 -18.56 -35.52 27.26
C LEU B 117 -19.53 -35.06 28.33
N VAL B 118 -19.05 -35.02 29.57
CA VAL B 118 -19.83 -34.57 30.72
C VAL B 118 -19.02 -33.51 31.45
N VAL B 119 -19.64 -32.37 31.71
CA VAL B 119 -19.04 -31.32 32.53
C VAL B 119 -19.95 -31.07 33.72
N SER B 120 -19.39 -31.18 34.92
CA SER B 120 -20.12 -30.96 36.16
C SER B 120 -19.67 -29.63 36.75
N VAL B 121 -20.62 -28.72 36.93
CA VAL B 121 -20.34 -27.36 37.39
C VAL B 121 -20.66 -27.29 38.88
N LEU B 122 -19.68 -26.85 39.66
CA LEU B 122 -19.84 -26.72 41.10
C LEU B 122 -19.40 -25.31 41.51
N GLY B 123 -20.19 -24.70 42.39
CA GLY B 123 -19.93 -23.32 42.77
C GLY B 123 -20.94 -22.87 43.81
N GLY B 124 -20.86 -21.59 44.13
CA GLY B 124 -21.67 -21.05 45.20
C GLY B 124 -22.36 -19.73 44.89
N SER B 125 -22.24 -18.77 45.82
CA SER B 125 -22.86 -17.45 45.78
C SER B 125 -24.36 -17.53 46.05
N GLY B 126 -24.89 -18.76 46.15
CA GLY B 126 -26.24 -18.99 46.61
C GLY B 126 -27.33 -18.37 45.75
N GLY B 127 -27.98 -17.35 46.29
CA GLY B 127 -29.13 -16.75 45.67
C GLY B 127 -28.82 -15.81 44.51
N PRO B 128 -28.13 -14.72 44.79
CA PRO B 128 -27.93 -13.69 43.75
C PRO B 128 -27.17 -14.23 42.55
N VAL B 129 -27.51 -13.70 41.38
CA VAL B 129 -26.89 -14.11 40.14
C VAL B 129 -25.43 -13.66 40.13
N LEU B 130 -24.61 -14.40 39.38
CA LEU B 130 -23.18 -14.09 39.32
C LEU B 130 -22.92 -12.80 38.54
N GLN B 131 -21.69 -12.31 38.65
CA GLN B 131 -21.28 -11.17 37.84
C GLN B 131 -21.29 -11.55 36.36
N THR B 132 -21.55 -10.56 35.52
CA THR B 132 -21.86 -10.85 34.11
C THR B 132 -20.69 -11.48 33.36
N TRP B 133 -19.45 -11.31 33.83
CA TRP B 133 -18.34 -11.99 33.16
C TRP B 133 -18.39 -13.48 33.42
N LEU B 134 -18.82 -13.90 34.61
CA LEU B 134 -19.08 -15.31 34.85
C LEU B 134 -20.23 -15.81 34.00
N GLN B 135 -21.23 -14.96 33.78
CA GLN B 135 -22.33 -15.31 32.89
C GLN B 135 -21.83 -15.55 31.47
N ASP B 136 -20.94 -14.69 30.99
CA ASP B 136 -20.37 -14.88 29.66
C ASP B 136 -19.49 -16.12 29.60
N LEU B 137 -18.76 -16.39 30.68
CA LEU B 137 -17.96 -17.61 30.73
C LEU B 137 -18.85 -18.85 30.66
N LEU B 138 -20.02 -18.80 31.29
CA LEU B 138 -20.95 -19.92 31.23
C LEU B 138 -21.56 -20.07 29.84
N ARG B 139 -22.05 -18.97 29.26
CA ARG B 139 -22.79 -19.06 28.01
C ARG B 139 -21.87 -19.13 26.81
N ARG B 140 -21.08 -18.08 26.59
CA ARG B 140 -20.17 -18.02 25.45
C ARG B 140 -18.97 -18.94 25.61
N GLY B 141 -18.82 -19.57 26.77
CA GLY B 141 -17.75 -20.52 27.03
C GLY B 141 -18.22 -21.96 27.03
N LEU B 142 -18.49 -22.47 28.23
CA LEU B 142 -18.82 -23.89 28.43
C LEU B 142 -19.96 -24.35 27.52
N VAL B 143 -21.08 -23.62 27.53
CA VAL B 143 -22.26 -24.08 26.81
C VAL B 143 -22.04 -23.98 25.30
N ARG B 144 -21.39 -22.91 24.84
CA ARG B 144 -21.11 -22.77 23.42
C ARG B 144 -20.20 -23.90 22.93
N ALA B 145 -19.20 -24.26 23.73
CA ALA B 145 -18.31 -25.36 23.36
C ALA B 145 -19.05 -26.69 23.39
N ALA B 146 -19.88 -26.92 24.41
CA ALA B 146 -20.61 -28.17 24.51
C ALA B 146 -21.64 -28.32 23.40
N GLN B 147 -22.07 -27.20 22.80
CA GLN B 147 -23.02 -27.27 21.70
C GLN B 147 -22.44 -28.00 20.48
N SER B 148 -21.13 -27.92 20.28
CA SER B 148 -20.52 -28.53 19.10
C SER B 148 -20.44 -30.05 19.22
N THR B 149 -20.07 -30.55 20.41
CA THR B 149 -19.88 -31.99 20.58
C THR B 149 -21.14 -32.68 21.07
N GLY B 150 -22.03 -31.97 21.75
CA GLY B 150 -23.13 -32.59 22.45
C GLY B 150 -22.66 -33.14 23.78
N ALA B 151 -23.38 -32.84 24.86
CA ALA B 151 -22.85 -33.15 26.18
C ALA B 151 -23.96 -33.12 27.21
N TRP B 152 -23.67 -33.72 28.37
CA TRP B 152 -24.48 -33.58 29.57
C TRP B 152 -23.81 -32.58 30.48
N ILE B 153 -24.57 -31.60 30.96
CA ILE B 153 -24.07 -30.60 31.89
C ILE B 153 -24.75 -30.82 33.22
N VAL B 154 -23.99 -31.22 34.22
CA VAL B 154 -24.51 -31.61 35.53
C VAL B 154 -24.24 -30.49 36.52
N THR B 155 -25.27 -30.05 37.21
CA THR B 155 -25.16 -29.02 38.23
C THR B 155 -26.41 -29.11 39.11
N GLY B 156 -26.58 -28.14 40.00
CA GLY B 156 -27.79 -28.10 40.82
C GLY B 156 -29.02 -27.89 39.96
N GLY B 157 -30.06 -28.68 40.22
CA GLY B 157 -31.31 -28.56 39.50
C GLY B 157 -32.29 -27.59 40.13
N LEU B 158 -31.76 -26.62 40.87
CA LEU B 158 -32.56 -25.65 41.60
C LEU B 158 -32.44 -24.27 40.96
N HIS B 159 -33.24 -23.34 41.48
CA HIS B 159 -33.19 -21.97 41.01
C HIS B 159 -32.06 -21.16 41.64
N THR B 160 -31.07 -21.78 42.26
CA THR B 160 -29.88 -21.06 42.70
C THR B 160 -29.19 -20.43 41.50
N GLY B 161 -28.32 -19.45 41.78
CA GLY B 161 -27.78 -18.63 40.71
C GLY B 161 -27.03 -19.41 39.64
N ILE B 162 -26.14 -20.31 40.06
CA ILE B 162 -25.32 -21.03 39.09
C ILE B 162 -26.17 -21.96 38.25
N GLY B 163 -27.06 -22.73 38.89
CA GLY B 163 -27.94 -23.61 38.14
C GLY B 163 -28.92 -22.84 37.28
N ARG B 164 -29.34 -21.68 37.77
CA ARG B 164 -30.33 -20.85 37.03
C ARG B 164 -29.69 -20.26 35.78
N HIS B 165 -28.42 -19.91 35.84
CA HIS B 165 -27.76 -19.38 34.64
C HIS B 165 -27.32 -20.51 33.70
N VAL B 166 -26.94 -21.67 34.25
CA VAL B 166 -26.65 -22.81 33.40
C VAL B 166 -27.88 -23.20 32.60
N GLY B 167 -29.04 -23.25 33.26
CA GLY B 167 -30.27 -23.60 32.57
C GLY B 167 -30.64 -22.60 31.50
N VAL B 168 -30.52 -21.29 31.81
CA VAL B 168 -30.92 -20.30 30.82
C VAL B 168 -29.93 -20.30 29.65
N ALA B 169 -28.64 -20.52 29.89
CA ALA B 169 -27.69 -20.61 28.78
C ALA B 169 -27.98 -21.80 27.90
N VAL B 170 -28.27 -22.96 28.51
CA VAL B 170 -28.62 -24.14 27.74
C VAL B 170 -29.88 -23.89 26.92
N ARG B 171 -30.88 -23.23 27.52
CA ARG B 171 -32.10 -22.90 26.80
C ARG B 171 -31.84 -21.95 25.64
N ASP B 172 -30.99 -20.94 25.86
CA ASP B 172 -30.69 -19.98 24.81
C ASP B 172 -30.00 -20.66 23.63
N HIS B 173 -29.04 -21.54 23.91
CA HIS B 173 -28.40 -22.24 22.81
C HIS B 173 -29.29 -23.32 22.22
N GLN B 174 -30.33 -23.73 22.95
CA GLN B 174 -31.31 -24.66 22.40
C GLN B 174 -32.22 -23.97 21.41
N MET B 175 -32.66 -22.75 21.74
CA MET B 175 -33.56 -22.02 20.86
C MET B 175 -32.85 -21.55 19.60
N ALA B 176 -31.53 -21.30 19.69
CA ALA B 176 -30.77 -20.85 18.54
C ALA B 176 -30.29 -21.99 17.65
N SER B 177 -30.41 -23.23 18.09
CA SER B 177 -29.95 -24.35 17.28
C SER B 177 -30.90 -24.58 16.11
N THR B 178 -30.34 -25.00 14.98
CA THR B 178 -31.12 -25.26 13.78
C THR B 178 -31.27 -26.74 13.46
N GLY B 179 -30.57 -27.61 14.17
CA GLY B 179 -30.68 -29.04 14.00
C GLY B 179 -31.31 -29.73 15.19
N GLY B 180 -30.91 -30.97 15.43
CA GLY B 180 -31.44 -31.72 16.55
C GLY B 180 -30.82 -31.32 17.88
N THR B 181 -31.49 -31.69 18.96
CA THR B 181 -30.99 -31.42 20.30
C THR B 181 -29.76 -32.25 20.59
N LYS B 182 -28.72 -31.60 21.15
CA LYS B 182 -27.48 -32.29 21.47
C LYS B 182 -26.98 -32.05 22.89
N VAL B 183 -27.38 -30.97 23.55
CA VAL B 183 -26.93 -30.66 24.91
C VAL B 183 -28.10 -30.87 25.86
N VAL B 184 -27.86 -31.62 26.93
CA VAL B 184 -28.87 -31.90 27.95
C VAL B 184 -28.35 -31.42 29.29
N ALA B 185 -29.20 -30.68 30.02
CA ALA B 185 -28.86 -30.22 31.36
C ALA B 185 -29.47 -31.17 32.39
N MET B 186 -28.62 -31.73 33.25
CA MET B 186 -29.03 -32.67 34.27
C MET B 186 -28.82 -32.04 35.64
N GLY B 187 -29.83 -32.14 36.51
CA GLY B 187 -29.77 -31.57 37.83
C GLY B 187 -29.80 -32.63 38.91
N VAL B 188 -28.83 -32.56 39.82
CA VAL B 188 -28.79 -33.41 41.02
C VAL B 188 -29.00 -32.50 42.23
N ALA B 189 -30.07 -32.78 42.97
CA ALA B 189 -30.49 -31.89 44.06
C ALA B 189 -30.88 -32.73 45.25
N PRO B 190 -30.78 -32.18 46.47
CA PRO B 190 -31.22 -32.92 47.65
C PRO B 190 -32.72 -32.83 47.86
N TRP B 191 -33.31 -33.95 48.27
CA TRP B 191 -34.72 -33.97 48.60
C TRP B 191 -34.98 -33.22 49.91
N GLY B 192 -36.22 -32.75 50.05
CA GLY B 192 -36.60 -31.96 51.21
C GLY B 192 -36.35 -30.48 50.99
N VAL B 193 -35.33 -30.16 50.19
CA VAL B 193 -35.08 -28.79 49.81
C VAL B 193 -35.97 -28.37 48.64
N VAL B 194 -36.54 -29.33 47.91
CA VAL B 194 -37.36 -29.01 46.76
C VAL B 194 -38.69 -28.43 47.24
N ARG B 195 -39.01 -27.23 46.77
CA ARG B 195 -40.24 -26.55 47.17
C ARG B 195 -41.44 -27.17 46.47
N ASN B 196 -42.56 -27.25 47.19
CA ASN B 196 -43.82 -27.78 46.66
C ASN B 196 -43.66 -29.21 46.14
N ARG B 197 -42.84 -30.00 46.83
CA ARG B 197 -42.59 -31.38 46.42
C ARG B 197 -43.76 -32.31 46.72
N ASP B 198 -44.82 -31.80 47.38
CA ASP B 198 -45.94 -32.64 47.78
C ASP B 198 -46.59 -33.32 46.58
N THR B 199 -46.68 -32.61 45.45
CA THR B 199 -47.33 -33.17 44.26
C THR B 199 -46.56 -34.34 43.68
N LEU B 200 -45.24 -34.40 43.89
CA LEU B 200 -44.42 -35.42 43.26
C LEU B 200 -44.68 -36.82 43.82
N ILE B 201 -45.41 -36.93 44.93
CA ILE B 201 -45.62 -38.23 45.57
C ILE B 201 -46.84 -38.91 44.95
N ASN B 202 -46.61 -39.65 43.87
CA ASN B 202 -47.67 -40.43 43.21
C ASN B 202 -47.07 -41.68 42.59
N PRO B 203 -47.10 -42.80 43.32
CA PRO B 203 -46.60 -44.10 42.83
C PRO B 203 -47.37 -44.60 41.62
N PHE B 207 -46.21 -41.57 34.69
CA PHE B 207 -47.22 -40.59 35.05
C PHE B 207 -46.70 -39.16 34.93
N PRO B 208 -47.34 -38.35 34.09
CA PRO B 208 -46.93 -36.94 33.96
C PRO B 208 -47.43 -36.09 35.11
N ALA B 209 -46.51 -35.70 36.00
CA ALA B 209 -46.88 -34.85 37.12
C ALA B 209 -46.96 -33.39 36.69
N ARG B 210 -47.79 -32.61 37.40
CA ARG B 210 -47.93 -31.18 37.17
C ARG B 210 -47.31 -30.45 38.36
N TYR B 211 -46.39 -29.54 38.09
CA TYR B 211 -45.55 -28.93 39.11
C TYR B 211 -45.76 -27.43 39.11
N ARG B 212 -46.28 -26.89 40.22
CA ARG B 212 -46.48 -25.46 40.38
C ARG B 212 -45.21 -24.84 40.99
N TRP B 213 -44.28 -24.48 40.09
CA TRP B 213 -42.98 -23.99 40.50
C TRP B 213 -43.01 -22.53 40.95
N ARG B 214 -44.10 -21.80 40.69
CA ARG B 214 -44.14 -20.37 40.97
C ARG B 214 -44.50 -20.05 42.43
N GLY B 215 -44.72 -21.06 43.26
CA GLY B 215 -45.09 -20.84 44.65
C GLY B 215 -44.10 -19.99 45.43
N GLN B 222 -35.90 -23.55 51.15
CA GLN B 222 -36.31 -24.39 50.02
C GLN B 222 -36.18 -23.64 48.70
N PHE B 223 -35.98 -24.39 47.63
CA PHE B 223 -35.86 -23.82 46.29
C PHE B 223 -36.66 -24.64 45.30
N PRO B 224 -37.21 -24.01 44.26
CA PRO B 224 -37.97 -24.76 43.25
C PRO B 224 -37.06 -25.29 42.16
N LEU B 225 -37.55 -26.32 41.48
CA LEU B 225 -36.81 -26.91 40.37
C LEU B 225 -36.75 -25.96 39.19
N ASP B 226 -35.62 -25.98 38.49
CA ASP B 226 -35.41 -25.14 37.31
C ASP B 226 -36.00 -25.83 36.09
N TYR B 227 -36.92 -25.15 35.42
CA TYR B 227 -37.70 -25.77 34.35
C TYR B 227 -36.92 -25.98 33.06
N ASN B 228 -35.70 -25.45 32.96
CA ASN B 228 -34.91 -25.64 31.74
C ASN B 228 -34.19 -26.98 31.70
N TYR B 229 -34.25 -27.77 32.77
CA TYR B 229 -33.57 -29.05 32.81
C TYR B 229 -34.46 -30.16 32.27
N SER B 230 -33.83 -31.22 31.77
CA SER B 230 -34.55 -32.33 31.16
C SER B 230 -34.69 -33.54 32.07
N ALA B 231 -33.91 -33.61 33.15
CA ALA B 231 -34.02 -34.72 34.09
C ALA B 231 -33.51 -34.27 35.46
N PHE B 232 -34.07 -34.84 36.51
CA PHE B 232 -33.73 -34.49 37.88
C PHE B 232 -33.47 -35.75 38.69
N PHE B 233 -32.42 -35.69 39.52
CA PHE B 233 -32.14 -36.72 40.52
C PHE B 233 -32.25 -36.07 41.88
N LEU B 234 -33.21 -36.53 42.70
CA LEU B 234 -33.44 -35.96 44.02
C LEU B 234 -32.91 -36.94 45.05
N VAL B 235 -31.70 -36.68 45.52
CA VAL B 235 -31.06 -37.54 46.51
C VAL B 235 -31.62 -37.21 47.89
N ASP B 236 -32.25 -38.19 48.52
CA ASP B 236 -32.88 -38.01 49.83
C ASP B 236 -31.85 -38.27 50.91
N ASP B 237 -31.44 -37.21 51.61
CA ASP B 237 -30.49 -37.34 52.70
C ASP B 237 -31.13 -37.91 53.97
N GLY B 238 -32.46 -38.00 54.02
CA GLY B 238 -33.14 -38.39 55.23
C GLY B 238 -33.38 -37.21 56.15
N THR B 239 -32.36 -36.39 56.32
CA THR B 239 -32.49 -35.15 57.08
C THR B 239 -33.22 -34.13 56.20
N HIS B 240 -34.50 -33.90 56.49
CA HIS B 240 -35.32 -33.02 55.68
C HIS B 240 -34.82 -31.58 55.82
N GLY B 241 -34.54 -30.95 54.68
CA GLY B 241 -34.02 -29.60 54.65
C GLY B 241 -32.53 -29.48 54.71
N CYS B 242 -31.80 -30.60 54.84
CA CYS B 242 -30.35 -30.54 54.91
C CYS B 242 -29.75 -30.26 53.54
N LEU B 243 -28.63 -29.56 53.53
CA LEU B 243 -27.92 -29.20 52.31
C LEU B 243 -26.55 -29.88 52.27
N GLY B 244 -26.19 -30.39 51.11
CA GLY B 244 -24.90 -31.03 50.91
C GLY B 244 -24.90 -32.54 51.01
N GLY B 245 -26.06 -33.16 51.20
CA GLY B 245 -26.12 -34.60 51.29
C GLY B 245 -26.06 -35.32 49.96
N GLU B 246 -26.12 -34.58 48.85
CA GLU B 246 -26.13 -35.21 47.54
C GLU B 246 -24.74 -35.43 46.96
N ASN B 247 -23.70 -34.94 47.63
CA ASN B 247 -22.34 -35.11 47.11
C ASN B 247 -21.95 -36.59 47.08
N ARG B 248 -22.32 -37.35 48.11
CA ARG B 248 -21.92 -38.74 48.20
C ARG B 248 -22.47 -39.59 47.06
N PHE B 249 -23.51 -39.12 46.37
CA PHE B 249 -24.01 -39.80 45.19
C PHE B 249 -23.50 -39.14 43.91
N ARG B 250 -23.38 -37.81 43.92
CA ARG B 250 -22.96 -37.09 42.72
C ARG B 250 -21.53 -37.44 42.33
N LEU B 251 -20.63 -37.50 43.31
CA LEU B 251 -19.24 -37.82 42.99
C LEU B 251 -19.11 -39.23 42.44
N ARG B 252 -19.84 -40.19 43.04
CA ARG B 252 -19.79 -41.57 42.55
C ARG B 252 -20.38 -41.67 41.15
N LEU B 253 -21.47 -40.94 40.89
CA LEU B 253 -22.06 -40.93 39.55
C LEU B 253 -21.06 -40.37 38.53
N GLU B 254 -20.38 -39.29 38.87
CA GLU B 254 -19.37 -38.73 37.98
C GLU B 254 -18.25 -39.73 37.71
N SER B 255 -17.78 -40.41 38.76
CA SER B 255 -16.72 -41.40 38.58
C SER B 255 -17.18 -42.54 37.68
N TYR B 256 -18.40 -43.03 37.90
CA TYR B 256 -18.91 -44.14 37.10
C TYR B 256 -19.07 -43.75 35.64
N ILE B 257 -19.54 -42.52 35.39
CA ILE B 257 -19.62 -42.04 34.01
C ILE B 257 -18.22 -41.91 33.41
N SER B 258 -17.24 -41.49 34.21
CA SER B 258 -15.87 -41.38 33.74
C SER B 258 -15.30 -42.74 33.36
N GLN B 259 -15.69 -43.79 34.08
CA GLN B 259 -15.22 -45.14 33.78
C GLN B 259 -16.07 -45.86 32.74
N GLN B 260 -17.12 -45.22 32.23
CA GLN B 260 -18.06 -45.88 31.33
C GLN B 260 -17.60 -45.73 29.88
N LYS B 261 -18.00 -46.72 29.06
CA LYS B 261 -17.77 -46.70 27.62
C LYS B 261 -19.10 -46.62 26.90
N THR B 262 -19.09 -46.01 25.72
CA THR B 262 -20.30 -45.88 24.92
C THR B 262 -20.81 -47.23 24.44
N GLY B 268 -18.02 -47.90 21.49
CA GLY B 268 -17.15 -48.30 22.57
C GLY B 268 -16.12 -47.25 22.95
N ILE B 269 -16.47 -45.99 22.74
CA ILE B 269 -15.56 -44.89 23.06
C ILE B 269 -15.77 -44.45 24.49
N ASP B 270 -14.63 -44.19 25.16
CA ASP B 270 -14.68 -43.72 26.57
C ASP B 270 -15.34 -42.36 26.63
N ILE B 271 -16.03 -42.07 27.74
CA ILE B 271 -16.74 -40.81 27.91
C ILE B 271 -15.93 -39.95 28.88
N PRO B 272 -15.31 -38.86 28.43
CA PRO B 272 -14.55 -37.99 29.34
C PRO B 272 -15.47 -37.21 30.26
N VAL B 273 -15.04 -37.03 31.50
CA VAL B 273 -15.78 -36.29 32.51
C VAL B 273 -14.87 -35.22 33.10
N LEU B 274 -15.40 -34.00 33.23
CA LEU B 274 -14.64 -32.87 33.70
C LEU B 274 -15.46 -32.12 34.75
N LEU B 275 -14.77 -31.54 35.73
CA LEU B 275 -15.41 -30.74 36.76
C LEU B 275 -14.97 -29.29 36.64
N LEU B 276 -15.92 -28.36 36.77
CA LEU B 276 -15.66 -26.93 36.66
C LEU B 276 -16.02 -26.28 37.99
N LEU B 277 -15.07 -25.57 38.59
CA LEU B 277 -15.22 -24.96 39.90
C LEU B 277 -15.25 -23.44 39.74
N ILE B 278 -16.45 -22.85 39.81
CA ILE B 278 -16.56 -21.41 39.68
C ILE B 278 -16.02 -20.70 40.91
N ASP B 279 -16.47 -21.11 42.09
CA ASP B 279 -15.97 -20.60 43.36
C ASP B 279 -16.33 -21.63 44.42
N GLY B 280 -16.17 -21.28 45.68
CA GLY B 280 -16.62 -22.17 46.73
C GLY B 280 -16.22 -21.70 48.11
N ASP B 281 -16.89 -22.28 49.10
CA ASP B 281 -16.55 -22.14 50.50
C ASP B 281 -15.55 -23.24 50.89
N GLU B 282 -15.38 -23.43 52.20
CA GLU B 282 -14.44 -24.44 52.68
C GLU B 282 -14.85 -25.84 52.29
N LYS B 283 -16.14 -26.08 52.06
CA LYS B 283 -16.60 -27.41 51.68
C LYS B 283 -16.20 -27.78 50.25
N MET B 284 -16.02 -26.78 49.38
CA MET B 284 -15.57 -27.09 48.02
C MET B 284 -14.14 -27.60 48.00
N LEU B 285 -13.34 -27.25 49.01
CA LEU B 285 -12.01 -27.86 49.13
C LEU B 285 -12.12 -29.36 49.38
N THR B 286 -13.03 -29.77 50.26
CA THR B 286 -13.28 -31.19 50.48
C THR B 286 -13.81 -31.85 49.21
N ARG B 287 -14.70 -31.16 48.50
CA ARG B 287 -15.23 -31.70 47.25
C ARG B 287 -14.12 -31.91 46.23
N ILE B 288 -13.20 -30.94 46.10
CA ILE B 288 -12.09 -31.07 45.17
C ILE B 288 -11.15 -32.19 45.59
N GLU B 289 -10.87 -32.31 46.90
CA GLU B 289 -10.01 -33.39 47.37
C GLU B 289 -10.61 -34.75 47.04
N ASN B 290 -11.92 -34.90 47.28
CA ASN B 290 -12.58 -36.17 47.00
C ASN B 290 -12.61 -36.46 45.50
N ALA B 291 -12.80 -35.43 44.68
CA ALA B 291 -12.78 -35.62 43.23
C ALA B 291 -11.38 -35.80 42.67
N THR B 292 -10.34 -35.49 43.46
CA THR B 292 -8.97 -35.72 43.04
C THR B 292 -8.43 -37.07 43.48
N GLN B 293 -8.79 -37.54 44.68
CA GLN B 293 -8.38 -38.88 45.10
C GLN B 293 -8.93 -39.94 44.16
N ALA B 294 -10.20 -39.80 43.76
CA ALA B 294 -10.80 -40.60 42.70
C ALA B 294 -10.70 -39.76 41.42
N GLN B 295 -9.70 -40.08 40.59
CA GLN B 295 -9.21 -39.20 39.54
C GLN B 295 -10.30 -38.59 38.67
N LEU B 296 -10.44 -37.26 38.73
CA LEU B 296 -11.34 -36.51 37.89
C LEU B 296 -10.72 -35.13 37.66
N PRO B 297 -10.47 -34.73 36.41
CA PRO B 297 -9.88 -33.41 36.16
C PRO B 297 -10.79 -32.30 36.62
N CYS B 298 -10.18 -31.19 37.05
CA CYS B 298 -10.90 -30.05 37.60
C CYS B 298 -10.38 -28.77 36.97
N LEU B 299 -11.28 -27.81 36.78
CA LEU B 299 -10.93 -26.48 36.29
C LEU B 299 -11.26 -25.45 37.35
N LEU B 300 -10.35 -24.50 37.54
CA LEU B 300 -10.50 -23.46 38.56
C LEU B 300 -10.67 -22.12 37.85
N VAL B 301 -11.75 -21.41 38.16
CA VAL B 301 -12.00 -20.12 37.53
C VAL B 301 -11.18 -19.06 38.25
N ALA B 302 -10.32 -18.37 37.50
CA ALA B 302 -9.48 -17.33 38.07
C ALA B 302 -10.23 -16.01 38.16
N GLY B 303 -9.98 -15.26 39.22
CA GLY B 303 -10.61 -13.98 39.44
C GLY B 303 -11.99 -14.04 40.04
N SER B 304 -12.50 -15.23 40.33
CA SER B 304 -13.83 -15.39 40.92
C SER B 304 -13.79 -15.57 42.42
N GLY B 305 -12.60 -15.54 43.03
CA GLY B 305 -12.49 -15.64 44.47
C GLY B 305 -12.77 -17.04 45.00
N GLY B 306 -12.85 -17.12 46.32
CA GLY B 306 -13.20 -18.34 47.02
C GLY B 306 -12.17 -19.43 46.84
N ALA B 307 -12.65 -20.67 46.93
CA ALA B 307 -11.76 -21.82 46.81
C ALA B 307 -11.11 -21.91 45.43
N ALA B 308 -11.82 -21.45 44.40
CA ALA B 308 -11.25 -21.46 43.05
C ALA B 308 -9.99 -20.61 42.99
N ASP B 309 -10.05 -19.37 43.48
CA ASP B 309 -8.87 -18.52 43.47
C ASP B 309 -7.83 -19.01 44.46
N CYS B 310 -8.26 -19.56 45.60
CA CYS B 310 -7.30 -20.07 46.57
C CYS B 310 -6.47 -21.20 45.97
N LEU B 311 -7.10 -22.10 45.22
CA LEU B 311 -6.38 -23.19 44.59
C LEU B 311 -5.63 -22.72 43.34
N ALA B 312 -6.11 -21.66 42.68
CA ALA B 312 -5.45 -21.19 41.47
C ALA B 312 -4.16 -20.45 41.79
N GLU B 313 -4.16 -19.63 42.85
CA GLU B 313 -2.98 -18.81 43.13
C GLU B 313 -1.80 -19.63 43.61
N THR B 314 -2.06 -20.74 44.32
CA THR B 314 -0.97 -21.61 44.72
C THR B 314 -0.42 -22.43 43.56
N LEU B 315 -1.26 -22.73 42.56
CA LEU B 315 -0.78 -23.42 41.37
C LEU B 315 0.17 -22.54 40.56
N GLU B 316 -0.22 -21.28 40.33
CA GLU B 316 0.58 -20.37 39.54
C GLU B 316 0.77 -19.04 40.26
N GLU B 330 3.50 -16.61 53.44
CA GLU B 330 2.37 -15.97 52.80
C GLU B 330 1.31 -16.98 52.36
N ALA B 331 1.57 -18.27 52.61
CA ALA B 331 0.57 -19.29 52.35
C ALA B 331 -0.58 -19.17 53.34
N ARG B 332 -0.26 -19.02 54.63
CA ARG B 332 -1.29 -18.74 55.62
C ARG B 332 -2.00 -17.43 55.32
N ASP B 333 -1.24 -16.43 54.88
CA ASP B 333 -1.84 -15.15 54.51
C ASP B 333 -2.81 -15.31 53.36
N ARG B 334 -2.46 -16.12 52.36
CA ARG B 334 -3.35 -16.38 51.24
C ARG B 334 -4.62 -17.10 51.70
N ILE B 335 -4.45 -18.12 52.55
CA ILE B 335 -5.59 -18.89 53.03
C ILE B 335 -6.54 -17.99 53.83
N ARG B 336 -5.98 -17.10 54.65
CA ARG B 336 -6.82 -16.13 55.35
C ARG B 336 -7.44 -15.13 54.38
N ARG B 337 -6.71 -14.80 53.31
CA ARG B 337 -7.19 -13.82 52.34
C ARG B 337 -8.43 -14.31 51.63
N PHE B 338 -8.48 -15.60 51.31
CA PHE B 338 -9.67 -16.16 50.66
C PHE B 338 -10.62 -16.84 51.63
N PHE B 339 -10.16 -17.18 52.83
CA PHE B 339 -11.00 -17.76 53.88
C PHE B 339 -10.72 -17.04 55.19
N PRO B 340 -11.35 -15.88 55.40
CA PRO B 340 -11.08 -15.12 56.64
C PRO B 340 -11.41 -15.88 57.91
N LYS B 341 -12.47 -16.70 57.90
CA LYS B 341 -12.88 -17.44 59.08
C LYS B 341 -12.36 -18.87 59.11
N GLY B 342 -11.55 -19.26 58.13
CA GLY B 342 -11.16 -20.65 58.02
C GLY B 342 -10.16 -21.07 59.09
N ASP B 343 -10.15 -22.37 59.36
CA ASP B 343 -9.18 -22.99 60.27
C ASP B 343 -7.87 -23.13 59.51
N LEU B 344 -6.88 -22.31 59.87
CA LEU B 344 -5.68 -22.17 59.06
C LEU B 344 -4.91 -23.49 58.95
N GLU B 345 -4.76 -24.22 60.06
CA GLU B 345 -3.98 -25.45 60.02
C GLU B 345 -4.66 -26.52 59.18
N VAL B 346 -5.95 -26.75 59.41
CA VAL B 346 -6.68 -27.76 58.65
C VAL B 346 -6.76 -27.39 57.18
N LEU B 347 -7.00 -26.11 56.89
CA LEU B 347 -7.05 -25.67 55.50
C LEU B 347 -5.70 -25.82 54.83
N GLN B 348 -4.61 -25.53 55.54
CA GLN B 348 -3.28 -25.70 54.98
C GLN B 348 -3.00 -27.17 54.67
N ALA B 349 -3.36 -28.06 55.59
CA ALA B 349 -3.18 -29.49 55.34
C ALA B 349 -3.99 -29.94 54.14
N GLN B 350 -5.24 -29.47 54.04
CA GLN B 350 -6.10 -29.84 52.92
C GLN B 350 -5.53 -29.32 51.59
N VAL B 351 -5.03 -28.08 51.59
CA VAL B 351 -4.47 -27.50 50.39
C VAL B 351 -3.22 -28.25 49.95
N GLU B 352 -2.38 -28.64 50.92
CA GLU B 352 -1.21 -29.44 50.56
C GLU B 352 -1.60 -30.81 50.01
N ARG B 353 -2.60 -31.45 50.61
CA ARG B 353 -3.08 -32.73 50.09
C ARG B 353 -3.61 -32.58 48.67
N ILE B 354 -4.30 -31.48 48.38
CA ILE B 354 -4.78 -31.24 47.03
C ILE B 354 -3.61 -31.00 46.07
N MET B 355 -2.66 -30.17 46.48
CA MET B 355 -1.52 -29.81 45.63
C MET B 355 -0.53 -30.95 45.44
N THR B 356 -0.66 -32.03 46.20
CA THR B 356 0.14 -33.22 45.93
C THR B 356 -0.10 -33.77 44.53
N ARG B 357 -1.27 -33.52 43.94
CA ARG B 357 -1.72 -34.14 42.71
C ARG B 357 -2.12 -33.09 41.69
N LYS B 358 -1.20 -32.17 41.39
CA LYS B 358 -1.51 -31.05 40.49
C LYS B 358 -1.91 -31.49 39.09
N GLU B 359 -1.64 -32.73 38.72
CA GLU B 359 -1.94 -33.20 37.38
C GLU B 359 -3.44 -33.16 37.07
N LEU B 360 -4.29 -33.12 38.09
CA LEU B 360 -5.74 -33.11 37.91
C LEU B 360 -6.35 -31.73 38.07
N LEU B 361 -5.53 -30.67 38.12
CA LEU B 361 -6.02 -29.31 38.31
C LEU B 361 -5.55 -28.42 37.16
N THR B 362 -6.43 -27.54 36.72
CA THR B 362 -6.12 -26.56 35.67
C THR B 362 -6.79 -25.25 36.03
N VAL B 363 -6.20 -24.14 35.56
CA VAL B 363 -6.73 -22.80 35.83
C VAL B 363 -7.25 -22.21 34.53
N TYR B 364 -8.50 -21.76 34.55
CA TYR B 364 -9.15 -21.09 33.43
C TYR B 364 -9.20 -19.61 33.72
N SER B 365 -8.60 -18.80 32.84
CA SER B 365 -8.52 -17.37 33.00
C SER B 365 -9.30 -16.68 31.89
N SER B 366 -9.94 -15.56 32.24
CA SER B 366 -10.75 -14.82 31.26
C SER B 366 -9.89 -14.24 30.14
N GLU B 367 -8.63 -13.96 30.42
CA GLU B 367 -7.73 -13.43 29.41
C GLU B 367 -7.35 -14.50 28.38
N GLU B 372 -8.81 -20.46 25.00
CA GLU B 372 -10.22 -20.41 25.39
C GLU B 372 -10.63 -21.70 26.11
N PHE B 373 -11.95 -21.90 26.25
CA PHE B 373 -12.46 -23.02 27.02
C PHE B 373 -12.05 -24.37 26.43
N GLU B 374 -12.17 -24.51 25.11
CA GLU B 374 -11.91 -25.79 24.47
C GLU B 374 -10.46 -26.22 24.63
N THR B 375 -9.53 -25.28 24.46
CA THR B 375 -8.11 -25.60 24.60
C THR B 375 -7.78 -26.07 26.02
N ILE B 376 -8.31 -25.36 27.02
CA ILE B 376 -8.06 -25.72 28.41
C ILE B 376 -8.67 -27.09 28.72
N VAL B 377 -9.87 -27.35 28.20
CA VAL B 377 -10.49 -28.66 28.40
C VAL B 377 -9.64 -29.77 27.80
N LEU B 378 -9.12 -29.55 26.59
CA LEU B 378 -8.28 -30.55 25.95
C LEU B 378 -7.00 -30.79 26.75
N LYS B 379 -6.37 -29.71 27.20
CA LYS B 379 -5.16 -29.86 28.01
C LYS B 379 -5.42 -30.64 29.28
N ALA B 380 -6.52 -30.31 29.97
CA ALA B 380 -6.85 -31.01 31.21
C ALA B 380 -7.16 -32.48 30.96
N LEU B 381 -7.88 -32.79 29.88
CA LEU B 381 -8.21 -34.18 29.58
C LEU B 381 -6.97 -34.98 29.23
N VAL B 382 -6.04 -34.39 28.47
CA VAL B 382 -4.82 -35.10 28.10
C VAL B 382 -3.93 -35.30 29.32
N LYS B 383 -3.87 -34.29 30.20
CA LYS B 383 -2.94 -34.32 31.32
C LYS B 383 -3.17 -35.52 32.24
N ALA B 384 -4.41 -35.99 32.36
CA ALA B 384 -4.75 -37.04 33.31
C ALA B 384 -4.90 -38.41 32.68
N CYS B 385 -4.58 -38.56 31.38
CA CYS B 385 -4.82 -39.86 30.70
C CYS B 385 -3.82 -40.92 31.18
N GLY B 386 -2.53 -40.69 30.97
CA GLY B 386 -1.50 -41.63 31.41
C GLY B 386 -1.17 -42.82 30.53
N SER B 387 -2.15 -43.66 30.23
CA SER B 387 -1.90 -44.88 29.48
C SER B 387 -1.58 -44.54 28.02
N SER B 388 -1.22 -45.57 27.25
CA SER B 388 -0.73 -45.37 25.89
C SER B 388 -1.21 -46.40 24.88
N GLU B 389 -2.34 -47.07 25.11
CA GLU B 389 -2.82 -48.11 24.21
C GLU B 389 -3.64 -47.57 23.05
N ALA B 390 -3.77 -46.24 22.94
CA ALA B 390 -4.44 -45.56 21.83
C ALA B 390 -5.95 -45.73 21.86
N SER B 391 -6.45 -46.52 22.80
CA SER B 391 -7.90 -46.62 22.98
C SER B 391 -8.40 -45.55 23.94
N ALA B 392 -7.55 -45.09 24.85
CA ALA B 392 -7.94 -44.08 25.84
C ALA B 392 -7.92 -42.67 25.27
N TYR B 393 -7.42 -42.47 24.06
CA TYR B 393 -7.31 -41.14 23.47
C TYR B 393 -8.29 -40.88 22.34
N LEU B 394 -9.16 -41.84 22.02
CA LEU B 394 -10.12 -41.64 20.93
C LEU B 394 -11.09 -40.51 21.26
N ASP B 395 -11.53 -40.46 22.51
CA ASP B 395 -12.48 -39.41 22.94
C ASP B 395 -11.85 -38.03 22.76
N GLU B 396 -10.60 -37.87 23.19
CA GLU B 396 -9.90 -36.59 23.02
C GLU B 396 -9.76 -36.25 21.53
N LEU B 397 -9.50 -37.26 20.70
CA LEU B 397 -9.38 -37.01 19.26
C LEU B 397 -10.71 -36.53 18.68
N ARG B 398 -11.82 -37.14 19.09
CA ARG B 398 -13.13 -36.70 18.60
C ARG B 398 -13.44 -35.28 19.07
N LEU B 399 -13.11 -34.96 20.32
CA LEU B 399 -13.32 -33.60 20.81
C LEU B 399 -12.47 -32.61 20.03
N ALA B 400 -11.22 -32.95 19.74
CA ALA B 400 -10.36 -32.06 18.97
C ALA B 400 -10.87 -31.87 17.55
N VAL B 401 -11.39 -32.94 16.95
CA VAL B 401 -11.98 -32.81 15.61
C VAL B 401 -13.19 -31.88 15.66
N ALA B 402 -14.04 -32.04 16.67
CA ALA B 402 -15.25 -31.22 16.77
C ALA B 402 -14.92 -29.76 17.03
N TRP B 403 -13.88 -29.50 17.83
CA TRP B 403 -13.52 -28.13 18.20
C TRP B 403 -12.40 -27.55 17.33
N ASN B 404 -11.94 -28.28 16.32
CA ASN B 404 -10.90 -27.81 15.41
C ASN B 404 -9.63 -27.45 16.16
N ARG B 405 -9.19 -28.34 17.06
CA ARG B 405 -7.96 -28.16 17.83
C ARG B 405 -6.82 -28.91 17.15
N VAL B 406 -6.30 -28.31 16.09
CA VAL B 406 -5.28 -28.96 15.27
C VAL B 406 -3.97 -29.12 16.06
N ASP B 407 -3.52 -28.04 16.69
CA ASP B 407 -2.23 -28.09 17.37
C ASP B 407 -2.26 -29.01 18.58
N ILE B 408 -3.37 -29.02 19.33
CA ILE B 408 -3.47 -29.92 20.48
C ILE B 408 -3.36 -31.37 20.03
N ALA B 409 -4.10 -31.73 18.97
CA ALA B 409 -4.04 -33.10 18.48
C ALA B 409 -2.64 -33.44 18.01
N GLN B 410 -2.04 -32.59 17.17
CA GLN B 410 -0.74 -32.87 16.59
C GLN B 410 0.35 -32.97 17.65
N SER B 411 0.25 -32.18 18.72
CA SER B 411 1.24 -32.21 19.77
C SER B 411 1.04 -33.37 20.74
N GLU B 412 -0.13 -33.45 21.37
CA GLU B 412 -0.37 -34.42 22.42
C GLU B 412 -0.76 -35.80 21.88
N LEU B 413 -1.76 -35.86 21.00
CA LEU B 413 -2.37 -37.14 20.67
C LEU B 413 -1.51 -37.97 19.72
N PHE B 414 -0.87 -37.35 18.75
CA PHE B 414 -0.04 -38.07 17.79
C PHE B 414 1.44 -37.89 18.14
N ARG B 415 1.87 -38.71 19.10
CA ARG B 415 3.27 -38.83 19.46
C ARG B 415 3.69 -40.29 19.31
N GLY B 416 4.99 -40.50 19.16
CA GLY B 416 5.51 -41.84 18.92
C GLY B 416 5.22 -42.83 20.02
N ASP B 417 4.93 -42.35 21.23
CA ASP B 417 4.52 -43.23 22.32
C ASP B 417 3.24 -43.98 21.96
N ILE B 418 2.24 -43.26 21.44
CA ILE B 418 0.93 -43.83 21.17
C ILE B 418 0.96 -44.52 19.81
N GLN B 419 0.66 -45.82 19.80
CA GLN B 419 0.77 -46.65 18.60
C GLN B 419 -0.57 -46.71 17.88
N TRP B 420 -0.79 -45.70 17.03
CA TRP B 420 -2.00 -45.64 16.23
C TRP B 420 -1.90 -46.56 15.01
N ARG B 421 -3.06 -46.81 14.40
CA ARG B 421 -3.11 -47.40 13.07
C ARG B 421 -4.48 -47.11 12.46
N SER B 422 -4.66 -47.56 11.21
CA SER B 422 -5.76 -47.15 10.34
C SER B 422 -7.14 -47.17 10.99
N PHE B 423 -7.52 -48.29 11.59
CA PHE B 423 -8.89 -48.44 12.09
C PHE B 423 -9.17 -47.47 13.23
N HIS B 424 -8.14 -47.02 13.95
CA HIS B 424 -8.33 -45.98 14.94
C HIS B 424 -8.74 -44.65 14.29
N LEU B 425 -8.13 -44.31 13.15
CA LEU B 425 -8.27 -42.99 12.57
C LEU B 425 -9.32 -42.89 11.46
N GLU B 426 -9.90 -44.01 11.03
CA GLU B 426 -10.87 -43.95 9.93
C GLU B 426 -12.08 -43.08 10.29
N ALA B 427 -12.63 -43.29 11.49
CA ALA B 427 -13.81 -42.53 11.89
C ALA B 427 -13.50 -41.05 12.01
N SER B 428 -12.35 -40.70 12.58
CA SER B 428 -11.97 -39.30 12.68
C SER B 428 -11.73 -38.69 11.31
N LEU B 429 -11.18 -39.45 10.37
CA LEU B 429 -10.99 -38.94 9.01
C LEU B 429 -12.33 -38.65 8.36
N MET B 430 -13.30 -39.55 8.52
CA MET B 430 -14.63 -39.31 7.96
C MET B 430 -15.28 -38.09 8.61
N ASP B 431 -15.10 -37.94 9.92
CA ASP B 431 -15.64 -36.77 10.63
C ASP B 431 -15.03 -35.49 10.10
N ALA B 432 -13.71 -35.49 9.85
CA ALA B 432 -13.05 -34.29 9.36
C ALA B 432 -13.42 -34.00 7.91
N LEU B 433 -13.66 -35.05 7.12
CA LEU B 433 -14.10 -34.85 5.74
C LEU B 433 -15.49 -34.23 5.69
N LEU B 434 -16.41 -34.76 6.50
CA LEU B 434 -17.80 -34.30 6.44
C LEU B 434 -17.94 -32.87 6.94
N ASN B 435 -17.17 -32.51 7.97
CA ASN B 435 -17.33 -31.22 8.64
C ASN B 435 -16.31 -30.17 8.20
N ASP B 436 -15.59 -30.42 7.10
CA ASP B 436 -14.69 -29.43 6.50
C ASP B 436 -13.61 -28.99 7.49
N ARG B 437 -12.74 -29.93 7.85
CA ARG B 437 -11.59 -29.69 8.72
C ARG B 437 -10.34 -30.08 7.95
N PRO B 438 -9.84 -29.20 7.08
CA PRO B 438 -8.71 -29.59 6.21
C PRO B 438 -7.46 -30.00 6.96
N GLU B 439 -7.15 -29.31 8.07
CA GLU B 439 -5.93 -29.63 8.80
C GLU B 439 -5.98 -31.03 9.41
N PHE B 440 -7.14 -31.44 9.94
CA PHE B 440 -7.24 -32.80 10.47
C PHE B 440 -7.22 -33.83 9.35
N VAL B 441 -7.74 -33.48 8.17
CA VAL B 441 -7.65 -34.37 7.01
C VAL B 441 -6.19 -34.59 6.65
N ARG B 442 -5.41 -33.51 6.64
CA ARG B 442 -3.98 -33.64 6.36
C ARG B 442 -3.26 -34.45 7.44
N LEU B 443 -3.60 -34.19 8.71
CA LEU B 443 -2.89 -34.84 9.82
C LEU B 443 -3.18 -36.33 9.88
N LEU B 444 -4.45 -36.72 9.74
CA LEU B 444 -4.81 -38.12 9.91
C LEU B 444 -4.26 -38.98 8.78
N ILE B 445 -4.24 -38.45 7.56
CA ILE B 445 -3.70 -39.20 6.43
C ILE B 445 -2.19 -39.35 6.58
N SER B 446 -1.51 -38.32 7.07
CA SER B 446 -0.05 -38.38 7.19
C SER B 446 0.39 -39.39 8.23
N HIS B 447 -0.51 -39.82 9.12
CA HIS B 447 -0.16 -40.74 10.19
C HIS B 447 -0.60 -42.18 9.91
N GLY B 448 -0.54 -42.60 8.65
CA GLY B 448 -0.70 -44.02 8.33
C GLY B 448 -2.09 -44.47 7.94
N LEU B 449 -2.99 -43.55 7.61
CA LEU B 449 -4.33 -43.94 7.17
C LEU B 449 -4.29 -44.25 5.68
N SER B 450 -4.39 -45.53 5.33
CA SER B 450 -4.29 -45.99 3.96
C SER B 450 -5.53 -45.53 3.19
N LEU B 451 -5.35 -44.50 2.35
CA LEU B 451 -6.49 -43.93 1.63
C LEU B 451 -7.06 -44.91 0.60
N GLY B 452 -6.20 -45.73 -0.01
CA GLY B 452 -6.68 -46.67 -1.01
C GLY B 452 -7.69 -47.66 -0.47
N HIS B 453 -7.45 -48.16 0.75
CA HIS B 453 -8.41 -49.03 1.41
C HIS B 453 -9.57 -48.27 2.02
N PHE B 454 -9.35 -47.03 2.44
CA PHE B 454 -10.39 -46.26 3.12
C PHE B 454 -11.54 -45.93 2.18
N LEU B 455 -11.23 -45.46 0.97
CA LEU B 455 -12.28 -44.96 0.09
C LEU B 455 -13.07 -46.11 -0.52
N THR B 456 -14.39 -46.05 -0.34
CA THR B 456 -15.33 -47.01 -0.88
C THR B 456 -16.47 -46.24 -1.52
N PRO B 457 -17.16 -46.82 -2.50
CA PRO B 457 -18.30 -46.11 -3.10
C PRO B 457 -19.34 -45.65 -2.09
N MET B 458 -19.55 -46.40 -1.01
CA MET B 458 -20.50 -45.99 0.02
C MET B 458 -20.08 -44.67 0.67
N ARG B 459 -18.83 -44.60 1.14
CA ARG B 459 -18.36 -43.38 1.79
C ARG B 459 -18.20 -42.25 0.77
N LEU B 460 -17.83 -42.58 -0.47
CA LEU B 460 -17.74 -41.56 -1.51
C LEU B 460 -19.10 -40.93 -1.78
N ALA B 461 -20.15 -41.74 -1.83
CA ALA B 461 -21.50 -41.20 -1.96
C ALA B 461 -21.91 -40.43 -0.70
N GLN B 462 -21.48 -40.90 0.47
CA GLN B 462 -21.82 -40.22 1.71
C GLN B 462 -21.18 -38.83 1.78
N LEU B 463 -20.01 -38.65 1.16
CA LEU B 463 -19.38 -37.34 1.13
C LEU B 463 -20.22 -36.33 0.38
N TYR B 464 -20.80 -36.73 -0.75
CA TYR B 464 -21.65 -35.81 -1.51
C TYR B 464 -22.95 -35.49 -0.78
N SER B 465 -23.34 -36.35 0.17
CA SER B 465 -24.51 -36.07 1.01
C SER B 465 -24.27 -34.92 1.97
N ALA B 466 -23.02 -34.49 2.16
CA ALA B 466 -22.71 -33.39 3.08
C ALA B 466 -22.89 -32.02 2.44
N ALA B 467 -23.27 -31.95 1.17
CA ALA B 467 -23.49 -30.66 0.53
C ALA B 467 -24.69 -29.97 1.17
N PRO B 468 -24.66 -28.64 1.30
CA PRO B 468 -25.84 -27.92 1.80
C PRO B 468 -27.04 -28.14 0.89
N SER B 469 -28.23 -28.11 1.48
CA SER B 469 -29.45 -28.36 0.71
C SER B 469 -29.69 -27.29 -0.34
N ASN B 470 -29.29 -26.05 -0.08
CA ASN B 470 -29.48 -24.95 -1.02
C ASN B 470 -28.29 -24.71 -1.93
N SER B 471 -27.26 -25.53 -1.85
CA SER B 471 -26.06 -25.34 -2.65
C SER B 471 -26.33 -25.65 -4.12
N LEU B 472 -25.44 -25.13 -4.98
CA LEU B 472 -25.57 -25.37 -6.42
C LEU B 472 -25.36 -26.85 -6.74
N ILE B 473 -24.40 -27.51 -6.09
CA ILE B 473 -24.11 -28.89 -6.39
C ILE B 473 -25.29 -29.78 -6.04
N ARG B 474 -26.00 -29.45 -4.95
CA ARG B 474 -27.20 -30.21 -4.60
C ARG B 474 -28.26 -30.11 -5.70
N ASN B 475 -28.49 -28.91 -6.21
CA ASN B 475 -29.45 -28.72 -7.30
C ASN B 475 -29.02 -29.49 -8.53
N LEU B 476 -27.73 -29.45 -8.86
CA LEU B 476 -27.23 -30.16 -10.03
C LEU B 476 -27.41 -31.67 -9.89
N LEU B 477 -27.11 -32.20 -8.70
CA LEU B 477 -27.30 -33.63 -8.45
C LEU B 477 -28.76 -34.01 -8.56
N ASP B 478 -29.66 -33.19 -8.01
CA ASP B 478 -31.09 -33.49 -8.11
C ASP B 478 -31.56 -33.45 -9.56
N GLN B 479 -31.09 -32.48 -10.33
CA GLN B 479 -31.47 -32.41 -11.74
C GLN B 479 -30.94 -33.61 -12.51
N ALA B 480 -29.71 -34.04 -12.21
CA ALA B 480 -29.14 -35.21 -12.88
C ALA B 480 -29.95 -36.46 -12.54
N SER B 481 -30.35 -36.60 -11.28
CA SER B 481 -31.15 -37.77 -10.89
C SER B 481 -32.54 -37.72 -11.49
N HIS B 482 -33.10 -36.53 -11.70
CA HIS B 482 -34.41 -36.42 -12.31
C HIS B 482 -34.38 -36.72 -13.80
N SER B 483 -33.20 -36.71 -14.42
CA SER B 483 -33.08 -37.00 -15.84
C SER B 483 -33.10 -38.50 -16.09
N ARG B 499 -29.62 -45.11 -4.69
CA ARG B 499 -29.46 -43.95 -5.57
C ARG B 499 -28.00 -43.53 -5.67
N PRO B 500 -27.36 -43.80 -6.80
CA PRO B 500 -25.98 -43.37 -7.00
C PRO B 500 -25.90 -41.85 -7.07
N PRO B 501 -24.75 -41.27 -6.72
CA PRO B 501 -24.63 -39.80 -6.71
C PRO B 501 -24.85 -39.16 -8.06
N ASP B 502 -24.58 -39.87 -9.15
CA ASP B 502 -24.68 -39.35 -10.52
C ASP B 502 -23.79 -38.13 -10.73
N VAL B 503 -22.59 -38.15 -10.14
CA VAL B 503 -21.65 -37.04 -10.31
C VAL B 503 -21.13 -36.98 -11.73
N GLY B 504 -20.92 -38.12 -12.37
CA GLY B 504 -20.44 -38.13 -13.75
C GLY B 504 -21.37 -37.41 -14.71
N HIS B 505 -22.67 -37.55 -14.51
CA HIS B 505 -23.63 -36.83 -15.34
C HIS B 505 -23.48 -35.32 -15.14
N VAL B 506 -23.27 -34.89 -13.90
CA VAL B 506 -23.07 -33.46 -13.62
C VAL B 506 -21.80 -32.97 -14.30
N LEU B 507 -20.74 -33.77 -14.25
CA LEU B 507 -19.50 -33.39 -14.91
C LEU B 507 -19.69 -33.27 -16.43
N ARG B 508 -20.45 -34.21 -17.01
CA ARG B 508 -20.73 -34.13 -18.44
C ARG B 508 -21.52 -32.87 -18.77
N MET B 509 -22.51 -32.54 -17.94
CA MET B 509 -23.31 -31.34 -18.18
C MET B 509 -22.48 -30.06 -18.05
N LEU B 510 -21.53 -30.05 -17.10
CA LEU B 510 -20.76 -28.85 -16.85
C LEU B 510 -19.63 -28.67 -17.86
N LEU B 511 -18.73 -29.64 -17.94
CA LEU B 511 -17.52 -29.49 -18.74
C LEU B 511 -17.69 -29.91 -20.19
N GLY B 512 -18.71 -30.70 -20.51
CA GLY B 512 -18.86 -31.23 -21.84
C GLY B 512 -18.07 -32.53 -22.02
N LYS B 513 -18.40 -33.23 -23.11
CA LYS B 513 -17.82 -34.54 -23.35
C LYS B 513 -16.30 -34.47 -23.51
N MET B 514 -15.81 -33.37 -24.10
CA MET B 514 -14.39 -33.26 -24.42
C MET B 514 -13.52 -33.31 -23.17
N CYS B 515 -13.91 -32.58 -22.12
CA CYS B 515 -13.04 -32.40 -20.96
C CYS B 515 -13.55 -33.07 -19.69
N ALA B 516 -14.78 -33.57 -19.67
CA ALA B 516 -15.35 -34.10 -18.44
C ALA B 516 -14.65 -35.41 -18.06
N PRO B 517 -14.20 -35.55 -16.81
CA PRO B 517 -13.70 -36.86 -16.36
C PRO B 517 -14.81 -37.89 -16.36
N ARG B 518 -14.44 -39.14 -16.66
CA ARG B 518 -15.36 -40.26 -16.54
C ARG B 518 -15.50 -40.74 -15.11
N TYR B 519 -15.97 -39.87 -14.22
CA TYR B 519 -16.04 -40.18 -12.80
C TYR B 519 -16.93 -41.40 -12.56
N PRO B 520 -16.56 -42.29 -11.63
CA PRO B 520 -15.34 -42.28 -10.79
C PRO B 520 -14.07 -42.52 -11.60
N SER B 521 -12.94 -41.95 -11.15
CA SER B 521 -11.67 -42.08 -11.86
C SER B 521 -11.06 -43.46 -11.66
N ALA B 557 -7.18 -44.43 -8.20
CA ALA B 557 -6.79 -43.04 -7.96
C ALA B 557 -7.82 -42.32 -7.08
N PRO B 558 -7.74 -42.53 -5.77
CA PRO B 558 -8.67 -41.83 -4.87
C PRO B 558 -8.46 -40.34 -4.83
N TRP B 559 -7.24 -39.86 -5.07
CA TRP B 559 -6.96 -38.44 -4.99
C TRP B 559 -7.76 -37.66 -6.02
N SER B 560 -7.92 -38.20 -7.22
CA SER B 560 -8.71 -37.52 -8.25
C SER B 560 -10.17 -37.40 -7.83
N ASP B 561 -10.74 -38.47 -7.27
CA ASP B 561 -12.13 -38.42 -6.81
C ASP B 561 -12.29 -37.41 -5.68
N LEU B 562 -11.35 -37.41 -4.73
CA LEU B 562 -11.45 -36.46 -3.63
C LEU B 562 -11.29 -35.02 -4.11
N LEU B 563 -10.40 -34.78 -5.07
CA LEU B 563 -10.23 -33.45 -5.64
C LEU B 563 -11.50 -32.99 -6.35
N LEU B 564 -12.12 -33.89 -7.12
CA LEU B 564 -13.37 -33.54 -7.79
C LEU B 564 -14.46 -33.23 -6.79
N TRP B 565 -14.57 -34.03 -5.72
CA TRP B 565 -15.57 -33.76 -4.69
C TRP B 565 -15.34 -32.41 -4.02
N ALA B 566 -14.08 -32.10 -3.70
CA ALA B 566 -13.78 -30.82 -3.07
C ALA B 566 -14.06 -29.66 -4.01
N LEU B 567 -13.78 -29.82 -5.31
CA LEU B 567 -14.04 -28.75 -6.26
C LEU B 567 -15.53 -28.51 -6.44
N LEU B 568 -16.32 -29.58 -6.49
CA LEU B 568 -17.76 -29.43 -6.65
C LEU B 568 -18.40 -28.73 -5.45
N LEU B 569 -17.90 -29.02 -4.24
CA LEU B 569 -18.44 -28.43 -3.02
C LEU B 569 -17.76 -27.13 -2.63
N ASN B 570 -16.83 -26.62 -3.44
CA ASN B 570 -16.13 -25.36 -3.18
C ASN B 570 -15.36 -25.38 -1.86
N ARG B 571 -14.74 -26.52 -1.55
CA ARG B 571 -13.86 -26.66 -0.39
C ARG B 571 -12.43 -26.32 -0.82
N ALA B 572 -12.05 -25.06 -0.62
CA ALA B 572 -10.81 -24.55 -1.20
C ALA B 572 -9.58 -25.26 -0.63
N GLN B 573 -9.45 -25.31 0.69
CA GLN B 573 -8.24 -25.86 1.29
C GLN B 573 -8.11 -27.36 1.06
N MET B 574 -9.22 -28.09 1.15
CA MET B 574 -9.16 -29.53 0.90
C MET B 574 -8.90 -29.83 -0.58
N ALA B 575 -9.41 -28.99 -1.48
CA ALA B 575 -9.09 -29.15 -2.89
C ALA B 575 -7.61 -28.93 -3.14
N MET B 576 -7.03 -27.90 -2.51
CA MET B 576 -5.60 -27.66 -2.65
C MET B 576 -4.79 -28.84 -2.12
N TYR B 577 -5.20 -29.38 -0.97
CA TYR B 577 -4.49 -30.52 -0.40
C TYR B 577 -4.58 -31.75 -1.32
N PHE B 578 -5.78 -32.02 -1.85
CA PHE B 578 -5.96 -33.17 -2.73
C PHE B 578 -5.20 -32.99 -4.04
N TRP B 579 -5.07 -31.76 -4.52
CA TRP B 579 -4.25 -31.51 -5.70
C TRP B 579 -2.78 -31.77 -5.40
N GLU B 580 -2.29 -31.29 -4.25
CA GLU B 580 -0.88 -31.43 -3.95
C GLU B 580 -0.53 -32.87 -3.58
N MET B 581 -1.52 -33.70 -3.26
CA MET B 581 -1.24 -35.10 -2.96
C MET B 581 -1.27 -35.99 -4.20
N GLY B 582 -2.02 -35.59 -5.24
CA GLY B 582 -2.19 -36.42 -6.40
C GLY B 582 -1.17 -36.16 -7.50
N SER B 583 -1.33 -36.90 -8.60
CA SER B 583 -0.46 -36.80 -9.77
C SER B 583 -1.17 -36.02 -10.88
N ASN B 584 -0.54 -35.95 -12.05
CA ASN B 584 -1.05 -35.20 -13.19
C ASN B 584 -1.37 -33.76 -12.81
N ALA B 585 -0.39 -33.10 -12.16
CA ALA B 585 -0.68 -31.88 -11.43
C ALA B 585 -1.03 -30.71 -12.36
N VAL B 586 -0.30 -30.55 -13.46
CA VAL B 586 -0.55 -29.41 -14.35
C VAL B 586 -1.92 -29.53 -15.00
N SER B 587 -2.23 -30.69 -15.56
CA SER B 587 -3.52 -30.89 -16.19
C SER B 587 -4.65 -30.84 -15.17
N SER B 588 -4.40 -31.35 -13.95
CA SER B 588 -5.41 -31.27 -12.91
C SER B 588 -5.69 -29.84 -12.48
N ALA B 589 -4.65 -29.01 -12.38
CA ALA B 589 -4.86 -27.61 -12.05
C ALA B 589 -5.62 -26.90 -13.14
N LEU B 590 -5.29 -27.16 -14.41
CA LEU B 590 -6.03 -26.54 -15.50
C LEU B 590 -7.50 -26.99 -15.52
N GLY B 591 -7.74 -28.29 -15.31
CA GLY B 591 -9.11 -28.78 -15.27
C GLY B 591 -9.89 -28.22 -14.09
N ALA B 592 -9.24 -28.08 -12.94
CA ALA B 592 -9.88 -27.48 -11.77
C ALA B 592 -10.26 -26.04 -12.06
N CYS B 593 -9.35 -25.29 -12.68
CA CYS B 593 -9.68 -23.91 -13.05
C CYS B 593 -10.87 -23.88 -14.00
N LEU B 594 -10.89 -24.77 -14.99
CA LEU B 594 -12.01 -24.84 -15.93
C LEU B 594 -13.33 -25.11 -15.21
N LEU B 595 -13.33 -26.12 -14.33
CA LEU B 595 -14.55 -26.49 -13.62
C LEU B 595 -15.04 -25.35 -12.73
N LEU B 596 -14.12 -24.72 -12.00
CA LEU B 596 -14.52 -23.64 -11.10
C LEU B 596 -15.05 -22.44 -11.87
N ARG B 597 -14.45 -22.13 -13.01
CA ARG B 597 -14.94 -20.99 -13.80
C ARG B 597 -16.25 -21.33 -14.50
N VAL B 598 -16.48 -22.59 -14.82
CA VAL B 598 -17.79 -23.00 -15.35
C VAL B 598 -18.86 -22.86 -14.29
N MET B 599 -18.60 -23.35 -13.09
CA MET B 599 -19.60 -23.30 -12.03
C MET B 599 -19.80 -21.89 -11.48
N ALA B 600 -18.84 -21.00 -11.70
CA ALA B 600 -18.97 -19.62 -11.19
C ALA B 600 -20.04 -18.84 -11.92
N ARG B 601 -20.32 -19.17 -13.19
CA ARG B 601 -21.38 -18.50 -13.93
C ARG B 601 -22.76 -19.07 -13.62
N LEU B 602 -22.83 -20.17 -12.87
CA LEU B 602 -24.07 -20.87 -12.62
C LEU B 602 -24.64 -20.62 -11.23
N GLU B 603 -24.06 -19.70 -10.46
CA GLU B 603 -24.48 -19.52 -9.08
C GLU B 603 -25.24 -18.22 -8.90
N PRO B 604 -26.36 -18.24 -8.16
CA PRO B 604 -27.14 -17.01 -7.98
C PRO B 604 -26.51 -16.05 -6.99
N ASP B 605 -25.85 -16.57 -5.95
CA ASP B 605 -25.23 -15.73 -4.94
C ASP B 605 -23.92 -15.17 -5.48
N ALA B 606 -23.76 -13.85 -5.43
CA ALA B 606 -22.63 -13.20 -6.06
C ALA B 606 -21.31 -13.54 -5.37
N GLU B 607 -21.29 -13.56 -4.03
CA GLU B 607 -20.03 -13.78 -3.33
C GLU B 607 -19.59 -15.23 -3.44
N GLU B 608 -20.53 -16.17 -3.62
CA GLU B 608 -20.15 -17.55 -3.89
C GLU B 608 -19.43 -17.67 -5.23
N ALA B 609 -19.94 -16.97 -6.26
CA ALA B 609 -19.27 -16.93 -7.54
C ALA B 609 -17.90 -16.27 -7.42
N ALA B 610 -17.80 -15.22 -6.60
CA ALA B 610 -16.51 -14.59 -6.37
C ALA B 610 -15.52 -15.55 -5.71
N ARG B 611 -16.00 -16.34 -4.75
CA ARG B 611 -15.15 -17.36 -4.13
C ARG B 611 -14.67 -18.37 -5.17
N ARG B 612 -15.56 -18.83 -6.03
CA ARG B 612 -15.17 -19.81 -7.05
C ARG B 612 -14.16 -19.21 -8.03
N LYS B 613 -14.35 -17.95 -8.42
CA LYS B 613 -13.39 -17.29 -9.29
C LYS B 613 -12.03 -17.15 -8.62
N ASP B 614 -12.03 -16.81 -7.32
CA ASP B 614 -10.77 -16.70 -6.59
C ASP B 614 -10.04 -18.04 -6.53
N LEU B 615 -10.77 -19.12 -6.26
CA LEU B 615 -10.15 -20.44 -6.22
C LEU B 615 -9.63 -20.85 -7.59
N ALA B 616 -10.37 -20.50 -8.66
CA ALA B 616 -9.91 -20.80 -10.00
C ALA B 616 -8.62 -20.04 -10.31
N PHE B 617 -8.53 -18.78 -9.89
CA PHE B 617 -7.29 -18.03 -10.06
C PHE B 617 -6.14 -18.69 -9.30
N LYS B 618 -6.39 -19.16 -8.08
CA LYS B 618 -5.34 -19.83 -7.32
C LYS B 618 -4.86 -21.10 -8.02
N PHE B 619 -5.78 -21.92 -8.51
CA PHE B 619 -5.39 -23.15 -9.20
C PHE B 619 -4.63 -22.85 -10.48
N GLU B 620 -5.07 -21.85 -11.23
CA GLU B 620 -4.36 -21.46 -12.45
C GLU B 620 -2.95 -21.01 -12.12
N GLY B 621 -2.78 -20.22 -11.06
CA GLY B 621 -1.46 -19.79 -10.66
C GLY B 621 -0.56 -20.94 -10.26
N MET B 622 -1.13 -21.92 -9.55
CA MET B 622 -0.34 -23.10 -9.18
C MET B 622 0.12 -23.86 -10.42
N GLY B 623 -0.78 -24.05 -11.39
CA GLY B 623 -0.38 -24.72 -12.61
C GLY B 623 0.69 -23.96 -13.37
N VAL B 624 0.56 -22.63 -13.42
CA VAL B 624 1.55 -21.81 -14.11
C VAL B 624 2.92 -21.95 -13.45
N ASP B 625 2.96 -21.88 -12.12
CA ASP B 625 4.23 -21.97 -11.42
C ASP B 625 4.86 -23.36 -11.59
N LEU B 626 4.06 -24.41 -11.49
CA LEU B 626 4.62 -25.76 -11.65
C LEU B 626 5.15 -25.98 -13.06
N PHE B 627 4.41 -25.52 -14.09
CA PHE B 627 4.91 -25.69 -15.44
C PHE B 627 6.15 -24.84 -15.69
N GLY B 628 6.22 -23.66 -15.07
CA GLY B 628 7.44 -22.88 -15.18
C GLY B 628 8.64 -23.59 -14.62
N GLU B 629 8.49 -24.21 -13.43
CA GLU B 629 9.60 -24.96 -12.87
C GLU B 629 9.98 -26.15 -13.75
N CYS B 630 8.97 -26.87 -14.25
CA CYS B 630 9.24 -28.03 -15.11
C CYS B 630 9.96 -27.61 -16.38
N TYR B 631 9.56 -26.48 -16.98
CA TYR B 631 10.19 -26.01 -18.20
C TYR B 631 11.61 -25.54 -17.93
N ARG B 632 11.85 -24.86 -16.81
CA ARG B 632 13.20 -24.45 -16.49
C ARG B 632 14.09 -25.66 -16.21
N SER B 633 13.51 -26.77 -15.76
CA SER B 633 14.31 -27.97 -15.58
C SER B 633 14.67 -28.63 -16.91
N SER B 634 13.72 -28.75 -17.82
CA SER B 634 13.94 -29.49 -19.06
C SER B 634 12.91 -29.06 -20.09
N GLU B 635 13.38 -28.50 -21.21
CA GLU B 635 12.46 -28.02 -22.24
C GLU B 635 11.75 -29.16 -22.96
N VAL B 636 12.47 -30.24 -23.26
CA VAL B 636 11.88 -31.34 -24.00
C VAL B 636 10.81 -32.05 -23.18
N ARG B 637 11.12 -32.34 -21.92
CA ARG B 637 10.13 -33.01 -21.08
C ARG B 637 8.93 -32.11 -20.81
N ALA B 638 9.17 -30.81 -20.64
CA ALA B 638 8.05 -29.89 -20.45
C ALA B 638 7.16 -29.83 -21.69
N ALA B 639 7.77 -29.81 -22.88
CA ALA B 639 6.98 -29.82 -24.11
C ALA B 639 6.18 -31.11 -24.23
N ARG B 640 6.79 -32.23 -23.85
CA ARG B 640 6.08 -33.51 -23.88
C ARG B 640 4.91 -33.52 -22.89
N LEU B 641 5.12 -32.93 -21.72
CA LEU B 641 4.07 -32.85 -20.70
C LEU B 641 2.95 -31.92 -21.14
N LEU B 642 3.26 -30.89 -21.93
CA LEU B 642 2.26 -29.92 -22.34
C LEU B 642 1.32 -30.50 -23.40
N LEU B 643 1.84 -31.37 -24.27
CA LEU B 643 1.08 -31.87 -25.40
C LEU B 643 0.53 -33.28 -25.20
N ARG B 644 0.76 -33.89 -24.04
CA ARG B 644 0.21 -35.22 -23.78
C ARG B 644 -1.27 -35.15 -23.45
N ARG B 645 -2.00 -36.21 -23.78
CA ARG B 645 -3.41 -36.32 -23.43
C ARG B 645 -3.55 -36.92 -22.04
N CYS B 646 -4.36 -36.27 -21.20
CA CYS B 646 -4.56 -36.72 -19.83
C CYS B 646 -5.83 -37.54 -19.73
N PRO B 647 -5.76 -38.82 -19.38
CA PRO B 647 -7.00 -39.62 -19.25
C PRO B 647 -7.96 -39.05 -18.23
N LEU B 648 -7.46 -38.44 -17.16
CA LEU B 648 -8.34 -37.93 -16.10
C LEU B 648 -9.26 -36.82 -16.58
N TRP B 649 -8.95 -36.17 -17.70
CA TRP B 649 -9.76 -35.05 -18.14
C TRP B 649 -10.23 -35.21 -19.58
N GLY B 650 -10.75 -36.38 -19.92
CA GLY B 650 -11.29 -36.60 -21.25
C GLY B 650 -10.27 -36.61 -22.36
N ASP B 651 -9.02 -36.98 -22.07
CA ASP B 651 -7.94 -37.05 -23.04
C ASP B 651 -7.62 -35.71 -23.67
N ALA B 652 -8.00 -34.61 -23.03
CA ALA B 652 -7.64 -33.29 -23.51
C ALA B 652 -6.21 -32.94 -23.11
N THR B 653 -5.54 -32.17 -23.96
CA THR B 653 -4.21 -31.68 -23.66
C THR B 653 -4.29 -30.46 -22.76
N CYS B 654 -3.14 -30.07 -22.22
CA CYS B 654 -3.10 -28.91 -21.33
C CYS B 654 -3.52 -27.64 -22.05
N LEU B 655 -3.13 -27.50 -23.32
CA LEU B 655 -3.51 -26.33 -24.09
C LEU B 655 -5.01 -26.26 -24.32
N GLN B 656 -5.66 -27.40 -24.58
CA GLN B 656 -7.10 -27.40 -24.77
C GLN B 656 -7.83 -27.07 -23.47
N LEU B 657 -7.36 -27.60 -22.34
CA LEU B 657 -7.96 -27.28 -21.06
C LEU B 657 -7.80 -25.79 -20.75
N ALA B 658 -6.63 -25.23 -21.03
CA ALA B 658 -6.42 -23.80 -20.80
C ALA B 658 -7.29 -22.96 -21.73
N MET B 659 -7.47 -23.41 -22.97
CA MET B 659 -8.33 -22.69 -23.90
C MET B 659 -9.78 -22.69 -23.43
N GLN B 660 -10.27 -23.84 -22.99
CA GLN B 660 -11.64 -23.90 -22.47
C GLN B 660 -11.79 -23.06 -21.21
N ALA B 661 -10.80 -23.13 -20.31
CA ALA B 661 -10.84 -22.40 -19.05
C ALA B 661 -10.60 -20.91 -19.22
N ASP B 662 -10.21 -20.46 -20.41
CA ASP B 662 -9.85 -19.07 -20.67
C ASP B 662 -8.70 -18.64 -19.74
N ALA B 663 -7.79 -19.57 -19.48
CA ALA B 663 -6.64 -19.33 -18.60
C ALA B 663 -5.53 -18.63 -19.39
N ARG B 664 -5.68 -17.30 -19.50
CA ARG B 664 -4.74 -16.52 -20.29
C ARG B 664 -3.37 -16.42 -19.63
N ALA B 665 -3.30 -16.61 -18.31
CA ALA B 665 -2.02 -16.57 -17.64
C ALA B 665 -1.17 -17.80 -17.96
N PHE B 666 -1.82 -18.92 -18.30
CA PHE B 666 -1.08 -20.12 -18.66
C PHE B 666 -0.45 -19.98 -20.04
N PHE B 667 -1.16 -19.35 -20.98
CA PHE B 667 -0.62 -19.15 -22.33
C PHE B 667 0.52 -18.14 -22.32
N ALA B 668 0.52 -17.20 -21.38
CA ALA B 668 1.56 -16.19 -21.33
C ALA B 668 2.86 -16.68 -20.71
N GLN B 669 2.90 -17.91 -20.22
CA GLN B 669 4.12 -18.47 -19.66
C GLN B 669 5.18 -18.59 -20.76
N ASP B 670 6.44 -18.39 -20.37
CA ASP B 670 7.52 -18.34 -21.36
C ASP B 670 7.72 -19.68 -22.06
N GLY B 671 7.58 -20.79 -21.34
CA GLY B 671 7.74 -22.09 -21.99
C GLY B 671 6.65 -22.35 -23.01
N VAL B 672 5.40 -22.02 -22.66
CA VAL B 672 4.30 -22.20 -23.58
C VAL B 672 4.49 -21.35 -24.83
N GLN B 673 4.89 -20.08 -24.64
CA GLN B 673 5.10 -19.19 -25.78
C GLN B 673 6.27 -19.64 -26.63
N SER B 674 7.34 -20.17 -26.02
CA SER B 674 8.47 -20.68 -26.79
C SER B 674 8.05 -21.88 -27.63
N LEU B 675 7.29 -22.80 -27.04
CA LEU B 675 6.80 -23.95 -27.79
C LEU B 675 5.89 -23.52 -28.93
N LEU B 676 5.01 -22.53 -28.67
CA LEU B 676 4.12 -22.04 -29.71
C LEU B 676 4.89 -21.36 -30.84
N THR B 677 5.94 -20.61 -30.50
CA THR B 677 6.79 -19.99 -31.53
C THR B 677 7.48 -21.05 -32.37
N GLN B 678 7.98 -22.11 -31.73
CA GLN B 678 8.63 -23.19 -32.46
C GLN B 678 7.65 -23.89 -33.39
N LYS B 679 6.41 -24.08 -32.95
CA LYS B 679 5.38 -24.61 -33.84
C LYS B 679 5.07 -23.65 -34.98
N TRP B 680 5.02 -22.35 -34.68
CA TRP B 680 4.67 -21.34 -35.67
C TRP B 680 5.68 -21.27 -36.79
N TRP B 681 6.97 -21.34 -36.46
CA TRP B 681 7.99 -21.22 -37.49
C TRP B 681 8.30 -22.55 -38.18
N GLY B 682 7.71 -23.65 -37.73
CA GLY B 682 7.89 -24.92 -38.42
C GLY B 682 9.33 -25.38 -38.38
N ASP B 683 9.88 -25.67 -39.57
CA ASP B 683 11.25 -26.13 -39.69
C ASP B 683 12.24 -24.99 -39.91
N MET B 684 11.77 -23.76 -40.02
CA MET B 684 12.66 -22.61 -40.04
C MET B 684 13.02 -22.19 -38.62
N ALA B 685 14.15 -21.52 -38.49
CA ALA B 685 14.57 -21.01 -37.19
C ALA B 685 13.69 -19.83 -36.79
N SER B 686 13.23 -19.83 -35.54
CA SER B 686 12.34 -18.77 -35.07
C SER B 686 13.04 -17.41 -35.04
N THR B 687 14.37 -17.39 -35.14
CA THR B 687 15.12 -16.15 -35.14
C THR B 687 15.22 -15.52 -36.53
N THR B 688 14.59 -16.12 -37.54
CA THR B 688 14.59 -15.53 -38.87
C THR B 688 13.88 -14.18 -38.83
N PRO B 689 14.48 -13.13 -39.39
CA PRO B 689 13.81 -11.82 -39.40
C PRO B 689 12.57 -11.85 -40.29
N ILE B 690 11.62 -10.97 -39.96
CA ILE B 690 10.38 -10.89 -40.72
C ILE B 690 10.65 -10.41 -42.13
N TRP B 691 11.55 -9.43 -42.28
CA TRP B 691 11.87 -8.92 -43.61
C TRP B 691 12.48 -9.99 -44.50
N ALA B 692 13.33 -10.84 -43.92
CA ALA B 692 13.89 -11.95 -44.67
C ALA B 692 12.81 -12.91 -45.13
N LEU B 693 11.84 -13.21 -44.26
CA LEU B 693 10.74 -14.10 -44.62
C LEU B 693 9.91 -13.52 -45.75
N VAL B 694 9.58 -12.23 -45.67
CA VAL B 694 8.79 -11.60 -46.72
C VAL B 694 9.56 -11.59 -48.03
N LEU B 695 10.85 -11.25 -47.97
CA LEU B 695 11.67 -11.18 -49.18
C LEU B 695 11.79 -12.56 -49.84
N ALA B 696 11.95 -13.60 -49.02
CA ALA B 696 11.99 -14.95 -49.57
C ALA B 696 10.64 -15.39 -50.12
N PHE B 697 9.55 -14.92 -49.51
CA PHE B 697 8.21 -15.26 -50.00
C PHE B 697 7.97 -14.64 -51.37
N PHE B 698 8.35 -13.38 -51.56
CA PHE B 698 8.15 -12.74 -52.85
C PHE B 698 9.27 -13.03 -53.85
N CYS B 699 10.39 -13.60 -53.39
CA CYS B 699 11.48 -14.03 -54.26
C CYS B 699 11.88 -15.44 -53.86
N PRO B 700 11.21 -16.46 -54.39
CA PRO B 700 11.46 -17.85 -53.96
C PRO B 700 12.91 -18.29 -54.12
N PRO B 701 13.65 -17.83 -55.14
CA PRO B 701 15.06 -18.27 -55.22
C PRO B 701 15.90 -17.93 -54.01
N LEU B 702 15.52 -16.94 -53.22
CA LEU B 702 16.30 -16.56 -52.04
C LEU B 702 16.21 -17.60 -50.93
N ILE B 703 15.33 -18.60 -51.06
CA ILE B 703 15.19 -19.62 -50.03
C ILE B 703 16.49 -20.40 -49.87
N TYR B 704 17.15 -20.71 -50.99
CA TYR B 704 18.31 -21.59 -50.97
C TYR B 704 19.61 -20.87 -50.62
N THR B 705 19.57 -19.56 -50.40
CA THR B 705 20.73 -18.84 -49.89
C THR B 705 20.82 -19.02 -48.38
N ARG B 706 21.70 -18.23 -47.76
CA ARG B 706 21.82 -18.21 -46.31
C ARG B 706 20.93 -17.15 -45.67
N LEU B 707 20.02 -16.56 -46.43
CA LEU B 707 19.09 -15.58 -45.87
C LEU B 707 18.17 -16.23 -44.83
N ILE B 708 17.70 -17.44 -45.11
CA ILE B 708 16.79 -18.16 -44.21
C ILE B 708 17.59 -19.26 -43.53
N THR B 709 17.48 -19.34 -42.22
CA THR B 709 18.15 -20.37 -41.43
C THR B 709 17.17 -21.49 -41.11
N PHE B 710 17.53 -22.71 -41.46
CA PHE B 710 16.71 -23.89 -41.22
C PHE B 710 17.31 -24.70 -40.09
N ARG B 711 16.47 -25.13 -39.15
CA ARG B 711 16.94 -25.90 -38.01
C ARG B 711 16.93 -27.39 -38.33
N GLY B 765 17.35 -32.69 -57.38
CA GLY B 765 17.78 -33.38 -56.19
C GLY B 765 16.75 -33.34 -55.08
N ARG B 766 16.75 -34.37 -54.23
CA ARG B 766 15.81 -34.42 -53.12
C ARG B 766 16.12 -33.34 -52.08
N ARG B 767 17.38 -32.91 -51.99
CA ARG B 767 17.74 -31.89 -51.01
C ARG B 767 17.05 -30.57 -51.30
N CYS B 768 16.92 -30.22 -52.59
CA CYS B 768 16.21 -29.01 -52.97
C CYS B 768 14.73 -29.09 -52.60
N LEU B 769 14.10 -30.24 -52.87
CA LEU B 769 12.69 -30.40 -52.57
C LEU B 769 12.43 -30.38 -51.07
N ARG B 770 13.36 -30.93 -50.29
CA ARG B 770 13.20 -30.90 -48.83
C ARG B 770 13.16 -29.47 -48.30
N ARG B 771 14.09 -28.63 -48.78
CA ARG B 771 14.11 -27.24 -48.35
C ARG B 771 12.89 -26.48 -48.85
N TRP B 772 12.45 -26.77 -50.07
CA TRP B 772 11.24 -26.15 -50.60
C TRP B 772 10.03 -26.45 -49.71
N PHE B 773 9.82 -27.73 -49.40
CA PHE B 773 8.69 -28.12 -48.56
C PHE B 773 8.86 -27.65 -47.13
N HIS B 774 10.09 -27.47 -46.67
CA HIS B 774 10.32 -26.92 -45.34
C HIS B 774 9.91 -25.47 -45.27
N PHE B 775 10.26 -24.68 -46.29
CA PHE B 775 9.88 -23.27 -46.28
C PHE B 775 8.38 -23.10 -46.46
N TRP B 776 7.80 -23.77 -47.47
CA TRP B 776 6.41 -23.51 -47.79
C TRP B 776 5.43 -24.24 -46.87
N GLY B 777 5.90 -25.19 -46.08
CA GLY B 777 5.02 -25.89 -45.16
C GLY B 777 4.90 -25.29 -43.78
N ALA B 778 5.62 -24.20 -43.52
CA ALA B 778 5.59 -23.59 -42.20
C ALA B 778 4.27 -22.86 -41.98
N PRO B 779 3.70 -22.90 -40.77
CA PRO B 779 2.45 -22.16 -40.53
C PRO B 779 2.54 -20.67 -40.81
N VAL B 780 3.67 -20.03 -40.53
CA VAL B 780 3.80 -18.60 -40.76
C VAL B 780 3.79 -18.29 -42.26
N THR B 781 4.42 -19.14 -43.07
CA THR B 781 4.39 -18.94 -44.52
C THR B 781 2.99 -19.15 -45.08
N ILE B 782 2.28 -20.15 -44.58
CA ILE B 782 0.89 -20.37 -44.99
C ILE B 782 0.03 -19.18 -44.59
N PHE B 783 0.28 -18.62 -43.42
CA PHE B 783 -0.46 -17.44 -42.97
C PHE B 783 -0.22 -16.25 -43.90
N MET B 784 1.05 -16.02 -44.26
CA MET B 784 1.36 -14.93 -45.17
C MET B 784 0.71 -15.13 -46.53
N GLY B 785 0.78 -16.36 -47.06
CA GLY B 785 0.14 -16.65 -48.33
C GLY B 785 -1.37 -16.44 -48.28
N ASN B 786 -1.99 -16.82 -47.17
CA ASN B 786 -3.43 -16.63 -47.05
C ASN B 786 -3.80 -15.16 -46.88
N VAL B 787 -2.95 -14.37 -46.23
CA VAL B 787 -3.19 -12.93 -46.17
C VAL B 787 -3.18 -12.33 -47.56
N VAL B 788 -2.18 -12.70 -48.36
CA VAL B 788 -2.10 -12.19 -49.74
C VAL B 788 -3.32 -12.64 -50.54
N SER B 789 -3.70 -13.91 -50.39
CA SER B 789 -4.84 -14.46 -51.12
C SER B 789 -6.12 -13.74 -50.75
N TYR B 790 -6.33 -13.47 -49.47
CA TYR B 790 -7.57 -12.82 -49.04
C TYR B 790 -7.62 -11.38 -49.48
N LEU B 791 -6.48 -10.67 -49.47
CA LEU B 791 -6.46 -9.32 -50.02
C LEU B 791 -6.81 -9.33 -51.50
N LEU B 792 -6.26 -10.29 -52.26
CA LEU B 792 -6.59 -10.37 -53.67
C LEU B 792 -8.05 -10.75 -53.89
N PHE B 793 -8.61 -11.60 -53.04
CA PHE B 793 -10.03 -11.95 -53.13
C PHE B 793 -10.91 -10.73 -52.91
N LEU B 794 -10.58 -9.91 -51.91
CA LEU B 794 -11.35 -8.69 -51.69
C LEU B 794 -11.20 -7.71 -52.85
N LEU B 795 -10.00 -7.61 -53.43
CA LEU B 795 -9.82 -6.75 -54.59
C LEU B 795 -10.67 -7.22 -55.77
N LEU B 796 -10.69 -8.53 -56.02
CA LEU B 796 -11.53 -9.08 -57.09
C LEU B 796 -13.01 -8.85 -56.81
N PHE B 797 -13.43 -9.03 -55.56
CA PHE B 797 -14.83 -8.81 -55.20
C PHE B 797 -15.22 -7.36 -55.46
N SER B 798 -14.39 -6.41 -55.04
CA SER B 798 -14.70 -5.01 -55.28
C SER B 798 -14.72 -4.69 -56.77
N ARG B 799 -13.76 -5.23 -57.52
CA ARG B 799 -13.74 -5.00 -58.97
C ARG B 799 -15.02 -5.50 -59.62
N VAL B 800 -15.44 -6.72 -59.30
CA VAL B 800 -16.66 -7.26 -59.89
C VAL B 800 -17.86 -6.42 -59.50
N LEU B 801 -17.98 -6.09 -58.21
CA LEU B 801 -19.14 -5.36 -57.72
C LEU B 801 -19.26 -3.98 -58.39
N LEU B 802 -18.13 -3.29 -58.56
CA LEU B 802 -18.17 -1.93 -59.06
C LEU B 802 -18.12 -1.82 -60.57
N VAL B 803 -17.64 -2.84 -61.29
CA VAL B 803 -17.52 -2.70 -62.73
C VAL B 803 -18.26 -3.79 -63.49
N ASP B 804 -18.07 -5.05 -63.07
CA ASP B 804 -18.45 -6.18 -63.92
C ASP B 804 -19.83 -6.75 -63.63
N PHE B 805 -20.51 -6.26 -62.59
CA PHE B 805 -21.77 -6.84 -62.14
C PHE B 805 -22.95 -6.22 -62.89
N GLN B 806 -23.11 -6.63 -64.14
CA GLN B 806 -24.18 -6.14 -64.98
C GLN B 806 -25.35 -7.13 -65.01
N PRO B 807 -26.53 -6.69 -65.46
CA PRO B 807 -27.66 -7.63 -65.58
C PRO B 807 -27.42 -8.74 -66.59
N ALA B 808 -26.45 -8.60 -67.49
CA ALA B 808 -26.12 -9.64 -68.44
C ALA B 808 -25.56 -10.86 -67.70
N PRO B 809 -25.56 -12.03 -68.34
CA PRO B 809 -25.02 -13.22 -67.67
C PRO B 809 -23.56 -13.01 -67.31
N PRO B 810 -23.10 -13.68 -66.25
CA PRO B 810 -21.77 -13.37 -65.68
C PRO B 810 -20.64 -13.59 -66.66
N GLY B 811 -19.62 -12.71 -66.57
CA GLY B 811 -18.43 -12.82 -67.38
C GLY B 811 -17.36 -13.69 -66.73
N SER B 812 -16.14 -13.56 -67.26
CA SER B 812 -15.04 -14.41 -66.80
C SER B 812 -14.63 -14.08 -65.36
N LEU B 813 -14.48 -12.80 -65.04
CA LEU B 813 -14.05 -12.43 -63.70
C LEU B 813 -15.08 -12.82 -62.65
N GLU B 814 -16.36 -12.70 -62.96
CA GLU B 814 -17.39 -13.11 -62.01
C GLU B 814 -17.39 -14.62 -61.79
N LEU B 815 -17.15 -15.40 -62.85
CA LEU B 815 -17.03 -16.84 -62.69
C LEU B 815 -15.81 -17.20 -61.85
N LEU B 816 -14.70 -16.47 -62.05
CA LEU B 816 -13.53 -16.68 -61.21
C LEU B 816 -13.84 -16.37 -59.75
N LEU B 817 -14.60 -15.31 -59.49
CA LEU B 817 -15.02 -15.00 -58.13
C LEU B 817 -15.90 -16.11 -57.56
N TYR B 818 -16.80 -16.65 -58.39
CA TYR B 818 -17.65 -17.76 -57.96
C TYR B 818 -16.80 -18.95 -57.53
N PHE B 819 -15.81 -19.30 -58.35
CA PHE B 819 -14.96 -20.44 -58.04
C PHE B 819 -14.15 -20.20 -56.78
N TRP B 820 -13.65 -18.98 -56.60
CA TRP B 820 -12.92 -18.62 -55.39
C TRP B 820 -13.79 -18.79 -54.15
N ALA B 821 -15.04 -18.30 -54.22
CA ALA B 821 -15.94 -18.47 -53.09
C ALA B 821 -16.27 -19.94 -52.85
N PHE B 822 -16.37 -20.73 -53.93
CA PHE B 822 -16.61 -22.17 -53.77
C PHE B 822 -15.45 -22.83 -53.04
N THR B 823 -14.22 -22.47 -53.37
CA THR B 823 -13.08 -23.05 -52.65
C THR B 823 -13.04 -22.60 -51.20
N LEU B 824 -13.46 -21.36 -50.92
CA LEU B 824 -13.58 -20.92 -49.54
C LEU B 824 -14.60 -21.76 -48.78
N LEU B 825 -15.74 -22.03 -49.41
CA LEU B 825 -16.76 -22.88 -48.78
C LEU B 825 -16.24 -24.30 -48.55
N CYS B 826 -15.47 -24.83 -49.50
CA CYS B 826 -14.89 -26.15 -49.32
C CYS B 826 -13.88 -26.18 -48.18
N GLU B 827 -13.10 -25.10 -48.03
CA GLU B 827 -12.19 -25.02 -46.88
C GLU B 827 -12.95 -24.96 -45.56
N GLU B 828 -14.06 -24.22 -45.52
CA GLU B 828 -14.87 -24.21 -44.32
C GLU B 828 -15.45 -25.59 -44.02
N LEU B 829 -15.86 -26.32 -45.06
CA LEU B 829 -16.34 -27.69 -44.87
C LEU B 829 -15.26 -28.59 -44.32
N ARG B 830 -14.03 -28.46 -44.85
CA ARG B 830 -12.92 -29.25 -44.35
C ARG B 830 -12.63 -28.94 -42.89
N GLN B 831 -12.66 -27.67 -42.51
CA GLN B 831 -12.45 -27.30 -41.11
C GLN B 831 -13.56 -27.87 -40.22
N GLY B 832 -14.80 -27.83 -40.69
CA GLY B 832 -15.89 -28.39 -39.92
C GLY B 832 -15.76 -29.88 -39.72
N LEU B 833 -15.37 -30.60 -40.77
CA LEU B 833 -15.24 -32.05 -40.67
C LEU B 833 -14.05 -32.48 -39.84
N SER B 834 -13.16 -31.55 -39.48
CA SER B 834 -12.02 -31.85 -38.63
C SER B 834 -12.18 -31.31 -37.23
N GLY B 835 -13.34 -30.74 -36.89
CA GLY B 835 -13.56 -30.21 -35.56
C GLY B 835 -12.95 -28.85 -35.30
N GLY B 836 -12.50 -28.16 -36.33
CA GLY B 836 -11.90 -26.84 -36.17
C GLY B 836 -10.50 -26.89 -35.56
N HIS B 849 -11.00 -40.19 -31.48
CA HIS B 849 -12.16 -40.13 -32.37
C HIS B 849 -13.29 -39.33 -31.73
N ALA B 850 -13.98 -38.53 -32.54
CA ALA B 850 -15.11 -37.74 -32.07
C ALA B 850 -16.27 -37.90 -33.04
N SER B 851 -17.49 -37.84 -32.52
CA SER B 851 -18.67 -37.95 -33.35
C SER B 851 -18.79 -36.73 -34.26
N LEU B 852 -19.54 -36.90 -35.36
CA LEU B 852 -19.68 -35.83 -36.33
C LEU B 852 -20.36 -34.61 -35.71
N SER B 853 -21.40 -34.84 -34.90
CA SER B 853 -22.08 -33.72 -34.26
C SER B 853 -21.17 -32.99 -33.28
N GLN B 854 -20.30 -33.73 -32.57
CA GLN B 854 -19.36 -33.09 -31.66
C GLN B 854 -18.38 -32.21 -32.42
N ARG B 855 -17.84 -32.71 -33.53
CA ARG B 855 -16.93 -31.91 -34.36
C ARG B 855 -17.63 -30.67 -34.90
N LEU B 856 -18.88 -30.84 -35.35
CA LEU B 856 -19.61 -29.70 -35.90
C LEU B 856 -19.92 -28.65 -34.83
N ARG B 857 -20.24 -29.09 -33.61
CA ARG B 857 -20.46 -28.14 -32.53
C ARG B 857 -19.17 -27.42 -32.16
N LEU B 858 -18.06 -28.13 -32.13
CA LEU B 858 -16.77 -27.48 -31.87
C LEU B 858 -16.46 -26.45 -32.95
N TYR B 859 -16.75 -26.78 -34.21
CA TYR B 859 -16.53 -25.83 -35.29
C TYR B 859 -17.44 -24.61 -35.15
N LEU B 860 -18.71 -24.83 -34.82
CA LEU B 860 -19.66 -23.73 -34.72
C LEU B 860 -19.42 -22.86 -33.49
N ALA B 861 -18.72 -23.36 -32.47
CA ALA B 861 -18.46 -22.56 -31.29
C ALA B 861 -17.53 -21.38 -31.57
N ASP B 862 -16.75 -21.44 -32.64
CA ASP B 862 -15.80 -20.38 -32.96
C ASP B 862 -16.52 -19.25 -33.67
N SER B 863 -16.35 -18.02 -33.16
CA SER B 863 -17.04 -16.87 -33.74
C SER B 863 -16.54 -16.51 -35.13
N TRP B 864 -15.25 -16.73 -35.42
CA TRP B 864 -14.75 -16.49 -36.76
C TRP B 864 -15.37 -17.45 -37.76
N ASN B 865 -15.63 -18.70 -37.36
CA ASN B 865 -16.35 -19.61 -38.23
C ASN B 865 -17.80 -19.18 -38.44
N GLN B 866 -18.42 -18.58 -37.42
CA GLN B 866 -19.74 -18.01 -37.60
C GLN B 866 -19.73 -16.87 -38.60
N CYS B 867 -18.72 -16.01 -38.53
CA CYS B 867 -18.59 -14.93 -39.51
C CYS B 867 -18.39 -15.49 -40.92
N ASP B 868 -17.55 -16.53 -41.05
CA ASP B 868 -17.36 -17.17 -42.34
C ASP B 868 -18.66 -17.75 -42.88
N LEU B 869 -19.44 -18.41 -42.03
CA LEU B 869 -20.71 -18.98 -42.46
C LEU B 869 -21.69 -17.90 -42.90
N VAL B 870 -21.75 -16.79 -42.15
CA VAL B 870 -22.63 -15.69 -42.54
C VAL B 870 -22.23 -15.14 -43.90
N ALA B 871 -20.93 -14.92 -44.09
CA ALA B 871 -20.43 -14.36 -45.35
C ALA B 871 -20.74 -15.30 -46.52
N LEU B 872 -20.47 -16.59 -46.36
CA LEU B 872 -20.69 -17.52 -47.45
C LEU B 872 -22.17 -17.71 -47.74
N THR B 873 -23.01 -17.75 -46.71
CA THR B 873 -24.46 -17.85 -46.92
C THR B 873 -24.99 -16.63 -47.65
N CYS B 874 -24.56 -15.43 -47.26
CA CYS B 874 -25.01 -14.23 -47.95
C CYS B 874 -24.50 -14.19 -49.39
N PHE B 875 -23.28 -14.66 -49.63
CA PHE B 875 -22.76 -14.73 -50.99
C PHE B 875 -23.61 -15.66 -51.85
N LEU B 876 -23.94 -16.83 -51.30
CA LEU B 876 -24.76 -17.79 -52.04
C LEU B 876 -26.15 -17.22 -52.32
N LEU B 877 -26.76 -16.57 -51.33
CA LEU B 877 -28.06 -15.95 -51.52
C LEU B 877 -28.01 -14.87 -52.59
N GLY B 878 -26.98 -14.03 -52.55
CA GLY B 878 -26.86 -12.98 -53.55
C GLY B 878 -26.67 -13.51 -54.95
N VAL B 879 -25.83 -14.54 -55.11
CA VAL B 879 -25.63 -15.14 -56.42
C VAL B 879 -26.90 -15.80 -56.92
N GLY B 880 -27.62 -16.50 -56.04
CA GLY B 880 -28.88 -17.10 -56.44
C GLY B 880 -29.90 -16.08 -56.88
N CYS B 881 -29.99 -14.96 -56.16
CA CYS B 881 -30.90 -13.90 -56.58
C CYS B 881 -30.46 -13.29 -57.91
N ARG B 882 -29.15 -13.11 -58.10
CA ARG B 882 -28.65 -12.51 -59.33
C ARG B 882 -28.96 -13.38 -60.55
N LEU B 883 -28.82 -14.69 -60.42
CA LEU B 883 -29.05 -15.58 -61.56
C LEU B 883 -30.54 -15.75 -61.87
N THR B 884 -31.42 -15.26 -61.02
CA THR B 884 -32.86 -15.34 -61.21
C THR B 884 -33.38 -14.10 -61.90
N PRO B 885 -34.17 -14.22 -62.96
CA PRO B 885 -34.75 -13.02 -63.58
C PRO B 885 -35.65 -12.27 -62.62
N GLY B 886 -35.53 -10.94 -62.63
CA GLY B 886 -36.33 -10.09 -61.77
C GLY B 886 -35.81 -9.90 -60.36
N LEU B 887 -34.67 -10.48 -60.02
CA LEU B 887 -34.06 -10.33 -58.70
C LEU B 887 -32.65 -9.79 -58.76
N TYR B 888 -32.28 -9.10 -59.85
CA TYR B 888 -30.91 -8.63 -60.02
C TYR B 888 -30.54 -7.59 -58.96
N HIS B 889 -31.43 -6.63 -58.71
CA HIS B 889 -31.12 -5.57 -57.74
C HIS B 889 -31.03 -6.11 -56.32
N LEU B 890 -31.89 -7.06 -55.98
CA LEU B 890 -31.82 -7.68 -54.66
C LEU B 890 -30.50 -8.41 -54.48
N GLY B 891 -30.05 -9.13 -55.52
CA GLY B 891 -28.75 -9.76 -55.46
C GLY B 891 -27.62 -8.76 -55.31
N ARG B 892 -27.73 -7.63 -56.03
CA ARG B 892 -26.73 -6.57 -55.90
C ARG B 892 -26.62 -6.09 -54.47
N THR B 893 -27.75 -5.79 -53.84
CA THR B 893 -27.71 -5.26 -52.47
C THR B 893 -27.21 -6.31 -51.49
N VAL B 894 -27.63 -7.57 -51.66
CA VAL B 894 -27.16 -8.63 -50.77
C VAL B 894 -25.65 -8.80 -50.90
N LEU B 895 -25.12 -8.74 -52.11
CA LEU B 895 -23.68 -8.87 -52.28
C LEU B 895 -22.93 -7.62 -51.80
N CYS B 896 -23.57 -6.45 -51.86
CA CYS B 896 -22.95 -5.25 -51.29
C CYS B 896 -22.78 -5.38 -49.78
N ILE B 897 -23.79 -5.91 -49.08
CA ILE B 897 -23.65 -6.14 -47.64
C ILE B 897 -22.67 -7.30 -47.38
N ASP B 898 -22.67 -8.29 -48.27
CA ASP B 898 -21.77 -9.42 -48.11
C ASP B 898 -20.30 -8.99 -48.22
N PHE B 899 -20.01 -8.00 -49.07
CA PHE B 899 -18.66 -7.47 -49.13
C PHE B 899 -18.24 -6.87 -47.79
N MET B 900 -19.15 -6.15 -47.13
CA MET B 900 -18.85 -5.63 -45.80
C MET B 900 -18.58 -6.76 -44.82
N VAL B 901 -19.37 -7.83 -44.89
CA VAL B 901 -19.15 -8.97 -44.01
C VAL B 901 -17.78 -9.60 -44.26
N PHE B 902 -17.40 -9.72 -45.52
CA PHE B 902 -16.10 -10.30 -45.87
C PHE B 902 -14.94 -9.41 -45.44
N THR B 903 -15.12 -8.08 -45.53
CA THR B 903 -14.00 -7.18 -45.27
C THR B 903 -13.66 -7.10 -43.78
N VAL B 904 -14.68 -7.13 -42.92
CA VAL B 904 -14.42 -7.08 -41.48
C VAL B 904 -13.73 -8.35 -41.00
N ARG B 905 -13.77 -9.42 -41.79
CA ARG B 905 -13.02 -10.63 -41.47
C ARG B 905 -11.52 -10.41 -41.48
N LEU B 906 -11.06 -9.32 -42.10
CA LEU B 906 -9.63 -9.01 -42.12
C LEU B 906 -9.08 -8.76 -40.72
N LEU B 907 -9.94 -8.42 -39.76
CA LEU B 907 -9.47 -8.13 -38.41
C LEU B 907 -8.80 -9.33 -37.76
N HIS B 908 -9.13 -10.55 -38.18
CA HIS B 908 -8.49 -11.73 -37.61
C HIS B 908 -6.99 -11.75 -37.92
N ILE B 909 -6.59 -11.16 -39.05
CA ILE B 909 -5.18 -11.09 -39.40
C ILE B 909 -4.41 -10.25 -38.39
N PHE B 910 -5.06 -9.25 -37.79
CA PHE B 910 -4.39 -8.34 -36.88
C PHE B 910 -3.85 -9.03 -35.64
N THR B 911 -4.39 -10.21 -35.28
CA THR B 911 -4.00 -10.88 -34.06
C THR B 911 -2.58 -11.44 -34.11
N VAL B 912 -1.94 -11.43 -35.28
CA VAL B 912 -0.55 -11.82 -35.37
C VAL B 912 0.37 -10.78 -34.76
N ASN B 913 -0.12 -9.55 -34.57
CA ASN B 913 0.69 -8.43 -34.10
C ASN B 913 0.29 -8.09 -32.67
N LYS B 914 1.30 -7.82 -31.84
CA LYS B 914 1.06 -7.54 -30.43
C LYS B 914 0.32 -6.24 -30.21
N GLN B 915 0.58 -5.23 -31.06
CA GLN B 915 -0.09 -3.94 -30.92
C GLN B 915 -1.53 -4.00 -31.41
N LEU B 916 -1.77 -4.67 -32.53
CA LEU B 916 -3.09 -4.67 -33.16
C LEU B 916 -4.04 -5.70 -32.55
N GLY B 917 -3.51 -6.74 -31.89
CA GLY B 917 -4.32 -7.82 -31.38
C GLY B 917 -5.40 -7.43 -30.38
N PRO B 918 -4.99 -6.94 -29.22
CA PRO B 918 -5.98 -6.60 -28.18
C PRO B 918 -6.94 -5.49 -28.57
N LYS B 919 -6.58 -4.65 -29.55
CA LYS B 919 -7.50 -3.61 -29.99
C LYS B 919 -8.77 -4.19 -30.58
N ILE B 920 -8.71 -5.40 -31.14
CA ILE B 920 -9.90 -6.07 -31.64
C ILE B 920 -10.86 -6.39 -30.51
N VAL B 921 -10.33 -6.90 -29.39
CA VAL B 921 -11.15 -7.16 -28.22
C VAL B 921 -11.74 -5.86 -27.70
N ILE B 922 -10.93 -4.80 -27.68
CA ILE B 922 -11.41 -3.50 -27.22
C ILE B 922 -12.58 -3.02 -28.07
N VAL B 923 -12.45 -3.14 -29.40
CA VAL B 923 -13.53 -2.72 -30.30
C VAL B 923 -14.78 -3.58 -30.09
N SER B 924 -14.58 -4.89 -29.89
CA SER B 924 -15.72 -5.78 -29.67
C SER B 924 -16.50 -5.40 -28.42
N LYS B 925 -15.80 -5.00 -27.35
CA LYS B 925 -16.50 -4.60 -26.14
C LYS B 925 -17.11 -3.19 -26.27
N MET B 926 -16.43 -2.31 -27.01
CA MET B 926 -17.01 -1.00 -27.30
C MET B 926 -18.30 -1.11 -28.09
N MET B 927 -18.45 -2.17 -28.89
CA MET B 927 -19.71 -2.38 -29.57
C MET B 927 -20.86 -2.64 -28.58
N LYS B 928 -20.60 -3.41 -27.52
CA LYS B 928 -21.61 -3.59 -26.48
C LYS B 928 -21.89 -2.28 -25.76
N ASP B 929 -20.85 -1.47 -25.52
CA ASP B 929 -21.06 -0.14 -24.97
C ASP B 929 -22.03 0.67 -25.84
N VAL B 930 -21.82 0.64 -27.17
CA VAL B 930 -22.70 1.35 -28.08
C VAL B 930 -24.13 0.81 -28.00
N PHE B 931 -24.26 -0.52 -27.92
CA PHE B 931 -25.58 -1.13 -27.83
C PHE B 931 -26.32 -0.61 -26.60
N PHE B 932 -25.63 -0.49 -25.47
CA PHE B 932 -26.31 0.02 -24.27
C PHE B 932 -26.58 1.51 -24.35
N PHE B 933 -25.70 2.27 -25.02
CA PHE B 933 -25.92 3.71 -25.19
C PHE B 933 -27.14 3.98 -26.06
N LEU B 934 -27.44 3.07 -26.98
CA LEU B 934 -28.55 3.29 -27.91
C LEU B 934 -29.90 3.39 -27.21
N PHE B 935 -30.05 2.83 -26.00
CA PHE B 935 -31.33 2.98 -25.29
C PHE B 935 -31.56 4.43 -24.87
N PHE B 936 -30.56 5.05 -24.25
CA PHE B 936 -30.66 6.47 -23.90
C PHE B 936 -30.84 7.32 -25.13
N LEU B 937 -30.07 7.02 -26.19
CA LEU B 937 -30.18 7.80 -27.42
C LEU B 937 -31.59 7.71 -28.00
N GLY B 938 -32.18 6.51 -28.00
CA GLY B 938 -33.52 6.35 -28.53
C GLY B 938 -34.57 7.07 -27.72
N VAL B 939 -34.47 7.01 -26.39
CA VAL B 939 -35.44 7.71 -25.55
C VAL B 939 -35.38 9.21 -25.80
N TRP B 940 -34.16 9.78 -25.80
CA TRP B 940 -34.04 11.21 -26.00
C TRP B 940 -34.46 11.62 -27.41
N LEU B 941 -34.13 10.81 -28.41
CA LEU B 941 -34.56 11.10 -29.77
C LEU B 941 -36.07 11.08 -29.91
N VAL B 942 -36.73 10.10 -29.31
CA VAL B 942 -38.18 10.04 -29.38
C VAL B 942 -38.79 11.30 -28.76
N ALA B 943 -38.36 11.64 -27.54
CA ALA B 943 -38.93 12.81 -26.87
C ALA B 943 -38.74 14.07 -27.70
N TYR B 944 -37.47 14.37 -28.06
CA TYR B 944 -37.17 15.61 -28.76
C TYR B 944 -37.81 15.66 -30.14
N GLY B 945 -37.71 14.58 -30.91
CA GLY B 945 -38.24 14.58 -32.26
C GLY B 945 -39.75 14.72 -32.29
N VAL B 946 -40.45 14.01 -31.41
CA VAL B 946 -41.91 14.13 -31.41
C VAL B 946 -42.34 15.52 -30.95
N ALA B 947 -41.65 16.08 -29.94
CA ALA B 947 -42.00 17.44 -29.53
C ALA B 947 -41.78 18.45 -30.65
N THR B 948 -40.64 18.35 -31.35
CA THR B 948 -40.35 19.30 -32.42
C THR B 948 -41.33 19.14 -33.58
N GLU B 949 -41.65 17.89 -33.93
CA GLU B 949 -42.60 17.65 -35.02
C GLU B 949 -43.99 18.16 -34.66
N GLY B 950 -44.40 17.99 -33.41
CA GLY B 950 -45.68 18.53 -32.97
C GLY B 950 -45.72 20.04 -32.95
N LEU B 951 -44.62 20.67 -32.59
CA LEU B 951 -44.58 22.14 -32.59
C LEU B 951 -44.56 22.71 -33.99
N LEU B 952 -43.80 22.10 -34.91
CA LEU B 952 -43.66 22.65 -36.25
C LEU B 952 -44.88 22.41 -37.12
N ARG B 953 -45.58 21.28 -36.93
CA ARG B 953 -46.75 20.92 -37.70
C ARG B 953 -46.54 20.98 -39.22
N PRO B 954 -45.59 20.21 -39.76
CA PRO B 954 -45.39 20.23 -41.21
C PRO B 954 -46.63 19.74 -41.94
N ARG B 955 -46.96 20.40 -43.06
CA ARG B 955 -48.16 20.02 -43.80
C ARG B 955 -47.93 18.77 -44.63
N ASP B 956 -46.71 18.55 -45.12
CA ASP B 956 -46.36 17.33 -45.84
C ASP B 956 -46.06 16.24 -44.81
N SER B 957 -47.11 15.64 -44.30
CA SER B 957 -47.01 14.63 -43.24
C SER B 957 -47.46 13.28 -43.78
N ASP B 958 -46.55 12.31 -43.75
CA ASP B 958 -46.86 10.91 -43.95
C ASP B 958 -45.82 10.12 -43.18
N PHE B 959 -46.10 8.83 -42.97
CA PHE B 959 -45.29 8.04 -42.05
C PHE B 959 -43.79 8.08 -42.36
N PRO B 960 -43.33 7.90 -43.60
CA PRO B 960 -41.87 8.01 -43.84
C PRO B 960 -41.30 9.38 -43.54
N SER B 961 -42.01 10.45 -43.91
CA SER B 961 -41.51 11.79 -43.63
C SER B 961 -41.49 12.08 -42.13
N ILE B 962 -42.54 11.65 -41.42
CA ILE B 962 -42.59 11.83 -39.97
C ILE B 962 -41.44 11.09 -39.31
N LEU B 963 -41.19 9.85 -39.73
CA LEU B 963 -40.08 9.09 -39.17
C LEU B 963 -38.75 9.78 -39.46
N ARG B 964 -38.58 10.30 -40.68
CA ARG B 964 -37.34 10.96 -41.05
C ARG B 964 -37.10 12.20 -40.20
N ARG B 965 -38.14 13.00 -39.97
CA ARG B 965 -37.97 14.21 -39.18
C ARG B 965 -37.96 13.96 -37.68
N VAL B 966 -38.43 12.81 -37.22
CA VAL B 966 -38.41 12.52 -35.79
C VAL B 966 -37.09 11.85 -35.39
N PHE B 967 -36.58 10.94 -36.21
CA PHE B 967 -35.39 10.18 -35.87
C PHE B 967 -34.15 10.60 -36.65
N TYR B 968 -34.26 10.67 -37.98
CA TYR B 968 -33.07 10.86 -38.81
C TYR B 968 -32.51 12.28 -38.68
N ARG B 969 -33.36 13.30 -38.80
CA ARG B 969 -32.86 14.66 -38.74
C ARG B 969 -32.26 15.05 -37.39
N PRO B 970 -32.88 14.74 -36.24
CA PRO B 970 -32.20 15.03 -34.97
C PRO B 970 -30.91 14.23 -34.80
N TYR B 971 -30.83 13.03 -35.37
CA TYR B 971 -29.63 12.22 -35.23
C TYR B 971 -28.42 12.89 -35.90
N LEU B 972 -28.63 13.47 -37.07
CA LEU B 972 -27.53 14.14 -37.77
C LEU B 972 -27.09 15.42 -37.07
N GLN B 973 -27.93 15.98 -36.19
CA GLN B 973 -27.51 17.15 -35.43
C GLN B 973 -26.40 16.81 -34.44
N ILE B 974 -26.33 15.55 -34.00
CA ILE B 974 -25.25 15.13 -33.11
C ILE B 974 -23.91 15.25 -33.82
N PHE B 975 -23.90 15.17 -35.14
CA PHE B 975 -22.67 15.23 -35.92
C PHE B 975 -22.55 16.54 -36.71
N GLY B 976 -23.15 17.61 -36.21
CA GLY B 976 -22.94 18.94 -36.76
C GLY B 976 -23.80 19.31 -37.94
N GLN B 977 -24.82 18.52 -38.28
CA GLN B 977 -25.71 18.85 -39.38
C GLN B 977 -26.97 19.47 -38.80
N ILE B 978 -26.98 20.80 -38.71
CA ILE B 978 -28.04 21.55 -38.06
C ILE B 978 -28.73 22.42 -39.10
N PRO B 979 -29.92 22.02 -39.57
CA PRO B 979 -30.67 22.79 -40.59
C PRO B 979 -31.53 23.88 -39.98
N GLN B 980 -30.91 25.02 -39.66
CA GLN B 980 -31.62 26.12 -39.03
C GLN B 980 -32.73 26.66 -39.92
N GLU B 981 -32.50 26.70 -41.23
CA GLU B 981 -33.47 27.27 -42.15
C GLU B 981 -34.74 26.44 -42.26
N ASP B 982 -34.71 25.18 -41.81
CA ASP B 982 -35.88 24.32 -41.85
C ASP B 982 -36.62 24.24 -40.53
N MET B 983 -36.10 24.85 -39.47
CA MET B 983 -36.73 24.82 -38.17
C MET B 983 -37.03 26.19 -37.59
N ASP B 984 -36.30 27.23 -37.99
CA ASP B 984 -36.44 28.57 -37.45
C ASP B 984 -37.22 29.42 -38.45
N VAL B 985 -38.38 29.92 -38.05
CA VAL B 985 -39.23 30.68 -38.96
C VAL B 985 -38.72 32.09 -39.18
N ALA B 986 -37.76 32.55 -38.38
CA ALA B 986 -37.13 33.84 -38.64
C ALA B 986 -36.24 33.80 -39.87
N LEU B 987 -35.84 32.61 -40.31
CA LEU B 987 -35.02 32.43 -41.50
C LEU B 987 -35.83 31.97 -42.71
N MET B 988 -37.15 31.83 -42.56
CA MET B 988 -38.02 31.42 -43.65
C MET B 988 -38.81 32.62 -44.17
N GLU B 989 -39.42 32.44 -45.33
CA GLU B 989 -40.37 33.41 -45.83
C GLU B 989 -41.77 33.08 -45.31
N HIS B 990 -42.53 34.12 -45.00
CA HIS B 990 -43.87 33.98 -44.44
C HIS B 990 -44.89 34.09 -45.56
N SER B 991 -45.68 33.04 -45.74
CA SER B 991 -46.63 33.00 -46.83
C SER B 991 -47.90 32.30 -46.38
N ASN B 992 -49.00 32.58 -47.08
CA ASN B 992 -50.30 31.94 -46.82
C ASN B 992 -50.38 30.59 -47.55
N CYS B 993 -49.52 29.68 -47.12
CA CYS B 993 -49.45 28.33 -47.70
C CYS B 993 -50.24 27.30 -46.89
N SER B 994 -51.28 27.73 -46.19
CA SER B 994 -52.10 26.82 -45.42
C SER B 994 -53.52 27.38 -45.34
N SER B 995 -54.48 26.49 -45.09
CA SER B 995 -55.87 26.89 -44.95
C SER B 995 -56.28 27.10 -43.49
N GLU B 996 -55.51 26.56 -42.55
CA GLU B 996 -55.84 26.67 -41.14
C GLU B 996 -55.58 28.09 -40.64
N PRO B 997 -56.27 28.49 -39.57
CA PRO B 997 -55.98 29.79 -38.95
C PRO B 997 -54.59 29.82 -38.36
N GLY B 998 -54.00 31.01 -38.32
CA GLY B 998 -52.66 31.19 -37.81
C GLY B 998 -51.67 31.59 -38.89
N PHE B 999 -50.43 31.78 -38.46
CA PHE B 999 -49.36 32.22 -39.33
C PHE B 999 -48.44 31.05 -39.67
N TRP B 1000 -48.02 30.99 -40.93
CA TRP B 1000 -47.26 29.87 -41.45
C TRP B 1000 -46.05 30.36 -42.23
N ALA B 1001 -45.05 29.50 -42.36
CA ALA B 1001 -43.81 29.82 -43.06
C ALA B 1001 -43.41 28.65 -43.95
N HIS B 1002 -42.60 28.93 -44.96
CA HIS B 1002 -42.22 27.95 -45.94
C HIS B 1002 -40.76 27.56 -45.76
N PRO B 1003 -40.44 26.34 -45.35
CA PRO B 1003 -39.04 25.90 -45.29
C PRO B 1003 -38.53 25.55 -46.68
N PRO B 1004 -37.27 25.86 -46.97
CA PRO B 1004 -36.74 25.55 -48.30
C PRO B 1004 -36.34 24.10 -48.50
N GLY B 1005 -36.19 23.32 -47.43
CA GLY B 1005 -35.75 21.95 -47.57
C GLY B 1005 -36.75 21.09 -48.32
N ALA B 1006 -36.23 20.12 -49.08
CA ALA B 1006 -37.09 19.23 -49.84
C ALA B 1006 -37.91 18.33 -48.93
N GLN B 1007 -37.31 17.82 -47.86
CA GLN B 1007 -37.98 16.93 -46.92
C GLN B 1007 -38.34 17.61 -45.61
N ALA B 1008 -38.38 18.94 -45.58
CA ALA B 1008 -38.67 19.67 -44.36
C ALA B 1008 -40.16 19.97 -44.18
N GLY B 1009 -41.01 19.55 -45.11
CA GLY B 1009 -42.40 19.92 -45.08
C GLY B 1009 -42.62 21.22 -45.82
N THR B 1010 -43.70 21.33 -46.59
CA THR B 1010 -43.92 22.52 -47.39
C THR B 1010 -44.25 23.74 -46.53
N CYS B 1011 -44.95 23.54 -45.42
CA CYS B 1011 -45.45 24.67 -44.64
C CYS B 1011 -45.43 24.28 -43.16
N VAL B 1012 -44.87 25.16 -42.32
CA VAL B 1012 -44.77 24.91 -40.89
C VAL B 1012 -45.41 26.07 -40.13
N SER B 1013 -45.79 25.80 -38.89
CA SER B 1013 -46.45 26.80 -38.05
C SER B 1013 -45.44 27.73 -37.41
N GLN B 1014 -45.81 29.01 -37.32
CA GLN B 1014 -44.97 30.00 -36.65
C GLN B 1014 -45.23 30.09 -35.16
N TYR B 1015 -46.28 29.43 -34.65
CA TYR B 1015 -46.66 29.59 -33.26
C TYR B 1015 -45.62 28.96 -32.33
N ALA B 1016 -45.10 29.76 -31.39
CA ALA B 1016 -44.15 29.30 -30.39
C ALA B 1016 -42.89 28.70 -31.02
N ASN B 1017 -42.37 29.34 -32.06
CA ASN B 1017 -41.14 28.87 -32.68
C ASN B 1017 -39.93 29.11 -31.78
N TRP B 1018 -40.01 30.10 -30.89
CA TRP B 1018 -38.97 30.27 -29.87
C TRP B 1018 -38.80 29.00 -29.05
N LEU B 1019 -39.89 28.26 -28.84
CA LEU B 1019 -39.79 27.00 -28.11
C LEU B 1019 -39.08 25.93 -28.93
N VAL B 1020 -39.26 25.93 -30.25
CA VAL B 1020 -38.49 25.03 -31.12
C VAL B 1020 -37.01 25.37 -31.02
N VAL B 1021 -36.67 26.65 -31.04
CA VAL B 1021 -35.28 27.06 -30.93
C VAL B 1021 -34.70 26.67 -29.58
N LEU B 1022 -35.49 26.85 -28.50
CA LEU B 1022 -35.04 26.46 -27.18
C LEU B 1022 -34.83 24.95 -27.07
N LEU B 1023 -35.72 24.17 -27.70
CA LEU B 1023 -35.56 22.72 -27.72
C LEU B 1023 -34.29 22.33 -28.47
N LEU B 1024 -33.98 23.03 -29.56
CA LEU B 1024 -32.71 22.77 -30.26
C LEU B 1024 -31.52 23.08 -29.37
N VAL B 1025 -31.59 24.20 -28.63
CA VAL B 1025 -30.50 24.58 -27.73
C VAL B 1025 -30.30 23.51 -26.65
N ILE B 1026 -31.40 23.01 -26.09
CA ILE B 1026 -31.31 21.98 -25.06
C ILE B 1026 -30.80 20.67 -25.65
N PHE B 1027 -31.22 20.35 -26.88
CA PHE B 1027 -30.78 19.13 -27.54
C PHE B 1027 -29.28 19.14 -27.77
N LEU B 1028 -28.74 20.27 -28.22
CA LEU B 1028 -27.30 20.34 -28.50
C LEU B 1028 -26.47 20.14 -27.25
N LEU B 1029 -27.05 20.41 -26.07
CA LEU B 1029 -26.34 20.21 -24.83
C LEU B 1029 -26.52 18.80 -24.29
N VAL B 1030 -27.75 18.28 -24.38
CA VAL B 1030 -28.04 16.96 -23.83
C VAL B 1030 -27.41 15.85 -24.66
N ALA B 1031 -27.52 15.94 -25.98
CA ALA B 1031 -27.10 14.84 -26.86
C ALA B 1031 -25.64 14.97 -27.28
N ASN B 1032 -25.28 16.11 -27.88
CA ASN B 1032 -23.94 16.25 -28.46
C ASN B 1032 -22.86 16.16 -27.40
N ILE B 1033 -23.15 16.59 -26.17
CA ILE B 1033 -22.12 16.61 -25.14
C ILE B 1033 -22.37 15.52 -24.10
N LEU B 1034 -23.53 15.56 -23.45
CA LEU B 1034 -23.73 14.72 -22.27
C LEU B 1034 -23.79 13.24 -22.63
N LEU B 1035 -24.67 12.86 -23.55
CA LEU B 1035 -24.83 11.44 -23.88
C LEU B 1035 -23.62 10.90 -24.63
N VAL B 1036 -23.08 11.69 -25.55
CA VAL B 1036 -21.89 11.27 -26.30
C VAL B 1036 -20.72 11.05 -25.35
N ASN B 1037 -20.55 11.93 -24.37
CA ASN B 1037 -19.45 11.76 -23.43
C ASN B 1037 -19.72 10.70 -22.38
N LEU B 1038 -20.99 10.40 -22.08
CA LEU B 1038 -21.30 9.19 -21.31
C LEU B 1038 -20.82 7.94 -22.04
N LEU B 1039 -21.11 7.86 -23.33
CA LEU B 1039 -20.63 6.74 -24.14
C LEU B 1039 -19.11 6.73 -24.18
N ILE B 1040 -18.48 7.90 -24.28
CA ILE B 1040 -17.02 7.97 -24.34
C ILE B 1040 -16.39 7.53 -23.02
N ALA B 1041 -17.03 7.87 -21.89
CA ALA B 1041 -16.52 7.42 -20.60
C ALA B 1041 -16.64 5.90 -20.47
N MET B 1042 -17.75 5.34 -20.95
CA MET B 1042 -17.85 3.88 -21.02
C MET B 1042 -16.74 3.29 -21.88
N PHE B 1043 -16.47 3.93 -23.02
CA PHE B 1043 -15.39 3.49 -23.89
C PHE B 1043 -14.04 3.51 -23.16
N SER B 1044 -13.78 4.58 -22.41
CA SER B 1044 -12.51 4.70 -21.71
C SER B 1044 -12.37 3.62 -20.64
N TYR B 1045 -13.44 3.35 -19.91
CA TYR B 1045 -13.40 2.29 -18.91
C TYR B 1045 -13.12 0.93 -19.56
N THR B 1046 -13.82 0.64 -20.65
CA THR B 1046 -13.60 -0.61 -21.38
C THR B 1046 -12.17 -0.70 -21.90
N PHE B 1047 -11.64 0.40 -22.45
CA PHE B 1047 -10.29 0.40 -22.99
C PHE B 1047 -9.27 0.14 -21.89
N GLY B 1048 -9.44 0.78 -20.73
CA GLY B 1048 -8.51 0.58 -19.64
C GLY B 1048 -8.52 -0.84 -19.11
N LYS B 1049 -9.70 -1.47 -19.07
CA LYS B 1049 -9.78 -2.84 -18.58
C LYS B 1049 -8.94 -3.79 -19.43
N VAL B 1050 -8.98 -3.63 -20.76
CA VAL B 1050 -8.23 -4.52 -21.62
C VAL B 1050 -6.76 -4.10 -21.72
N GLN B 1051 -6.50 -2.79 -21.67
CA GLN B 1051 -5.12 -2.30 -21.73
C GLN B 1051 -4.34 -2.71 -20.49
N GLY B 1052 -5.02 -2.96 -19.38
CA GLY B 1052 -4.34 -3.50 -18.21
C GLY B 1052 -3.72 -4.86 -18.45
N ASN B 1053 -4.37 -5.72 -19.23
CA ASN B 1053 -3.89 -7.09 -19.47
C ASN B 1053 -3.72 -7.40 -20.96
N SER B 1054 -3.14 -6.46 -21.72
CA SER B 1054 -3.09 -6.65 -23.17
C SER B 1054 -2.22 -7.83 -23.60
N ASP B 1055 -1.12 -8.08 -22.88
CA ASP B 1055 -0.22 -9.16 -23.27
C ASP B 1055 -0.88 -10.53 -23.10
N LEU B 1056 -1.65 -10.71 -22.04
CA LEU B 1056 -2.37 -11.98 -21.85
C LEU B 1056 -3.35 -12.22 -22.99
N TYR B 1057 -4.12 -11.20 -23.35
CA TYR B 1057 -5.07 -11.31 -24.46
C TYR B 1057 -4.34 -11.66 -25.74
N TRP B 1058 -3.22 -10.97 -26.02
CA TRP B 1058 -2.53 -11.20 -27.28
C TRP B 1058 -1.91 -12.58 -27.33
N LYS B 1059 -1.43 -13.09 -26.20
CA LYS B 1059 -0.79 -14.41 -26.22
C LYS B 1059 -1.82 -15.52 -26.34
N ALA B 1060 -3.01 -15.34 -25.76
CA ALA B 1060 -4.10 -16.26 -26.04
C ALA B 1060 -4.49 -16.23 -27.53
N GLN B 1061 -4.61 -15.02 -28.09
CA GLN B 1061 -4.90 -14.89 -29.52
C GLN B 1061 -3.83 -15.55 -30.37
N ARG B 1062 -2.57 -15.42 -29.94
CA ARG B 1062 -1.46 -16.02 -30.67
C ARG B 1062 -1.55 -17.53 -30.66
N TYR B 1063 -1.90 -18.11 -29.51
CA TYR B 1063 -2.13 -19.56 -29.47
C TYR B 1063 -3.23 -19.95 -30.45
N ARG B 1064 -4.34 -19.21 -30.45
CA ARG B 1064 -5.45 -19.55 -31.34
C ARG B 1064 -5.03 -19.49 -32.80
N LEU B 1065 -4.29 -18.44 -33.17
CA LEU B 1065 -3.85 -18.29 -34.56
C LEU B 1065 -2.89 -19.39 -34.97
N ILE B 1066 -1.91 -19.71 -34.10
CA ILE B 1066 -0.94 -20.75 -34.42
C ILE B 1066 -1.64 -22.10 -34.56
N ARG B 1067 -2.60 -22.38 -33.67
CA ARG B 1067 -3.35 -23.62 -33.78
C ARG B 1067 -4.16 -23.67 -35.06
N GLU B 1068 -4.76 -22.54 -35.46
CA GLU B 1068 -5.54 -22.48 -36.69
C GLU B 1068 -4.68 -22.78 -37.91
N PHE B 1069 -3.50 -22.18 -37.99
CA PHE B 1069 -2.71 -22.35 -39.20
C PHE B 1069 -1.73 -23.52 -39.13
N HIS B 1070 -1.70 -24.27 -38.02
CA HIS B 1070 -0.85 -25.44 -37.95
C HIS B 1070 -1.40 -26.60 -38.78
N SER B 1071 -2.71 -26.61 -39.03
CA SER B 1071 -3.34 -27.72 -39.74
C SER B 1071 -3.94 -27.31 -41.09
N ARG B 1072 -3.84 -26.05 -41.49
CA ARG B 1072 -4.39 -25.63 -42.76
C ARG B 1072 -3.55 -26.14 -43.92
N PRO B 1073 -4.16 -26.44 -45.07
CA PRO B 1073 -3.38 -26.83 -46.25
C PRO B 1073 -2.42 -25.72 -46.67
N ALA B 1074 -1.30 -26.13 -47.28
CA ALA B 1074 -0.23 -25.20 -47.61
C ALA B 1074 -0.56 -24.32 -48.81
N LEU B 1075 -1.53 -24.70 -49.63
CA LEU B 1075 -1.89 -23.89 -50.79
C LEU B 1075 -3.03 -22.93 -50.44
N ALA B 1076 -2.86 -21.68 -50.80
CA ALA B 1076 -3.87 -20.67 -50.55
C ALA B 1076 -4.94 -20.71 -51.64
N PRO B 1077 -6.16 -20.26 -51.32
CA PRO B 1077 -7.22 -20.23 -52.34
C PRO B 1077 -6.86 -19.28 -53.47
N PRO B 1078 -7.36 -19.53 -54.68
CA PRO B 1078 -8.26 -20.62 -55.08
C PRO B 1078 -7.49 -21.90 -55.42
N PHE B 1079 -6.16 -21.88 -55.28
CA PHE B 1079 -5.36 -23.07 -55.55
C PHE B 1079 -5.52 -24.14 -54.47
N ILE B 1080 -6.22 -23.81 -53.38
CA ILE B 1080 -6.43 -24.74 -52.27
C ILE B 1080 -7.29 -25.92 -52.74
N VAL B 1081 -7.91 -25.79 -53.91
CA VAL B 1081 -8.70 -26.89 -54.47
C VAL B 1081 -7.81 -28.11 -54.73
N ILE B 1082 -6.53 -27.89 -55.02
CA ILE B 1082 -5.62 -29.01 -55.23
C ILE B 1082 -5.44 -29.81 -53.94
N SER B 1083 -5.24 -29.11 -52.82
CA SER B 1083 -5.06 -29.79 -51.55
C SER B 1083 -6.34 -30.51 -51.12
N HIS B 1084 -7.49 -29.88 -51.33
CA HIS B 1084 -8.75 -30.55 -51.00
C HIS B 1084 -8.95 -31.79 -51.84
N LEU B 1085 -8.60 -31.73 -53.12
CA LEU B 1085 -8.72 -32.90 -53.99
C LEU B 1085 -7.76 -34.01 -53.55
N ARG B 1086 -6.54 -33.63 -53.15
CA ARG B 1086 -5.59 -34.62 -52.64
C ARG B 1086 -6.13 -35.29 -51.39
N LEU B 1087 -6.69 -34.51 -50.46
CA LEU B 1087 -7.26 -35.08 -49.24
C LEU B 1087 -8.43 -36.00 -49.57
N LEU B 1088 -9.28 -35.59 -50.52
CA LEU B 1088 -10.42 -36.41 -50.90
C LEU B 1088 -9.98 -37.74 -51.51
N LEU B 1089 -8.94 -37.69 -52.35
CA LEU B 1089 -8.41 -38.93 -52.92
C LEU B 1089 -7.77 -39.80 -51.85
N ARG B 1090 -7.07 -39.18 -50.90
CA ARG B 1090 -6.46 -39.93 -49.81
C ARG B 1090 -7.51 -40.65 -48.97
N GLN B 1091 -8.65 -40.02 -48.75
CA GLN B 1091 -9.72 -40.64 -47.98
C GLN B 1091 -10.51 -41.67 -48.78
N LEU B 1092 -10.79 -41.39 -50.06
CA LEU B 1092 -11.66 -42.24 -50.86
C LEU B 1092 -10.94 -43.43 -51.46
N CYS B 1093 -9.61 -43.49 -51.37
CA CYS B 1093 -8.85 -44.59 -51.93
C CYS B 1093 -7.82 -45.11 -50.94
N TYR B 1112 3.28 -51.05 -23.94
CA TYR B 1112 4.01 -51.13 -22.67
C TYR B 1112 5.07 -50.04 -22.55
N LEU B 1113 5.76 -49.78 -23.66
CA LEU B 1113 6.79 -48.74 -23.66
C LEU B 1113 6.18 -47.35 -23.47
N SER B 1114 5.02 -47.10 -24.08
CA SER B 1114 4.36 -45.81 -23.92
C SER B 1114 4.01 -45.55 -22.47
N LYS B 1115 3.48 -46.55 -21.78
CA LYS B 1115 3.15 -46.38 -20.36
C LYS B 1115 4.40 -46.25 -19.50
N GLU B 1116 5.49 -46.89 -19.90
CA GLU B 1116 6.77 -46.70 -19.21
C GLU B 1116 7.22 -45.25 -19.29
N ALA B 1117 7.20 -44.69 -20.50
CA ALA B 1117 7.58 -43.28 -20.66
C ALA B 1117 6.62 -42.36 -19.92
N GLU B 1118 5.33 -42.70 -19.94
CA GLU B 1118 4.35 -41.92 -19.20
C GLU B 1118 4.65 -41.91 -17.70
N ARG B 1119 4.99 -43.08 -17.15
CA ARG B 1119 5.30 -43.17 -15.73
C ARG B 1119 6.56 -42.37 -15.40
N LYS B 1120 7.58 -42.46 -16.25
CA LYS B 1120 8.80 -41.68 -16.02
C LYS B 1120 8.52 -40.19 -16.04
N LEU B 1121 7.73 -39.73 -17.03
CA LEU B 1121 7.40 -38.31 -17.13
C LEU B 1121 6.59 -37.85 -15.92
N LEU B 1122 5.63 -38.65 -15.47
CA LEU B 1122 4.83 -38.27 -14.31
C LEU B 1122 5.66 -38.26 -13.04
N THR B 1123 6.62 -39.18 -12.90
CA THR B 1123 7.51 -39.13 -11.75
C THR B 1123 8.36 -37.87 -11.75
N TRP B 1124 8.87 -37.49 -12.92
CA TRP B 1124 9.62 -36.24 -13.03
C TRP B 1124 8.77 -35.04 -12.63
N GLU B 1125 7.53 -35.00 -13.12
CA GLU B 1125 6.63 -33.90 -12.78
C GLU B 1125 6.32 -33.86 -11.29
N SER B 1126 6.08 -35.03 -10.69
CA SER B 1126 5.74 -35.06 -9.26
C SER B 1126 6.94 -34.67 -8.40
N VAL B 1127 8.15 -35.03 -8.82
CA VAL B 1127 9.34 -34.59 -8.09
C VAL B 1127 9.46 -33.07 -8.15
N HIS B 1128 9.21 -32.47 -9.32
CA HIS B 1128 9.29 -31.02 -9.38
C HIS B 1128 8.15 -30.35 -8.62
N LYS B 1129 6.98 -30.97 -8.57
CA LYS B 1129 5.91 -30.46 -7.71
C LYS B 1129 6.32 -30.49 -6.24
N GLU B 1130 6.99 -31.56 -5.82
CA GLU B 1130 7.47 -31.64 -4.44
C GLU B 1130 8.50 -30.55 -4.15
N ASN B 1131 9.42 -30.30 -5.08
CA ASN B 1131 10.38 -29.21 -4.89
C ASN B 1131 9.67 -27.87 -4.78
N PHE B 1132 8.66 -27.64 -5.63
CA PHE B 1132 7.89 -26.41 -5.60
C PHE B 1132 7.19 -26.22 -4.24
N LEU B 1133 6.57 -27.30 -3.74
CA LEU B 1133 5.87 -27.22 -2.46
C LEU B 1133 6.84 -27.03 -1.30
N LEU B 1134 8.01 -27.68 -1.35
CA LEU B 1134 9.02 -27.48 -0.32
C LEU B 1134 9.51 -26.04 -0.31
N ALA B 1135 9.73 -25.46 -1.49
CA ALA B 1135 10.15 -24.07 -1.56
C ALA B 1135 9.09 -23.15 -0.98
N ARG B 1136 7.82 -23.41 -1.28
CA ARG B 1136 6.75 -22.59 -0.70
C ARG B 1136 6.70 -22.71 0.82
N ALA B 1137 6.81 -23.93 1.33
CA ALA B 1137 6.79 -24.13 2.79
C ALA B 1137 7.98 -23.46 3.45
N ARG B 1138 9.16 -23.53 2.83
CA ARG B 1138 10.34 -22.90 3.39
C ARG B 1138 10.21 -21.38 3.38
N ASP B 1139 9.62 -20.82 2.33
CA ASP B 1139 9.35 -19.38 2.32
C ASP B 1139 8.36 -18.99 3.40
N LYS B 1140 7.33 -19.81 3.63
CA LYS B 1140 6.35 -19.51 4.66
C LYS B 1140 6.97 -19.56 6.05
N ARG B 1141 7.87 -20.52 6.27
CA ARG B 1141 8.46 -20.69 7.60
C ARG B 1141 9.29 -19.46 8.01
N GLU B 1142 9.90 -18.79 7.05
CA GLU B 1142 10.78 -17.67 7.35
C GLU B 1142 10.09 -16.31 7.33
N SER B 1143 8.76 -16.28 7.22
CA SER B 1143 8.04 -15.01 7.28
C SER B 1143 8.13 -14.43 8.69
N ASP B 1144 7.88 -13.12 8.79
CA ASP B 1144 7.99 -12.45 10.08
C ASP B 1144 6.91 -12.93 11.05
N SER B 1145 5.71 -13.22 10.55
CA SER B 1145 4.64 -13.69 11.42
C SER B 1145 5.00 -15.03 12.07
N GLU B 1146 5.54 -15.96 11.28
CA GLU B 1146 5.94 -17.24 11.83
C GLU B 1146 7.14 -17.11 12.77
N ARG B 1147 8.08 -16.22 12.45
CA ARG B 1147 9.18 -15.96 13.37
C ARG B 1147 8.67 -15.45 14.71
N LEU B 1148 7.73 -14.50 14.67
CA LEU B 1148 7.18 -13.98 15.91
C LEU B 1148 6.42 -15.04 16.69
N LYS B 1149 5.67 -15.90 15.99
CA LYS B 1149 4.95 -16.98 16.66
C LYS B 1149 5.93 -17.94 17.35
N ARG B 1150 7.00 -18.32 16.65
CA ARG B 1150 7.98 -19.21 17.26
C ARG B 1150 8.71 -18.54 18.41
N THR B 1151 8.96 -17.23 18.31
CA THR B 1151 9.58 -16.50 19.41
C THR B 1151 8.68 -16.51 20.64
N SER B 1152 7.38 -16.31 20.44
CA SER B 1152 6.44 -16.37 21.55
C SER B 1152 6.45 -17.75 22.19
N GLN B 1153 6.44 -18.80 21.36
CA GLN B 1153 6.46 -20.15 21.90
C GLN B 1153 7.75 -20.45 22.68
N LYS B 1154 8.89 -19.99 22.17
CA LYS B 1154 10.14 -20.23 22.88
C LYS B 1154 10.24 -19.39 24.15
N VAL B 1155 9.63 -18.21 24.17
CA VAL B 1155 9.55 -17.45 25.42
C VAL B 1155 8.66 -18.18 26.43
N ASP B 1156 7.60 -18.84 25.94
CA ASP B 1156 6.80 -19.67 26.83
C ASP B 1156 7.62 -20.81 27.41
N LEU B 1157 8.45 -21.44 26.58
CA LEU B 1157 9.33 -22.50 27.07
C LEU B 1157 10.33 -21.97 28.10
N ALA B 1158 10.86 -20.77 27.86
CA ALA B 1158 11.77 -20.16 28.83
C ALA B 1158 11.07 -19.86 30.14
N LEU B 1159 9.82 -19.39 30.08
CA LEU B 1159 9.04 -19.17 31.29
C LEU B 1159 8.80 -20.48 32.03
N LYS B 1160 8.54 -21.56 31.30
CA LYS B 1160 8.37 -22.86 31.93
C LYS B 1160 9.66 -23.29 32.64
N GLN B 1161 10.81 -23.08 31.98
CA GLN B 1161 12.08 -23.42 32.59
C GLN B 1161 12.32 -22.61 33.86
N LEU B 1162 12.03 -21.31 33.81
CA LEU B 1162 12.18 -20.46 34.99
C LEU B 1162 11.24 -20.86 36.12
N GLY B 1163 10.00 -21.24 35.80
CA GLY B 1163 9.10 -21.72 36.83
C GLY B 1163 9.59 -23.01 37.46
N HIS B 1164 10.10 -23.93 36.63
CA HIS B 1164 10.58 -25.21 37.15
C HIS B 1164 11.87 -25.06 37.94
N ILE B 1165 12.67 -24.03 37.65
CA ILE B 1165 13.96 -23.88 38.32
C ILE B 1165 13.80 -23.34 39.74
N ARG B 1166 12.68 -22.74 40.09
CA ARG B 1166 12.46 -22.25 41.44
C ARG B 1166 11.77 -23.29 42.30
N GLU C 7 37.51 -60.49 -14.59
CA GLU C 7 37.83 -59.62 -13.46
C GLU C 7 37.22 -60.16 -12.17
N GLN C 8 36.12 -60.91 -12.31
CA GLN C 8 35.46 -61.52 -11.17
C GLN C 8 36.03 -62.89 -10.83
N SER C 9 37.05 -63.35 -11.56
CA SER C 9 37.55 -64.71 -11.39
C SER C 9 38.12 -64.95 -9.99
N TRP C 10 38.84 -63.98 -9.44
CA TRP C 10 39.51 -64.16 -8.16
C TRP C 10 38.58 -63.92 -6.97
N ILE C 11 37.28 -63.72 -7.21
CA ILE C 11 36.35 -63.52 -6.10
C ILE C 11 36.31 -64.70 -5.13
N PRO C 12 36.24 -65.97 -5.58
CA PRO C 12 36.26 -67.08 -4.61
C PRO C 12 37.54 -67.18 -3.81
N LYS C 13 38.64 -66.56 -4.26
CA LYS C 13 39.91 -66.64 -3.56
C LYS C 13 40.10 -65.52 -2.54
N ILE C 14 39.53 -64.34 -2.80
CA ILE C 14 39.67 -63.24 -1.85
C ILE C 14 38.61 -63.32 -0.77
N PHE C 15 37.41 -63.81 -1.09
CA PHE C 15 36.30 -63.89 -0.15
C PHE C 15 35.92 -65.33 0.09
N LYS C 16 35.38 -65.60 1.28
CA LYS C 16 35.05 -66.95 1.69
C LYS C 16 33.61 -67.02 2.19
N LYS C 17 32.98 -68.16 1.95
CA LYS C 17 31.71 -68.50 2.58
C LYS C 17 31.96 -69.35 3.82
N LYS C 18 30.88 -69.63 4.55
CA LYS C 18 30.98 -70.45 5.74
C LYS C 18 31.30 -71.91 5.38
N ASP C 64 31.03 -69.48 15.81
CA ASP C 64 31.10 -70.31 14.62
C ASP C 64 32.25 -71.29 14.68
N ALA C 65 32.57 -71.76 15.89
CA ALA C 65 33.66 -72.71 16.06
C ALA C 65 33.35 -74.07 15.44
N HIS C 66 32.08 -74.34 15.12
CA HIS C 66 31.69 -75.59 14.48
C HIS C 66 31.86 -75.57 12.98
N THR C 67 32.29 -74.46 12.38
CA THR C 67 32.36 -74.32 10.93
C THR C 67 33.75 -73.89 10.52
N THR C 68 34.02 -74.04 9.22
CA THR C 68 35.29 -73.63 8.62
C THR C 68 35.00 -72.89 7.32
N GLU C 69 35.96 -72.05 6.91
CA GLU C 69 35.78 -71.25 5.72
C GLU C 69 35.98 -72.08 4.45
N LYS C 70 35.26 -71.70 3.40
CA LYS C 70 35.30 -72.34 2.10
C LYS C 70 35.24 -71.25 1.04
N PRO C 71 35.72 -71.54 -0.17
CA PRO C 71 35.70 -70.51 -1.23
C PRO C 71 34.29 -70.02 -1.54
N THR C 72 34.18 -68.74 -1.84
CA THR C 72 32.89 -68.14 -2.16
C THR C 72 32.37 -68.70 -3.49
N ASP C 73 31.08 -69.03 -3.50
CA ASP C 73 30.43 -69.62 -4.68
C ASP C 73 29.47 -68.68 -5.38
N ALA C 74 28.66 -67.91 -4.65
CA ALA C 74 27.66 -67.04 -5.25
C ALA C 74 28.24 -65.64 -5.41
N TYR C 75 28.31 -65.18 -6.65
CA TYR C 75 28.84 -63.85 -6.98
C TYR C 75 28.57 -63.58 -8.45
N GLY C 76 28.79 -62.34 -8.85
CA GLY C 76 28.66 -61.93 -10.23
C GLY C 76 27.68 -60.78 -10.36
N GLU C 77 27.18 -60.59 -11.57
CA GLU C 77 26.15 -59.60 -11.84
C GLU C 77 24.77 -60.18 -11.55
N LEU C 78 23.78 -59.30 -11.46
CA LEU C 78 22.44 -59.70 -11.08
C LEU C 78 21.43 -58.92 -11.90
N ASP C 79 20.54 -59.63 -12.60
CA ASP C 79 19.47 -59.03 -13.37
C ASP C 79 18.14 -59.57 -12.84
N PHE C 80 17.22 -58.66 -12.52
CA PHE C 80 15.88 -59.05 -12.08
C PHE C 80 15.02 -59.29 -13.31
N THR C 81 14.40 -60.46 -13.39
CA THR C 81 13.67 -60.87 -14.58
C THR C 81 12.48 -59.95 -14.85
N GLY C 82 12.54 -59.24 -15.99
CA GLY C 82 11.45 -58.39 -16.41
C GLY C 82 11.35 -57.06 -15.71
N ALA C 83 12.28 -56.75 -14.81
CA ALA C 83 12.22 -55.48 -14.09
C ALA C 83 12.66 -54.29 -14.94
N GLY C 84 13.44 -54.53 -15.99
CA GLY C 84 13.94 -53.44 -16.81
C GLY C 84 14.94 -52.54 -16.13
N ARG C 85 15.47 -52.93 -14.98
CA ARG C 85 16.42 -52.10 -14.25
C ARG C 85 17.83 -52.28 -14.81
N LYS C 86 18.73 -51.42 -14.34
CA LYS C 86 20.14 -51.54 -14.70
C LYS C 86 20.74 -52.81 -14.10
N HIS C 87 21.73 -53.37 -14.80
CA HIS C 87 22.43 -54.53 -14.29
C HIS C 87 23.16 -54.18 -12.98
N SER C 88 22.90 -54.97 -11.94
CA SER C 88 23.51 -54.76 -10.64
C SER C 88 24.64 -55.75 -10.40
N ASN C 89 25.16 -55.74 -9.18
CA ASN C 89 26.18 -56.68 -8.74
C ASN C 89 25.78 -57.26 -7.39
N PHE C 90 26.29 -58.46 -7.12
CA PHE C 90 26.01 -59.12 -5.85
C PHE C 90 27.19 -60.00 -5.46
N LEU C 91 27.27 -60.33 -4.18
CA LEU C 91 28.37 -61.10 -3.64
C LEU C 91 27.93 -61.83 -2.39
N ARG C 92 28.44 -63.04 -2.20
CA ARG C 92 28.27 -63.79 -0.97
C ARG C 92 29.59 -63.78 -0.21
N LEU C 93 29.55 -63.39 1.06
CA LEU C 93 30.77 -63.29 1.86
C LEU C 93 30.43 -63.54 3.32
N SER C 94 31.44 -63.96 4.07
CA SER C 94 31.25 -64.24 5.49
C SER C 94 31.36 -62.95 6.30
N ASP C 95 30.85 -63.00 7.53
CA ASP C 95 30.96 -61.87 8.44
C ASP C 95 32.41 -61.60 8.86
N ARG C 96 33.29 -62.59 8.72
CA ARG C 96 34.68 -62.40 9.12
C ARG C 96 35.42 -61.44 8.19
N THR C 97 34.90 -61.25 6.97
CA THR C 97 35.61 -60.47 5.96
C THR C 97 35.84 -59.03 6.43
N ASP C 98 37.09 -58.58 6.31
CA ASP C 98 37.45 -57.22 6.69
C ASP C 98 36.98 -56.23 5.62
N PRO C 99 36.57 -55.02 6.02
CA PRO C 99 35.95 -54.09 5.06
C PRO C 99 36.85 -53.63 3.94
N ALA C 100 38.18 -53.73 4.10
CA ALA C 100 39.08 -53.17 3.09
C ALA C 100 38.91 -53.86 1.75
N ALA C 101 38.85 -55.19 1.75
CA ALA C 101 38.72 -55.94 0.49
C ALA C 101 37.40 -55.62 -0.20
N VAL C 102 36.31 -55.55 0.58
CA VAL C 102 35.00 -55.27 -0.01
C VAL C 102 34.95 -53.86 -0.58
N TYR C 103 35.52 -52.89 0.16
CA TYR C 103 35.54 -51.51 -0.34
C TYR C 103 36.37 -51.41 -1.61
N SER C 104 37.52 -52.07 -1.65
CA SER C 104 38.32 -52.08 -2.88
C SER C 104 37.56 -52.73 -4.02
N LEU C 105 36.86 -53.83 -3.75
CA LEU C 105 36.04 -54.47 -4.76
C LEU C 105 35.02 -53.51 -5.35
N VAL C 106 34.26 -52.85 -4.47
CA VAL C 106 33.20 -51.94 -4.94
C VAL C 106 33.79 -50.79 -5.74
N THR C 107 34.88 -50.20 -5.23
CA THR C 107 35.41 -49.00 -5.86
C THR C 107 36.18 -49.28 -7.15
N ARG C 108 36.78 -50.46 -7.28
CA ARG C 108 37.71 -50.72 -8.38
C ARG C 108 37.26 -51.80 -9.35
N THR C 109 36.57 -52.84 -8.88
CA THR C 109 36.11 -53.91 -9.75
C THR C 109 34.70 -53.65 -10.28
N TRP C 110 33.77 -53.28 -9.39
CA TRP C 110 32.42 -52.95 -9.81
C TRP C 110 32.33 -51.55 -10.44
N GLY C 111 33.33 -50.71 -10.22
CA GLY C 111 33.43 -49.43 -10.91
C GLY C 111 32.70 -48.28 -10.26
N PHE C 112 32.11 -48.46 -9.08
CA PHE C 112 31.44 -47.36 -8.40
C PHE C 112 32.46 -46.34 -7.93
N ARG C 113 32.16 -45.06 -8.13
CA ARG C 113 33.06 -44.00 -7.71
C ARG C 113 32.95 -43.78 -6.20
N ALA C 114 33.97 -43.12 -5.65
CA ALA C 114 33.97 -42.82 -4.22
C ALA C 114 32.82 -41.87 -3.89
N PRO C 115 32.06 -42.13 -2.82
CA PRO C 115 30.92 -41.29 -2.51
C PRO C 115 31.30 -40.02 -1.78
N ASN C 116 30.57 -38.94 -2.07
CA ASN C 116 30.74 -37.70 -1.33
C ASN C 116 30.34 -37.87 0.13
N LEU C 117 29.27 -38.60 0.40
CA LEU C 117 28.85 -38.91 1.75
C LEU C 117 28.12 -40.24 1.74
N VAL C 118 28.03 -40.87 2.91
CA VAL C 118 27.33 -42.13 3.09
C VAL C 118 26.35 -41.98 4.23
N VAL C 119 25.10 -42.34 3.99
CA VAL C 119 24.07 -42.39 5.04
C VAL C 119 23.56 -43.81 5.14
N SER C 120 23.63 -44.38 6.33
CA SER C 120 23.15 -45.73 6.60
C SER C 120 21.85 -45.64 7.39
N VAL C 121 20.79 -46.20 6.84
CA VAL C 121 19.46 -46.12 7.42
C VAL C 121 19.17 -47.43 8.15
N LEU C 122 18.81 -47.31 9.42
CA LEU C 122 18.50 -48.47 10.24
C LEU C 122 17.15 -48.24 10.92
N GLY C 123 16.32 -49.28 10.92
CA GLY C 123 14.97 -49.15 11.44
C GLY C 123 14.25 -50.48 11.37
N GLY C 124 12.97 -50.43 11.71
CA GLY C 124 12.19 -51.65 11.82
C GLY C 124 10.82 -51.60 11.17
N SER C 125 9.80 -52.04 11.91
CA SER C 125 8.41 -52.16 11.49
C SER C 125 8.22 -53.32 10.52
N GLY C 126 9.33 -53.95 10.13
CA GLY C 126 9.28 -55.20 9.38
C GLY C 126 8.59 -55.13 8.03
N GLY C 127 7.43 -55.75 7.94
CA GLY C 127 6.72 -55.90 6.70
C GLY C 127 5.98 -54.66 6.22
N PRO C 128 4.99 -54.22 6.99
CA PRO C 128 4.12 -53.12 6.52
C PRO C 128 4.91 -51.84 6.29
N VAL C 129 4.45 -51.08 5.30
CA VAL C 129 5.10 -49.83 4.94
C VAL C 129 4.89 -48.81 6.06
N LEU C 130 5.83 -47.87 6.16
CA LEU C 130 5.77 -46.86 7.22
C LEU C 130 4.63 -45.88 6.98
N GLN C 131 4.34 -45.09 8.01
CA GLN C 131 3.37 -44.00 7.86
C GLN C 131 3.91 -42.97 6.87
N THR C 132 2.98 -42.30 6.18
CA THR C 132 3.37 -41.50 5.01
C THR C 132 4.26 -40.32 5.38
N TRP C 133 4.24 -39.86 6.63
CA TRP C 133 5.16 -38.79 6.99
C TRP C 133 6.59 -39.28 7.05
N LEU C 134 6.80 -40.54 7.48
CA LEU C 134 8.12 -41.14 7.36
C LEU C 134 8.52 -41.33 5.91
N GLN C 135 7.54 -41.64 5.06
CA GLN C 135 7.81 -41.72 3.62
C GLN C 135 8.28 -40.39 3.06
N ASP C 136 7.63 -39.30 3.48
CA ASP C 136 8.05 -37.97 3.03
C ASP C 136 9.42 -37.61 3.60
N LEU C 137 9.69 -38.01 4.84
CA LEU C 137 11.01 -37.78 5.41
C LEU C 137 12.08 -38.52 4.62
N LEU C 138 11.78 -39.72 4.15
CA LEU C 138 12.73 -40.47 3.35
C LEU C 138 12.93 -39.84 1.98
N ARG C 139 11.84 -39.51 1.29
CA ARG C 139 11.93 -39.05 -0.09
C ARG C 139 12.29 -37.58 -0.17
N ARG C 140 11.42 -36.71 0.33
CA ARG C 140 11.63 -35.27 0.29
C ARG C 140 12.71 -34.81 1.25
N GLY C 141 13.22 -35.70 2.09
CA GLY C 141 14.29 -35.41 3.01
C GLY C 141 15.63 -35.97 2.58
N LEU C 142 15.96 -37.14 3.13
CA LEU C 142 17.27 -37.77 2.93
C LEU C 142 17.64 -37.89 1.45
N VAL C 143 16.74 -38.47 0.65
CA VAL C 143 17.08 -38.75 -0.74
C VAL C 143 17.18 -37.46 -1.55
N ARG C 144 16.29 -36.51 -1.30
CA ARG C 144 16.35 -35.23 -2.00
C ARG C 144 17.66 -34.50 -1.68
N ALA C 145 18.09 -34.54 -0.43
CA ALA C 145 19.35 -33.90 -0.05
C ALA C 145 20.53 -34.64 -0.66
N ALA C 146 20.51 -35.98 -0.64
CA ALA C 146 21.61 -36.75 -1.20
C ALA C 146 21.71 -36.59 -2.71
N GLN C 147 20.61 -36.21 -3.37
CA GLN C 147 20.65 -35.99 -4.81
C GLN C 147 21.58 -34.85 -5.19
N SER C 148 21.74 -33.85 -4.33
CA SER C 148 22.57 -32.69 -4.66
C SER C 148 24.06 -33.02 -4.61
N THR C 149 24.48 -33.77 -3.58
CA THR C 149 25.90 -34.05 -3.40
C THR C 149 26.32 -35.35 -4.07
N GLY C 150 25.41 -36.28 -4.27
CA GLY C 150 25.76 -37.63 -4.68
C GLY C 150 26.23 -38.43 -3.49
N ALA C 151 25.70 -39.64 -3.32
CA ALA C 151 25.95 -40.36 -2.08
C ALA C 151 25.63 -41.83 -2.25
N TRP C 152 26.14 -42.63 -1.31
CA TRP C 152 25.73 -44.02 -1.14
C TRP C 152 24.76 -44.09 0.02
N ILE C 153 23.63 -44.75 -0.19
CA ILE C 153 22.62 -44.94 0.84
C ILE C 153 22.58 -46.42 1.18
N VAL C 154 22.99 -46.77 2.39
CA VAL C 154 23.15 -48.15 2.82
C VAL C 154 21.99 -48.50 3.73
N THR C 155 21.31 -49.60 3.42
CA THR C 155 20.20 -50.11 4.22
C THR C 155 20.00 -51.57 3.84
N GLY C 156 18.92 -52.17 4.34
CA GLY C 156 18.59 -53.54 3.96
C GLY C 156 18.28 -53.63 2.48
N GLY C 157 18.86 -54.63 1.82
CA GLY C 157 18.62 -54.85 0.41
C GLY C 157 17.44 -55.75 0.13
N LEU C 158 16.50 -55.80 1.06
CA LEU C 158 15.34 -56.68 0.98
C LEU C 158 14.07 -55.87 0.72
N HIS C 159 12.97 -56.58 0.51
CA HIS C 159 11.69 -55.94 0.31
C HIS C 159 11.01 -55.55 1.62
N THR C 160 11.71 -55.51 2.74
CA THR C 160 11.15 -54.95 3.97
C THR C 160 10.77 -53.49 3.75
N GLY C 161 9.93 -52.96 4.64
CA GLY C 161 9.32 -51.67 4.40
C GLY C 161 10.32 -50.54 4.23
N ILE C 162 11.30 -50.46 5.13
CA ILE C 162 12.25 -49.35 5.08
C ILE C 162 13.12 -49.43 3.84
N GLY C 163 13.66 -50.62 3.54
CA GLY C 163 14.46 -50.78 2.34
C GLY C 163 13.64 -50.60 1.08
N ARG C 164 12.38 -51.02 1.14
CA ARG C 164 11.50 -50.93 -0.07
C ARG C 164 11.15 -49.47 -0.36
N HIS C 165 11.01 -48.64 0.68
CA HIS C 165 10.73 -47.23 0.43
C HIS C 165 12.00 -46.46 0.09
N VAL C 166 13.14 -46.86 0.67
CA VAL C 166 14.41 -46.25 0.28
C VAL C 166 14.67 -46.49 -1.20
N GLY C 167 14.46 -47.73 -1.65
CA GLY C 167 14.68 -48.05 -3.04
C GLY C 167 13.75 -47.29 -3.97
N VAL C 168 12.46 -47.22 -3.61
CA VAL C 168 11.53 -46.52 -4.50
C VAL C 168 11.81 -45.02 -4.51
N ALA C 169 12.21 -44.43 -3.39
CA ALA C 169 12.58 -43.01 -3.39
C ALA C 169 13.80 -42.76 -4.25
N VAL C 170 14.82 -43.62 -4.13
CA VAL C 170 16.01 -43.48 -4.96
C VAL C 170 15.64 -43.61 -6.43
N ARG C 171 14.77 -44.57 -6.76
CA ARG C 171 14.33 -44.74 -8.15
C ARG C 171 13.56 -43.53 -8.65
N ASP C 172 12.69 -42.96 -7.81
CA ASP C 172 11.91 -41.80 -8.21
C ASP C 172 12.81 -40.61 -8.49
N HIS C 173 13.81 -40.37 -7.63
CA HIS C 173 14.72 -39.27 -7.89
C HIS C 173 15.70 -39.60 -9.02
N GLN C 174 15.85 -40.88 -9.35
CA GLN C 174 16.67 -41.26 -10.49
C GLN C 174 15.94 -40.96 -11.80
N MET C 175 14.65 -41.26 -11.85
CA MET C 175 13.88 -41.02 -13.06
C MET C 175 13.67 -39.54 -13.32
N ALA C 176 13.62 -38.73 -12.25
CA ALA C 176 13.43 -37.30 -12.39
C ALA C 176 14.72 -36.54 -12.67
N SER C 177 15.88 -37.18 -12.53
CA SER C 177 17.14 -36.49 -12.78
C SER C 177 17.34 -36.26 -14.27
N THR C 178 17.96 -35.13 -14.60
CA THR C 178 18.22 -34.76 -15.99
C THR C 178 19.68 -34.90 -16.38
N GLY C 179 20.58 -35.16 -15.44
CA GLY C 179 21.98 -35.36 -15.71
C GLY C 179 22.42 -36.79 -15.45
N GLY C 180 23.68 -36.95 -15.05
CA GLY C 180 24.20 -38.27 -14.77
C GLY C 180 23.77 -38.79 -13.41
N THR C 181 23.91 -40.11 -13.24
CA THR C 181 23.57 -40.75 -11.98
C THR C 181 24.56 -40.35 -10.89
N LYS C 182 24.03 -39.99 -9.72
CA LYS C 182 24.87 -39.58 -8.60
C LYS C 182 24.56 -40.28 -7.28
N VAL C 183 23.36 -40.83 -7.10
CA VAL C 183 22.98 -41.51 -5.87
C VAL C 183 22.89 -43.01 -6.14
N VAL C 184 23.55 -43.80 -5.31
CA VAL C 184 23.56 -45.25 -5.42
C VAL C 184 23.02 -45.84 -4.14
N ALA C 185 22.08 -46.79 -4.26
CA ALA C 185 21.53 -47.50 -3.12
C ALA C 185 22.25 -48.83 -2.95
N MET C 186 22.85 -49.05 -1.78
CA MET C 186 23.60 -50.26 -1.48
C MET C 186 22.86 -51.04 -0.40
N GLY C 187 22.70 -52.35 -0.60
CA GLY C 187 22.00 -53.19 0.33
C GLY C 187 22.92 -54.23 0.95
N VAL C 188 22.91 -54.28 2.28
CA VAL C 188 23.62 -55.32 3.05
C VAL C 188 22.57 -56.19 3.72
N ALA C 189 22.58 -57.48 3.38
CA ALA C 189 21.53 -58.39 3.81
C ALA C 189 22.15 -59.70 4.25
N PRO C 190 21.49 -60.44 5.15
CA PRO C 190 22.02 -61.75 5.54
C PRO C 190 21.67 -62.84 4.55
N TRP C 191 22.62 -63.73 4.30
CA TRP C 191 22.38 -64.88 3.44
C TRP C 191 21.45 -65.88 4.14
N GLY C 192 20.78 -66.68 3.31
CA GLY C 192 19.82 -67.64 3.82
C GLY C 192 18.43 -67.04 3.94
N VAL C 193 18.37 -65.74 4.22
CA VAL C 193 17.11 -65.03 4.23
C VAL C 193 16.68 -64.64 2.82
N VAL C 194 17.61 -64.63 1.87
CA VAL C 194 17.29 -64.22 0.51
C VAL C 194 16.45 -65.32 -0.16
N ARG C 195 15.27 -64.94 -0.64
CA ARG C 195 14.37 -65.89 -1.27
C ARG C 195 14.86 -66.23 -2.67
N ASN C 196 14.67 -67.50 -3.06
CA ASN C 196 15.05 -68.00 -4.38
C ASN C 196 16.53 -67.77 -4.68
N ARG C 197 17.36 -67.93 -3.65
CA ARG C 197 18.80 -67.72 -3.80
C ARG C 197 19.49 -68.86 -4.55
N ASP C 198 18.74 -69.93 -4.88
CA ASP C 198 19.35 -71.09 -5.52
C ASP C 198 20.04 -70.73 -6.83
N THR C 199 19.45 -69.80 -7.60
CA THR C 199 20.02 -69.42 -8.89
C THR C 199 21.36 -68.72 -8.74
N LEU C 200 21.61 -68.05 -7.61
CA LEU C 200 22.82 -67.25 -7.45
C LEU C 200 24.08 -68.10 -7.36
N ILE C 201 23.95 -69.41 -7.20
CA ILE C 201 25.12 -70.28 -7.02
C ILE C 201 25.66 -70.71 -8.38
N ASN C 202 26.54 -69.89 -8.95
CA ASN C 202 27.20 -70.22 -10.22
C ASN C 202 28.59 -69.60 -10.23
N PRO C 203 29.61 -70.39 -9.84
CA PRO C 203 31.02 -69.94 -9.84
C PRO C 203 31.51 -69.61 -11.25
N PHE C 207 29.49 -63.10 -14.71
CA PHE C 207 28.32 -63.82 -15.19
C PHE C 207 27.02 -63.13 -14.79
N PRO C 208 26.22 -62.75 -15.78
CA PRO C 208 24.92 -62.13 -15.48
C PRO C 208 23.87 -63.15 -15.07
N ALA C 209 23.54 -63.17 -13.78
CA ALA C 209 22.52 -64.08 -13.28
C ALA C 209 21.12 -63.53 -13.54
N ARG C 210 20.15 -64.44 -13.67
CA ARG C 210 18.75 -64.09 -13.84
C ARG C 210 18.01 -64.46 -12.57
N TYR C 211 17.29 -63.50 -11.99
CA TYR C 211 16.72 -63.62 -10.67
C TYR C 211 15.21 -63.47 -10.75
N ARG C 212 14.48 -64.54 -10.39
CA ARG C 212 13.02 -64.50 -10.36
C ARG C 212 12.56 -64.05 -8.97
N TRP C 213 12.45 -62.72 -8.83
CA TRP C 213 12.14 -62.12 -7.55
C TRP C 213 10.65 -62.20 -7.20
N ARG C 214 9.79 -62.55 -8.16
CA ARG C 214 8.35 -62.53 -7.93
C ARG C 214 7.82 -63.79 -7.24
N GLY C 215 8.68 -64.75 -6.92
CA GLY C 215 8.25 -65.98 -6.29
C GLY C 215 7.50 -65.78 -4.99
N GLN C 222 11.69 -65.57 4.76
CA GLN C 222 12.57 -65.15 3.68
C GLN C 222 12.00 -63.92 2.95
N PHE C 223 12.88 -63.13 2.37
CA PHE C 223 12.49 -61.95 1.62
C PHE C 223 13.28 -61.86 0.32
N PRO C 224 12.68 -61.31 -0.73
CA PRO C 224 13.40 -61.16 -2.00
C PRO C 224 14.19 -59.87 -2.05
N LEU C 225 15.19 -59.87 -2.92
CA LEU C 225 16.02 -58.67 -3.11
C LEU C 225 15.22 -57.57 -3.78
N ASP C 226 15.50 -56.33 -3.38
CA ASP C 226 14.84 -55.16 -3.94
C ASP C 226 15.56 -54.74 -5.22
N TYR C 227 14.81 -54.68 -6.32
CA TYR C 227 15.41 -54.49 -7.64
C TYR C 227 15.88 -53.07 -7.89
N ASN C 228 15.58 -52.12 -7.01
CA ASN C 228 16.02 -50.74 -7.21
C ASN C 228 17.46 -50.51 -6.76
N TYR C 229 18.10 -51.50 -6.15
CA TYR C 229 19.46 -51.34 -5.68
C TYR C 229 20.47 -51.71 -6.76
N SER C 230 21.67 -51.13 -6.67
CA SER C 230 22.70 -51.34 -7.67
C SER C 230 23.76 -52.34 -7.25
N ALA C 231 23.85 -52.68 -5.96
CA ALA C 231 24.81 -53.65 -5.49
C ALA C 231 24.30 -54.28 -4.19
N PHE C 232 24.66 -55.53 -3.97
CA PHE C 232 24.22 -56.29 -2.80
C PHE C 232 25.41 -56.97 -2.13
N PHE C 233 25.43 -56.92 -0.81
CA PHE C 233 26.38 -57.69 0.01
C PHE C 233 25.57 -58.65 0.85
N LEU C 234 25.78 -59.96 0.62
CA LEU C 234 25.03 -60.99 1.33
C LEU C 234 25.97 -61.63 2.35
N VAL C 235 25.86 -61.16 3.59
CA VAL C 235 26.71 -61.67 4.67
C VAL C 235 26.14 -62.99 5.16
N ASP C 236 26.93 -64.05 5.04
CA ASP C 236 26.50 -65.40 5.42
C ASP C 236 26.81 -65.61 6.89
N ASP C 237 25.76 -65.67 7.72
CA ASP C 237 25.92 -65.92 9.14
C ASP C 237 26.24 -67.39 9.45
N GLY C 238 26.11 -68.28 8.46
CA GLY C 238 26.25 -69.71 8.72
C GLY C 238 24.95 -70.32 9.19
N THR C 239 24.29 -69.65 10.12
CA THR C 239 22.97 -70.07 10.58
C THR C 239 21.95 -69.68 9.51
N HIS C 240 21.49 -70.66 8.74
CA HIS C 240 20.58 -70.40 7.64
C HIS C 240 19.24 -69.92 8.19
N GLY C 241 18.79 -68.76 7.69
CA GLY C 241 17.54 -68.16 8.14
C GLY C 241 17.67 -67.23 9.32
N CYS C 242 18.86 -67.09 9.89
CA CYS C 242 19.04 -66.22 11.04
C CYS C 242 19.01 -64.75 10.62
N LEU C 243 18.50 -63.90 11.50
CA LEU C 243 18.39 -62.48 11.27
C LEU C 243 19.29 -61.71 12.24
N GLY C 244 19.97 -60.70 11.73
CA GLY C 244 20.83 -59.86 12.55
C GLY C 244 22.30 -60.21 12.53
N GLY C 245 22.70 -61.21 11.74
CA GLY C 245 24.10 -61.59 11.69
C GLY C 245 24.96 -60.68 10.83
N GLU C 246 24.34 -59.75 10.10
CA GLU C 246 25.11 -58.89 9.20
C GLU C 246 25.61 -57.62 9.87
N ASN C 247 25.22 -57.37 11.13
CA ASN C 247 25.67 -56.15 11.81
C ASN C 247 27.18 -56.16 12.00
N ARG C 248 27.76 -57.31 12.35
CA ARG C 248 29.18 -57.39 12.64
C ARG C 248 30.04 -57.04 11.44
N PHE C 249 29.49 -57.09 10.22
CA PHE C 249 30.20 -56.64 9.04
C PHE C 249 29.78 -55.23 8.64
N ARG C 250 28.49 -54.91 8.81
CA ARG C 250 27.98 -53.61 8.38
C ARG C 250 28.60 -52.49 9.19
N LEU C 251 28.71 -52.66 10.51
CA LEU C 251 29.28 -51.60 11.33
C LEU C 251 30.74 -51.38 11.00
N ARG C 252 31.50 -52.46 10.79
CA ARG C 252 32.91 -52.32 10.44
C ARG C 252 33.07 -51.67 9.07
N LEU C 253 32.20 -52.02 8.12
CA LEU C 253 32.25 -51.38 6.80
C LEU C 253 31.97 -49.88 6.92
N GLU C 254 30.98 -49.51 7.72
CA GLU C 254 30.70 -48.08 7.93
C GLU C 254 31.89 -47.36 8.56
N SER C 255 32.52 -47.99 9.56
CA SER C 255 33.68 -47.37 10.19
C SER C 255 34.82 -47.20 9.20
N TYR C 256 35.08 -48.22 8.39
CA TYR C 256 36.17 -48.15 7.43
C TYR C 256 35.93 -47.08 6.38
N ILE C 257 34.67 -46.96 5.92
CA ILE C 257 34.34 -45.88 4.99
C ILE C 257 34.50 -44.52 5.66
N SER C 258 34.16 -44.43 6.95
CA SER C 258 34.32 -43.18 7.69
C SER C 258 35.80 -42.80 7.80
N GLN C 259 36.69 -43.79 7.92
CA GLN C 259 38.11 -43.51 8.01
C GLN C 259 38.79 -43.41 6.65
N GLN C 260 38.05 -43.56 5.56
CA GLN C 260 38.64 -43.60 4.23
C GLN C 260 38.74 -42.19 3.63
N LYS C 261 39.72 -42.01 2.76
CA LYS C 261 39.90 -40.78 2.00
C LYS C 261 39.68 -41.06 0.52
N THR C 262 39.22 -40.06 -0.21
CA THR C 262 38.98 -40.19 -1.64
C THR C 262 40.28 -40.41 -2.40
N GLY C 268 41.70 -36.55 -2.24
CA GLY C 268 42.12 -36.89 -0.90
C GLY C 268 41.22 -36.33 0.18
N ILE C 269 39.95 -36.16 -0.15
CA ILE C 269 38.99 -35.62 0.80
C ILE C 269 38.36 -36.75 1.60
N ASP C 270 38.22 -36.48 2.91
CA ASP C 270 37.60 -37.48 3.81
C ASP C 270 36.15 -37.69 3.42
N ILE C 271 35.63 -38.90 3.63
CA ILE C 271 34.26 -39.24 3.28
C ILE C 271 33.44 -39.29 4.57
N PRO C 272 32.52 -38.36 4.79
CA PRO C 272 31.70 -38.39 6.02
C PRO C 272 30.68 -39.53 5.96
N VAL C 273 30.44 -40.16 7.10
CA VAL C 273 29.49 -41.25 7.23
C VAL C 273 28.52 -40.92 8.36
N LEU C 274 27.22 -41.11 8.11
CA LEU C 274 26.18 -40.78 9.05
C LEU C 274 25.20 -41.95 9.15
N LEU C 275 24.63 -42.14 10.34
CA LEU C 275 23.63 -43.17 10.57
C LEU C 275 22.30 -42.52 10.90
N LEU C 276 21.22 -43.05 10.31
CA LEU C 276 19.87 -42.53 10.52
C LEU C 276 19.02 -43.64 11.14
N LEU C 277 18.42 -43.35 12.29
CA LEU C 277 17.65 -44.33 13.06
C LEU C 277 16.18 -43.93 13.01
N ILE C 278 15.40 -44.64 12.18
CA ILE C 278 13.98 -44.33 12.09
C ILE C 278 13.24 -44.79 13.34
N ASP C 279 13.43 -46.04 13.74
CA ASP C 279 12.88 -46.58 14.97
C ASP C 279 13.72 -47.80 15.33
N GLY C 280 13.26 -48.58 16.29
CA GLY C 280 13.94 -49.82 16.58
C GLY C 280 13.40 -50.51 17.81
N ASP C 281 13.75 -51.79 17.92
CA ASP C 281 13.52 -52.61 19.09
C ASP C 281 14.71 -52.48 20.04
N GLU C 282 14.79 -53.39 21.01
CA GLU C 282 15.87 -53.35 21.98
C GLU C 282 17.23 -53.57 21.34
N LYS C 283 17.28 -54.26 20.20
CA LYS C 283 18.55 -54.52 19.53
C LYS C 283 19.13 -53.26 18.89
N MET C 284 18.28 -52.29 18.52
CA MET C 284 18.80 -51.06 17.96
C MET C 284 19.53 -50.23 19.00
N LEU C 285 19.21 -50.42 20.29
CA LEU C 285 20.01 -49.79 21.34
C LEU C 285 21.44 -50.32 21.34
N THR C 286 21.59 -51.64 21.20
CA THR C 286 22.92 -52.23 21.07
C THR C 286 23.63 -51.73 19.81
N ARG C 287 22.88 -51.63 18.71
CA ARG C 287 23.46 -51.12 17.47
C ARG C 287 23.96 -49.69 17.64
N ILE C 288 23.17 -48.84 18.30
CA ILE C 288 23.58 -47.46 18.53
C ILE C 288 24.78 -47.39 19.46
N GLU C 289 24.80 -48.23 20.51
CA GLU C 289 25.95 -48.23 21.41
C GLU C 289 27.22 -48.63 20.67
N ASN C 290 27.13 -49.66 19.83
CA ASN C 290 28.30 -50.11 19.08
C ASN C 290 28.75 -49.05 18.06
N ALA C 291 27.80 -48.36 17.44
CA ALA C 291 28.14 -47.29 16.51
C ALA C 291 28.60 -46.02 17.20
N THR C 292 28.39 -45.90 18.51
CA THR C 292 28.87 -44.76 19.26
C THR C 292 30.25 -45.01 19.89
N GLN C 293 30.51 -46.22 20.37
CA GLN C 293 31.84 -46.53 20.89
C GLN C 293 32.90 -46.37 19.80
N ALA C 294 32.60 -46.84 18.59
CA ALA C 294 33.40 -46.58 17.40
C ALA C 294 32.74 -45.40 16.69
N GLN C 295 33.30 -44.20 16.89
CA GLN C 295 32.64 -42.93 16.63
C GLN C 295 31.95 -42.86 15.27
N LEU C 296 30.62 -42.74 15.27
CA LEU C 296 29.83 -42.53 14.08
C LEU C 296 28.60 -41.71 14.48
N PRO C 297 28.39 -40.54 13.87
CA PRO C 297 27.22 -39.73 14.23
C PRO C 297 25.93 -40.44 13.89
N CYS C 298 24.90 -40.17 14.70
CA CYS C 298 23.60 -40.81 14.57
C CYS C 298 22.49 -39.78 14.62
N LEU C 299 21.43 -40.02 13.87
CA LEU C 299 20.23 -39.18 13.89
C LEU C 299 19.05 -39.99 14.38
N LEU C 300 18.24 -39.40 15.24
CA LEU C 300 17.10 -40.05 15.85
C LEU C 300 15.83 -39.37 15.33
N VAL C 301 14.93 -40.15 14.75
CA VAL C 301 13.69 -39.59 14.22
C VAL C 301 12.70 -39.42 15.37
N ALA C 302 12.25 -38.19 15.56
CA ALA C 302 11.31 -37.88 16.63
C ALA C 302 9.87 -38.18 16.18
N GLY C 303 9.07 -38.68 17.11
CA GLY C 303 7.68 -39.00 16.84
C GLY C 303 7.45 -40.33 16.18
N SER C 304 8.50 -41.10 15.92
CA SER C 304 8.38 -42.41 15.28
C SER C 304 8.40 -43.55 16.28
N GLY C 305 8.50 -43.25 17.57
CA GLY C 305 8.46 -44.28 18.59
C GLY C 305 9.73 -45.12 18.65
N GLY C 306 9.65 -46.18 19.44
CA GLY C 306 10.72 -47.16 19.56
C GLY C 306 11.97 -46.58 20.18
N ALA C 307 13.10 -47.18 19.80
CA ALA C 307 14.39 -46.74 20.34
C ALA C 307 14.72 -45.32 19.93
N ALA C 308 14.27 -44.90 18.74
CA ALA C 308 14.52 -43.53 18.30
C ALA C 308 13.90 -42.52 19.26
N ASP C 309 12.62 -42.70 19.60
CA ASP C 309 11.97 -41.79 20.53
C ASP C 309 12.52 -41.96 21.94
N CYS C 310 12.86 -43.20 22.32
CA CYS C 310 13.41 -43.42 23.65
C CYS C 310 14.72 -42.66 23.84
N LEU C 311 15.58 -42.66 22.83
CA LEU C 311 16.84 -41.93 22.90
C LEU C 311 16.64 -40.43 22.68
N ALA C 312 15.60 -40.04 21.95
CA ALA C 312 15.37 -38.62 21.68
C ALA C 312 14.82 -37.91 22.91
N GLU C 313 13.90 -38.55 23.65
CA GLU C 313 13.25 -37.87 24.76
C GLU C 313 14.20 -37.64 25.93
N THR C 314 15.17 -38.54 26.13
CA THR C 314 16.15 -38.32 27.18
C THR C 314 17.17 -37.25 26.79
N LEU C 315 17.44 -37.09 25.49
CA LEU C 315 18.32 -36.02 25.05
C LEU C 315 17.70 -34.65 25.29
N GLU C 316 16.43 -34.48 24.91
CA GLU C 316 15.75 -33.21 25.05
C GLU C 316 14.40 -33.38 25.73
N GLU C 330 11.03 -41.11 36.49
CA GLU C 330 10.28 -41.23 35.25
C GLU C 330 11.14 -41.77 34.11
N ALA C 331 12.43 -42.02 34.40
CA ALA C 331 13.29 -42.65 33.42
C ALA C 331 12.89 -44.10 33.20
N ARG C 332 12.65 -44.84 34.29
CA ARG C 332 12.09 -46.19 34.16
C ARG C 332 10.73 -46.16 33.51
N ASP C 333 9.92 -45.16 33.84
CA ASP C 333 8.61 -45.02 33.22
C ASP C 333 8.73 -44.79 31.73
N ARG C 334 9.70 -43.98 31.30
CA ARG C 334 9.93 -43.75 29.88
C ARG C 334 10.38 -45.02 29.18
N ILE C 335 11.31 -45.75 29.81
CA ILE C 335 11.83 -46.98 29.21
C ILE C 335 10.71 -48.01 29.06
N ARG C 336 9.83 -48.10 30.07
CA ARG C 336 8.67 -48.98 29.94
C ARG C 336 7.70 -48.45 28.89
N ARG C 337 7.60 -47.13 28.76
CA ARG C 337 6.67 -46.52 27.82
C ARG C 337 7.04 -46.86 26.39
N PHE C 338 8.33 -46.89 26.08
CA PHE C 338 8.75 -47.25 24.73
C PHE C 338 9.16 -48.71 24.60
N PHE C 339 9.44 -49.39 25.71
CA PHE C 339 9.75 -50.82 25.73
C PHE C 339 8.95 -51.49 26.83
N PRO C 340 7.68 -51.83 26.54
CA PRO C 340 6.85 -52.45 27.60
C PRO C 340 7.40 -53.76 28.13
N LYS C 341 8.03 -54.57 27.28
CA LYS C 341 8.56 -55.86 27.69
C LYS C 341 10.05 -55.82 28.03
N GLY C 342 10.67 -54.65 27.99
CA GLY C 342 12.11 -54.58 28.14
C GLY C 342 12.57 -54.83 29.57
N ASP C 343 13.82 -55.27 29.69
CA ASP C 343 14.48 -55.46 30.98
C ASP C 343 14.91 -54.09 31.47
N LEU C 344 14.23 -53.59 32.50
CA LEU C 344 14.37 -52.19 32.90
C LEU C 344 15.80 -51.87 33.33
N GLU C 345 16.43 -52.74 34.13
CA GLU C 345 17.76 -52.46 34.63
C GLU C 345 18.80 -52.45 33.51
N VAL C 346 18.78 -53.48 32.66
CA VAL C 346 19.74 -53.57 31.57
C VAL C 346 19.52 -52.44 30.58
N LEU C 347 18.26 -52.13 30.27
CA LEU C 347 17.97 -51.03 29.35
C LEU C 347 18.42 -49.70 29.93
N GLN C 348 18.23 -49.50 31.24
CA GLN C 348 18.67 -48.26 31.87
C GLN C 348 20.19 -48.13 31.80
N ALA C 349 20.91 -49.22 32.09
CA ALA C 349 22.36 -49.19 31.98
C ALA C 349 22.80 -48.89 30.56
N GLN C 350 22.15 -49.50 29.57
CA GLN C 350 22.50 -49.27 28.18
C GLN C 350 22.23 -47.82 27.77
N VAL C 351 21.09 -47.27 28.22
CA VAL C 351 20.74 -45.90 27.89
C VAL C 351 21.73 -44.93 28.51
N GLU C 352 22.15 -45.19 29.76
CA GLU C 352 23.16 -44.33 30.37
C GLU C 352 24.49 -44.43 29.65
N ARG C 353 24.90 -45.63 29.24
CA ARG C 353 26.14 -45.78 28.47
C ARG C 353 26.06 -45.02 27.16
N ILE C 354 24.89 -45.03 26.50
CA ILE C 354 24.72 -44.27 25.27
C ILE C 354 24.79 -42.77 25.55
N MET C 355 24.08 -42.32 26.58
CA MET C 355 24.01 -40.90 26.91
C MET C 355 25.30 -40.34 27.48
N THR C 356 26.27 -41.20 27.82
CA THR C 356 27.59 -40.71 28.19
C THR C 356 28.24 -39.91 27.07
N ARG C 357 27.87 -40.16 25.81
CA ARG C 357 28.54 -39.64 24.63
C ARG C 357 27.56 -38.93 23.72
N LYS C 358 26.83 -37.95 24.27
CA LYS C 358 25.78 -37.26 23.52
C LYS C 358 26.30 -36.54 22.28
N GLU C 359 27.61 -36.32 22.18
CA GLU C 359 28.17 -35.59 21.05
C GLU C 359 27.92 -36.30 19.72
N LEU C 360 27.63 -37.59 19.73
CA LEU C 360 27.41 -38.37 18.52
C LEU C 360 25.93 -38.61 18.24
N LEU C 361 25.02 -37.94 18.94
CA LEU C 361 23.59 -38.14 18.77
C LEU C 361 22.91 -36.81 18.43
N THR C 362 21.96 -36.86 17.52
CA THR C 362 21.17 -35.69 17.13
C THR C 362 19.73 -36.14 16.92
N VAL C 363 18.79 -35.21 17.12
CA VAL C 363 17.36 -35.49 16.97
C VAL C 363 16.84 -34.73 15.76
N TYR C 364 16.19 -35.45 14.85
CA TYR C 364 15.56 -34.89 13.66
C TYR C 364 14.06 -34.86 13.89
N SER C 365 13.46 -33.67 13.81
CA SER C 365 12.05 -33.47 14.06
C SER C 365 11.36 -33.00 12.78
N SER C 366 10.12 -33.46 12.58
CA SER C 366 9.38 -33.10 11.37
C SER C 366 9.07 -31.60 11.33
N GLU C 367 8.97 -30.96 12.48
CA GLU C 367 8.71 -29.53 12.54
C GLU C 367 9.93 -28.72 12.10
N GLU C 372 15.91 -28.22 8.48
CA GLU C 372 15.59 -29.39 7.67
C GLU C 372 16.71 -30.44 7.75
N PHE C 373 16.67 -31.41 6.84
CA PHE C 373 17.60 -32.53 6.89
C PHE C 373 19.06 -32.07 6.74
N GLU C 374 19.32 -31.18 5.79
CA GLU C 374 20.70 -30.78 5.50
C GLU C 374 21.33 -30.07 6.68
N THR C 375 20.58 -29.17 7.33
CA THR C 375 21.11 -28.44 8.48
C THR C 375 21.47 -29.39 9.62
N ILE C 376 20.57 -30.35 9.90
CA ILE C 376 20.82 -31.30 10.98
C ILE C 376 22.02 -32.18 10.65
N VAL C 377 22.15 -32.59 9.39
CA VAL C 377 23.30 -33.38 8.98
C VAL C 377 24.60 -32.60 9.18
N LEU C 378 24.60 -31.32 8.79
CA LEU C 378 25.79 -30.51 8.96
C LEU C 378 26.14 -30.35 10.43
N LYS C 379 25.14 -30.08 11.27
CA LYS C 379 25.39 -29.94 12.70
C LYS C 379 25.97 -31.21 13.29
N ALA C 380 25.39 -32.37 12.92
CA ALA C 380 25.89 -33.63 13.44
C ALA C 380 27.31 -33.92 12.96
N LEU C 381 27.61 -33.62 11.69
CA LEU C 381 28.96 -33.87 11.18
C LEU C 381 29.98 -32.97 11.85
N VAL C 382 29.64 -31.70 12.09
CA VAL C 382 30.57 -30.78 12.74
C VAL C 382 30.78 -31.18 14.20
N LYS C 383 29.71 -31.62 14.87
CA LYS C 383 29.76 -31.88 16.30
C LYS C 383 30.80 -32.94 16.66
N ALA C 384 31.05 -33.90 15.77
CA ALA C 384 31.92 -35.02 16.07
C ALA C 384 33.31 -34.91 15.48
N CYS C 385 33.65 -33.75 14.88
CA CYS C 385 34.95 -33.64 14.17
C CYS C 385 36.10 -33.58 15.20
N GLY C 386 36.11 -32.55 16.04
CA GLY C 386 37.15 -32.40 17.06
C GLY C 386 38.47 -31.76 16.68
N SER C 387 39.17 -32.32 15.69
CA SER C 387 40.49 -31.82 15.33
C SER C 387 40.37 -30.46 14.64
N SER C 388 41.52 -29.84 14.36
CA SER C 388 41.55 -28.47 13.87
C SER C 388 42.59 -28.21 12.78
N GLU C 389 43.04 -29.22 12.05
CA GLU C 389 44.09 -29.04 11.04
C GLU C 389 43.55 -28.59 9.69
N ALA C 390 42.23 -28.34 9.59
CA ALA C 390 41.58 -27.79 8.40
C ALA C 390 41.49 -28.81 7.26
N SER C 391 42.09 -29.98 7.45
CA SER C 391 41.93 -31.05 6.47
C SER C 391 40.70 -31.89 6.76
N ALA C 392 40.29 -31.95 8.03
CA ALA C 392 39.13 -32.75 8.43
C ALA C 392 37.81 -32.04 8.15
N TYR C 393 37.82 -30.77 7.76
CA TYR C 393 36.60 -30.01 7.53
C TYR C 393 36.31 -29.73 6.06
N LEU C 394 37.15 -30.22 5.14
CA LEU C 394 36.91 -29.97 3.72
C LEU C 394 35.61 -30.61 3.25
N ASP C 395 35.35 -31.82 3.74
CA ASP C 395 34.12 -32.56 3.35
C ASP C 395 32.89 -31.76 3.79
N GLU C 396 32.89 -31.26 5.02
CA GLU C 396 31.77 -30.45 5.51
C GLU C 396 31.62 -29.18 4.67
N LEU C 397 32.74 -28.58 4.27
CA LEU C 397 32.67 -27.39 3.43
C LEU C 397 32.05 -27.69 2.07
N ARG C 398 32.43 -28.82 1.47
CA ARG C 398 31.83 -29.19 0.19
C ARG C 398 30.34 -29.47 0.33
N LEU C 399 29.95 -30.14 1.41
CA LEU C 399 28.53 -30.39 1.64
C LEU C 399 27.77 -29.08 1.83
N ALA C 400 28.34 -28.14 2.57
CA ALA C 400 27.69 -26.84 2.77
C ALA C 400 27.58 -26.07 1.47
N VAL C 401 28.61 -26.14 0.62
CA VAL C 401 28.53 -25.48 -0.68
C VAL C 401 27.42 -26.10 -1.52
N ALA C 402 27.33 -27.43 -1.52
CA ALA C 402 26.32 -28.12 -2.32
C ALA C 402 24.91 -27.83 -1.83
N TRP C 403 24.73 -27.73 -0.50
CA TRP C 403 23.41 -27.52 0.08
C TRP C 403 23.12 -26.06 0.40
N ASN C 404 24.02 -25.14 0.04
CA ASN C 404 23.82 -23.71 0.28
C ASN C 404 23.60 -23.40 1.75
N ARG C 405 24.44 -23.96 2.61
CA ARG C 405 24.38 -23.74 4.05
C ARG C 405 25.38 -22.64 4.44
N VAL C 406 24.98 -21.41 4.17
CA VAL C 406 25.88 -20.27 4.39
C VAL C 406 26.16 -20.07 5.88
N ASP C 407 25.11 -20.05 6.69
CA ASP C 407 25.29 -19.76 8.11
C ASP C 407 26.06 -20.86 8.82
N ILE C 408 25.81 -22.13 8.46
CA ILE C 408 26.54 -23.23 9.09
C ILE C 408 28.03 -23.10 8.80
N ALA C 409 28.38 -22.83 7.54
CA ALA C 409 29.79 -22.68 7.19
C ALA C 409 30.41 -21.49 7.93
N GLN C 410 29.75 -20.34 7.87
CA GLN C 410 30.31 -19.13 8.47
C GLN C 410 30.47 -19.26 9.98
N SER C 411 29.56 -19.98 10.64
CA SER C 411 29.64 -20.15 12.08
C SER C 411 30.63 -21.22 12.49
N GLU C 412 30.45 -22.45 12.01
CA GLU C 412 31.25 -23.58 12.47
C GLU C 412 32.60 -23.68 11.74
N LEU C 413 32.59 -23.65 10.41
CA LEU C 413 33.78 -24.03 9.67
C LEU C 413 34.84 -22.94 9.65
N PHE C 414 34.44 -21.68 9.54
CA PHE C 414 35.39 -20.57 9.51
C PHE C 414 35.41 -19.88 10.87
N ARG C 415 36.18 -20.47 11.77
CA ARG C 415 36.49 -19.88 13.07
C ARG C 415 38.00 -19.78 13.21
N GLY C 416 38.44 -18.88 14.08
CA GLY C 416 39.86 -18.62 14.25
C GLY C 416 40.67 -19.83 14.69
N ASP C 417 40.02 -20.83 15.29
CA ASP C 417 40.70 -22.07 15.63
C ASP C 417 41.26 -22.75 14.39
N ILE C 418 40.45 -22.85 13.34
CA ILE C 418 40.83 -23.58 12.13
C ILE C 418 41.66 -22.67 11.24
N GLN C 419 42.88 -23.09 10.94
CA GLN C 419 43.85 -22.28 10.20
C GLN C 419 43.76 -22.59 8.70
N TRP C 420 42.83 -21.91 8.04
CA TRP C 420 42.66 -22.06 6.60
C TRP C 420 43.71 -21.25 5.84
N ARG C 421 43.84 -21.57 4.55
CA ARG C 421 44.55 -20.72 3.61
C ARG C 421 44.12 -21.06 2.19
N SER C 422 44.66 -20.32 1.23
CA SER C 422 44.18 -20.29 -0.15
C SER C 422 43.90 -21.65 -0.78
N PHE C 423 44.87 -22.55 -0.73
CA PHE C 423 44.75 -23.82 -1.45
C PHE C 423 43.62 -24.68 -0.88
N HIS C 424 43.27 -24.48 0.39
CA HIS C 424 42.11 -25.14 0.95
C HIS C 424 40.82 -24.67 0.29
N LEU C 425 40.70 -23.37 0.03
CA LEU C 425 39.45 -22.76 -0.38
C LEU C 425 39.30 -22.57 -1.89
N GLU C 426 40.35 -22.83 -2.68
CA GLU C 426 40.26 -22.60 -4.12
C GLU C 426 39.17 -23.47 -4.76
N ALA C 427 39.15 -24.76 -4.41
CA ALA C 427 38.17 -25.67 -5.01
C ALA C 427 36.75 -25.29 -4.62
N SER C 428 36.54 -24.92 -3.36
CA SER C 428 35.22 -24.49 -2.92
C SER C 428 34.80 -23.19 -3.60
N LEU C 429 35.75 -22.28 -3.83
CA LEU C 429 35.43 -21.05 -4.55
C LEU C 429 34.99 -21.35 -5.97
N MET C 430 35.70 -22.25 -6.65
CA MET C 430 35.31 -22.61 -8.00
C MET C 430 33.94 -23.29 -8.01
N ASP C 431 33.67 -24.14 -7.02
CA ASP C 431 32.37 -24.78 -6.90
C ASP C 431 31.26 -23.76 -6.72
N ALA C 432 31.51 -22.74 -5.88
CA ALA C 432 30.49 -21.73 -5.64
C ALA C 432 30.30 -20.82 -6.84
N LEU C 433 31.38 -20.57 -7.59
CA LEU C 433 31.27 -19.78 -8.81
C LEU C 433 30.44 -20.50 -9.86
N LEU C 434 30.72 -21.79 -10.06
CA LEU C 434 30.05 -22.53 -11.13
C LEU C 434 28.57 -22.73 -10.83
N ASN C 435 28.23 -22.95 -9.56
CA ASN C 435 26.87 -23.31 -9.18
C ASN C 435 26.05 -22.14 -8.64
N ASP C 436 26.53 -20.91 -8.82
CA ASP C 436 25.78 -19.70 -8.48
C ASP C 436 25.40 -19.68 -6.99
N ARG C 437 26.43 -19.58 -6.15
CA ARG C 437 26.28 -19.47 -4.70
C ARG C 437 26.96 -18.17 -4.28
N PRO C 438 26.27 -17.03 -4.41
CA PRO C 438 26.93 -15.74 -4.15
C PRO C 438 27.45 -15.59 -2.73
N GLU C 439 26.71 -16.10 -1.74
CA GLU C 439 27.13 -15.94 -0.35
C GLU C 439 28.43 -16.70 -0.06
N PHE C 440 28.60 -17.90 -0.62
CA PHE C 440 29.85 -18.62 -0.43
C PHE C 440 30.99 -17.95 -1.20
N VAL C 441 30.68 -17.33 -2.34
CA VAL C 441 31.70 -16.57 -3.07
C VAL C 441 32.19 -15.42 -2.21
N ARG C 442 31.26 -14.71 -1.56
CA ARG C 442 31.65 -13.63 -0.67
C ARG C 442 32.45 -14.15 0.53
N LEU C 443 32.00 -15.25 1.11
CA LEU C 443 32.62 -15.77 2.34
C LEU C 443 34.04 -16.27 2.08
N LEU C 444 34.22 -17.04 1.01
CA LEU C 444 35.52 -17.66 0.77
C LEU C 444 36.58 -16.63 0.41
N ILE C 445 36.19 -15.60 -0.35
CA ILE C 445 37.15 -14.55 -0.70
C ILE C 445 37.52 -13.73 0.53
N SER C 446 36.57 -13.48 1.41
CA SER C 446 36.85 -12.66 2.59
C SER C 446 37.79 -13.36 3.56
N HIS C 447 37.98 -14.68 3.43
CA HIS C 447 38.82 -15.43 4.34
C HIS C 447 40.19 -15.77 3.74
N GLY C 448 40.75 -14.87 2.94
CA GLY C 448 42.14 -14.99 2.54
C GLY C 448 42.41 -15.66 1.22
N LEU C 449 41.40 -15.80 0.37
CA LEU C 449 41.61 -16.40 -0.95
C LEU C 449 42.08 -15.31 -1.91
N SER C 450 43.36 -15.35 -2.28
CA SER C 450 43.98 -14.34 -3.12
C SER C 450 43.41 -14.45 -4.54
N LEU C 451 42.52 -13.52 -4.90
CA LEU C 451 41.86 -13.59 -6.19
C LEU C 451 42.84 -13.35 -7.35
N GLY C 452 43.84 -12.51 -7.13
CA GLY C 452 44.80 -12.23 -8.20
C GLY C 452 45.55 -13.47 -8.66
N HIS C 453 45.94 -14.33 -7.72
CA HIS C 453 46.57 -15.59 -8.06
C HIS C 453 45.56 -16.64 -8.50
N PHE C 454 44.34 -16.58 -8.00
CA PHE C 454 43.34 -17.60 -8.30
C PHE C 454 42.94 -17.57 -9.77
N LEU C 455 42.66 -16.37 -10.30
CA LEU C 455 42.09 -16.28 -11.64
C LEU C 455 43.15 -16.54 -12.69
N THR C 456 42.86 -17.49 -13.58
CA THR C 456 43.72 -17.86 -14.69
C THR C 456 42.84 -17.95 -15.93
N PRO C 457 43.41 -17.76 -17.13
CA PRO C 457 42.59 -17.89 -18.34
C PRO C 457 41.87 -19.22 -18.44
N MET C 458 42.44 -20.31 -17.94
CA MET C 458 41.78 -21.61 -17.97
C MET C 458 40.48 -21.58 -17.16
N ARG C 459 40.56 -21.14 -15.91
CA ARG C 459 39.37 -21.10 -15.07
C ARG C 459 38.40 -20.02 -15.54
N LEU C 460 38.92 -18.92 -16.09
CA LEU C 460 38.05 -17.88 -16.64
C LEU C 460 37.24 -18.42 -17.81
N ALA C 461 37.87 -19.20 -18.68
CA ALA C 461 37.13 -19.85 -19.77
C ALA C 461 36.18 -20.91 -19.21
N GLN C 462 36.58 -21.61 -18.15
CA GLN C 462 35.72 -22.63 -17.57
C GLN C 462 34.46 -22.02 -16.97
N LEU C 463 34.53 -20.78 -16.48
CA LEU C 463 33.36 -20.11 -15.94
C LEU C 463 32.30 -19.89 -17.02
N TYR C 464 32.73 -19.48 -18.21
CA TYR C 464 31.77 -19.27 -19.30
C TYR C 464 31.17 -20.58 -19.79
N SER C 465 31.85 -21.71 -19.51
CA SER C 465 31.29 -23.02 -19.84
C SER C 465 30.10 -23.37 -18.98
N ALA C 466 29.86 -22.65 -17.89
CA ALA C 466 28.73 -22.94 -16.99
C ALA C 466 27.43 -22.31 -17.47
N ALA C 467 27.43 -21.58 -18.58
CA ALA C 467 26.20 -21.00 -19.09
C ALA C 467 25.26 -22.11 -19.55
N PRO C 468 23.94 -21.94 -19.37
CA PRO C 468 23.00 -22.93 -19.90
C PRO C 468 23.11 -23.03 -21.42
N SER C 469 22.83 -24.23 -21.94
CA SER C 469 22.96 -24.47 -23.37
C SER C 469 21.99 -23.62 -24.18
N ASN C 470 20.81 -23.33 -23.65
CA ASN C 470 19.80 -22.54 -24.34
C ASN C 470 19.85 -21.06 -24.02
N SER C 471 20.82 -20.62 -23.23
CA SER C 471 20.91 -19.22 -22.83
C SER C 471 21.33 -18.35 -24.01
N LEU C 472 21.06 -17.04 -23.86
CA LEU C 472 21.44 -16.09 -24.90
C LEU C 472 22.96 -15.99 -25.04
N ILE C 473 23.68 -16.01 -23.92
CA ILE C 473 25.13 -15.85 -23.97
C ILE C 473 25.77 -17.03 -24.68
N ARG C 474 25.20 -18.23 -24.50
CA ARG C 474 25.72 -19.39 -25.22
C ARG C 474 25.57 -19.22 -26.73
N ASN C 475 24.41 -18.75 -27.17
CA ASN C 475 24.19 -18.51 -28.59
C ASN C 475 25.15 -17.45 -29.11
N LEU C 476 25.35 -16.38 -28.34
CA LEU C 476 26.26 -15.32 -28.77
C LEU C 476 27.69 -15.82 -28.89
N LEU C 477 28.14 -16.63 -27.92
CA LEU C 477 29.48 -17.21 -27.98
C LEU C 477 29.63 -18.12 -29.18
N ASP C 478 28.62 -18.95 -29.46
CA ASP C 478 28.68 -19.83 -30.62
C ASP C 478 28.73 -19.03 -31.92
N GLN C 479 27.94 -17.97 -32.02
CA GLN C 479 27.97 -17.14 -33.22
C GLN C 479 29.31 -16.45 -33.37
N ALA C 480 29.89 -15.98 -32.27
CA ALA C 480 31.21 -15.34 -32.33
C ALA C 480 32.27 -16.33 -32.79
N SER C 481 32.20 -17.57 -32.29
CA SER C 481 33.18 -18.58 -32.70
C SER C 481 32.97 -19.00 -34.14
N HIS C 482 31.73 -18.97 -34.63
CA HIS C 482 31.49 -19.32 -36.02
C HIS C 482 31.94 -18.23 -36.98
N SER C 483 32.19 -17.02 -36.49
CA SER C 483 32.65 -15.93 -37.34
C SER C 483 34.15 -16.04 -37.60
N ARG C 499 39.94 -23.67 -27.90
CA ARG C 499 38.94 -22.68 -28.29
C ARG C 499 38.77 -21.61 -27.22
N PRO C 500 39.26 -20.40 -27.49
CA PRO C 500 39.08 -19.30 -26.55
C PRO C 500 37.62 -18.91 -26.45
N PRO C 501 37.19 -18.33 -25.32
CA PRO C 501 35.77 -18.00 -25.15
C PRO C 501 35.25 -16.99 -26.16
N ASP C 502 36.11 -16.13 -26.70
CA ASP C 502 35.73 -15.08 -27.64
C ASP C 502 34.71 -14.12 -27.03
N VAL C 503 34.86 -13.81 -25.74
CA VAL C 503 33.94 -12.88 -25.08
C VAL C 503 34.12 -11.47 -25.61
N GLY C 504 35.35 -11.07 -25.92
CA GLY C 504 35.58 -9.74 -26.45
C GLY C 504 34.83 -9.46 -27.74
N HIS C 505 34.74 -10.46 -28.62
CA HIS C 505 33.96 -10.31 -29.84
C HIS C 505 32.49 -10.08 -29.52
N VAL C 506 31.96 -10.80 -28.53
CA VAL C 506 30.56 -10.62 -28.12
C VAL C 506 30.36 -9.21 -27.57
N LEU C 507 31.31 -8.73 -26.78
CA LEU C 507 31.21 -7.36 -26.24
C LEU C 507 31.23 -6.33 -27.37
N ARG C 508 32.09 -6.54 -28.37
CA ARG C 508 32.12 -5.64 -29.51
C ARG C 508 30.79 -5.65 -30.26
N MET C 509 30.22 -6.84 -30.45
CA MET C 509 28.94 -6.94 -31.16
C MET C 509 27.81 -6.26 -30.37
N LEU C 510 27.85 -6.38 -29.03
CA LEU C 510 26.76 -5.85 -28.22
C LEU C 510 26.88 -4.35 -28.02
N LEU C 511 27.99 -3.90 -27.43
CA LEU C 511 28.13 -2.51 -27.03
C LEU C 511 28.67 -1.61 -28.11
N GLY C 512 29.31 -2.16 -29.14
CA GLY C 512 29.95 -1.35 -30.15
C GLY C 512 31.37 -0.96 -29.74
N LYS C 513 32.13 -0.49 -30.73
CA LYS C 513 33.54 -0.19 -30.52
C LYS C 513 33.72 0.91 -29.47
N MET C 514 32.79 1.87 -29.42
CA MET C 514 32.95 3.02 -28.55
C MET C 514 33.01 2.63 -27.07
N CYS C 515 32.11 1.73 -26.65
CA CYS C 515 31.95 1.44 -25.23
C CYS C 515 32.39 0.03 -24.82
N ALA C 516 32.67 -0.85 -25.77
CA ALA C 516 32.97 -2.23 -25.43
C ALA C 516 34.32 -2.33 -24.73
N PRO C 517 34.40 -3.00 -23.58
CA PRO C 517 35.71 -3.28 -22.98
C PRO C 517 36.55 -4.17 -23.87
N ARG C 518 37.86 -3.95 -23.85
CA ARG C 518 38.80 -4.83 -24.54
C ARG C 518 39.09 -6.09 -23.74
N TYR C 519 38.07 -6.89 -23.47
CA TYR C 519 38.20 -8.06 -22.61
C TYR C 519 39.23 -9.03 -23.20
N PRO C 520 40.05 -9.66 -22.36
CA PRO C 520 40.15 -9.52 -20.89
C PRO C 520 40.68 -8.16 -20.46
N SER C 521 40.26 -7.68 -19.28
CA SER C 521 40.66 -6.37 -18.79
C SER C 521 42.10 -6.39 -18.27
N ALA C 557 43.30 -6.72 -13.13
CA ALA C 557 41.97 -6.40 -12.60
C ALA C 557 41.01 -7.57 -12.78
N PRO C 558 41.08 -8.54 -11.87
CA PRO C 558 40.15 -9.68 -11.96
C PRO C 558 38.72 -9.30 -11.69
N TRP C 559 38.48 -8.25 -10.90
CA TRP C 559 37.12 -7.87 -10.56
C TRP C 559 36.33 -7.45 -11.79
N SER C 560 36.97 -6.75 -12.73
CA SER C 560 36.29 -6.35 -13.95
C SER C 560 35.89 -7.57 -14.78
N ASP C 561 36.78 -8.55 -14.91
CA ASP C 561 36.46 -9.76 -15.66
C ASP C 561 35.32 -10.52 -15.00
N LEU C 562 35.36 -10.65 -13.67
CA LEU C 562 34.29 -11.36 -12.97
C LEU C 562 32.97 -10.63 -13.09
N LEU C 563 32.98 -9.29 -13.03
CA LEU C 563 31.76 -8.51 -13.20
C LEU C 563 31.19 -8.69 -14.60
N LEU C 564 32.05 -8.67 -15.62
CA LEU C 564 31.58 -8.89 -16.98
C LEU C 564 30.98 -10.28 -17.14
N TRP C 565 31.63 -11.30 -16.57
CA TRP C 565 31.09 -12.65 -16.65
C TRP C 565 29.74 -12.76 -15.97
N ALA C 566 29.60 -12.14 -14.78
CA ALA C 566 28.32 -12.19 -14.08
C ALA C 566 27.24 -11.44 -14.84
N LEU C 567 27.59 -10.32 -15.48
CA LEU C 567 26.60 -9.56 -16.24
C LEU C 567 26.14 -10.32 -17.47
N LEU C 568 27.07 -10.99 -18.16
CA LEU C 568 26.71 -11.75 -19.36
C LEU C 568 25.79 -12.92 -19.02
N LEU C 569 26.02 -13.57 -17.87
CA LEU C 569 25.22 -14.72 -17.46
C LEU C 569 24.01 -14.34 -16.62
N ASN C 570 23.76 -13.05 -16.41
CA ASN C 570 22.60 -12.56 -15.65
C ASN C 570 22.60 -13.07 -14.21
N ARG C 571 23.79 -13.13 -13.59
CA ARG C 571 23.94 -13.47 -12.18
C ARG C 571 23.89 -12.18 -11.36
N ALA C 572 22.69 -11.86 -10.87
CA ALA C 572 22.45 -10.54 -10.28
C ALA C 572 23.29 -10.32 -9.02
N GLN C 573 23.22 -11.25 -8.06
CA GLN C 573 23.88 -11.04 -6.78
C GLN C 573 25.40 -11.06 -6.92
N MET C 574 25.93 -11.97 -7.73
CA MET C 574 27.37 -12.01 -7.93
C MET C 574 27.87 -10.80 -8.71
N ALA C 575 27.07 -10.28 -9.64
CA ALA C 575 27.43 -9.05 -10.32
C ALA C 575 27.48 -7.88 -9.35
N MET C 576 26.49 -7.80 -8.44
CA MET C 576 26.51 -6.75 -7.43
C MET C 576 27.74 -6.86 -6.54
N TYR C 577 28.08 -8.08 -6.13
CA TYR C 577 29.25 -8.26 -5.28
C TYR C 577 30.54 -7.87 -6.02
N PHE C 578 30.67 -8.28 -7.28
CA PHE C 578 31.86 -7.95 -8.05
C PHE C 578 31.96 -6.45 -8.32
N TRP C 579 30.82 -5.77 -8.47
CA TRP C 579 30.83 -4.32 -8.60
C TRP C 579 31.30 -3.67 -7.30
N GLU C 580 30.77 -4.13 -6.16
CA GLU C 580 31.12 -3.50 -4.90
C GLU C 580 32.55 -3.82 -4.47
N MET C 581 33.16 -4.85 -5.06
CA MET C 581 34.55 -5.15 -4.72
C MET C 581 35.54 -4.41 -5.60
N GLY C 582 35.15 -4.03 -6.83
CA GLY C 582 36.06 -3.42 -7.76
C GLY C 582 36.09 -1.90 -7.68
N SER C 583 36.91 -1.31 -8.55
CA SER C 583 37.08 0.14 -8.65
C SER C 583 36.32 0.67 -9.87
N ASN C 584 36.48 1.96 -10.15
CA ASN C 584 35.79 2.64 -11.24
C ASN C 584 34.28 2.42 -11.15
N ALA C 585 33.73 2.68 -9.95
CA ALA C 585 32.40 2.17 -9.63
C ALA C 585 31.30 2.87 -10.44
N VAL C 586 31.38 4.19 -10.60
CA VAL C 586 30.32 4.92 -11.30
C VAL C 586 30.29 4.52 -12.77
N SER C 587 31.44 4.53 -13.43
CA SER C 587 31.49 4.15 -14.83
C SER C 587 31.15 2.67 -15.01
N SER C 588 31.55 1.82 -14.07
CA SER C 588 31.20 0.41 -14.15
C SER C 588 29.70 0.19 -14.01
N ALA C 589 29.05 0.92 -13.11
CA ALA C 589 27.60 0.80 -12.97
C ALA C 589 26.90 1.28 -14.23
N LEU C 590 27.35 2.39 -14.81
CA LEU C 590 26.75 2.86 -16.05
C LEU C 590 26.95 1.86 -17.20
N GLY C 591 28.16 1.31 -17.32
CA GLY C 591 28.41 0.32 -18.35
C GLY C 591 27.61 -0.95 -18.15
N ALA C 592 27.46 -1.38 -16.91
CA ALA C 592 26.63 -2.55 -16.60
C ALA C 592 25.19 -2.30 -17.00
N CYS C 593 24.67 -1.12 -16.67
CA CYS C 593 23.30 -0.79 -17.09
C CYS C 593 23.18 -0.82 -18.61
N LEU C 594 24.17 -0.26 -19.31
CA LEU C 594 24.15 -0.28 -20.77
C LEU C 594 24.13 -1.70 -21.32
N LEU C 595 25.02 -2.55 -20.80
CA LEU C 595 25.10 -3.92 -21.29
C LEU C 595 23.81 -4.69 -21.02
N LEU C 596 23.26 -4.54 -19.82
CA LEU C 596 22.04 -5.27 -19.48
C LEU C 596 20.86 -4.80 -20.31
N ARG C 597 20.78 -3.49 -20.59
CA ARG C 597 19.67 -3.01 -21.41
C ARG C 597 19.86 -3.37 -22.88
N VAL C 598 21.10 -3.51 -23.32
CA VAL C 598 21.35 -4.01 -24.68
C VAL C 598 20.92 -5.46 -24.80
N MET C 599 21.31 -6.29 -23.84
CA MET C 599 20.99 -7.71 -23.92
C MET C 599 19.51 -7.98 -23.63
N ALA C 600 18.81 -7.04 -23.00
CA ALA C 600 17.39 -7.25 -22.70
C ALA C 600 16.53 -7.23 -23.95
N ARG C 601 16.94 -6.52 -25.00
CA ARG C 601 16.20 -6.50 -26.24
C ARG C 601 16.50 -7.71 -27.12
N LEU C 602 17.48 -8.53 -26.75
CA LEU C 602 17.94 -9.64 -27.56
C LEU C 602 17.45 -10.99 -27.07
N GLU C 603 16.56 -11.03 -26.09
CA GLU C 603 16.17 -12.29 -25.50
C GLU C 603 14.75 -12.67 -25.89
N PRO C 604 14.51 -13.93 -26.26
CA PRO C 604 13.15 -14.34 -26.67
C PRO C 604 12.20 -14.50 -25.50
N ASP C 605 12.71 -14.96 -24.35
CA ASP C 605 11.87 -15.17 -23.18
C ASP C 605 11.60 -13.83 -22.51
N ALA C 606 10.32 -13.52 -22.28
CA ALA C 606 9.93 -12.21 -21.79
C ALA C 606 10.41 -11.96 -20.36
N GLU C 607 10.29 -12.96 -19.48
CA GLU C 607 10.63 -12.74 -18.08
C GLU C 607 12.14 -12.65 -17.90
N GLU C 608 12.93 -13.28 -18.78
CA GLU C 608 14.37 -13.10 -18.73
C GLU C 608 14.75 -11.66 -19.07
N ALA C 609 14.09 -11.08 -20.09
CA ALA C 609 14.30 -9.68 -20.41
C ALA C 609 13.86 -8.79 -19.26
N ALA C 610 12.76 -9.14 -18.60
CA ALA C 610 12.33 -8.38 -17.43
C ALA C 610 13.35 -8.43 -16.31
N ARG C 611 13.95 -9.60 -16.08
CA ARG C 611 15.02 -9.72 -15.09
C ARG C 611 16.20 -8.83 -15.45
N ARG C 612 16.61 -8.83 -16.72
CA ARG C 612 17.74 -7.99 -17.13
C ARG C 612 17.42 -6.51 -16.97
N LYS C 613 16.20 -6.11 -17.31
CA LYS C 613 15.80 -4.71 -17.10
C LYS C 613 15.81 -4.34 -15.63
N ASP C 614 15.34 -5.25 -14.77
CA ASP C 614 15.35 -4.98 -13.33
C ASP C 614 16.78 -4.82 -12.81
N LEU C 615 17.69 -5.69 -13.25
CA LEU C 615 19.08 -5.58 -12.82
C LEU C 615 19.72 -4.30 -13.34
N ALA C 616 19.37 -3.90 -14.58
CA ALA C 616 19.88 -2.64 -15.11
C ALA C 616 19.38 -1.45 -14.30
N PHE C 617 18.11 -1.48 -13.89
CA PHE C 617 17.60 -0.43 -13.02
C PHE C 617 18.35 -0.39 -11.69
N LYS C 618 18.63 -1.56 -11.12
CA LYS C 618 19.38 -1.59 -9.86
C LYS C 618 20.78 -1.00 -10.02
N PHE C 619 21.49 -1.38 -11.08
CA PHE C 619 22.83 -0.84 -11.29
C PHE C 619 22.81 0.67 -11.53
N GLU C 620 21.83 1.14 -12.30
CA GLU C 620 21.69 2.57 -12.53
C GLU C 620 21.45 3.30 -11.22
N GLY C 621 20.59 2.76 -10.37
CA GLY C 621 20.33 3.38 -9.08
C GLY C 621 21.57 3.43 -8.20
N MET C 622 22.36 2.36 -8.22
CA MET C 622 23.60 2.35 -7.45
C MET C 622 24.56 3.43 -7.94
N GLY C 623 24.70 3.55 -9.27
CA GLY C 623 25.55 4.60 -9.80
C GLY C 623 25.07 5.99 -9.44
N VAL C 624 23.75 6.19 -9.50
CA VAL C 624 23.18 7.49 -9.15
C VAL C 624 23.47 7.84 -7.69
N ASP C 625 23.26 6.87 -6.79
CA ASP C 625 23.48 7.13 -5.38
C ASP C 625 24.96 7.40 -5.08
N LEU C 626 25.85 6.62 -5.68
CA LEU C 626 27.28 6.83 -5.44
C LEU C 626 27.74 8.19 -5.96
N PHE C 627 27.28 8.58 -7.16
CA PHE C 627 27.68 9.88 -7.68
C PHE C 627 27.07 11.01 -6.85
N GLY C 628 25.86 10.81 -6.33
CA GLY C 628 25.30 11.81 -5.44
C GLY C 628 26.13 12.01 -4.19
N GLU C 629 26.58 10.91 -3.58
CA GLU C 629 27.44 11.05 -2.40
C GLU C 629 28.76 11.72 -2.75
N CYS C 630 29.36 11.33 -3.88
CA CYS C 630 30.63 11.92 -4.30
C CYS C 630 30.48 13.42 -4.56
N TYR C 631 29.37 13.82 -5.19
CA TYR C 631 29.15 15.23 -5.48
C TYR C 631 28.89 16.02 -4.20
N ARG C 632 28.14 15.45 -3.26
CA ARG C 632 27.92 16.14 -2.00
C ARG C 632 29.22 16.26 -1.21
N SER C 633 30.16 15.35 -1.41
CA SER C 633 31.45 15.49 -0.75
C SER C 633 32.30 16.60 -1.38
N SER C 634 32.37 16.66 -2.70
CA SER C 634 33.26 17.60 -3.38
C SER C 634 32.79 17.80 -4.80
N GLU C 635 32.44 19.04 -5.15
CA GLU C 635 31.92 19.33 -6.49
C GLU C 635 33.01 19.21 -7.56
N VAL C 636 34.21 19.68 -7.26
CA VAL C 636 35.28 19.67 -8.25
C VAL C 636 35.72 18.25 -8.56
N ARG C 637 35.91 17.42 -7.53
CA ARG C 637 36.32 16.04 -7.76
C ARG C 637 35.21 15.25 -8.45
N ALA C 638 33.96 15.52 -8.09
CA ALA C 638 32.85 14.85 -8.77
C ALA C 638 32.78 15.23 -10.24
N ALA C 639 32.99 16.51 -10.55
CA ALA C 639 33.01 16.93 -11.96
C ALA C 639 34.16 16.28 -12.71
N ARG C 640 35.32 16.16 -12.06
CA ARG C 640 36.45 15.50 -12.69
C ARG C 640 36.17 14.02 -12.92
N LEU C 641 35.49 13.38 -11.97
CA LEU C 641 35.14 11.97 -12.11
C LEU C 641 34.09 11.76 -13.20
N LEU C 642 33.22 12.75 -13.41
CA LEU C 642 32.15 12.60 -14.39
C LEU C 642 32.68 12.71 -15.82
N LEU C 643 33.71 13.52 -16.04
CA LEU C 643 34.20 13.80 -17.38
C LEU C 643 35.47 13.03 -17.73
N ARG C 644 35.99 12.18 -16.84
CA ARG C 644 37.17 11.40 -17.16
C ARG C 644 36.82 10.23 -18.07
N ARG C 645 37.79 9.82 -18.89
CA ARG C 645 37.62 8.64 -19.73
C ARG C 645 38.04 7.39 -18.97
N CYS C 646 37.18 6.38 -19.00
CA CYS C 646 37.44 5.13 -18.29
C CYS C 646 38.02 4.10 -19.23
N PRO C 647 39.25 3.64 -19.02
CA PRO C 647 39.82 2.61 -19.91
C PRO C 647 39.00 1.34 -19.96
N LEU C 648 38.36 0.96 -18.85
CA LEU C 648 37.61 -0.29 -18.79
C LEU C 648 36.42 -0.30 -19.75
N TRP C 649 35.95 0.86 -20.20
CA TRP C 649 34.77 0.89 -21.05
C TRP C 649 35.01 1.65 -22.35
N GLY C 650 36.11 1.36 -23.03
CA GLY C 650 36.38 1.98 -24.31
C GLY C 650 36.68 3.45 -24.26
N ASP C 651 37.21 3.95 -23.14
CA ASP C 651 37.57 5.35 -22.96
C ASP C 651 36.36 6.28 -23.05
N ALA C 652 35.16 5.76 -22.86
CA ALA C 652 33.97 6.60 -22.83
C ALA C 652 33.82 7.26 -21.47
N THR C 653 33.27 8.47 -21.48
CA THR C 653 32.97 9.18 -20.24
C THR C 653 31.66 8.68 -19.65
N CYS C 654 31.41 9.08 -18.41
CA CYS C 654 30.18 8.65 -17.74
C CYS C 654 28.95 9.17 -18.46
N LEU C 655 29.01 10.40 -18.98
CA LEU C 655 27.88 10.96 -19.71
C LEU C 655 27.59 10.19 -20.99
N GLN C 656 28.63 9.77 -21.71
CA GLN C 656 28.43 9.00 -22.93
C GLN C 656 27.84 7.62 -22.62
N LEU C 657 28.32 6.97 -21.56
CA LEU C 657 27.76 5.68 -21.17
C LEU C 657 26.30 5.83 -20.77
N ALA C 658 25.96 6.89 -20.03
CA ALA C 658 24.57 7.12 -19.65
C ALA C 658 23.71 7.43 -20.86
N MET C 659 24.26 8.16 -21.84
CA MET C 659 23.51 8.45 -23.05
C MET C 659 23.22 7.18 -23.84
N GLN C 660 24.22 6.33 -24.00
CA GLN C 660 24.01 5.06 -24.69
C GLN C 660 23.02 4.18 -23.94
N ALA C 661 23.15 4.11 -22.62
CA ALA C 661 22.29 3.27 -21.79
C ALA C 661 20.89 3.83 -21.64
N ASP C 662 20.64 5.06 -22.09
CA ASP C 662 19.36 5.74 -21.91
C ASP C 662 19.03 5.85 -20.42
N ALA C 663 20.05 6.06 -19.60
CA ALA C 663 19.91 6.16 -18.15
C ALA C 663 19.49 7.59 -17.79
N ARG C 664 18.17 7.82 -17.89
CA ARG C 664 17.65 9.16 -17.66
C ARG C 664 17.70 9.55 -16.18
N ALA C 665 17.76 8.56 -15.28
CA ALA C 665 17.85 8.88 -13.87
C ALA C 665 19.23 9.42 -13.51
N PHE C 666 20.26 9.06 -14.28
CA PHE C 666 21.59 9.57 -14.01
C PHE C 666 21.71 11.03 -14.43
N PHE C 667 21.08 11.41 -15.54
CA PHE C 667 21.12 12.80 -15.99
C PHE C 667 20.31 13.70 -15.07
N ALA C 668 19.29 13.17 -14.41
CA ALA C 668 18.46 13.98 -13.53
C ALA C 668 19.08 14.25 -12.18
N GLN C 669 20.24 13.67 -11.89
CA GLN C 669 20.92 13.92 -10.63
C GLN C 669 21.34 15.39 -10.54
N ASP C 670 21.30 15.94 -9.33
CA ASP C 670 21.54 17.37 -9.15
C ASP C 670 22.96 17.77 -9.53
N GLY C 671 23.95 16.93 -9.22
CA GLY C 671 25.31 17.27 -9.59
C GLY C 671 25.51 17.30 -11.09
N VAL C 672 24.94 16.32 -11.79
CA VAL C 672 25.04 16.28 -13.24
C VAL C 672 24.37 17.50 -13.86
N GLN C 673 23.18 17.84 -13.37
CA GLN C 673 22.47 19.00 -13.90
C GLN C 673 23.18 20.30 -13.59
N SER C 674 23.81 20.41 -12.41
CA SER C 674 24.57 21.60 -12.08
C SER C 674 25.78 21.76 -13.01
N LEU C 675 26.49 20.65 -13.25
CA LEU C 675 27.62 20.69 -14.17
C LEU C 675 27.18 21.06 -15.58
N LEU C 676 26.04 20.50 -16.02
CA LEU C 676 25.53 20.81 -17.35
C LEU C 676 25.11 22.27 -17.46
N THR C 677 24.51 22.82 -16.40
CA THR C 677 24.15 24.24 -16.40
C THR C 677 25.39 25.12 -16.48
N GLN C 678 26.44 24.75 -15.74
CA GLN C 678 27.68 25.50 -15.77
C GLN C 678 28.31 25.45 -17.16
N LYS C 679 28.25 24.31 -17.83
CA LYS C 679 28.71 24.22 -19.21
C LYS C 679 27.84 25.07 -20.14
N TRP C 680 26.52 25.06 -19.91
CA TRP C 680 25.58 25.77 -20.77
C TRP C 680 25.80 27.26 -20.72
N TRP C 681 26.03 27.82 -19.54
CA TRP C 681 26.20 29.26 -19.43
C TRP C 681 27.62 29.72 -19.70
N GLY C 682 28.56 28.81 -19.92
CA GLY C 682 29.91 29.19 -20.30
C GLY C 682 30.59 29.99 -19.21
N ASP C 683 31.09 31.17 -19.58
CA ASP C 683 31.78 32.05 -18.64
C ASP C 683 30.85 33.05 -17.97
N MET C 684 29.58 33.07 -18.33
CA MET C 684 28.59 33.86 -17.61
C MET C 684 28.09 33.10 -16.40
N ALA C 685 27.60 33.84 -15.42
CA ALA C 685 27.03 33.23 -14.23
C ALA C 685 25.68 32.59 -14.57
N SER C 686 25.47 31.36 -14.11
CA SER C 686 24.24 30.64 -14.43
C SER C 686 23.02 31.31 -13.80
N THR C 687 23.22 32.23 -12.86
CA THR C 687 22.13 32.95 -12.22
C THR C 687 21.68 34.17 -13.01
N THR C 688 22.27 34.42 -14.18
CA THR C 688 21.84 35.53 -15.02
C THR C 688 20.40 35.30 -15.46
N PRO C 689 19.52 36.30 -15.30
CA PRO C 689 18.13 36.13 -15.76
C PRO C 689 18.06 36.02 -17.27
N ILE C 690 17.01 35.33 -17.73
CA ILE C 690 16.81 35.13 -19.17
C ILE C 690 16.53 36.46 -19.85
N TRP C 691 15.74 37.33 -19.21
CA TRP C 691 15.43 38.63 -19.81
C TRP C 691 16.68 39.48 -19.98
N ALA C 692 17.59 39.41 -19.00
CA ALA C 692 18.85 40.13 -19.12
C ALA C 692 19.66 39.61 -20.30
N LEU C 693 19.70 38.29 -20.48
CA LEU C 693 20.44 37.70 -21.59
C LEU C 693 19.86 38.13 -22.93
N VAL C 694 18.53 38.11 -23.05
CA VAL C 694 17.90 38.52 -24.31
C VAL C 694 18.16 40.00 -24.57
N LEU C 695 18.03 40.82 -23.54
CA LEU C 695 18.23 42.26 -23.70
C LEU C 695 19.67 42.57 -24.11
N ALA C 696 20.63 41.87 -23.51
CA ALA C 696 22.02 42.05 -23.91
C ALA C 696 22.29 41.53 -25.31
N PHE C 697 21.58 40.46 -25.72
CA PHE C 697 21.75 39.93 -27.07
C PHE C 697 21.26 40.93 -28.11
N PHE C 698 20.11 41.54 -27.87
CA PHE C 698 19.58 42.51 -28.83
C PHE C 698 20.16 43.91 -28.65
N CYS C 699 20.85 44.16 -27.53
CA CYS C 699 21.55 45.43 -27.30
C CYS C 699 22.95 45.11 -26.80
N PRO C 700 23.89 44.90 -27.71
CA PRO C 700 25.25 44.47 -27.32
C PRO C 700 25.94 45.42 -26.35
N PRO C 701 25.72 46.74 -26.42
CA PRO C 701 26.39 47.62 -25.43
C PRO C 701 26.06 47.30 -23.98
N LEU C 702 24.94 46.65 -23.70
CA LEU C 702 24.56 46.32 -22.33
C LEU C 702 25.45 45.23 -21.73
N ILE C 703 26.30 44.59 -22.54
CA ILE C 703 27.17 43.54 -22.03
C ILE C 703 28.13 44.09 -20.98
N TYR C 704 28.66 45.29 -21.22
CA TYR C 704 29.70 45.85 -20.38
C TYR C 704 29.17 46.54 -19.13
N THR C 705 27.86 46.59 -18.95
CA THR C 705 27.28 47.08 -17.70
C THR C 705 27.31 45.96 -16.65
N ARG C 706 26.61 46.20 -15.54
CA ARG C 706 26.46 45.19 -14.51
C ARG C 706 25.20 44.34 -14.71
N LEU C 707 24.55 44.45 -15.86
CA LEU C 707 23.39 43.63 -16.16
C LEU C 707 23.75 42.14 -16.21
N ILE C 708 24.89 41.83 -16.81
CA ILE C 708 25.36 40.45 -16.96
C ILE C 708 26.49 40.23 -15.97
N THR C 709 26.41 39.16 -15.20
CA THR C 709 27.45 38.79 -14.24
C THR C 709 28.35 37.72 -14.83
N PHE C 710 29.64 37.99 -14.85
CA PHE C 710 30.64 37.07 -15.38
C PHE C 710 31.41 36.44 -14.23
N ARG C 711 31.59 35.13 -14.28
CA ARG C 711 32.30 34.41 -13.23
C ARG C 711 33.79 34.37 -13.52
N GLY C 765 41.13 47.98 -25.86
CA GLY C 765 41.75 47.22 -24.79
C GLY C 765 41.43 45.73 -24.86
N ARG C 766 42.35 44.91 -24.36
CA ARG C 766 42.11 43.47 -24.35
C ARG C 766 40.99 43.08 -23.39
N ARG C 767 40.77 43.89 -22.35
CA ARG C 767 39.72 43.58 -21.38
C ARG C 767 38.34 43.61 -22.03
N CYS C 768 38.12 44.56 -22.94
CA CYS C 768 36.86 44.63 -23.67
C CYS C 768 36.66 43.40 -24.55
N LEU C 769 37.71 42.98 -25.26
CA LEU C 769 37.61 41.84 -26.15
C LEU C 769 37.38 40.55 -25.37
N ARG C 770 37.99 40.44 -24.19
CA ARG C 770 37.77 39.25 -23.35
C ARG C 770 36.31 39.11 -22.96
N ARG C 771 35.68 40.21 -22.53
CA ARG C 771 34.28 40.16 -22.16
C ARG C 771 33.39 39.90 -23.37
N TRP C 772 33.73 40.49 -24.52
CA TRP C 772 32.99 40.24 -25.74
C TRP C 772 33.00 38.75 -26.10
N PHE C 773 34.17 38.15 -26.12
CA PHE C 773 34.28 36.73 -26.45
C PHE C 773 33.69 35.84 -25.37
N HIS C 774 33.67 36.33 -24.12
CA HIS C 774 33.03 35.56 -23.06
C HIS C 774 31.52 35.52 -23.25
N PHE C 775 30.92 36.66 -23.61
CA PHE C 775 29.48 36.68 -23.81
C PHE C 775 29.08 35.90 -25.06
N TRP C 776 29.76 36.16 -26.19
CA TRP C 776 29.31 35.57 -27.44
C TRP C 776 29.77 34.13 -27.62
N GLY C 777 30.69 33.65 -26.80
CA GLY C 777 31.14 32.27 -26.91
C GLY C 777 30.37 31.28 -26.07
N ALA C 778 29.40 31.74 -25.30
CA ALA C 778 28.65 30.84 -24.43
C ALA C 778 27.69 29.97 -25.25
N PRO C 779 27.51 28.70 -24.90
CA PRO C 779 26.56 27.87 -25.65
C PRO C 779 25.14 28.42 -25.69
N VAL C 780 24.67 29.04 -24.61
CA VAL C 780 23.30 29.56 -24.59
C VAL C 780 23.16 30.74 -25.55
N THR C 781 24.18 31.59 -25.65
CA THR C 781 24.14 32.70 -26.60
C THR C 781 24.19 32.20 -28.04
N ILE C 782 25.00 31.17 -28.30
CA ILE C 782 25.03 30.57 -29.64
C ILE C 782 23.68 29.96 -29.97
N PHE C 783 23.04 29.34 -28.99
CA PHE C 783 21.72 28.76 -29.19
C PHE C 783 20.69 29.83 -29.55
N MET C 784 20.71 30.95 -28.82
CA MET C 784 19.79 32.03 -29.11
C MET C 784 20.03 32.61 -30.50
N GLY C 785 21.31 32.82 -30.85
CA GLY C 785 21.62 33.31 -32.18
C GLY C 785 21.17 32.37 -33.28
N ASN C 786 21.32 31.06 -33.05
CA ASN C 786 20.89 30.10 -34.05
C ASN C 786 19.37 30.02 -34.14
N VAL C 787 18.66 30.21 -33.04
CA VAL C 787 17.20 30.28 -33.10
C VAL C 787 16.77 31.45 -33.97
N VAL C 788 17.38 32.62 -33.75
CA VAL C 788 17.04 33.80 -34.55
C VAL C 788 17.38 33.55 -36.02
N SER C 789 18.54 32.96 -36.28
CA SER C 789 18.98 32.68 -37.65
C SER C 789 18.03 31.73 -38.34
N TYR C 790 17.58 30.68 -37.66
CA TYR C 790 16.70 29.70 -38.28
C TYR C 790 15.32 30.28 -38.53
N LEU C 791 14.82 31.11 -37.62
CA LEU C 791 13.55 31.80 -37.89
C LEU C 791 13.67 32.69 -39.12
N LEU C 792 14.78 33.42 -39.25
CA LEU C 792 14.96 34.27 -40.42
C LEU C 792 15.12 33.44 -41.69
N PHE C 793 15.77 32.28 -41.61
CA PHE C 793 15.90 31.39 -42.76
C PHE C 793 14.53 30.90 -43.22
N LEU C 794 13.67 30.50 -42.27
CA LEU C 794 12.33 30.08 -42.65
C LEU C 794 11.52 31.23 -43.24
N LEU C 795 11.67 32.44 -42.70
CA LEU C 795 10.99 33.60 -43.28
C LEU C 795 11.43 33.86 -44.71
N LEU C 796 12.75 33.78 -44.96
CA LEU C 796 13.26 33.96 -46.32
C LEU C 796 12.78 32.86 -47.25
N PHE C 797 12.74 31.62 -46.77
CA PHE C 797 12.26 30.50 -47.57
C PHE C 797 10.80 30.72 -47.97
N SER C 798 9.96 31.12 -47.01
CA SER C 798 8.56 31.36 -47.32
C SER C 798 8.41 32.53 -48.29
N ARG C 799 9.17 33.60 -48.09
CA ARG C 799 9.12 34.74 -48.99
C ARG C 799 9.46 34.33 -50.42
N VAL C 800 10.56 33.59 -50.59
CA VAL C 800 10.96 33.17 -51.93
C VAL C 800 9.89 32.27 -52.55
N LEU C 801 9.41 31.29 -51.78
CA LEU C 801 8.45 30.33 -52.30
C LEU C 801 7.16 31.02 -52.75
N LEU C 802 6.68 31.99 -51.97
CA LEU C 802 5.39 32.59 -52.25
C LEU C 802 5.46 33.78 -53.19
N VAL C 803 6.61 34.43 -53.34
CA VAL C 803 6.65 35.63 -54.19
C VAL C 803 7.69 35.51 -55.30
N ASP C 804 8.90 35.09 -54.96
CA ASP C 804 10.04 35.27 -55.85
C ASP C 804 10.34 34.08 -56.74
N PHE C 805 9.65 32.96 -56.55
CA PHE C 805 9.96 31.72 -57.24
C PHE C 805 9.24 31.64 -58.59
N GLN C 806 9.75 32.41 -59.55
CA GLN C 806 9.20 32.46 -60.88
C GLN C 806 9.98 31.56 -61.84
N PRO C 807 9.41 31.23 -63.00
CA PRO C 807 10.16 30.44 -63.99
C PRO C 807 11.40 31.13 -64.52
N ALA C 808 11.51 32.45 -64.36
CA ALA C 808 12.69 33.18 -64.79
C ALA C 808 13.89 32.74 -63.95
N PRO C 809 15.11 33.01 -64.42
CA PRO C 809 16.29 32.63 -63.64
C PRO C 809 16.29 33.31 -62.29
N PRO C 810 16.90 32.68 -61.29
CA PRO C 810 16.75 33.15 -59.89
C PRO C 810 17.26 34.56 -59.68
N GLY C 811 16.55 35.30 -58.81
CA GLY C 811 16.94 36.64 -58.43
C GLY C 811 17.89 36.66 -57.25
N SER C 812 18.02 37.86 -56.66
CA SER C 812 18.98 38.05 -55.57
C SER C 812 18.57 37.28 -54.31
N LEU C 813 17.30 37.38 -53.92
CA LEU C 813 16.86 36.71 -52.70
C LEU C 813 16.96 35.20 -52.82
N GLU C 814 16.68 34.64 -53.99
CA GLU C 814 16.81 33.20 -54.17
C GLU C 814 18.26 32.76 -54.11
N LEU C 815 19.18 33.56 -54.66
CA LEU C 815 20.60 33.24 -54.53
C LEU C 815 21.06 33.31 -53.09
N LEU C 816 20.54 34.29 -52.34
CA LEU C 816 20.84 34.37 -50.91
C LEU C 816 20.34 33.13 -50.18
N LEU C 817 19.14 32.66 -50.53
CA LEU C 817 18.62 31.43 -49.96
C LEU C 817 19.50 30.23 -50.31
N TYR C 818 19.98 30.19 -51.56
CA TYR C 818 20.88 29.12 -51.98
C TYR C 818 22.14 29.10 -51.13
N PHE C 819 22.74 30.28 -50.93
CA PHE C 819 23.96 30.37 -50.14
C PHE C 819 23.71 29.98 -48.69
N TRP C 820 22.58 30.39 -48.14
CA TRP C 820 22.22 30.01 -46.77
C TRP C 820 22.10 28.50 -46.63
N ALA C 821 21.43 27.85 -47.60
CA ALA C 821 21.33 26.40 -47.56
C ALA C 821 22.68 25.73 -47.73
N PHE C 822 23.56 26.33 -48.55
CA PHE C 822 24.91 25.79 -48.70
C PHE C 822 25.68 25.85 -47.39
N THR C 823 25.56 26.95 -46.65
CA THR C 823 26.23 27.02 -45.35
C THR C 823 25.63 26.03 -44.36
N LEU C 824 24.33 25.80 -44.42
CA LEU C 824 23.72 24.76 -43.59
C LEU C 824 24.30 23.38 -43.92
N LEU C 825 24.45 23.09 -45.21
CA LEU C 825 25.05 21.81 -45.61
C LEU C 825 26.50 21.70 -45.14
N CYS C 826 27.24 22.80 -45.21
CA CYS C 826 28.62 22.78 -44.73
C CYS C 826 28.68 22.55 -43.22
N GLU C 827 27.74 23.13 -42.47
CA GLU C 827 27.68 22.87 -41.03
C GLU C 827 27.36 21.40 -40.75
N GLU C 828 26.45 20.81 -41.53
CA GLU C 828 26.17 19.39 -41.36
C GLU C 828 27.40 18.55 -41.67
N LEU C 829 28.16 18.93 -42.70
CA LEU C 829 29.40 18.23 -43.02
C LEU C 829 30.40 18.33 -41.88
N ARG C 830 30.53 19.53 -41.29
CA ARG C 830 31.43 19.70 -40.16
C ARG C 830 31.02 18.84 -38.98
N GLN C 831 29.72 18.78 -38.68
CA GLN C 831 29.24 17.93 -37.60
C GLN C 831 29.52 16.45 -37.89
N GLY C 832 29.34 16.03 -39.14
CA GLY C 832 29.62 14.65 -39.49
C GLY C 832 31.09 14.30 -39.35
N LEU C 833 31.97 15.20 -39.77
CA LEU C 833 33.40 14.94 -39.69
C LEU C 833 33.92 14.99 -38.26
N SER C 834 33.12 15.46 -37.31
CA SER C 834 33.51 15.48 -35.90
C SER C 834 32.79 14.42 -35.08
N GLY C 835 32.01 13.55 -35.71
CA GLY C 835 31.31 12.50 -34.99
C GLY C 835 30.05 12.95 -34.28
N GLY C 836 29.55 14.14 -34.57
CA GLY C 836 28.34 14.65 -33.94
C GLY C 836 28.55 15.06 -32.50
N HIS C 849 41.07 9.18 -30.93
CA HIS C 849 40.91 9.12 -32.38
C HIS C 849 39.88 8.08 -32.78
N ALA C 850 39.08 8.40 -33.78
CA ALA C 850 38.07 7.48 -34.30
C ALA C 850 38.14 7.45 -35.81
N SER C 851 37.82 6.30 -36.39
CA SER C 851 37.84 6.16 -37.84
C SER C 851 36.72 7.00 -38.46
N LEU C 852 36.89 7.32 -39.75
CA LEU C 852 35.91 8.16 -40.43
C LEU C 852 34.54 7.50 -40.48
N SER C 853 34.51 6.20 -40.75
CA SER C 853 33.23 5.49 -40.79
C SER C 853 32.56 5.46 -39.43
N GLN C 854 33.34 5.34 -38.35
CA GLN C 854 32.77 5.36 -37.01
C GLN C 854 32.14 6.72 -36.71
N ARG C 855 32.85 7.81 -37.05
CA ARG C 855 32.30 9.15 -36.86
C ARG C 855 31.03 9.35 -37.68
N LEU C 856 31.04 8.87 -38.92
CA LEU C 856 29.87 9.04 -39.77
C LEU C 856 28.67 8.23 -39.26
N ARG C 857 28.92 7.03 -38.73
CA ARG C 857 27.83 6.26 -38.15
C ARG C 857 27.29 6.92 -36.89
N LEU C 858 28.17 7.48 -36.06
CA LEU C 858 27.71 8.21 -34.88
C LEU C 858 26.87 9.42 -35.29
N TYR C 859 27.28 10.12 -36.34
CA TYR C 859 26.50 11.25 -36.83
C TYR C 859 25.15 10.80 -37.37
N LEU C 860 25.12 9.71 -38.13
CA LEU C 860 23.87 9.24 -38.73
C LEU C 860 22.93 8.63 -37.70
N ALA C 861 23.42 8.21 -36.54
CA ALA C 861 22.55 7.64 -35.53
C ALA C 861 21.57 8.66 -34.94
N ASP C 862 21.88 9.94 -35.04
CA ASP C 862 21.03 10.99 -34.48
C ASP C 862 19.87 11.28 -35.42
N SER C 863 18.64 11.23 -34.90
CA SER C 863 17.47 11.45 -35.74
C SER C 863 17.35 12.88 -36.24
N TRP C 864 17.80 13.87 -35.46
CA TRP C 864 17.79 15.24 -35.95
C TRP C 864 18.74 15.42 -37.12
N ASN C 865 19.88 14.72 -37.12
CA ASN C 865 20.76 14.75 -38.28
C ASN C 865 20.12 14.07 -39.49
N GLN C 866 19.32 13.03 -39.26
CA GLN C 866 18.57 12.43 -40.35
C GLN C 866 17.56 13.41 -40.94
N CYS C 867 16.87 14.16 -40.08
CA CYS C 867 15.94 15.18 -40.56
C CYS C 867 16.67 16.26 -41.35
N ASP C 868 17.84 16.69 -40.86
CA ASP C 868 18.65 17.67 -41.58
C ASP C 868 19.06 17.14 -42.95
N LEU C 869 19.49 15.87 -43.03
CA LEU C 869 19.89 15.29 -44.30
C LEU C 869 18.72 15.21 -45.27
N VAL C 870 17.54 14.81 -44.77
CA VAL C 870 16.36 14.76 -45.64
C VAL C 870 16.03 16.14 -46.18
N ALA C 871 16.05 17.15 -45.30
CA ALA C 871 15.72 18.51 -45.72
C ALA C 871 16.72 19.02 -46.76
N LEU C 872 18.01 18.83 -46.52
CA LEU C 872 19.01 19.34 -47.45
C LEU C 872 18.98 18.59 -48.77
N THR C 873 18.77 17.27 -48.74
CA THR C 873 18.66 16.50 -49.98
C THR C 873 17.45 16.93 -50.80
N CYS C 874 16.30 17.14 -50.15
CA CYS C 874 15.14 17.61 -50.87
C CYS C 874 15.34 19.02 -51.42
N PHE C 875 16.02 19.89 -50.67
CA PHE C 875 16.32 21.22 -51.17
C PHE C 875 17.19 21.16 -52.43
N LEU C 876 18.23 20.31 -52.38
CA LEU C 876 19.11 20.17 -53.53
C LEU C 876 18.36 19.60 -54.74
N LEU C 877 17.52 18.60 -54.52
CA LEU C 877 16.72 18.04 -55.60
C LEU C 877 15.78 19.08 -56.20
N GLY C 878 15.12 19.86 -55.35
CA GLY C 878 14.22 20.89 -55.85
C GLY C 878 14.93 21.96 -56.64
N VAL C 879 16.09 22.41 -56.16
CA VAL C 879 16.85 23.42 -56.89
C VAL C 879 17.35 22.86 -58.22
N GLY C 880 17.82 21.61 -58.23
CA GLY C 880 18.25 21.00 -59.47
C GLY C 880 17.13 20.89 -60.48
N CYS C 881 15.94 20.50 -60.03
CA CYS C 881 14.79 20.44 -60.93
C CYS C 881 14.42 21.83 -61.43
N ARG C 882 14.47 22.83 -60.55
CA ARG C 882 14.10 24.19 -60.94
C ARG C 882 15.03 24.75 -62.01
N LEU C 883 16.33 24.49 -61.89
CA LEU C 883 17.28 25.03 -62.85
C LEU C 883 17.24 24.30 -64.19
N THR C 884 16.53 23.19 -64.28
CA THR C 884 16.40 22.41 -65.51
C THR C 884 15.17 22.84 -66.28
N PRO C 885 15.27 23.11 -67.57
CA PRO C 885 14.07 23.44 -68.36
C PRO C 885 13.08 22.29 -68.37
N GLY C 886 11.81 22.62 -68.21
CA GLY C 886 10.75 21.63 -68.22
C GLY C 886 10.49 20.94 -66.90
N LEU C 887 11.21 21.29 -65.84
CA LEU C 887 11.01 20.71 -64.52
C LEU C 887 10.72 21.74 -63.45
N TYR C 888 10.23 22.92 -63.85
CA TYR C 888 10.01 24.01 -62.89
C TYR C 888 8.92 23.65 -61.87
N HIS C 889 7.81 23.07 -62.33
CA HIS C 889 6.72 22.74 -61.41
C HIS C 889 7.11 21.63 -60.45
N LEU C 890 7.86 20.64 -60.93
CA LEU C 890 8.34 19.58 -60.05
C LEU C 890 9.25 20.15 -58.97
N GLY C 891 10.14 21.07 -59.34
CA GLY C 891 10.97 21.73 -58.35
C GLY C 891 10.15 22.52 -57.35
N ARG C 892 9.11 23.21 -57.84
CA ARG C 892 8.21 23.94 -56.94
C ARG C 892 7.60 23.02 -55.90
N THR C 893 7.05 21.89 -56.33
CA THR C 893 6.40 20.99 -55.39
C THR C 893 7.40 20.36 -54.42
N VAL C 894 8.58 19.99 -54.91
CA VAL C 894 9.60 19.42 -54.04
C VAL C 894 10.02 20.44 -52.99
N LEU C 895 10.19 21.70 -53.37
CA LEU C 895 10.57 22.72 -52.39
C LEU C 895 9.41 23.05 -51.45
N CYS C 896 8.16 22.92 -51.90
CA CYS C 896 7.03 23.11 -51.00
C CYS C 896 7.02 22.05 -49.90
N ILE C 897 7.30 20.79 -50.24
CA ILE C 897 7.39 19.75 -49.21
C ILE C 897 8.65 19.96 -48.37
N ASP C 898 9.73 20.44 -48.99
CA ASP C 898 10.96 20.68 -48.27
C ASP C 898 10.79 21.76 -47.20
N PHE C 899 9.95 22.77 -47.48
CA PHE C 899 9.67 23.77 -46.46
C PHE C 899 8.99 23.14 -45.25
N MET C 900 8.07 22.21 -45.47
CA MET C 900 7.47 21.49 -44.35
C MET C 900 8.51 20.71 -43.56
N VAL C 901 9.44 20.07 -44.27
CA VAL C 901 10.50 19.31 -43.59
C VAL C 901 11.36 20.26 -42.75
N PHE C 902 11.68 21.43 -43.28
CA PHE C 902 12.50 22.40 -42.56
C PHE C 902 11.77 22.98 -41.35
N THR C 903 10.45 23.18 -41.48
CA THR C 903 9.71 23.87 -40.41
C THR C 903 9.52 22.97 -39.18
N VAL C 904 9.30 21.67 -39.39
CA VAL C 904 9.13 20.77 -38.26
C VAL C 904 10.44 20.60 -37.49
N ARG C 905 11.57 20.97 -38.09
CA ARG C 905 12.84 20.97 -37.39
C ARG C 905 12.87 21.97 -36.24
N LEU C 906 11.94 22.94 -36.24
CA LEU C 906 11.87 23.91 -35.15
C LEU C 906 11.57 23.25 -33.81
N LEU C 907 10.99 22.05 -33.82
CA LEU C 907 10.63 21.39 -32.57
C LEU C 907 11.85 21.10 -31.70
N HIS C 908 13.03 20.97 -32.30
CA HIS C 908 14.23 20.73 -31.50
C HIS C 908 14.53 21.90 -30.56
N ILE C 909 14.14 23.12 -30.96
CA ILE C 909 14.34 24.28 -30.11
C ILE C 909 13.53 24.17 -28.83
N PHE C 910 12.38 23.49 -28.89
CA PHE C 910 11.49 23.40 -27.74
C PHE C 910 12.13 22.68 -26.56
N THR C 911 13.15 21.85 -26.80
CA THR C 911 13.74 21.05 -25.74
C THR C 911 14.52 21.88 -24.72
N VAL C 912 14.75 23.17 -25.00
CA VAL C 912 15.37 24.04 -24.02
C VAL C 912 14.42 24.35 -22.87
N ASN C 913 13.12 24.13 -23.06
CA ASN C 913 12.10 24.50 -22.08
C ASN C 913 11.55 23.24 -21.44
N LYS C 914 11.35 23.31 -20.12
CA LYS C 914 10.89 22.15 -19.37
C LYS C 914 9.47 21.76 -19.72
N GLN C 915 8.62 22.75 -20.02
CA GLN C 915 7.23 22.46 -20.37
C GLN C 915 7.10 21.91 -21.78
N LEU C 916 7.85 22.48 -22.73
CA LEU C 916 7.70 22.11 -24.13
C LEU C 916 8.49 20.86 -24.51
N GLY C 917 9.52 20.51 -23.74
CA GLY C 917 10.40 19.41 -24.08
C GLY C 917 9.73 18.05 -24.23
N PRO C 918 9.18 17.52 -23.14
CA PRO C 918 8.58 16.18 -23.19
C PRO C 918 7.37 16.08 -24.11
N LYS C 919 6.72 17.20 -24.44
CA LYS C 919 5.59 17.15 -25.36
C LYS C 919 6.03 16.67 -26.74
N ILE C 920 7.29 16.91 -27.12
CA ILE C 920 7.80 16.41 -28.39
C ILE C 920 7.84 14.89 -28.40
N VAL C 921 8.30 14.29 -27.30
CA VAL C 921 8.29 12.84 -27.17
C VAL C 921 6.86 12.31 -27.21
N ILE C 922 5.95 13.02 -26.53
CA ILE C 922 4.55 12.61 -26.53
C ILE C 922 3.99 12.60 -27.94
N VAL C 923 4.27 13.66 -28.71
CA VAL C 923 3.78 13.74 -30.09
C VAL C 923 4.40 12.63 -30.95
N SER C 924 5.69 12.36 -30.73
CA SER C 924 6.36 11.31 -31.51
C SER C 924 5.72 9.94 -31.27
N LYS C 925 5.33 9.66 -30.02
CA LYS C 925 4.68 8.38 -29.74
C LYS C 925 3.22 8.36 -30.21
N MET C 926 2.55 9.51 -30.14
CA MET C 926 1.20 9.61 -30.69
C MET C 926 1.19 9.37 -32.19
N MET C 927 2.29 9.67 -32.87
CA MET C 927 2.36 9.35 -34.29
C MET C 927 2.33 7.84 -34.53
N LYS C 928 3.01 7.06 -33.68
CA LYS C 928 2.91 5.60 -33.78
C LYS C 928 1.50 5.13 -33.46
N ASP C 929 0.85 5.76 -32.47
CA ASP C 929 -0.55 5.46 -32.20
C ASP C 929 -1.41 5.66 -33.46
N VAL C 930 -1.20 6.78 -34.16
CA VAL C 930 -1.94 7.04 -35.39
C VAL C 930 -1.65 5.98 -36.44
N PHE C 931 -0.38 5.59 -36.57
CA PHE C 931 0.00 4.57 -37.54
C PHE C 931 -0.77 3.28 -37.28
N PHE C 932 -0.90 2.89 -36.01
CA PHE C 932 -1.63 1.65 -35.72
C PHE C 932 -3.13 1.82 -35.89
N PHE C 933 -3.66 3.02 -35.63
CA PHE C 933 -5.09 3.29 -35.83
C PHE C 933 -5.46 3.22 -37.30
N LEU C 934 -4.51 3.55 -38.18
CA LEU C 934 -4.81 3.59 -39.61
C LEU C 934 -5.21 2.22 -40.17
N PHE C 935 -4.81 1.12 -39.53
CA PHE C 935 -5.24 -0.19 -40.02
C PHE C 935 -6.75 -0.38 -39.86
N PHE C 936 -7.27 -0.11 -38.66
CA PHE C 936 -8.70 -0.17 -38.43
C PHE C 936 -9.43 0.82 -39.32
N LEU C 937 -8.90 2.03 -39.44
CA LEU C 937 -9.55 3.04 -40.29
C LEU C 937 -9.62 2.57 -41.74
N GLY C 938 -8.54 1.97 -42.25
CA GLY C 938 -8.55 1.50 -43.62
C GLY C 938 -9.52 0.35 -43.85
N VAL C 939 -9.58 -0.59 -42.91
CA VAL C 939 -10.52 -1.70 -43.07
C VAL C 939 -11.96 -1.19 -43.10
N TRP C 940 -12.31 -0.33 -42.15
CA TRP C 940 -13.68 0.18 -42.11
C TRP C 940 -14.00 1.04 -43.32
N LEU C 941 -13.03 1.85 -43.77
CA LEU C 941 -13.24 2.67 -44.96
C LEU C 941 -13.45 1.82 -46.20
N VAL C 942 -12.66 0.75 -46.36
CA VAL C 942 -12.83 -0.12 -47.51
C VAL C 942 -14.23 -0.73 -47.50
N ALA C 943 -14.63 -1.31 -46.36
CA ALA C 943 -15.94 -1.95 -46.30
C ALA C 943 -17.05 -0.96 -46.62
N TYR C 944 -17.11 0.15 -45.89
CA TYR C 944 -18.20 1.10 -46.04
C TYR C 944 -18.20 1.75 -47.42
N GLY C 945 -17.04 2.18 -47.90
CA GLY C 945 -16.98 2.86 -49.18
C GLY C 945 -17.36 1.97 -50.34
N VAL C 946 -16.87 0.72 -50.34
CA VAL C 946 -17.22 -0.17 -51.44
C VAL C 946 -18.71 -0.52 -51.39
N ALA C 947 -19.26 -0.74 -50.18
CA ALA C 947 -20.69 -1.02 -50.11
C ALA C 947 -21.52 0.15 -50.62
N THR C 948 -21.17 1.37 -50.21
CA THR C 948 -21.93 2.55 -50.64
C THR C 948 -21.80 2.76 -52.15
N GLU C 949 -20.59 2.59 -52.68
CA GLU C 949 -20.39 2.77 -54.12
C GLU C 949 -21.16 1.72 -54.92
N GLY C 950 -21.20 0.48 -54.42
CA GLY C 950 -21.98 -0.55 -55.08
C GLY C 950 -23.47 -0.31 -55.02
N LEU C 951 -23.95 0.23 -53.91
CA LEU C 951 -25.39 0.53 -53.80
C LEU C 951 -25.79 1.71 -54.67
N LEU C 952 -24.96 2.76 -54.72
CA LEU C 952 -25.33 3.96 -55.46
C LEU C 952 -25.20 3.80 -56.96
N ARG C 953 -24.23 3.00 -57.43
CA ARG C 953 -23.99 2.78 -58.84
C ARG C 953 -23.84 4.06 -59.66
N PRO C 954 -22.87 4.92 -59.33
CA PRO C 954 -22.70 6.15 -60.12
C PRO C 954 -22.34 5.82 -61.56
N ARG C 955 -22.92 6.58 -62.50
CA ARG C 955 -22.66 6.31 -63.91
C ARG C 955 -21.31 6.84 -64.34
N ASP C 956 -20.84 7.94 -63.75
CA ASP C 956 -19.51 8.47 -64.02
C ASP C 956 -18.50 7.69 -63.18
N SER C 957 -18.14 6.52 -63.68
CA SER C 957 -17.25 5.60 -62.97
C SER C 957 -15.94 5.46 -63.73
N ASP C 958 -14.85 5.84 -63.07
CA ASP C 958 -13.50 5.53 -63.51
C ASP C 958 -12.64 5.46 -62.26
N PHE C 959 -11.45 4.88 -62.41
CA PHE C 959 -10.64 4.55 -61.24
C PHE C 959 -10.40 5.73 -60.30
N PRO C 960 -10.02 6.93 -60.77
CA PRO C 960 -9.86 8.04 -59.81
C PRO C 960 -11.14 8.44 -59.11
N SER C 961 -12.27 8.48 -59.83
CA SER C 961 -13.53 8.83 -59.20
C SER C 961 -13.98 7.77 -58.20
N ILE C 962 -13.80 6.49 -58.55
CA ILE C 962 -14.14 5.41 -57.64
C ILE C 962 -13.30 5.49 -56.38
N LEU C 963 -12.00 5.73 -56.53
CA LEU C 963 -11.14 5.87 -55.36
C LEU C 963 -11.56 7.06 -54.50
N ARG C 964 -11.91 8.18 -55.14
CA ARG C 964 -12.32 9.37 -54.41
C ARG C 964 -13.59 9.11 -53.60
N ARG C 965 -14.57 8.43 -54.20
CA ARG C 965 -15.82 8.17 -53.50
C ARG C 965 -15.74 7.00 -52.52
N VAL C 966 -14.73 6.14 -52.65
CA VAL C 966 -14.59 5.03 -51.71
C VAL C 966 -13.77 5.43 -50.49
N PHE C 967 -12.70 6.20 -50.69
CA PHE C 967 -11.81 6.56 -49.60
C PHE C 967 -11.93 8.00 -49.15
N TYR C 968 -11.88 8.95 -50.09
CA TYR C 968 -11.78 10.36 -49.72
C TYR C 968 -13.09 10.88 -49.13
N ARG C 969 -14.21 10.62 -49.80
CA ARG C 969 -15.48 11.16 -49.31
C ARG C 969 -15.91 10.59 -47.96
N PRO C 970 -15.83 9.28 -47.70
CA PRO C 970 -16.14 8.80 -46.34
C PRO C 970 -15.17 9.34 -45.30
N TYR C 971 -13.92 9.59 -45.67
CA TYR C 971 -12.94 10.09 -44.71
C TYR C 971 -13.33 11.48 -44.19
N LEU C 972 -13.80 12.35 -45.08
CA LEU C 972 -14.21 13.68 -44.67
C LEU C 972 -15.47 13.69 -43.81
N GLN C 973 -16.25 12.60 -43.85
CA GLN C 973 -17.41 12.51 -42.97
C GLN C 973 -17.01 12.40 -41.50
N ILE C 974 -15.81 11.88 -41.23
CA ILE C 974 -15.32 11.82 -39.86
C ILE C 974 -15.14 13.22 -39.29
N PHE C 975 -14.91 14.21 -40.15
CA PHE C 975 -14.69 15.57 -39.73
C PHE C 975 -15.87 16.49 -40.07
N GLY C 976 -17.07 15.94 -40.15
CA GLY C 976 -18.28 16.73 -40.27
C GLY C 976 -18.66 17.15 -41.67
N GLN C 977 -18.01 16.61 -42.71
CA GLN C 977 -18.36 16.94 -44.08
C GLN C 977 -19.23 15.82 -44.63
N ILE C 978 -20.55 16.00 -44.51
CA ILE C 978 -21.52 14.98 -44.84
C ILE C 978 -22.38 15.50 -46.00
N PRO C 979 -22.12 15.02 -47.23
CA PRO C 979 -22.89 15.46 -48.42
C PRO C 979 -24.17 14.66 -48.62
N GLN C 980 -25.22 15.03 -47.88
CA GLN C 980 -26.48 14.31 -47.95
C GLN C 980 -27.09 14.38 -49.34
N GLU C 981 -26.95 15.52 -50.02
CA GLU C 981 -27.57 15.70 -51.32
C GLU C 981 -26.96 14.83 -52.40
N ASP C 982 -25.76 14.28 -52.15
CA ASP C 982 -25.10 13.41 -53.11
C ASP C 982 -25.29 11.93 -52.82
N MET C 983 -25.92 11.58 -51.70
CA MET C 983 -26.13 10.19 -51.34
C MET C 983 -27.59 9.82 -51.11
N ASP C 984 -28.44 10.79 -50.77
CA ASP C 984 -29.84 10.53 -50.45
C ASP C 984 -30.69 10.96 -51.65
N VAL C 985 -31.41 10.02 -52.24
CA VAL C 985 -32.20 10.31 -53.44
C VAL C 985 -33.48 11.06 -53.12
N ALA C 986 -33.86 11.15 -51.84
CA ALA C 986 -34.99 11.99 -51.46
C ALA C 986 -34.67 13.47 -51.60
N LEU C 987 -33.39 13.83 -51.64
CA LEU C 987 -32.95 15.21 -51.80
C LEU C 987 -32.50 15.52 -53.23
N MET C 988 -32.60 14.55 -54.13
CA MET C 988 -32.21 14.73 -55.53
C MET C 988 -33.46 14.86 -56.40
N GLU C 989 -33.26 15.31 -57.62
CA GLU C 989 -34.31 15.27 -58.62
C GLU C 989 -34.27 13.94 -59.36
N HIS C 990 -35.45 13.42 -59.68
CA HIS C 990 -35.59 12.12 -60.34
C HIS C 990 -35.74 12.34 -61.83
N SER C 991 -34.82 11.78 -62.60
CA SER C 991 -34.81 12.00 -64.04
C SER C 991 -34.38 10.72 -64.75
N ASN C 992 -34.76 10.60 -66.02
CA ASN C 992 -34.37 9.47 -66.86
C ASN C 992 -32.98 9.72 -67.47
N CYS C 993 -31.99 9.76 -66.59
CA CYS C 993 -30.60 9.99 -66.99
C CYS C 993 -29.80 8.69 -67.12
N SER C 994 -30.47 7.59 -67.43
CA SER C 994 -29.79 6.31 -67.60
C SER C 994 -30.58 5.47 -68.59
N SER C 995 -29.89 4.51 -69.20
CA SER C 995 -30.53 3.60 -70.14
C SER C 995 -30.95 2.28 -69.50
N GLU C 996 -30.41 1.96 -68.33
CA GLU C 996 -30.72 0.71 -67.66
C GLU C 996 -32.13 0.76 -67.06
N PRO C 997 -32.75 -0.41 -66.87
CA PRO C 997 -34.04 -0.43 -66.18
C PRO C 997 -33.91 0.00 -64.74
N GLY C 998 -34.99 0.57 -64.20
CA GLY C 998 -35.00 1.06 -62.85
C GLY C 998 -35.11 2.57 -62.77
N PHE C 999 -35.15 3.07 -61.54
CA PHE C 999 -35.31 4.48 -61.27
C PHE C 999 -33.97 5.10 -60.86
N TRP C 1000 -33.71 6.30 -61.36
CA TRP C 1000 -32.43 6.96 -61.19
C TRP C 1000 -32.64 8.40 -60.75
N ALA C 1001 -31.61 8.97 -60.12
CA ALA C 1001 -31.65 10.34 -59.62
C ALA C 1001 -30.34 11.03 -59.96
N HIS C 1002 -30.38 12.36 -59.98
CA HIS C 1002 -29.24 13.16 -60.38
C HIS C 1002 -28.64 13.87 -59.18
N PRO C 1003 -27.44 13.53 -58.73
CA PRO C 1003 -26.79 14.29 -57.66
C PRO C 1003 -26.21 15.59 -58.19
N PRO C 1004 -26.27 16.67 -57.41
CA PRO C 1004 -25.74 17.95 -57.89
C PRO C 1004 -24.23 18.08 -57.79
N GLY C 1005 -23.56 17.22 -57.03
CA GLY C 1005 -22.13 17.35 -56.85
C GLY C 1005 -21.37 17.11 -58.14
N ALA C 1006 -20.25 17.83 -58.30
CA ALA C 1006 -19.43 17.69 -59.49
C ALA C 1006 -18.78 16.32 -59.57
N GLN C 1007 -18.30 15.80 -58.44
CA GLN C 1007 -17.64 14.50 -58.39
C GLN C 1007 -18.51 13.42 -57.77
N ALA C 1008 -19.82 13.62 -57.71
CA ALA C 1008 -20.72 12.66 -57.10
C ALA C 1008 -21.27 11.64 -58.09
N GLY C 1009 -20.90 11.72 -59.36
CA GLY C 1009 -21.49 10.89 -60.38
C GLY C 1009 -22.72 11.56 -60.96
N THR C 1010 -22.92 11.47 -62.28
CA THR C 1010 -24.03 12.16 -62.90
C THR C 1010 -25.37 11.53 -62.53
N CYS C 1011 -25.42 10.22 -62.35
CA CYS C 1011 -26.69 9.52 -62.16
C CYS C 1011 -26.47 8.35 -61.21
N VAL C 1012 -27.33 8.24 -60.19
CA VAL C 1012 -27.23 7.17 -59.20
C VAL C 1012 -28.55 6.43 -59.12
N SER C 1013 -28.48 5.20 -58.61
CA SER C 1013 -29.65 4.35 -58.52
C SER C 1013 -30.48 4.67 -57.29
N GLN C 1014 -31.81 4.60 -57.45
CA GLN C 1014 -32.72 4.82 -56.32
C GLN C 1014 -33.00 3.55 -55.55
N TYR C 1015 -32.59 2.38 -56.04
CA TYR C 1015 -32.96 1.13 -55.42
C TYR C 1015 -32.27 0.97 -54.06
N ALA C 1016 -33.07 0.73 -53.02
CA ALA C 1016 -32.58 0.50 -51.67
C ALA C 1016 -31.72 1.65 -51.15
N ASN C 1017 -32.15 2.88 -51.40
CA ASN C 1017 -31.42 4.04 -50.90
C ASN C 1017 -31.56 4.17 -49.38
N TRP C 1018 -32.63 3.64 -48.81
CA TRP C 1018 -32.75 3.56 -47.36
C TRP C 1018 -31.56 2.81 -46.76
N LEU C 1019 -31.03 1.82 -47.48
CA LEU C 1019 -29.86 1.10 -47.00
C LEU C 1019 -28.61 1.96 -47.06
N VAL C 1020 -28.49 2.85 -48.05
CA VAL C 1020 -27.39 3.81 -48.08
C VAL C 1020 -27.49 4.74 -46.88
N VAL C 1021 -28.70 5.21 -46.57
CA VAL C 1021 -28.88 6.09 -45.41
C VAL C 1021 -28.56 5.36 -44.11
N LEU C 1022 -28.97 4.09 -44.01
CA LEU C 1022 -28.66 3.30 -42.82
C LEU C 1022 -27.16 3.07 -42.68
N LEU C 1023 -26.47 2.83 -43.81
CA LEU C 1023 -25.03 2.68 -43.77
C LEU C 1023 -24.35 3.97 -43.31
N LEU C 1024 -24.87 5.12 -43.75
CA LEU C 1024 -24.34 6.39 -43.26
C LEU C 1024 -24.54 6.52 -41.76
N VAL C 1025 -25.73 6.14 -41.27
CA VAL C 1025 -26.02 6.23 -39.84
C VAL C 1025 -25.06 5.34 -39.05
N ILE C 1026 -24.81 4.12 -39.54
CA ILE C 1026 -23.90 3.21 -38.86
C ILE C 1026 -22.46 3.74 -38.92
N PHE C 1027 -22.08 4.33 -40.06
CA PHE C 1027 -20.75 4.88 -40.22
C PHE C 1027 -20.48 6.00 -39.23
N LEU C 1028 -21.46 6.90 -39.05
CA LEU C 1028 -21.26 8.03 -38.14
C LEU C 1028 -21.07 7.57 -36.71
N LEU C 1029 -21.55 6.38 -36.37
CA LEU C 1029 -21.38 5.86 -35.02
C LEU C 1029 -20.09 5.07 -34.89
N VAL C 1030 -19.76 4.26 -35.91
CA VAL C 1030 -18.58 3.41 -35.84
C VAL C 1030 -17.30 4.23 -35.97
N ALA C 1031 -17.26 5.18 -36.91
CA ALA C 1031 -16.02 5.89 -37.22
C ALA C 1031 -15.86 7.15 -36.38
N ASN C 1032 -16.85 8.05 -36.43
CA ASN C 1032 -16.72 9.35 -35.79
C ASN C 1032 -16.56 9.22 -34.28
N ILE C 1033 -17.16 8.19 -33.68
CA ILE C 1033 -17.13 8.07 -32.22
C ILE C 1033 -16.21 6.92 -31.80
N LEU C 1034 -16.51 5.71 -32.25
CA LEU C 1034 -15.85 4.54 -31.68
C LEU C 1034 -14.37 4.49 -32.04
N LEU C 1035 -14.04 4.55 -33.33
CA LEU C 1035 -12.64 4.43 -33.74
C LEU C 1035 -11.83 5.66 -33.34
N VAL C 1036 -12.42 6.85 -33.48
CA VAL C 1036 -11.73 8.08 -33.09
C VAL C 1036 -11.43 8.07 -31.60
N ASN C 1037 -12.37 7.60 -30.78
CA ASN C 1037 -12.13 7.56 -29.35
C ASN C 1037 -11.25 6.39 -28.93
N LEU C 1038 -11.19 5.32 -29.71
CA LEU C 1038 -10.14 4.32 -29.51
C LEU C 1038 -8.76 4.93 -29.68
N LEU C 1039 -8.59 5.70 -30.75
CA LEU C 1039 -7.32 6.40 -30.97
C LEU C 1039 -7.06 7.39 -29.84
N ILE C 1040 -8.09 8.08 -29.37
CA ILE C 1040 -7.92 9.07 -28.30
C ILE C 1040 -7.53 8.39 -26.99
N ALA C 1041 -8.09 7.20 -26.72
CA ALA C 1041 -7.71 6.46 -25.52
C ALA C 1041 -6.25 6.00 -25.61
N MET C 1042 -5.82 5.56 -26.79
CA MET C 1042 -4.40 5.27 -26.99
C MET C 1042 -3.55 6.50 -26.74
N PHE C 1043 -4.01 7.66 -27.23
CA PHE C 1043 -3.31 8.92 -27.01
C PHE C 1043 -3.19 9.22 -25.51
N SER C 1044 -4.28 9.02 -24.77
CA SER C 1044 -4.27 9.32 -23.35
C SER C 1044 -3.30 8.41 -22.60
N TYR C 1045 -3.29 7.12 -22.95
CA TYR C 1045 -2.35 6.20 -22.32
C TYR C 1045 -0.90 6.60 -22.61
N THR C 1046 -0.62 6.93 -23.87
CA THR C 1046 0.72 7.39 -24.24
C THR C 1046 1.11 8.66 -23.49
N PHE C 1047 0.17 9.62 -23.40
CA PHE C 1047 0.45 10.88 -22.72
C PHE C 1047 0.75 10.64 -21.25
N GLY C 1048 -0.03 9.78 -20.59
CA GLY C 1048 0.20 9.51 -19.19
C GLY C 1048 1.53 8.84 -18.92
N LYS C 1049 1.95 7.94 -19.82
CA LYS C 1049 3.22 7.27 -19.64
C LYS C 1049 4.39 8.26 -19.61
N VAL C 1050 4.37 9.26 -20.49
CA VAL C 1050 5.46 10.22 -20.53
C VAL C 1050 5.29 11.30 -19.46
N GLN C 1051 4.05 11.67 -19.15
CA GLN C 1051 3.80 12.68 -18.12
C GLN C 1051 4.19 12.17 -16.75
N GLY C 1052 4.20 10.85 -16.56
CA GLY C 1052 4.72 10.30 -15.31
C GLY C 1052 6.18 10.62 -15.07
N ASN C 1053 7.00 10.64 -16.11
CA ASN C 1053 8.45 10.86 -15.98
C ASN C 1053 8.94 12.02 -16.83
N SER C 1054 8.20 13.14 -16.84
CA SER C 1054 8.55 14.23 -17.75
C SER C 1054 9.89 14.87 -17.43
N ASP C 1055 10.24 14.98 -16.15
CA ASP C 1055 11.49 15.64 -15.77
C ASP C 1055 12.70 14.85 -16.24
N LEU C 1056 12.64 13.52 -16.14
CA LEU C 1056 13.75 12.69 -16.63
C LEU C 1056 13.95 12.88 -18.13
N TYR C 1057 12.86 12.84 -18.89
CA TYR C 1057 12.94 13.07 -20.33
C TYR C 1057 13.54 14.43 -20.64
N TRP C 1058 13.08 15.47 -19.93
CA TRP C 1058 13.55 16.82 -20.24
C TRP C 1058 15.01 16.99 -19.87
N LYS C 1059 15.47 16.34 -18.80
CA LYS C 1059 16.87 16.51 -18.40
C LYS C 1059 17.80 15.74 -19.32
N ALA C 1060 17.37 14.59 -19.83
CA ALA C 1060 18.13 13.94 -20.90
C ALA C 1060 18.19 14.82 -22.16
N GLN C 1061 17.05 15.40 -22.54
CA GLN C 1061 17.03 16.31 -23.69
C GLN C 1061 17.95 17.50 -23.46
N ARG C 1062 17.98 18.00 -22.22
CA ARG C 1062 18.82 19.14 -21.88
C ARG C 1062 20.29 18.79 -22.02
N TYR C 1063 20.68 17.59 -21.57
CA TYR C 1063 22.05 17.15 -21.80
C TYR C 1063 22.36 17.11 -23.29
N ARG C 1064 21.46 16.55 -24.10
CA ARG C 1064 21.71 16.46 -25.53
C ARG C 1064 21.88 17.84 -26.16
N LEU C 1065 21.01 18.78 -25.79
CA LEU C 1065 21.08 20.13 -26.35
C LEU C 1065 22.37 20.84 -25.94
N ILE C 1066 22.74 20.74 -24.65
CA ILE C 1066 23.95 21.39 -24.18
C ILE C 1066 25.18 20.80 -24.87
N ARG C 1067 25.20 19.49 -25.03
CA ARG C 1067 26.31 18.85 -25.74
C ARG C 1067 26.36 19.29 -27.20
N GLU C 1068 25.20 19.43 -27.84
CA GLU C 1068 25.15 19.87 -29.23
C GLU C 1068 25.72 21.27 -29.39
N PHE C 1069 25.33 22.19 -28.51
CA PHE C 1069 25.76 23.57 -28.70
C PHE C 1069 27.06 23.92 -27.99
N HIS C 1070 27.67 22.96 -27.28
CA HIS C 1070 28.95 23.23 -26.65
C HIS C 1070 30.09 23.28 -27.66
N SER C 1071 29.92 22.65 -28.83
CA SER C 1071 30.98 22.57 -29.83
C SER C 1071 30.63 23.28 -31.14
N ARG C 1072 29.46 23.89 -31.25
CA ARG C 1072 29.09 24.57 -32.47
C ARG C 1072 29.86 25.89 -32.61
N PRO C 1073 30.18 26.30 -33.84
CA PRO C 1073 30.81 27.61 -34.03
C PRO C 1073 29.93 28.75 -33.52
N ALA C 1074 30.57 29.83 -33.09
CA ALA C 1074 29.88 30.93 -32.45
C ALA C 1074 29.09 31.79 -33.43
N LEU C 1075 29.39 31.73 -34.72
CA LEU C 1075 28.67 32.52 -35.70
C LEU C 1075 27.51 31.72 -36.29
N ALA C 1076 26.34 32.34 -36.33
CA ALA C 1076 25.16 31.70 -36.88
C ALA C 1076 25.14 31.83 -38.40
N PRO C 1077 24.48 30.91 -39.09
CA PRO C 1077 24.38 31.01 -40.55
C PRO C 1077 23.63 32.27 -40.97
N PRO C 1078 23.93 32.81 -42.15
CA PRO C 1078 24.90 32.34 -43.15
C PRO C 1078 26.31 32.84 -42.85
N PHE C 1079 26.49 33.58 -41.75
CA PHE C 1079 27.82 34.07 -41.38
C PHE C 1079 28.72 32.95 -40.86
N ILE C 1080 28.17 31.75 -40.66
CA ILE C 1080 28.93 30.61 -40.15
C ILE C 1080 29.99 30.20 -41.16
N VAL C 1081 29.89 30.71 -42.39
CA VAL C 1081 30.91 30.42 -43.41
C VAL C 1081 32.27 30.95 -42.98
N ILE C 1082 32.30 32.02 -42.18
CA ILE C 1082 33.57 32.54 -41.69
C ILE C 1082 34.24 31.53 -40.75
N SER C 1083 33.46 30.95 -39.84
CA SER C 1083 34.02 29.98 -38.91
C SER C 1083 34.47 28.71 -39.64
N HIS C 1084 33.70 28.26 -40.62
CA HIS C 1084 34.11 27.09 -41.40
C HIS C 1084 35.39 27.37 -42.16
N LEU C 1085 35.52 28.57 -42.72
CA LEU C 1085 36.74 28.92 -43.43
C LEU C 1085 37.94 28.98 -42.48
N ARG C 1086 37.72 29.53 -41.28
CA ARG C 1086 38.79 29.56 -40.28
C ARG C 1086 39.23 28.14 -39.91
N LEU C 1087 38.27 27.25 -39.69
CA LEU C 1087 38.60 25.86 -39.36
C LEU C 1087 39.35 25.20 -40.51
N LEU C 1088 38.91 25.45 -41.75
CA LEU C 1088 39.57 24.86 -42.91
C LEU C 1088 41.01 25.35 -43.04
N LEU C 1089 41.23 26.65 -42.80
CA LEU C 1089 42.59 27.18 -42.83
C LEU C 1089 43.43 26.62 -41.69
N ARG C 1090 42.84 26.46 -40.51
CA ARG C 1090 43.55 25.88 -39.38
C ARG C 1090 44.00 24.45 -39.67
N GLN C 1091 43.16 23.68 -40.36
CA GLN C 1091 43.52 22.31 -40.70
C GLN C 1091 44.49 22.23 -41.88
N LEU C 1092 44.31 23.06 -42.90
CA LEU C 1092 45.09 22.95 -44.13
C LEU C 1092 46.44 23.65 -44.04
N CYS C 1093 46.70 24.39 -42.97
CA CYS C 1093 47.97 25.09 -42.82
C CYS C 1093 48.54 24.89 -41.42
N TYR C 1112 53.21 10.48 -15.77
CA TYR C 1112 53.27 9.95 -14.41
C TYR C 1112 52.36 10.75 -13.46
N LEU C 1113 52.34 12.08 -13.64
CA LEU C 1113 51.48 12.92 -12.81
C LEU C 1113 50.00 12.65 -13.08
N SER C 1114 49.63 12.42 -14.34
CA SER C 1114 48.24 12.13 -14.67
C SER C 1114 47.77 10.87 -13.97
N LYS C 1115 48.60 9.83 -13.98
CA LYS C 1115 48.22 8.58 -13.31
C LYS C 1115 48.20 8.75 -11.79
N GLU C 1116 49.05 9.63 -11.25
CA GLU C 1116 48.99 9.93 -9.83
C GLU C 1116 47.65 10.56 -9.45
N ALA C 1117 47.23 11.56 -10.23
CA ALA C 1117 45.93 12.19 -9.97
C ALA C 1117 44.79 11.20 -10.17
N GLU C 1118 44.92 10.33 -11.18
CA GLU C 1118 43.91 9.30 -11.40
C GLU C 1118 43.78 8.37 -10.20
N ARG C 1119 44.93 7.94 -9.65
CA ARG C 1119 44.91 7.06 -8.49
C ARG C 1119 44.30 7.75 -7.28
N LYS C 1120 44.64 9.02 -7.06
CA LYS C 1120 44.05 9.76 -5.95
C LYS C 1120 42.54 9.89 -6.09
N LEU C 1121 42.08 10.21 -7.31
CA LEU C 1121 40.64 10.35 -7.55
C LEU C 1121 39.92 9.02 -7.35
N LEU C 1122 40.51 7.92 -7.84
CA LEU C 1122 39.88 6.62 -7.67
C LEU C 1122 39.86 6.19 -6.21
N THR C 1123 40.90 6.51 -5.44
CA THR C 1123 40.88 6.21 -4.02
C THR C 1123 39.77 6.99 -3.30
N TRP C 1124 39.61 8.27 -3.65
CA TRP C 1124 38.53 9.06 -3.09
C TRP C 1124 37.17 8.45 -3.42
N GLU C 1125 36.98 8.04 -4.67
CA GLU C 1125 35.71 7.42 -5.08
C GLU C 1125 35.47 6.11 -4.34
N SER C 1126 36.50 5.29 -4.19
CA SER C 1126 36.32 4.00 -3.53
C SER C 1126 36.04 4.18 -2.03
N VAL C 1127 36.64 5.19 -1.41
CA VAL C 1127 36.32 5.48 -0.01
C VAL C 1127 34.85 5.89 0.12
N HIS C 1128 34.36 6.72 -0.80
CA HIS C 1128 32.95 7.09 -0.70
C HIS C 1128 32.03 5.92 -1.03
N LYS C 1129 32.44 5.02 -1.92
CA LYS C 1129 31.67 3.80 -2.14
C LYS C 1129 31.61 2.95 -0.88
N GLU C 1130 32.72 2.85 -0.15
CA GLU C 1130 32.72 2.11 1.10
C GLU C 1130 31.79 2.74 2.13
N ASN C 1131 31.80 4.07 2.23
CA ASN C 1131 30.86 4.73 3.14
C ASN C 1131 29.42 4.45 2.75
N PHE C 1132 29.13 4.50 1.44
CA PHE C 1132 27.79 4.22 0.94
C PHE C 1132 27.34 2.79 1.30
N LEU C 1133 28.24 1.83 1.10
CA LEU C 1133 27.92 0.44 1.41
C LEU C 1133 27.76 0.21 2.91
N LEU C 1134 28.59 0.87 3.73
CA LEU C 1134 28.45 0.77 5.17
C LEU C 1134 27.12 1.34 5.63
N ALA C 1135 26.71 2.48 5.06
CA ALA C 1135 25.42 3.05 5.40
C ALA C 1135 24.28 2.12 5.03
N ARG C 1136 24.37 1.50 3.85
CA ARG C 1136 23.33 0.54 3.46
C ARG C 1136 23.27 -0.65 4.41
N ALA C 1137 24.43 -1.20 4.76
CA ALA C 1137 24.46 -2.35 5.68
C ALA C 1137 23.92 -1.97 7.05
N ARG C 1138 24.25 -0.78 7.54
CA ARG C 1138 23.76 -0.33 8.83
C ARG C 1138 22.25 -0.12 8.80
N ASP C 1139 21.72 0.40 7.70
CA ASP C 1139 20.27 0.52 7.57
C ASP C 1139 19.61 -0.85 7.54
N LYS C 1140 20.22 -1.83 6.86
CA LYS C 1140 19.65 -3.17 6.81
C LYS C 1140 19.65 -3.83 8.18
N ARG C 1141 20.72 -3.61 8.96
CA ARG C 1141 20.83 -4.27 10.26
C ARG C 1141 19.72 -3.83 11.22
N GLU C 1142 19.26 -2.59 11.09
CA GLU C 1142 18.27 -2.04 12.02
C GLU C 1142 16.83 -2.21 11.55
N SER C 1143 16.59 -2.96 10.47
CA SER C 1143 15.23 -3.22 10.04
C SER C 1143 14.52 -4.12 11.05
N ASP C 1144 13.19 -4.10 10.99
CA ASP C 1144 12.40 -4.89 11.94
C ASP C 1144 12.59 -6.38 11.74
N SER C 1145 12.74 -6.81 10.49
CA SER C 1145 12.93 -8.24 10.21
C SER C 1145 14.23 -8.74 10.84
N GLU C 1146 15.32 -7.99 10.69
CA GLU C 1146 16.58 -8.40 11.28
C GLU C 1146 16.55 -8.31 12.80
N ARG C 1147 15.86 -7.32 13.36
CA ARG C 1147 15.69 -7.26 14.80
C ARG C 1147 14.96 -8.49 15.31
N LEU C 1148 13.87 -8.89 14.62
CA LEU C 1148 13.13 -10.07 15.04
C LEU C 1148 13.96 -11.33 14.91
N LYS C 1149 14.77 -11.44 13.85
CA LYS C 1149 15.64 -12.60 13.68
C LYS C 1149 16.66 -12.68 14.82
N ARG C 1150 17.28 -11.55 15.16
CA ARG C 1150 18.25 -11.56 16.25
C ARG C 1150 17.59 -11.83 17.59
N THR C 1151 16.35 -11.35 17.78
CA THR C 1151 15.62 -11.65 19.00
C THR C 1151 15.35 -13.15 19.11
N SER C 1152 14.96 -13.78 18.01
CA SER C 1152 14.74 -15.22 18.02
C SER C 1152 16.03 -15.96 18.36
N GLN C 1153 17.15 -15.54 17.77
CA GLN C 1153 18.42 -16.19 18.06
C GLN C 1153 18.83 -16.02 19.53
N LYS C 1154 18.62 -14.82 20.09
CA LYS C 1154 18.99 -14.61 21.48
C LYS C 1154 18.04 -15.34 22.43
N VAL C 1155 16.78 -15.53 22.04
CA VAL C 1155 15.89 -16.38 22.84
C VAL C 1155 16.35 -17.84 22.78
N ASP C 1156 16.87 -18.26 21.62
CA ASP C 1156 17.46 -19.60 21.55
C ASP C 1156 18.66 -19.72 22.48
N LEU C 1157 19.49 -18.70 22.54
CA LEU C 1157 20.62 -18.71 23.47
C LEU C 1157 20.15 -18.76 24.93
N ALA C 1158 19.09 -18.01 25.24
CA ALA C 1158 18.53 -18.04 26.59
C ALA C 1158 17.98 -19.42 26.93
N LEU C 1159 17.33 -20.07 25.96
CA LEU C 1159 16.85 -21.44 26.17
C LEU C 1159 18.02 -22.39 26.40
N LYS C 1160 19.11 -22.21 25.67
CA LYS C 1160 20.29 -23.04 25.88
C LYS C 1160 20.85 -22.84 27.29
N GLN C 1161 20.90 -21.58 27.75
CA GLN C 1161 21.37 -21.29 29.09
C GLN C 1161 20.47 -21.95 30.14
N LEU C 1162 19.16 -21.85 29.96
CA LEU C 1162 18.22 -22.48 30.89
C LEU C 1162 18.34 -24.00 30.89
N GLY C 1163 18.55 -24.61 29.72
CA GLY C 1163 18.76 -26.05 29.69
C GLY C 1163 20.04 -26.45 30.39
N HIS C 1164 21.11 -25.68 30.19
CA HIS C 1164 22.39 -26.01 30.82
C HIS C 1164 22.36 -25.76 32.32
N ILE C 1165 21.51 -24.84 32.79
CA ILE C 1165 21.50 -24.51 34.22
C ILE C 1165 20.79 -25.57 35.05
N ARG C 1166 19.98 -26.43 34.45
CA ARG C 1166 19.32 -27.49 35.19
C ARG C 1166 20.14 -28.77 35.17
N GLU D 7 67.00 23.28 15.75
CA GLU D 7 66.07 22.80 16.78
C GLU D 7 66.36 21.34 17.12
N GLN D 8 66.93 20.61 16.16
CA GLN D 8 67.31 19.22 16.37
C GLN D 8 68.70 19.06 16.95
N SER D 9 69.40 20.17 17.22
CA SER D 9 70.79 20.11 17.64
C SER D 9 70.97 19.36 18.97
N TRP D 10 70.08 19.59 19.92
CA TRP D 10 70.22 19.02 21.26
C TRP D 10 69.70 17.58 21.34
N ILE D 11 69.32 16.97 20.21
CA ILE D 11 68.86 15.59 20.23
C ILE D 11 69.90 14.62 20.77
N PRO D 12 71.18 14.66 20.36
CA PRO D 12 72.17 13.75 20.94
C PRO D 12 72.39 13.93 22.43
N LYS D 13 72.01 15.07 23.00
CA LYS D 13 72.22 15.34 24.42
C LYS D 13 71.04 14.91 25.28
N ILE D 14 69.81 14.97 24.75
CA ILE D 14 68.65 14.54 25.52
C ILE D 14 68.44 13.04 25.42
N PHE D 15 68.76 12.45 24.28
CA PHE D 15 68.56 11.02 24.04
C PHE D 15 69.89 10.32 23.84
N LYS D 16 69.93 9.04 24.18
CA LYS D 16 71.16 8.26 24.13
C LYS D 16 70.93 6.96 23.36
N LYS D 17 71.98 6.53 22.66
CA LYS D 17 72.04 5.20 22.09
C LYS D 17 72.77 4.26 23.04
N LYS D 18 72.80 2.98 22.68
CA LYS D 18 73.49 1.99 23.48
C LYS D 18 75.01 2.19 23.42
N ASP D 64 71.44 -5.37 30.12
CA ASP D 64 72.40 -4.59 29.35
C ASP D 64 73.54 -4.09 30.21
N ALA D 65 73.92 -4.89 31.21
CA ALA D 65 75.01 -4.51 32.11
C ALA D 65 76.36 -4.49 31.39
N HIS D 66 76.45 -5.10 30.21
CA HIS D 66 77.68 -5.11 29.43
C HIS D 66 77.87 -3.86 28.59
N THR D 67 76.91 -2.93 28.58
CA THR D 67 76.94 -1.78 27.70
C THR D 67 76.79 -0.50 28.51
N THR D 68 77.12 0.61 27.86
CA THR D 68 76.99 1.95 28.45
C THR D 68 76.37 2.89 27.43
N GLU D 69 75.74 3.95 27.93
CA GLU D 69 75.05 4.89 27.07
C GLU D 69 76.04 5.81 26.35
N LYS D 70 75.66 6.21 25.14
CA LYS D 70 76.43 7.10 24.29
C LYS D 70 75.48 8.07 23.62
N PRO D 71 75.97 9.23 23.19
CA PRO D 71 75.07 10.20 22.54
C PRO D 71 74.41 9.64 21.29
N THR D 72 73.16 10.03 21.08
CA THR D 72 72.40 9.58 19.93
C THR D 72 73.00 10.13 18.63
N ASP D 73 73.12 9.27 17.63
CA ASP D 73 73.72 9.64 16.34
C ASP D 73 72.72 9.73 15.21
N ALA D 74 71.75 8.82 15.11
CA ALA D 74 70.81 8.80 14.01
C ALA D 74 69.54 9.55 14.41
N TYR D 75 69.24 10.62 13.69
CA TYR D 75 68.06 11.45 13.94
C TYR D 75 67.91 12.44 12.80
N GLY D 76 66.77 13.11 12.78
CA GLY D 76 66.50 14.14 11.80
C GLY D 76 65.23 13.84 11.04
N GLU D 77 65.10 14.47 9.88
CA GLU D 77 63.98 14.21 8.98
C GLU D 77 64.29 13.00 8.09
N LEU D 78 63.26 12.48 7.44
CA LEU D 78 63.40 11.27 6.65
C LEU D 78 62.55 11.40 5.39
N ASP D 79 63.18 11.23 4.23
CA ASP D 79 62.51 11.24 2.94
C ASP D 79 62.76 9.91 2.25
N PHE D 80 61.69 9.25 1.81
CA PHE D 80 61.80 8.00 1.06
C PHE D 80 62.03 8.34 -0.41
N THR D 81 63.09 7.79 -0.99
CA THR D 81 63.50 8.15 -2.34
C THR D 81 62.44 7.78 -3.36
N GLY D 82 61.87 8.80 -4.02
CA GLY D 82 60.92 8.59 -5.08
C GLY D 82 59.52 8.24 -4.63
N ALA D 83 59.26 8.22 -3.32
CA ALA D 83 57.93 7.88 -2.83
C ALA D 83 56.93 9.02 -2.99
N GLY D 84 57.40 10.26 -3.09
CA GLY D 84 56.51 11.39 -3.18
C GLY D 84 55.71 11.68 -1.94
N ARG D 85 56.05 11.08 -0.81
CA ARG D 85 55.31 11.29 0.43
C ARG D 85 55.78 12.56 1.13
N LYS D 86 55.04 12.94 2.16
CA LYS D 86 55.41 14.09 2.99
C LYS D 86 56.69 13.77 3.76
N HIS D 87 57.48 14.82 4.03
CA HIS D 87 58.67 14.65 4.84
C HIS D 87 58.31 14.20 6.25
N SER D 88 58.93 13.10 6.69
CA SER D 88 58.68 12.55 8.01
C SER D 88 59.81 12.89 8.97
N ASN D 89 59.74 12.31 10.16
CA ASN D 89 60.78 12.45 11.17
C ASN D 89 61.15 11.07 11.71
N PHE D 90 62.37 10.96 12.21
CA PHE D 90 62.83 9.70 12.79
C PHE D 90 63.85 9.99 13.88
N LEU D 91 64.04 9.01 14.76
CA LEU D 91 64.92 9.16 15.90
C LEU D 91 65.43 7.80 16.35
N ARG D 92 66.67 7.75 16.79
CA ARG D 92 67.24 6.58 17.42
C ARG D 92 67.37 6.84 18.92
N LEU D 93 66.84 5.93 19.74
CA LEU D 93 66.85 6.12 21.18
C LEU D 93 66.88 4.77 21.87
N SER D 94 67.38 4.76 23.09
CA SER D 94 67.47 3.52 23.85
C SER D 94 66.13 3.22 24.53
N ASP D 95 65.97 1.97 24.95
CA ASP D 95 64.77 1.56 25.67
C ASP D 95 64.70 2.21 27.06
N ARG D 96 65.83 2.69 27.59
CA ARG D 96 65.82 3.30 28.91
C ARG D 96 65.11 4.65 28.92
N THR D 97 64.97 5.27 27.75
CA THR D 97 64.42 6.63 27.67
C THR D 97 63.01 6.69 28.23
N ASP D 98 62.78 7.66 29.12
CA ASP D 98 61.46 7.85 29.71
C ASP D 98 60.53 8.55 28.71
N PRO D 99 59.23 8.21 28.73
CA PRO D 99 58.33 8.71 27.68
C PRO D 99 58.14 10.22 27.66
N ALA D 100 58.43 10.92 28.76
CA ALA D 100 58.14 12.34 28.82
C ALA D 100 58.94 13.12 27.79
N ALA D 101 60.23 12.84 27.67
CA ALA D 101 61.08 13.56 26.72
C ALA D 101 60.64 13.30 25.28
N VAL D 102 60.30 12.04 24.96
CA VAL D 102 59.88 11.71 23.60
C VAL D 102 58.55 12.37 23.27
N TYR D 103 57.61 12.36 24.23
CA TYR D 103 56.32 13.01 24.00
C TYR D 103 56.49 14.50 23.80
N SER D 104 57.33 15.14 24.62
CA SER D 104 57.60 16.56 24.43
C SER D 104 58.24 16.82 23.07
N LEU D 105 59.18 15.97 22.66
CA LEU D 105 59.78 16.09 21.34
C LEU D 105 58.74 16.07 20.24
N VAL D 106 57.87 15.05 20.27
CA VAL D 106 56.86 14.91 19.21
C VAL D 106 55.91 16.10 19.20
N THR D 107 55.46 16.51 20.38
CA THR D 107 54.44 17.55 20.45
C THR D 107 54.99 18.95 20.17
N ARG D 108 56.25 19.21 20.48
CA ARG D 108 56.77 20.57 20.46
C ARG D 108 57.86 20.81 19.44
N THR D 109 58.72 19.83 19.16
CA THR D 109 59.79 19.99 18.18
C THR D 109 59.37 19.55 16.79
N TRP D 110 58.75 18.36 16.68
CA TRP D 110 58.25 17.88 15.40
C TRP D 110 56.94 18.57 15.00
N GLY D 111 56.25 19.20 15.95
CA GLY D 111 55.09 20.01 15.64
C GLY D 111 53.77 19.29 15.57
N PHE D 112 53.73 17.99 15.88
CA PHE D 112 52.46 17.26 15.87
C PHE D 112 51.58 17.75 17.01
N ARG D 113 50.29 17.95 16.72
CA ARG D 113 49.35 18.40 17.72
C ARG D 113 48.95 17.23 18.63
N ALA D 114 48.41 17.58 19.80
CA ALA D 114 47.97 16.56 20.74
C ALA D 114 46.81 15.77 20.13
N PRO D 115 46.83 14.45 20.25
CA PRO D 115 45.78 13.64 19.63
C PRO D 115 44.52 13.57 20.46
N ASN D 116 43.37 13.53 19.77
CA ASN D 116 42.10 13.31 20.45
C ASN D 116 42.05 11.94 21.08
N LEU D 117 42.56 10.92 20.40
CA LEU D 117 42.64 9.58 20.95
C LEU D 117 43.83 8.88 20.32
N VAL D 118 44.30 7.82 20.98
CA VAL D 118 45.42 7.01 20.50
C VAL D 118 44.98 5.56 20.51
N VAL D 119 45.16 4.88 19.38
CA VAL D 119 44.93 3.44 19.28
C VAL D 119 46.22 2.77 18.88
N SER D 120 46.66 1.80 19.68
CA SER D 120 47.88 1.05 19.42
C SER D 120 47.49 -0.34 18.95
N VAL D 121 47.93 -0.71 17.75
CA VAL D 121 47.57 -1.97 17.13
C VAL D 121 48.73 -2.95 17.32
N LEU D 122 48.42 -4.10 17.88
CA LEU D 122 49.42 -5.15 18.11
C LEU D 122 48.90 -6.46 17.54
N GLY D 123 49.78 -7.18 16.86
CA GLY D 123 49.38 -8.40 16.18
C GLY D 123 50.58 -9.05 15.52
N GLY D 124 50.28 -10.11 14.77
CA GLY D 124 51.34 -10.91 14.19
C GLY D 124 51.14 -11.27 12.73
N SER D 125 51.33 -12.56 12.41
CA SER D 125 51.26 -13.14 11.07
C SER D 125 52.48 -12.76 10.24
N GLY D 126 53.32 -11.88 10.79
CA GLY D 126 54.62 -11.58 10.20
C GLY D 126 54.58 -10.99 8.80
N GLY D 127 55.01 -11.77 7.83
CA GLY D 127 55.18 -11.31 6.48
C GLY D 127 53.89 -11.19 5.68
N PRO D 128 53.22 -12.31 5.44
CA PRO D 128 52.06 -12.30 4.55
C PRO D 128 50.95 -11.39 5.06
N VAL D 129 50.24 -10.78 4.11
CA VAL D 129 49.15 -9.87 4.43
C VAL D 129 48.00 -10.65 5.06
N LEU D 130 47.22 -9.96 5.89
CA LEU D 130 46.11 -10.60 6.58
C LEU D 130 44.98 -10.95 5.61
N GLN D 131 44.05 -11.77 6.10
CA GLN D 131 42.85 -12.05 5.33
C GLN D 131 42.03 -10.78 5.15
N THR D 132 41.30 -10.72 4.03
CA THR D 132 40.70 -9.45 3.61
C THR D 132 39.65 -8.94 4.59
N TRP D 133 39.06 -9.81 5.41
CA TRP D 133 38.11 -9.30 6.40
C TRP D 133 38.83 -8.54 7.50
N LEU D 134 40.04 -8.96 7.86
CA LEU D 134 40.86 -8.15 8.76
C LEU D 134 41.27 -6.84 8.11
N GLN D 135 41.51 -6.87 6.80
CA GLN D 135 41.79 -5.65 6.06
C GLN D 135 40.62 -4.68 6.12
N ASP D 136 39.40 -5.19 5.96
CA ASP D 136 38.21 -4.34 6.06
C ASP D 136 38.02 -3.84 7.49
N LEU D 137 38.32 -4.68 8.47
CA LEU D 137 38.24 -4.23 9.86
C LEU D 137 39.23 -3.09 10.13
N LEU D 138 40.41 -3.16 9.52
CA LEU D 138 41.39 -2.09 9.68
C LEU D 138 40.95 -0.82 8.98
N ARG D 139 40.52 -0.93 7.72
CA ARG D 139 40.24 0.26 6.92
C ARG D 139 38.87 0.82 7.22
N ARG D 140 37.82 0.05 6.93
CA ARG D 140 36.44 0.49 7.13
C ARG D 140 36.06 0.54 8.60
N GLY D 141 36.93 0.06 9.49
CA GLY D 141 36.71 0.10 10.92
C GLY D 141 37.53 1.16 11.62
N LEU D 142 38.67 0.74 12.17
CA LEU D 142 39.52 1.59 13.00
C LEU D 142 39.86 2.90 12.31
N VAL D 143 40.37 2.84 11.08
CA VAL D 143 40.85 4.05 10.42
C VAL D 143 39.70 4.97 10.03
N ARG D 144 38.58 4.38 9.57
CA ARG D 144 37.42 5.20 9.24
C ARG D 144 36.89 5.93 10.47
N ALA D 145 36.85 5.24 11.60
CA ALA D 145 36.39 5.88 12.84
C ALA D 145 37.38 6.95 13.30
N ALA D 146 38.68 6.66 13.23
CA ALA D 146 39.68 7.63 13.66
C ALA D 146 39.70 8.86 12.76
N GLN D 147 39.22 8.73 11.52
CA GLN D 147 39.17 9.88 10.62
C GLN D 147 38.24 10.98 11.14
N SER D 148 37.19 10.62 11.88
CA SER D 148 36.23 11.62 12.36
C SER D 148 36.79 12.44 13.50
N THR D 149 37.48 11.79 14.45
CA THR D 149 37.96 12.50 15.63
C THR D 149 39.38 13.04 15.44
N GLY D 150 40.17 12.42 14.57
CA GLY D 150 41.59 12.71 14.50
C GLY D 150 42.32 11.95 15.58
N ALA D 151 43.40 11.27 15.23
CA ALA D 151 44.01 10.36 16.19
C ALA D 151 45.42 10.00 15.75
N TRP D 152 46.19 9.47 16.71
CA TRP D 152 47.47 8.83 16.44
C TRP D 152 47.25 7.33 16.45
N ILE D 153 47.74 6.65 15.42
CA ILE D 153 47.65 5.20 15.32
C ILE D 153 49.06 4.64 15.43
N VAL D 154 49.33 3.92 16.51
CA VAL D 154 50.67 3.44 16.83
C VAL D 154 50.73 1.95 16.52
N THR D 155 51.73 1.55 15.75
CA THR D 155 51.96 0.16 15.40
C THR D 155 53.40 0.03 14.93
N GLY D 156 53.76 -1.13 14.40
CA GLY D 156 55.09 -1.31 13.83
C GLY D 156 55.29 -0.41 12.63
N GLY D 157 56.44 0.26 12.59
CA GLY D 157 56.77 1.13 11.48
C GLY D 157 57.50 0.43 10.35
N LEU D 158 57.28 -0.88 10.24
CA LEU D 158 57.96 -1.71 9.26
C LEU D 158 56.99 -2.17 8.18
N HIS D 159 57.54 -2.84 7.17
CA HIS D 159 56.72 -3.38 6.10
C HIS D 159 56.09 -4.71 6.45
N THR D 160 56.04 -5.11 7.72
CA THR D 160 55.26 -6.28 8.11
C THR D 160 53.80 -6.08 7.77
N GLY D 161 53.05 -7.19 7.73
CA GLY D 161 51.70 -7.14 7.18
C GLY D 161 50.78 -6.17 7.90
N ILE D 162 50.76 -6.21 9.22
CA ILE D 162 49.83 -5.37 9.98
C ILE D 162 50.18 -3.90 9.82
N GLY D 163 51.47 -3.56 9.97
CA GLY D 163 51.89 -2.18 9.79
C GLY D 163 51.72 -1.72 8.36
N ARG D 164 51.92 -2.64 7.41
CA ARG D 164 51.82 -2.30 5.98
C ARG D 164 50.37 -1.99 5.61
N HIS D 165 49.42 -2.71 6.21
CA HIS D 165 48.01 -2.42 5.91
C HIS D 165 47.50 -1.23 6.70
N VAL D 166 48.01 -1.02 7.92
CA VAL D 166 47.66 0.18 8.66
C VAL D 166 48.11 1.41 7.88
N GLY D 167 49.33 1.39 7.37
CA GLY D 167 49.84 2.52 6.60
C GLY D 167 49.05 2.77 5.33
N VAL D 168 48.72 1.70 4.60
CA VAL D 168 47.99 1.91 3.36
C VAL D 168 46.56 2.38 3.64
N ALA D 169 45.92 1.90 4.70
CA ALA D 169 44.59 2.40 5.05
C ALA D 169 44.63 3.86 5.44
N VAL D 170 45.63 4.25 6.24
CA VAL D 170 45.78 5.66 6.61
C VAL D 170 46.01 6.51 5.37
N ARG D 171 46.85 6.03 4.44
CA ARG D 171 47.09 6.76 3.20
C ARG D 171 45.83 6.88 2.35
N ASP D 172 45.04 5.81 2.27
CA ASP D 172 43.82 5.84 1.48
C ASP D 172 42.83 6.84 2.05
N HIS D 173 42.67 6.87 3.37
CA HIS D 173 41.76 7.85 3.95
C HIS D 173 42.36 9.25 3.95
N GLN D 174 43.68 9.35 3.78
CA GLN D 174 44.31 10.65 3.63
C GLN D 174 44.05 11.23 2.25
N MET D 175 44.13 10.39 1.21
CA MET D 175 43.91 10.87 -0.14
C MET D 175 42.44 11.21 -0.38
N ALA D 176 41.53 10.53 0.32
CA ALA D 176 40.11 10.79 0.16
C ALA D 176 39.61 11.95 1.00
N SER D 177 40.41 12.46 1.93
CA SER D 177 39.96 13.57 2.76
C SER D 177 39.93 14.86 1.96
N THR D 178 38.96 15.72 2.27
CA THR D 178 38.79 16.99 1.58
C THR D 178 39.21 18.19 2.43
N GLY D 179 39.50 17.99 3.71
CA GLY D 179 39.96 19.04 4.59
C GLY D 179 41.40 18.86 5.01
N GLY D 180 41.72 19.32 6.22
CA GLY D 180 43.07 19.19 6.73
C GLY D 180 43.36 17.80 7.25
N THR D 181 44.66 17.52 7.40
CA THR D 181 45.10 16.23 7.93
C THR D 181 44.74 16.11 9.41
N LYS D 182 44.18 14.97 9.79
CA LYS D 182 43.78 14.72 11.17
C LYS D 182 44.28 13.41 11.75
N VAL D 183 44.60 12.41 10.93
CA VAL D 183 45.08 11.11 11.41
C VAL D 183 46.56 10.98 11.09
N VAL D 184 47.35 10.63 12.09
CA VAL D 184 48.79 10.44 11.93
C VAL D 184 49.14 9.02 12.34
N ALA D 185 49.93 8.35 11.49
CA ALA D 185 50.41 7.01 11.78
C ALA D 185 51.82 7.09 12.37
N MET D 186 52.01 6.54 13.57
CA MET D 186 53.27 6.56 14.27
C MET D 186 53.80 5.14 14.37
N GLY D 187 55.08 4.94 14.04
CA GLY D 187 55.70 3.63 14.08
C GLY D 187 56.79 3.55 15.12
N VAL D 188 56.70 2.54 15.98
CA VAL D 188 57.74 2.21 16.95
C VAL D 188 58.36 0.89 16.55
N ALA D 189 59.66 0.90 16.27
CA ALA D 189 60.34 -0.26 15.70
C ALA D 189 61.68 -0.45 16.39
N PRO D 190 62.20 -1.67 16.44
CA PRO D 190 63.52 -1.88 17.03
C PRO D 190 64.65 -1.56 16.05
N TRP D 191 65.70 -0.94 16.57
CA TRP D 191 66.89 -0.66 15.77
C TRP D 191 67.64 -1.96 15.46
N GLY D 192 68.40 -1.92 14.37
CA GLY D 192 69.14 -3.08 13.92
C GLY D 192 68.31 -3.94 12.98
N VAL D 193 66.99 -3.94 13.18
CA VAL D 193 66.09 -4.62 12.27
C VAL D 193 65.79 -3.75 11.05
N VAL D 194 66.04 -2.44 11.14
CA VAL D 194 65.74 -1.54 10.03
C VAL D 194 66.74 -1.78 8.91
N ARG D 195 66.23 -2.09 7.72
CA ARG D 195 67.08 -2.37 6.57
C ARG D 195 67.66 -1.07 6.02
N ASN D 196 68.91 -1.13 5.56
CA ASN D 196 69.60 0.00 4.96
C ASN D 196 69.65 1.21 5.90
N ARG D 197 69.83 0.93 7.19
CA ARG D 197 69.88 1.99 8.20
C ARG D 197 71.19 2.77 8.17
N ASP D 198 72.15 2.35 7.33
CA ASP D 198 73.46 2.99 7.32
C ASP D 198 73.36 4.48 7.00
N THR D 199 72.43 4.87 6.11
CA THR D 199 72.30 6.27 5.73
C THR D 199 71.81 7.14 6.87
N LEU D 200 71.08 6.57 7.83
CA LEU D 200 70.47 7.36 8.89
C LEU D 200 71.49 7.93 9.86
N ILE D 201 72.75 7.48 9.80
CA ILE D 201 73.76 7.92 10.76
C ILE D 201 74.42 9.20 10.26
N ASN D 202 73.82 10.34 10.61
CA ASN D 202 74.39 11.65 10.26
C ASN D 202 74.01 12.65 11.35
N PRO D 203 74.90 12.86 12.33
CA PRO D 203 74.70 13.82 13.41
C PRO D 203 74.61 15.26 12.90
N PHE D 207 68.27 17.81 9.46
CA PHE D 207 68.84 17.30 8.22
C PHE D 207 67.91 16.31 7.53
N PRO D 208 67.51 16.62 6.30
CA PRO D 208 66.66 15.69 5.54
C PRO D 208 67.45 14.53 4.96
N ALA D 209 67.27 13.34 5.55
CA ALA D 209 67.94 12.14 5.05
C ALA D 209 67.21 11.57 3.85
N ARG D 210 67.96 10.89 2.99
CA ARG D 210 67.41 10.21 1.83
C ARG D 210 67.51 8.70 2.07
N TYR D 211 66.39 8.00 1.95
CA TYR D 211 66.27 6.61 2.37
C TYR D 211 65.89 5.75 1.18
N ARG D 212 66.78 4.82 0.81
CA ARG D 212 66.51 3.88 -0.28
C ARG D 212 65.83 2.63 0.30
N TRP D 213 64.50 2.71 0.38
CA TRP D 213 63.71 1.66 1.00
C TRP D 213 63.51 0.44 0.10
N ARG D 214 63.83 0.55 -1.20
CA ARG D 214 63.54 -0.52 -2.14
C ARG D 214 64.62 -1.61 -2.16
N GLY D 215 65.66 -1.49 -1.35
CA GLY D 215 66.73 -2.47 -1.33
C GLY D 215 66.27 -3.89 -1.05
N GLN D 222 65.69 -8.54 8.48
CA GLN D 222 65.53 -7.09 8.46
C GLN D 222 64.31 -6.67 7.63
N PHE D 223 63.75 -5.52 7.96
CA PHE D 223 62.60 -4.99 7.24
C PHE D 223 62.79 -3.50 7.00
N PRO D 224 62.26 -2.98 5.89
CA PRO D 224 62.37 -1.54 5.62
C PRO D 224 61.24 -0.76 6.25
N LEU D 225 61.49 0.53 6.45
CA LEU D 225 60.48 1.42 7.01
C LEU D 225 59.34 1.63 6.03
N ASP D 226 58.13 1.74 6.57
CA ASP D 226 56.93 1.96 5.76
C ASP D 226 56.78 3.44 5.50
N TYR D 227 56.72 3.82 4.22
CA TYR D 227 56.77 5.23 3.83
C TYR D 227 55.48 5.98 4.10
N ASN D 228 54.41 5.30 4.49
CA ASN D 228 53.15 5.99 4.77
C ASN D 228 53.10 6.61 6.17
N TYR D 229 54.11 6.37 7.00
CA TYR D 229 54.13 6.90 8.35
C TYR D 229 54.77 8.28 8.38
N SER D 230 54.39 9.08 9.39
CA SER D 230 54.87 10.44 9.51
C SER D 230 55.98 10.61 10.53
N ALA D 231 56.18 9.63 11.42
CA ALA D 231 57.24 9.70 12.40
C ALA D 231 57.63 8.29 12.83
N PHE D 232 58.89 8.11 13.18
CA PHE D 232 59.44 6.81 13.56
C PHE D 232 60.22 6.93 14.86
N PHE D 233 60.03 5.96 15.74
CA PHE D 233 60.85 5.80 16.95
C PHE D 233 61.58 4.48 16.83
N LEU D 234 62.91 4.53 16.77
CA LEU D 234 63.73 3.33 16.61
C LEU D 234 64.39 3.04 17.95
N VAL D 235 63.78 2.12 18.70
CA VAL D 235 64.30 1.75 20.02
C VAL D 235 65.45 0.77 19.84
N ASP D 236 66.63 1.17 20.30
CA ASP D 236 67.84 0.35 20.15
C ASP D 236 67.94 -0.60 21.33
N ASP D 237 67.74 -1.89 21.07
CA ASP D 237 67.86 -2.91 22.10
C ASP D 237 69.31 -3.22 22.46
N GLY D 238 70.27 -2.73 21.67
CA GLY D 238 71.66 -3.10 21.87
C GLY D 238 72.00 -4.39 21.17
N THR D 239 71.14 -5.38 21.30
CA THR D 239 71.28 -6.64 20.58
C THR D 239 70.85 -6.41 19.13
N HIS D 240 71.83 -6.30 18.23
CA HIS D 240 71.54 -6.00 16.83
C HIS D 240 70.79 -7.16 16.20
N GLY D 241 69.64 -6.86 15.60
CA GLY D 241 68.81 -7.87 14.97
C GLY D 241 67.79 -8.51 15.88
N CYS D 242 67.78 -8.15 17.17
CA CYS D 242 66.82 -8.74 18.10
C CYS D 242 65.43 -8.16 17.88
N LEU D 243 64.41 -8.99 18.11
CA LEU D 243 63.02 -8.62 17.96
C LEU D 243 62.32 -8.64 19.30
N GLY D 244 61.49 -7.63 19.55
CA GLY D 244 60.71 -7.55 20.78
C GLY D 244 61.30 -6.67 21.86
N GLY D 245 62.43 -6.02 21.60
CA GLY D 245 63.03 -5.16 22.60
C GLY D 245 62.38 -3.80 22.74
N GLU D 246 61.44 -3.47 21.85
CA GLU D 246 60.82 -2.15 21.89
C GLU D 246 59.58 -2.10 22.78
N ASN D 247 59.14 -3.24 23.31
CA ASN D 247 57.94 -3.24 24.16
C ASN D 247 58.17 -2.43 25.43
N ARG D 248 59.36 -2.55 26.03
CA ARG D 248 59.63 -1.88 27.29
C ARG D 248 59.56 -0.37 27.19
N PHE D 249 59.66 0.19 25.98
CA PHE D 249 59.46 1.61 25.77
C PHE D 249 58.05 1.92 25.26
N ARG D 250 57.51 1.04 24.42
CA ARG D 250 56.20 1.28 23.82
C ARG D 250 55.11 1.27 24.88
N LEU D 251 55.15 0.31 25.80
CA LEU D 251 54.12 0.25 26.83
C LEU D 251 54.17 1.47 27.73
N ARG D 252 55.38 1.90 28.12
CA ARG D 252 55.51 3.09 28.96
C ARG D 252 55.04 4.34 28.23
N LEU D 253 55.35 4.44 26.93
CA LEU D 253 54.87 5.58 26.14
C LEU D 253 53.35 5.60 26.10
N GLU D 254 52.73 4.44 25.88
CA GLU D 254 51.27 4.37 25.88
C GLU D 254 50.69 4.79 27.23
N SER D 255 51.29 4.31 28.32
CA SER D 255 50.80 4.69 29.64
C SER D 255 50.93 6.19 29.88
N TYR D 256 52.07 6.77 29.50
CA TYR D 256 52.28 8.19 29.70
C TYR D 256 51.30 9.03 28.89
N ILE D 257 51.02 8.60 27.65
CA ILE D 257 50.02 9.29 26.85
C ILE D 257 48.64 9.15 27.48
N SER D 258 48.35 7.98 28.06
CA SER D 258 47.08 7.77 28.74
C SER D 258 46.93 8.68 29.95
N GLN D 259 48.02 8.97 30.64
CA GLN D 259 47.98 9.85 31.80
C GLN D 259 48.13 11.33 31.44
N GLN D 260 48.28 11.65 30.16
CA GLN D 260 48.56 13.02 29.74
C GLN D 260 47.26 13.79 29.50
N LYS D 261 47.34 15.11 29.68
CA LYS D 261 46.25 16.02 29.39
C LYS D 261 46.66 16.94 28.25
N THR D 262 45.67 17.38 27.48
CA THR D 262 45.92 18.28 26.36
C THR D 262 46.42 19.64 26.84
N GLY D 268 42.85 21.14 28.23
CA GLY D 268 43.12 20.33 29.40
C GLY D 268 42.29 19.06 29.45
N ILE D 269 41.96 18.53 28.28
CA ILE D 269 41.16 17.32 28.19
C ILE D 269 42.08 16.11 28.17
N ASP D 270 41.66 15.08 28.94
CA ASP D 270 42.43 13.82 29.00
C ASP D 270 42.45 13.16 27.63
N ILE D 271 43.53 12.45 27.32
CA ILE D 271 43.68 11.78 26.03
C ILE D 271 43.46 10.29 26.24
N PRO D 272 42.37 9.71 25.74
CA PRO D 272 42.14 8.27 25.91
C PRO D 272 43.09 7.45 25.04
N VAL D 273 43.55 6.33 25.57
CA VAL D 273 44.44 5.42 24.87
C VAL D 273 43.84 4.03 24.89
N LEU D 274 43.85 3.36 23.73
CA LEU D 274 43.25 2.05 23.57
C LEU D 274 44.22 1.14 22.83
N LEU D 275 44.19 -0.15 23.16
CA LEU D 275 45.02 -1.15 22.50
C LEU D 275 44.13 -2.12 21.74
N LEU D 276 44.53 -2.46 20.51
CA LEU D 276 43.80 -3.37 19.64
C LEU D 276 44.67 -4.58 19.35
N LEU D 277 44.16 -5.77 19.66
CA LEU D 277 44.91 -7.01 19.52
C LEU D 277 44.29 -7.84 18.39
N ILE D 278 44.94 -7.84 17.22
CA ILE D 278 44.43 -8.61 16.10
C ILE D 278 44.62 -10.10 16.33
N ASP D 279 45.83 -10.51 16.67
CA ASP D 279 46.13 -11.89 17.03
C ASP D 279 47.43 -11.86 17.83
N GLY D 280 48.02 -13.02 18.06
CA GLY D 280 49.31 -13.04 18.70
C GLY D 280 49.77 -14.44 19.05
N ASP D 281 51.06 -14.54 19.32
CA ASP D 281 51.70 -15.72 19.86
C ASP D 281 51.66 -15.67 21.39
N GLU D 282 52.46 -16.52 22.03
CA GLU D 282 52.49 -16.55 23.49
C GLU D 282 53.00 -15.26 24.09
N LYS D 283 53.81 -14.49 23.35
CA LYS D 283 54.34 -13.23 23.87
C LYS D 283 53.27 -12.15 23.96
N MET D 284 52.24 -12.23 23.11
CA MET D 284 51.16 -11.24 23.21
C MET D 284 50.36 -11.41 24.49
N LEU D 285 50.35 -12.62 25.08
CA LEU D 285 49.74 -12.78 26.40
C LEU D 285 50.50 -11.98 27.45
N THR D 286 51.83 -12.03 27.41
CA THR D 286 52.63 -11.20 28.30
C THR D 286 52.40 -9.72 28.04
N ARG D 287 52.31 -9.34 26.77
CA ARG D 287 52.03 -7.94 26.43
C ARG D 287 50.69 -7.49 26.99
N ILE D 288 49.66 -8.33 26.87
CA ILE D 288 48.34 -7.98 27.41
C ILE D 288 48.37 -7.91 28.92
N GLU D 289 49.08 -8.84 29.58
CA GLU D 289 49.17 -8.80 31.03
C GLU D 289 49.86 -7.51 31.49
N ASN D 290 50.94 -7.12 30.83
CA ASN D 290 51.65 -5.91 31.20
C ASN D 290 50.79 -4.66 30.93
N ALA D 291 50.03 -4.67 29.84
CA ALA D 291 49.14 -3.55 29.55
C ALA D 291 47.89 -3.53 30.42
N THR D 292 47.60 -4.64 31.12
CA THR D 292 46.48 -4.67 32.04
C THR D 292 46.87 -4.33 33.47
N GLN D 293 48.06 -4.76 33.93
CA GLN D 293 48.51 -4.36 35.25
C GLN D 293 48.65 -2.85 35.35
N ALA D 294 49.20 -2.21 34.31
CA ALA D 294 49.19 -0.76 34.17
C ALA D 294 48.01 -0.43 33.26
N GLN D 295 46.90 0.01 33.89
CA GLN D 295 45.58 0.01 33.27
C GLN D 295 45.54 0.63 31.87
N LEU D 296 45.22 -0.19 30.88
CA LEU D 296 45.01 0.24 29.51
C LEU D 296 43.96 -0.68 28.88
N PRO D 297 42.85 -0.14 28.39
CA PRO D 297 41.82 -0.99 27.78
C PRO D 297 42.35 -1.69 26.54
N CYS D 298 41.82 -2.90 26.30
CA CYS D 298 42.26 -3.73 25.20
C CYS D 298 41.06 -4.28 24.45
N LEU D 299 41.21 -4.43 23.14
CA LEU D 299 40.20 -5.04 22.29
C LEU D 299 40.74 -6.31 21.67
N LEU D 300 39.93 -7.36 21.65
CA LEU D 300 40.32 -8.66 21.14
C LEU D 300 39.51 -8.94 19.88
N VAL D 301 40.19 -9.23 18.77
CA VAL D 301 39.50 -9.50 17.52
C VAL D 301 39.04 -10.96 17.52
N ALA D 302 37.74 -11.16 17.37
CA ALA D 302 37.17 -12.50 17.37
C ALA D 302 37.28 -13.12 15.98
N GLY D 303 37.53 -14.42 15.94
CA GLY D 303 37.65 -15.15 14.70
C GLY D 303 39.00 -15.06 14.03
N SER D 304 39.95 -14.34 14.61
CA SER D 304 41.28 -14.19 14.03
C SER D 304 42.30 -15.14 14.64
N GLY D 305 41.88 -15.99 15.57
CA GLY D 305 42.77 -16.97 16.15
C GLY D 305 43.79 -16.37 17.10
N GLY D 306 44.74 -17.22 17.50
CA GLY D 306 45.85 -16.82 18.34
C GLY D 306 45.43 -16.39 19.71
N ALA D 307 46.23 -15.50 20.30
CA ALA D 307 45.95 -15.01 21.64
C ALA D 307 44.65 -14.22 21.71
N ALA D 308 44.30 -13.54 20.62
CA ALA D 308 43.04 -12.79 20.59
C ALA D 308 41.85 -13.72 20.80
N ASP D 309 41.79 -14.81 20.04
CA ASP D 309 40.68 -15.75 20.21
C ASP D 309 40.79 -16.50 21.52
N CYS D 310 42.01 -16.80 21.97
CA CYS D 310 42.17 -17.49 23.24
C CYS D 310 41.62 -16.67 24.39
N LEU D 311 41.87 -15.36 24.38
CA LEU D 311 41.35 -14.49 25.43
C LEU D 311 39.88 -14.16 25.21
N ALA D 312 39.40 -14.20 23.96
CA ALA D 312 38.00 -13.87 23.69
C ALA D 312 37.08 -15.01 24.11
N GLU D 313 37.48 -16.26 23.86
CA GLU D 313 36.58 -17.38 24.13
C GLU D 313 36.38 -17.62 25.62
N THR D 314 37.40 -17.33 26.44
CA THR D 314 37.23 -17.45 27.87
C THR D 314 36.40 -16.32 28.45
N LEU D 315 36.42 -15.15 27.82
CA LEU D 315 35.56 -14.05 28.26
C LEU D 315 34.09 -14.36 28.01
N GLU D 316 33.77 -14.84 26.82
CA GLU D 316 32.38 -15.15 26.46
C GLU D 316 32.26 -16.54 25.87
N GLU D 330 38.13 -28.22 29.89
CA GLU D 330 38.25 -27.79 28.51
C GLU D 330 39.05 -26.48 28.40
N ALA D 331 39.47 -25.94 29.55
CA ALA D 331 40.34 -24.77 29.53
C ALA D 331 41.72 -25.14 29.00
N ARG D 332 42.28 -26.24 29.49
CA ARG D 332 43.53 -26.75 28.91
C ARG D 332 43.35 -27.11 27.46
N ASP D 333 42.20 -27.69 27.11
CA ASP D 333 41.92 -28.03 25.72
C ASP D 333 41.88 -26.78 24.86
N ARG D 334 41.29 -25.70 25.36
CA ARG D 334 41.25 -24.44 24.62
C ARG D 334 42.65 -23.87 24.44
N ILE D 335 43.45 -23.89 25.52
CA ILE D 335 44.80 -23.35 25.46
C ILE D 335 45.64 -24.13 24.46
N ARG D 336 45.50 -25.46 24.44
CA ARG D 336 46.17 -26.26 23.43
C ARG D 336 45.61 -25.99 22.03
N ARG D 337 44.31 -25.70 21.95
CA ARG D 337 43.66 -25.47 20.67
C ARG D 337 44.21 -24.23 20.00
N PHE D 338 44.48 -23.18 20.77
CA PHE D 338 45.06 -21.97 20.19
C PHE D 338 46.57 -21.89 20.35
N PHE D 339 47.16 -22.68 21.24
CA PHE D 339 48.61 -22.76 21.42
C PHE D 339 49.02 -24.22 21.48
N PRO D 340 49.18 -24.87 20.32
CA PRO D 340 49.53 -26.30 20.34
C PRO D 340 50.85 -26.60 21.04
N LYS D 341 51.84 -25.71 20.92
CA LYS D 341 53.15 -25.94 21.52
C LYS D 341 53.31 -25.24 22.87
N GLY D 342 52.27 -24.60 23.38
CA GLY D 342 52.42 -23.79 24.57
C GLY D 342 52.59 -24.63 25.83
N ASP D 343 53.21 -24.01 26.84
CA ASP D 343 53.36 -24.60 28.17
C ASP D 343 52.03 -24.44 28.88
N LEU D 344 51.31 -25.55 29.06
CA LEU D 344 49.92 -25.49 29.50
C LEU D 344 49.79 -24.86 30.89
N GLU D 345 50.67 -25.22 31.83
CA GLU D 345 50.54 -24.70 33.19
C GLU D 345 50.83 -23.21 33.24
N VAL D 346 51.93 -22.77 32.63
CA VAL D 346 52.29 -21.36 32.64
C VAL D 346 51.25 -20.54 31.89
N LEU D 347 50.78 -21.05 30.74
CA LEU D 347 49.76 -20.33 29.99
C LEU D 347 48.46 -20.24 30.78
N GLN D 348 48.09 -21.30 31.49
CA GLN D 348 46.88 -21.27 32.30
C GLN D 348 47.00 -20.23 33.42
N ALA D 349 48.16 -20.20 34.09
CA ALA D 349 48.38 -19.19 35.13
C ALA D 349 48.31 -17.78 34.56
N GLN D 350 48.91 -17.57 33.39
CA GLN D 350 48.89 -16.25 32.75
C GLN D 350 47.47 -15.86 32.37
N VAL D 351 46.70 -16.80 31.82
CA VAL D 351 45.33 -16.52 31.41
C VAL D 351 44.47 -16.17 32.62
N GLU D 352 44.66 -16.91 33.73
CA GLU D 352 43.92 -16.57 34.95
C GLU D 352 44.31 -15.19 35.48
N ARG D 353 45.60 -14.86 35.46
CA ARG D 353 46.03 -13.53 35.89
C ARG D 353 45.41 -12.45 35.02
N ILE D 354 45.31 -12.69 33.71
CA ILE D 354 44.67 -11.73 32.82
C ILE D 354 43.18 -11.62 33.13
N MET D 355 42.51 -12.75 33.29
CA MET D 355 41.06 -12.78 33.52
C MET D 355 40.67 -12.29 34.90
N THR D 356 41.63 -12.09 35.81
CA THR D 356 41.33 -11.44 37.08
C THR D 356 40.77 -10.04 36.88
N ARG D 357 41.09 -9.38 35.78
CA ARG D 357 40.81 -7.96 35.55
C ARG D 357 40.05 -7.77 34.24
N LYS D 358 38.92 -8.46 34.10
CA LYS D 358 38.15 -8.42 32.86
C LYS D 358 37.67 -7.03 32.48
N GLU D 359 37.68 -6.08 33.42
CA GLU D 359 37.18 -4.74 33.15
C GLU D 359 37.98 -4.04 32.05
N LEU D 360 39.19 -4.47 31.78
CA LEU D 360 40.05 -3.85 30.78
C LEU D 360 40.08 -4.61 29.46
N LEU D 361 39.20 -5.59 29.27
CA LEU D 361 39.18 -6.40 28.06
C LEU D 361 37.80 -6.32 27.40
N THR D 362 37.80 -6.25 26.08
CA THR D 362 36.56 -6.23 25.29
C THR D 362 36.79 -7.07 24.04
N VAL D 363 35.71 -7.64 23.50
CA VAL D 363 35.77 -8.48 22.31
C VAL D 363 35.08 -7.76 21.16
N TYR D 364 35.77 -7.62 20.05
CA TYR D 364 35.25 -7.02 18.82
C TYR D 364 34.95 -8.13 17.84
N SER D 365 33.70 -8.22 17.40
CA SER D 365 33.24 -9.26 16.50
C SER D 365 32.81 -8.65 15.17
N SER D 366 33.08 -9.37 14.08
CA SER D 366 32.74 -8.86 12.75
C SER D 366 31.24 -8.74 12.56
N GLU D 367 30.45 -9.54 13.27
CA GLU D 367 29.00 -9.49 13.18
C GLU D 367 28.46 -8.24 13.87
N GLU D 372 29.33 -1.64 16.07
CA GLU D 372 30.52 -1.45 15.25
C GLU D 372 31.71 -1.01 16.09
N PHE D 373 32.76 -0.52 15.42
CA PHE D 373 34.00 -0.19 16.10
C PHE D 373 33.81 0.93 17.13
N GLU D 374 33.08 1.98 16.76
CA GLU D 374 32.94 3.14 17.64
C GLU D 374 32.22 2.78 18.92
N THR D 375 31.15 1.99 18.82
CA THR D 375 30.39 1.60 20.01
C THR D 375 31.26 0.79 20.97
N ILE D 376 32.02 -0.17 20.42
CA ILE D 376 32.87 -1.00 21.26
C ILE D 376 33.96 -0.16 21.91
N VAL D 377 34.52 0.79 21.17
CA VAL D 377 35.54 1.68 21.73
C VAL D 377 34.95 2.49 22.88
N LEU D 378 33.75 3.02 22.70
CA LEU D 378 33.12 3.80 23.76
C LEU D 378 32.86 2.95 24.99
N LYS D 379 32.34 1.74 24.78
CA LYS D 379 32.09 0.84 25.92
C LYS D 379 33.37 0.53 26.67
N ALA D 380 34.45 0.23 25.94
CA ALA D 380 35.72 -0.09 26.58
C ALA D 380 36.28 1.12 27.34
N LEU D 381 36.17 2.31 26.75
CA LEU D 381 36.69 3.50 27.42
C LEU D 381 35.90 3.81 28.69
N VAL D 382 34.57 3.66 28.65
CA VAL D 382 33.76 3.93 29.83
C VAL D 382 34.01 2.89 30.91
N LYS D 383 34.20 1.63 30.51
CA LYS D 383 34.31 0.53 31.47
C LYS D 383 35.48 0.72 32.43
N ALA D 384 36.56 1.35 31.99
CA ALA D 384 37.77 1.47 32.79
C ALA D 384 37.94 2.82 33.46
N CYS D 385 36.93 3.70 33.39
CA CYS D 385 37.11 5.08 33.93
C CYS D 385 37.12 5.06 35.47
N GLY D 386 36.02 4.61 36.08
CA GLY D 386 35.94 4.53 37.54
C GLY D 386 35.56 5.77 38.32
N SER D 387 36.33 6.85 38.19
CA SER D 387 36.10 8.05 38.97
C SER D 387 34.82 8.75 38.51
N SER D 388 34.43 9.80 39.24
CA SER D 388 33.15 10.45 39.01
C SER D 388 33.17 11.97 39.11
N GLU D 389 34.32 12.62 38.92
CA GLU D 389 34.43 14.07 39.06
C GLU D 389 34.04 14.83 37.80
N ALA D 390 33.59 14.12 36.75
CA ALA D 390 33.08 14.71 35.52
C ALA D 390 34.19 15.31 34.66
N SER D 391 35.42 15.34 35.17
CA SER D 391 36.54 15.77 34.36
C SER D 391 37.13 14.61 33.56
N ALA D 392 36.99 13.39 34.07
CA ALA D 392 37.54 12.21 33.41
C ALA D 392 36.66 11.71 32.27
N TYR D 393 35.47 12.26 32.09
CA TYR D 393 34.54 11.80 31.05
C TYR D 393 34.39 12.78 29.89
N LEU D 394 35.10 13.90 29.91
CA LEU D 394 34.97 14.87 28.82
C LEU D 394 35.44 14.28 27.49
N ASP D 395 36.53 13.52 27.55
CA ASP D 395 37.09 12.90 26.32
C ASP D 395 36.06 11.94 25.71
N GLU D 396 35.44 11.10 26.54
CA GLU D 396 34.42 10.20 26.06
C GLU D 396 33.23 10.97 25.46
N LEU D 397 32.87 12.09 26.09
CA LEU D 397 31.78 12.89 25.55
C LEU D 397 32.13 13.47 24.19
N ARG D 398 33.36 13.95 24.01
CA ARG D 398 33.77 14.47 22.71
C ARG D 398 33.78 13.36 21.66
N LEU D 399 34.26 12.18 22.03
CA LEU D 399 34.25 11.06 21.09
C LEU D 399 32.82 10.69 20.70
N ALA D 400 31.91 10.67 21.67
CA ALA D 400 30.51 10.35 21.38
C ALA D 400 29.87 11.40 20.49
N VAL D 401 30.21 12.68 20.71
CA VAL D 401 29.70 13.74 19.84
C VAL D 401 30.21 13.54 18.42
N ALA D 402 31.50 13.24 18.28
CA ALA D 402 32.10 13.08 16.96
C ALA D 402 31.53 11.87 16.23
N TRP D 403 31.26 10.78 16.96
CA TRP D 403 30.77 9.55 16.35
C TRP D 403 29.26 9.40 16.41
N ASN D 404 28.54 10.40 16.91
CA ASN D 404 27.08 10.37 16.99
C ASN D 404 26.58 9.18 17.79
N ARG D 405 27.18 8.96 18.96
CA ARG D 405 26.79 7.88 19.86
C ARG D 405 25.84 8.42 20.93
N VAL D 406 24.59 8.61 20.52
CA VAL D 406 23.60 9.23 21.40
C VAL D 406 23.28 8.32 22.59
N ASP D 407 23.00 7.05 22.32
CA ASP D 407 22.59 6.15 23.40
C ASP D 407 23.72 5.89 24.38
N ILE D 408 24.96 5.77 23.89
CA ILE D 408 26.09 5.55 24.80
C ILE D 408 26.24 6.74 25.75
N ALA D 409 26.17 7.95 25.21
CA ALA D 409 26.29 9.13 26.06
C ALA D 409 25.15 9.19 27.07
N GLN D 410 23.91 9.04 26.60
CA GLN D 410 22.75 9.17 27.47
C GLN D 410 22.74 8.10 28.57
N SER D 411 23.23 6.90 28.27
CA SER D 411 23.24 5.83 29.25
C SER D 411 24.42 5.95 30.22
N GLU D 412 25.65 5.97 29.70
CA GLU D 412 26.83 5.92 30.55
C GLU D 412 27.22 7.30 31.09
N LEU D 413 27.34 8.30 30.22
CA LEU D 413 27.99 9.54 30.62
C LEU D 413 27.09 10.42 31.48
N PHE D 414 25.80 10.49 31.16
CA PHE D 414 24.88 11.32 31.92
C PHE D 414 24.05 10.44 32.86
N ARG D 415 24.66 10.14 34.00
CA ARG D 415 23.99 9.47 35.10
C ARG D 415 24.12 10.33 36.35
N GLY D 416 23.21 10.13 37.30
CA GLY D 416 23.17 10.94 38.50
C GLY D 416 24.44 10.89 39.33
N ASP D 417 25.25 9.85 39.17
CA ASP D 417 26.54 9.78 39.85
C ASP D 417 27.43 10.94 39.43
N ILE D 418 27.51 11.21 38.13
CA ILE D 418 28.42 12.21 37.59
C ILE D 418 27.76 13.58 37.69
N GLN D 419 28.41 14.51 38.40
CA GLN D 419 27.85 15.82 38.69
C GLN D 419 28.30 16.83 37.64
N TRP D 420 27.55 16.88 36.54
CA TRP D 420 27.83 17.82 35.47
C TRP D 420 27.29 19.21 35.82
N ARG D 421 27.76 20.20 35.06
CA ARG D 421 27.15 21.51 35.03
C ARG D 421 27.57 22.24 33.76
N SER D 422 27.04 23.45 33.59
CA SER D 422 27.08 24.19 32.33
C SER D 422 28.43 24.23 31.64
N PHE D 423 29.48 24.65 32.36
CA PHE D 423 30.77 24.87 31.72
C PHE D 423 31.37 23.56 31.20
N HIS D 424 30.98 22.43 31.77
CA HIS D 424 31.38 21.14 31.22
C HIS D 424 30.78 20.91 29.83
N LEU D 425 29.51 21.28 29.65
CA LEU D 425 28.76 20.91 28.46
C LEU D 425 28.72 22.00 27.38
N GLU D 426 29.22 23.20 27.65
CA GLU D 426 29.14 24.27 26.65
C GLU D 426 29.89 23.90 25.37
N ALA D 427 31.11 23.38 25.51
CA ALA D 427 31.91 23.04 24.33
C ALA D 427 31.27 21.93 23.53
N SER D 428 30.73 20.91 24.21
CA SER D 428 30.05 19.83 23.51
C SER D 428 28.78 20.32 22.82
N LEU D 429 28.06 21.26 23.44
CA LEU D 429 26.88 21.83 22.79
C LEU D 429 27.26 22.57 21.53
N MET D 430 28.33 23.36 21.58
CA MET D 430 28.77 24.06 20.38
C MET D 430 29.22 23.08 19.29
N ASP D 431 29.90 22.00 19.69
CA ASP D 431 30.31 20.97 18.75
C ASP D 431 29.10 20.32 18.08
N ALA D 432 28.05 20.04 18.86
CA ALA D 432 26.87 19.40 18.31
C ALA D 432 26.08 20.36 17.43
N LEU D 433 26.09 21.65 17.77
CA LEU D 433 25.43 22.65 16.94
C LEU D 433 26.12 22.79 15.59
N LEU D 434 27.45 22.87 15.60
CA LEU D 434 28.19 23.11 14.36
C LEU D 434 28.11 21.91 13.42
N ASN D 435 28.13 20.70 13.97
CA ASN D 435 28.22 19.49 13.17
C ASN D 435 26.89 18.79 12.97
N ASP D 436 25.77 19.45 13.27
CA ASP D 436 24.42 18.95 12.99
C ASP D 436 24.19 17.60 13.67
N ARG D 437 24.16 17.64 15.01
CA ARG D 437 23.87 16.47 15.84
C ARG D 437 22.65 16.82 16.70
N PRO D 438 21.45 16.70 16.15
CA PRO D 438 20.26 17.16 16.89
C PRO D 438 20.04 16.45 18.22
N GLU D 439 20.31 15.14 18.27
CA GLU D 439 20.07 14.39 19.50
C GLU D 439 20.99 14.86 20.63
N PHE D 440 22.26 15.15 20.33
CA PHE D 440 23.14 15.67 21.37
C PHE D 440 22.76 17.09 21.77
N VAL D 441 22.23 17.87 20.83
CA VAL D 441 21.73 19.21 21.17
C VAL D 441 20.58 19.10 22.16
N ARG D 442 19.67 18.15 21.91
CA ARG D 442 18.57 17.92 22.85
C ARG D 442 19.08 17.43 24.20
N LEU D 443 20.03 16.50 24.18
CA LEU D 443 20.50 15.87 25.42
C LEU D 443 21.25 16.87 26.30
N LEU D 444 22.15 17.64 25.71
CA LEU D 444 23.00 18.53 26.50
C LEU D 444 22.19 19.66 27.12
N ILE D 445 21.20 20.18 26.39
CA ILE D 445 20.37 21.25 26.94
C ILE D 445 19.50 20.72 28.07
N SER D 446 18.99 19.49 27.93
CA SER D 446 18.11 18.93 28.96
C SER D 446 18.84 18.68 30.27
N HIS D 447 20.18 18.64 30.25
CA HIS D 447 20.96 18.35 31.44
C HIS D 447 21.57 19.59 32.07
N GLY D 448 20.87 20.73 32.03
CA GLY D 448 21.25 21.88 32.81
C GLY D 448 22.10 22.91 32.12
N LEU D 449 22.17 22.89 30.79
CA LEU D 449 22.93 23.91 30.06
C LEU D 449 22.04 25.13 29.86
N SER D 450 22.34 26.21 30.58
CA SER D 450 21.53 27.42 30.56
C SER D 450 21.71 28.10 29.20
N LEU D 451 20.69 27.99 28.34
CA LEU D 451 20.79 28.53 27.00
C LEU D 451 20.84 30.06 27.00
N GLY D 452 20.15 30.70 27.95
CA GLY D 452 20.16 32.15 28.00
C GLY D 452 21.53 32.73 28.19
N HIS D 453 22.34 32.13 29.06
CA HIS D 453 23.72 32.54 29.25
C HIS D 453 24.64 32.04 28.14
N PHE D 454 24.32 30.89 27.55
CA PHE D 454 25.20 30.30 26.54
C PHE D 454 25.26 31.15 25.28
N LEU D 455 24.10 31.60 24.79
CA LEU D 455 24.06 32.27 23.49
C LEU D 455 24.60 33.69 23.60
N THR D 456 25.59 33.99 22.75
CA THR D 456 26.21 35.29 22.66
C THR D 456 26.29 35.66 21.19
N PRO D 457 26.33 36.95 20.85
CA PRO D 457 26.46 37.32 19.43
C PRO D 457 27.66 36.69 18.74
N MET D 458 28.76 36.47 19.45
CA MET D 458 29.93 35.83 18.86
C MET D 458 29.60 34.41 18.40
N ARG D 459 29.04 33.60 19.30
CA ARG D 459 28.72 32.22 18.94
C ARG D 459 27.55 32.17 17.96
N LEU D 460 26.62 33.12 18.06
CA LEU D 460 25.52 33.18 17.10
C LEU D 460 26.05 33.45 15.69
N ALA D 461 27.01 34.35 15.56
CA ALA D 461 27.65 34.58 14.26
C ALA D 461 28.47 33.37 13.84
N GLN D 462 29.10 32.69 14.80
CA GLN D 462 29.90 31.51 14.47
C GLN D 462 29.03 30.38 13.94
N LEU D 463 27.78 30.29 14.38
CA LEU D 463 26.87 29.27 13.87
C LEU D 463 26.60 29.46 12.39
N TYR D 464 26.40 30.70 11.95
CA TYR D 464 26.16 30.95 10.53
C TYR D 464 27.40 30.70 9.69
N SER D 465 28.58 30.71 10.32
CA SER D 465 29.81 30.35 9.62
C SER D 465 29.87 28.87 9.25
N ALA D 466 29.01 28.05 9.82
CA ALA D 466 29.01 26.62 9.53
C ALA D 466 28.24 26.26 8.26
N ALA D 467 27.64 27.24 7.58
CA ALA D 467 26.93 26.96 6.35
C ALA D 467 27.91 26.50 5.28
N PRO D 468 27.51 25.57 4.40
CA PRO D 468 28.38 25.18 3.29
C PRO D 468 28.68 26.38 2.39
N SER D 469 29.86 26.36 1.77
CA SER D 469 30.27 27.48 0.93
C SER D 469 29.37 27.63 -0.29
N ASN D 470 28.84 26.54 -0.82
CA ASN D 470 27.99 26.57 -2.00
C ASN D 470 26.50 26.65 -1.66
N SER D 471 26.14 26.74 -0.39
CA SER D 471 24.73 26.76 0.01
C SER D 471 24.08 28.08 -0.40
N LEU D 472 22.73 28.04 -0.44
CA LEU D 472 21.97 29.24 -0.77
C LEU D 472 22.14 30.33 0.30
N ILE D 473 22.15 29.94 1.57
CA ILE D 473 22.23 30.92 2.64
C ILE D 473 23.57 31.63 2.60
N ARG D 474 24.64 30.92 2.23
CA ARG D 474 25.94 31.56 2.09
C ARG D 474 25.92 32.64 1.00
N ASN D 475 25.31 32.32 -0.14
CA ASN D 475 25.19 33.30 -1.22
C ASN D 475 24.37 34.49 -0.77
N LEU D 476 23.27 34.24 -0.06
CA LEU D 476 22.42 35.34 0.41
C LEU D 476 23.17 36.24 1.39
N LEU D 477 23.92 35.64 2.31
CA LEU D 477 24.71 36.42 3.26
C LEU D 477 25.76 37.25 2.55
N ASP D 478 26.44 36.66 1.56
CA ASP D 478 27.44 37.42 0.81
C ASP D 478 26.81 38.57 0.04
N GLN D 479 25.65 38.35 -0.57
CA GLN D 479 24.97 39.42 -1.28
C GLN D 479 24.53 40.52 -0.33
N ALA D 480 24.04 40.14 0.86
CA ALA D 480 23.63 41.14 1.85
C ALA D 480 24.83 41.97 2.30
N SER D 481 25.97 41.32 2.51
CA SER D 481 27.17 42.05 2.93
C SER D 481 27.71 42.93 1.81
N HIS D 482 27.53 42.52 0.55
CA HIS D 482 27.98 43.35 -0.56
C HIS D 482 27.09 44.56 -0.77
N SER D 483 25.90 44.57 -0.21
CA SER D 483 25.00 45.71 -0.35
C SER D 483 25.37 46.83 0.61
N ARG D 499 32.73 41.76 10.91
CA ARG D 499 31.65 41.60 9.94
C ARG D 499 30.45 40.89 10.57
N PRO D 500 29.38 41.63 10.83
CA PRO D 500 28.16 41.02 11.37
C PRO D 500 27.53 40.09 10.34
N PRO D 501 26.77 39.08 10.78
CA PRO D 501 26.20 38.12 9.83
C PRO D 501 25.24 38.74 8.83
N ASP D 502 24.59 39.85 9.18
CA ASP D 502 23.60 40.52 8.33
C ASP D 502 22.42 39.60 8.01
N VAL D 503 22.01 38.78 8.98
CA VAL D 503 20.88 37.88 8.76
C VAL D 503 19.58 38.65 8.62
N GLY D 504 19.42 39.74 9.37
CA GLY D 504 18.21 40.54 9.28
C GLY D 504 17.96 41.08 7.88
N HIS D 505 19.02 41.50 7.20
CA HIS D 505 18.88 41.95 5.82
C HIS D 505 18.38 40.82 4.92
N VAL D 506 18.89 39.61 5.13
CA VAL D 506 18.45 38.46 4.35
C VAL D 506 16.97 38.17 4.62
N LEU D 507 16.56 38.27 5.88
CA LEU D 507 15.15 38.07 6.23
C LEU D 507 14.26 39.12 5.56
N ARG D 508 14.72 40.38 5.55
CA ARG D 508 13.96 41.42 4.88
C ARG D 508 13.84 41.15 3.39
N MET D 509 14.93 40.70 2.77
CA MET D 509 14.90 40.41 1.33
C MET D 509 13.97 39.24 1.03
N LEU D 510 13.95 38.22 1.91
CA LEU D 510 13.16 37.03 1.65
C LEU D 510 11.68 37.23 1.95
N LEU D 511 11.36 37.58 3.19
CA LEU D 511 9.97 37.62 3.64
C LEU D 511 9.29 38.95 3.39
N GLY D 512 10.05 40.02 3.18
CA GLY D 512 9.48 41.35 3.06
C GLY D 512 9.28 42.00 4.42
N LYS D 513 9.04 43.31 4.37
CA LYS D 513 8.95 44.10 5.59
C LYS D 513 7.79 43.63 6.47
N MET D 514 6.70 43.19 5.85
CA MET D 514 5.50 42.85 6.60
C MET D 514 5.73 41.70 7.58
N CYS D 515 6.42 40.65 7.13
CA CYS D 515 6.53 39.42 7.91
C CYS D 515 7.93 39.13 8.43
N ALA D 516 8.94 39.86 7.98
CA ALA D 516 10.31 39.53 8.36
C ALA D 516 10.54 39.83 9.84
N PRO D 517 11.10 38.90 10.61
CA PRO D 517 11.51 39.22 11.98
C PRO D 517 12.63 40.25 11.99
N ARG D 518 12.61 41.10 13.00
CA ARG D 518 13.70 42.05 13.22
C ARG D 518 14.90 41.40 13.90
N TYR D 519 15.49 40.39 13.25
CA TYR D 519 16.57 39.61 13.85
C TYR D 519 17.75 40.52 14.19
N PRO D 520 18.41 40.29 15.34
CA PRO D 520 18.13 39.28 16.37
C PRO D 520 16.83 39.54 17.12
N SER D 521 16.16 38.48 17.59
CA SER D 521 14.90 38.62 18.29
C SER D 521 15.09 39.12 19.72
N ALA D 557 15.05 35.95 23.95
CA ALA D 557 14.45 34.78 23.30
C ALA D 557 15.47 34.09 22.40
N PRO D 558 16.34 33.27 22.99
CA PRO D 558 17.32 32.53 22.17
C PRO D 558 16.68 31.49 21.27
N TRP D 559 15.52 30.94 21.66
CA TRP D 559 14.89 29.89 20.87
C TRP D 559 14.49 30.41 19.49
N SER D 560 14.01 31.65 19.41
CA SER D 560 13.64 32.21 18.11
C SER D 560 14.86 32.36 17.21
N ASP D 561 15.98 32.83 17.75
CA ASP D 561 17.19 32.96 16.95
C ASP D 561 17.69 31.61 16.48
N LEU D 562 17.67 30.61 17.37
CA LEU D 562 18.11 29.27 16.97
C LEU D 562 17.19 28.67 15.93
N LEU D 563 15.88 28.88 16.05
CA LEU D 563 14.93 28.38 15.05
C LEU D 563 15.17 29.04 13.70
N LEU D 564 15.40 30.35 13.70
CA LEU D 564 15.70 31.04 12.44
C LEU D 564 16.97 30.52 11.81
N TRP D 565 18.01 30.31 12.62
CA TRP D 565 19.27 29.79 12.10
C TRP D 565 19.07 28.39 11.50
N ALA D 566 18.32 27.53 12.20
CA ALA D 566 18.08 26.19 11.68
C ALA D 566 17.26 26.21 10.41
N LEU D 567 16.29 27.13 10.32
CA LEU D 567 15.46 27.22 9.12
C LEU D 567 16.27 27.72 7.92
N LEU D 568 17.15 28.69 8.15
CA LEU D 568 17.96 29.22 7.06
C LEU D 568 18.93 28.16 6.51
N LEU D 569 19.48 27.32 7.40
CA LEU D 569 20.43 26.29 7.00
C LEU D 569 19.77 24.97 6.65
N ASN D 570 18.44 24.89 6.66
CA ASN D 570 17.70 23.68 6.31
C ASN D 570 18.04 22.50 7.22
N ARG D 571 18.22 22.77 8.51
CA ARG D 571 18.42 21.74 9.53
C ARG D 571 17.06 21.34 10.09
N ALA D 572 16.49 20.27 9.52
CA ALA D 572 15.10 19.93 9.79
C ALA D 572 14.89 19.55 11.26
N GLN D 573 15.68 18.61 11.77
CA GLN D 573 15.44 18.10 13.12
C GLN D 573 15.72 19.16 14.18
N MET D 574 16.79 19.94 14.00
CA MET D 574 17.09 20.99 14.97
C MET D 574 16.06 22.12 14.91
N ALA D 575 15.52 22.41 13.72
CA ALA D 575 14.45 23.38 13.61
C ALA D 575 13.20 22.90 14.35
N MET D 576 12.87 21.61 14.19
CA MET D 576 11.73 21.06 14.91
C MET D 576 11.94 21.15 16.42
N TYR D 577 13.14 20.82 16.88
CA TYR D 577 13.43 20.89 18.31
C TYR D 577 13.33 22.33 18.83
N PHE D 578 13.89 23.29 18.08
CA PHE D 578 13.84 24.68 18.51
C PHE D 578 12.41 25.22 18.49
N TRP D 579 11.58 24.74 17.56
CA TRP D 579 10.18 25.12 17.56
C TRP D 579 9.47 24.57 18.79
N GLU D 580 9.71 23.29 19.12
CA GLU D 580 9.01 22.67 20.23
C GLU D 580 9.51 23.20 21.58
N MET D 581 10.69 23.83 21.60
CA MET D 581 11.18 24.40 22.85
C MET D 581 10.70 25.83 23.08
N GLY D 582 10.40 26.57 22.00
CA GLY D 582 10.04 27.96 22.12
C GLY D 582 8.55 28.21 22.28
N SER D 583 8.21 29.50 22.37
CA SER D 583 6.82 29.94 22.50
C SER D 583 6.31 30.48 21.17
N ASN D 584 5.10 31.04 21.18
CA ASN D 584 4.44 31.55 19.98
C ASN D 584 4.40 30.49 18.88
N ALA D 585 3.93 29.29 19.25
CA ALA D 585 4.18 28.11 18.42
C ALA D 585 3.40 28.16 17.11
N VAL D 586 2.14 28.58 17.14
CA VAL D 586 1.33 28.57 15.91
C VAL D 586 1.88 29.58 14.91
N SER D 587 2.12 30.81 15.35
CA SER D 587 2.66 31.82 14.47
C SER D 587 4.07 31.47 14.01
N SER D 588 4.87 30.86 14.89
CA SER D 588 6.20 30.42 14.49
C SER D 588 6.16 29.33 13.43
N ALA D 589 5.24 28.38 13.56
CA ALA D 589 5.11 27.34 12.54
C ALA D 589 4.66 27.93 11.22
N LEU D 590 3.71 28.87 11.25
CA LEU D 590 3.28 29.50 10.00
C LEU D 590 4.42 30.30 9.36
N GLY D 591 5.17 31.06 10.17
CA GLY D 591 6.30 31.81 9.64
C GLY D 591 7.39 30.92 9.10
N ALA D 592 7.65 29.79 9.76
CA ALA D 592 8.64 28.83 9.28
C ALA D 592 8.20 28.25 7.93
N CYS D 593 6.92 27.91 7.81
CA CYS D 593 6.42 27.42 6.52
C CYS D 593 6.60 28.48 5.44
N LEU D 594 6.28 29.74 5.76
CA LEU D 594 6.45 30.82 4.80
C LEU D 594 7.90 30.95 4.36
N LEU D 595 8.82 30.97 5.32
CA LEU D 595 10.24 31.14 5.00
C LEU D 595 10.76 29.97 4.15
N LEU D 596 10.39 28.75 4.52
CA LEU D 596 10.87 27.58 3.78
C LEU D 596 10.31 27.55 2.36
N ARG D 597 9.04 27.95 2.20
CA ARG D 597 8.47 27.96 0.85
C ARG D 597 9.02 29.12 0.02
N VAL D 598 9.41 30.21 0.66
CA VAL D 598 10.09 31.29 -0.06
C VAL D 598 11.45 30.84 -0.54
N MET D 599 12.23 30.21 0.33
CA MET D 599 13.58 29.79 -0.03
C MET D 599 13.57 28.60 -0.98
N ALA D 600 12.47 27.86 -1.05
CA ALA D 600 12.41 26.70 -1.94
C ALA D 600 12.38 27.09 -3.41
N ARG D 601 11.87 28.28 -3.74
CA ARG D 601 11.87 28.75 -5.11
C ARG D 601 13.20 29.37 -5.52
N LEU D 602 14.11 29.55 -4.58
CA LEU D 602 15.37 30.25 -4.81
C LEU D 602 16.56 29.32 -4.94
N GLU D 603 16.35 28.01 -4.98
CA GLU D 603 17.46 27.08 -4.96
C GLU D 603 17.64 26.40 -6.31
N PRO D 604 18.88 26.29 -6.80
CA PRO D 604 19.11 25.67 -8.11
C PRO D 604 18.98 24.16 -8.08
N ASP D 605 19.39 23.53 -6.98
CA ASP D 605 19.33 22.08 -6.86
C ASP D 605 17.90 21.65 -6.56
N ALA D 606 17.37 20.73 -7.37
CA ALA D 606 15.97 20.37 -7.28
C ALA D 606 15.65 19.65 -5.97
N GLU D 607 16.51 18.71 -5.55
CA GLU D 607 16.19 17.92 -4.37
C GLU D 607 16.33 18.75 -3.09
N GLU D 608 17.17 19.79 -3.10
CA GLU D 608 17.22 20.70 -1.97
C GLU D 608 15.91 21.47 -1.83
N ALA D 609 15.35 21.93 -2.96
CA ALA D 609 14.04 22.56 -2.93
C ALA D 609 12.97 21.59 -2.47
N ALA D 610 13.06 20.33 -2.89
CA ALA D 610 12.12 19.32 -2.42
C ALA D 610 12.21 19.11 -0.92
N ARG D 611 13.43 19.10 -0.38
CA ARG D 611 13.62 19.01 1.07
C ARG D 611 12.97 20.19 1.78
N ARG D 612 13.18 21.40 1.26
CA ARG D 612 12.58 22.58 1.89
C ARG D 612 11.06 22.54 1.84
N LYS D 613 10.50 22.10 0.71
CA LYS D 613 9.05 21.96 0.62
C LYS D 613 8.52 20.92 1.60
N ASP D 614 9.25 19.81 1.76
CA ASP D 614 8.83 18.78 2.72
C ASP D 614 8.84 19.32 4.14
N LEU D 615 9.89 20.07 4.50
CA LEU D 615 9.96 20.64 5.85
C LEU D 615 8.87 21.68 6.05
N ALA D 616 8.55 22.47 5.01
CA ALA D 616 7.46 23.43 5.12
C ALA D 616 6.13 22.73 5.33
N PHE D 617 5.90 21.61 4.63
CA PHE D 617 4.70 20.83 4.86
C PHE D 617 4.64 20.30 6.30
N LYS D 618 5.76 19.84 6.83
CA LYS D 618 5.78 19.35 8.21
C LYS D 618 5.45 20.47 9.20
N PHE D 619 6.04 21.64 9.02
CA PHE D 619 5.76 22.75 9.94
C PHE D 619 4.30 23.20 9.84
N GLU D 620 3.76 23.26 8.62
CA GLU D 620 2.36 23.61 8.45
C GLU D 620 1.46 22.61 9.15
N GLY D 621 1.76 21.32 9.02
CA GLY D 621 0.97 20.31 9.70
C GLY D 621 1.03 20.43 11.21
N MET D 622 2.21 20.75 11.74
CA MET D 622 2.33 20.95 13.18
C MET D 622 1.49 22.13 13.65
N GLY D 623 1.54 23.24 12.90
CA GLY D 623 0.71 24.38 13.26
C GLY D 623 -0.78 24.06 13.20
N VAL D 624 -1.19 23.31 12.17
CA VAL D 624 -2.59 22.93 12.03
C VAL D 624 -3.04 22.08 13.21
N ASP D 625 -2.23 21.09 13.59
CA ASP D 625 -2.59 20.22 14.69
C ASP D 625 -2.65 20.97 16.02
N LEU D 626 -1.68 21.85 16.26
CA LEU D 626 -1.69 22.60 17.52
C LEU D 626 -2.88 23.54 17.59
N PHE D 627 -3.21 24.22 16.49
CA PHE D 627 -4.37 25.11 16.52
C PHE D 627 -5.66 24.32 16.66
N GLY D 628 -5.72 23.12 16.07
CA GLY D 628 -6.89 22.29 16.28
C GLY D 628 -7.09 21.91 17.73
N GLU D 629 -6.00 21.53 18.41
CA GLU D 629 -6.12 21.21 19.83
C GLU D 629 -6.53 22.44 20.64
N CYS D 630 -5.93 23.59 20.34
CA CYS D 630 -6.26 24.82 21.07
C CYS D 630 -7.72 25.20 20.86
N TYR D 631 -8.22 25.06 19.64
CA TYR D 631 -9.61 25.39 19.35
C TYR D 631 -10.57 24.41 20.03
N ARG D 632 -10.24 23.12 20.04
CA ARG D 632 -11.08 22.17 20.73
C ARG D 632 -11.08 22.41 22.23
N SER D 633 -10.01 22.99 22.77
CA SER D 633 -10.01 23.34 24.18
C SER D 633 -10.89 24.55 24.48
N SER D 634 -10.80 25.61 23.67
CA SER D 634 -11.49 26.86 23.96
C SER D 634 -11.62 27.66 22.69
N GLU D 635 -12.85 27.94 22.26
CA GLU D 635 -13.07 28.68 21.01
C GLU D 635 -12.66 30.14 21.14
N VAL D 636 -12.96 30.77 22.27
CA VAL D 636 -12.67 32.18 22.44
C VAL D 636 -11.17 32.43 22.49
N ARG D 637 -10.44 31.62 23.27
CA ARG D 637 -9.00 31.79 23.35
C ARG D 637 -8.33 31.46 22.02
N ALA D 638 -8.82 30.45 21.31
CA ALA D 638 -8.28 30.13 20.00
C ALA D 638 -8.50 31.27 19.01
N ALA D 639 -9.69 31.88 19.04
CA ALA D 639 -9.95 33.02 18.16
C ALA D 639 -9.04 34.19 18.51
N ARG D 640 -8.81 34.42 19.81
CA ARG D 640 -7.91 35.48 20.22
C ARG D 640 -6.47 35.20 19.78
N LEU D 641 -6.06 33.93 19.85
CA LEU D 641 -4.72 33.54 19.41
C LEU D 641 -4.56 33.68 17.91
N LEU D 642 -5.65 33.46 17.15
CA LEU D 642 -5.58 33.50 15.70
C LEU D 642 -5.44 34.93 15.18
N LEU D 643 -6.04 35.90 15.86
CA LEU D 643 -6.09 37.27 15.38
C LEU D 643 -5.09 38.19 16.07
N ARG D 644 -4.28 37.68 16.99
CA ARG D 644 -3.28 38.52 17.64
C ARG D 644 -2.09 38.77 16.73
N ARG D 645 -1.45 39.92 16.90
CA ARG D 645 -0.22 40.22 16.17
C ARG D 645 0.99 39.68 16.91
N CYS D 646 1.85 38.97 16.19
CA CYS D 646 3.03 38.36 16.78
C CYS D 646 4.24 39.25 16.55
N PRO D 647 4.87 39.77 17.60
CA PRO D 647 6.07 40.61 17.39
C PRO D 647 7.20 39.89 16.67
N LEU D 648 7.33 38.58 16.90
CA LEU D 648 8.43 37.83 16.29
C LEU D 648 8.36 37.79 14.77
N TRP D 649 7.19 38.06 14.18
CA TRP D 649 7.06 37.96 12.74
C TRP D 649 6.50 39.23 12.12
N GLY D 650 7.04 40.38 12.49
CA GLY D 650 6.61 41.63 11.90
C GLY D 650 5.21 42.06 12.24
N ASP D 651 4.69 41.64 13.39
CA ASP D 651 3.35 42.00 13.85
C ASP D 651 2.25 41.48 12.93
N ALA D 652 2.55 40.48 12.11
CA ALA D 652 1.52 39.87 11.28
C ALA D 652 0.70 38.88 12.08
N THR D 653 -0.57 38.76 11.72
CA THR D 653 -1.45 37.77 12.34
C THR D 653 -1.24 36.41 11.70
N CYS D 654 -1.80 35.39 12.33
CA CYS D 654 -1.65 34.03 11.81
C CYS D 654 -2.28 33.89 10.44
N LEU D 655 -3.42 34.55 10.21
CA LEU D 655 -4.07 34.49 8.92
C LEU D 655 -3.23 35.13 7.82
N GLN D 656 -2.57 36.25 8.12
CA GLN D 656 -1.70 36.89 7.13
C GLN D 656 -0.49 36.03 6.82
N LEU D 657 0.11 35.41 7.83
CA LEU D 657 1.24 34.52 7.60
C LEU D 657 0.81 33.33 6.76
N ALA D 658 -0.36 32.76 7.04
CA ALA D 658 -0.85 31.64 6.25
C ALA D 658 -1.16 32.06 4.82
N MET D 659 -1.68 33.28 4.64
CA MET D 659 -1.96 33.78 3.30
C MET D 659 -0.68 33.95 2.50
N GLN D 660 0.34 34.54 3.11
CA GLN D 660 1.63 34.69 2.43
C GLN D 660 2.25 33.33 2.12
N ALA D 661 2.19 32.40 3.08
CA ALA D 661 2.78 31.08 2.91
C ALA D 661 1.99 30.18 1.98
N ASP D 662 0.79 30.60 1.57
CA ASP D 662 -0.10 29.79 0.75
C ASP D 662 -0.42 28.47 1.47
N ALA D 663 -0.55 28.55 2.79
CA ALA D 663 -0.83 27.38 3.64
C ALA D 663 -2.33 27.12 3.62
N ARG D 664 -2.77 26.42 2.57
CA ARG D 664 -4.20 26.15 2.40
C ARG D 664 -4.73 25.15 3.41
N ALA D 665 -3.85 24.32 3.99
CA ALA D 665 -4.30 23.38 5.00
C ALA D 665 -4.65 24.07 6.30
N PHE D 666 -4.04 25.23 6.56
CA PHE D 666 -4.36 25.98 7.78
C PHE D 666 -5.73 26.64 7.68
N PHE D 667 -6.08 27.15 6.49
CA PHE D 667 -7.38 27.77 6.30
C PHE D 667 -8.50 26.74 6.34
N ALA D 668 -8.22 25.50 5.96
CA ALA D 668 -9.24 24.47 5.95
C ALA D 668 -9.55 23.89 7.32
N GLN D 669 -8.83 24.30 8.35
CA GLN D 669 -9.10 23.83 9.70
C GLN D 669 -10.48 24.30 10.15
N ASP D 670 -11.16 23.47 10.94
CA ASP D 670 -12.54 23.75 11.31
C ASP D 670 -12.66 25.01 12.16
N GLY D 671 -11.72 25.25 13.07
CA GLY D 671 -11.79 26.45 13.88
C GLY D 671 -11.62 27.71 13.06
N VAL D 672 -10.67 27.69 12.12
CA VAL D 672 -10.45 28.85 11.25
C VAL D 672 -11.70 29.11 10.40
N GLN D 673 -12.28 28.06 9.84
CA GLN D 673 -13.48 28.22 9.01
C GLN D 673 -14.67 28.68 9.83
N SER D 674 -14.81 28.21 11.07
CA SER D 674 -15.88 28.67 11.93
C SER D 674 -15.74 30.16 12.25
N LEU D 675 -14.51 30.58 12.58
CA LEU D 675 -14.26 32.00 12.84
C LEU D 675 -14.55 32.84 11.60
N LEU D 676 -14.13 32.35 10.42
CA LEU D 676 -14.37 33.08 9.19
C LEU D 676 -15.86 33.18 8.88
N THR D 677 -16.61 32.11 9.14
CA THR D 677 -18.07 32.15 8.94
C THR D 677 -18.72 33.15 9.88
N GLN D 678 -18.26 33.19 11.14
CA GLN D 678 -18.80 34.14 12.10
C GLN D 678 -18.50 35.57 11.67
N LYS D 679 -17.31 35.82 11.12
CA LYS D 679 -17.00 37.13 10.57
C LYS D 679 -17.87 37.45 9.35
N TRP D 680 -18.10 36.44 8.50
CA TRP D 680 -18.85 36.63 7.27
C TRP D 680 -20.29 37.01 7.55
N TRP D 681 -20.93 36.37 8.52
CA TRP D 681 -22.33 36.66 8.80
C TRP D 681 -22.52 37.86 9.72
N GLY D 682 -21.44 38.44 10.24
CA GLY D 682 -21.57 39.65 11.04
C GLY D 682 -22.36 39.41 12.31
N ASP D 683 -23.39 40.23 12.51
CA ASP D 683 -24.25 40.12 13.69
C ASP D 683 -25.45 39.22 13.47
N MET D 684 -25.63 38.69 12.27
CA MET D 684 -26.65 37.67 12.03
C MET D 684 -26.11 36.30 12.40
N ALA D 685 -27.03 35.39 12.71
CA ALA D 685 -26.65 34.02 13.01
C ALA D 685 -26.20 33.31 11.73
N SER D 686 -25.08 32.60 11.81
CA SER D 686 -24.55 31.92 10.63
C SER D 686 -25.47 30.81 10.14
N THR D 687 -26.44 30.40 10.97
CA THR D 687 -27.39 29.36 10.59
C THR D 687 -28.58 29.91 9.80
N THR D 688 -28.59 31.21 9.50
CA THR D 688 -29.66 31.77 8.69
C THR D 688 -29.63 31.15 7.30
N PRO D 689 -30.77 30.67 6.79
CA PRO D 689 -30.78 30.10 5.43
C PRO D 689 -30.51 31.16 4.38
N ILE D 690 -29.96 30.73 3.25
CA ILE D 690 -29.64 31.64 2.16
C ILE D 690 -30.91 32.23 1.57
N TRP D 691 -31.96 31.41 1.43
CA TRP D 691 -33.22 31.91 0.88
C TRP D 691 -33.83 32.99 1.76
N ALA D 692 -33.73 32.81 3.08
CA ALA D 692 -34.21 33.84 4.00
C ALA D 692 -33.43 35.13 3.82
N LEU D 693 -32.12 35.05 3.66
CA LEU D 693 -31.30 36.24 3.47
C LEU D 693 -31.67 36.96 2.19
N VAL D 694 -31.85 36.21 1.10
CA VAL D 694 -32.22 36.84 -0.17
C VAL D 694 -33.59 37.48 -0.07
N LEU D 695 -34.54 36.77 0.54
CA LEU D 695 -35.90 37.28 0.67
C LEU D 695 -35.93 38.56 1.51
N ALA D 696 -35.14 38.60 2.59
CA ALA D 696 -35.06 39.81 3.40
C ALA D 696 -34.35 40.92 2.66
N PHE D 697 -33.38 40.59 1.80
CA PHE D 697 -32.68 41.61 1.02
C PHE D 697 -33.62 42.27 0.03
N PHE D 698 -34.44 41.48 -0.66
CA PHE D 698 -35.37 42.05 -1.63
C PHE D 698 -36.67 42.55 -0.99
N CYS D 699 -36.92 42.19 0.27
CA CYS D 699 -38.08 42.69 1.01
C CYS D 699 -37.59 43.14 2.38
N PRO D 700 -37.14 44.38 2.50
CA PRO D 700 -36.54 44.86 3.76
C PRO D 700 -37.46 44.74 4.96
N PRO D 701 -38.79 44.91 4.82
CA PRO D 701 -39.64 44.75 6.02
C PRO D 701 -39.54 43.40 6.69
N LEU D 702 -39.12 42.35 5.98
CA LEU D 702 -39.00 41.03 6.57
C LEU D 702 -37.86 40.93 7.58
N ILE D 703 -37.01 41.95 7.66
CA ILE D 703 -35.89 41.92 8.60
C ILE D 703 -36.39 41.84 10.04
N TYR D 704 -37.46 42.58 10.35
CA TYR D 704 -37.93 42.71 11.72
C TYR D 704 -38.82 41.57 12.16
N THR D 705 -39.11 40.61 11.29
CA THR D 705 -39.81 39.40 11.69
C THR D 705 -38.83 38.42 12.33
N ARG D 706 -39.29 37.19 12.53
CA ARG D 706 -38.44 36.11 13.03
C ARG D 706 -37.80 35.32 11.91
N LEU D 707 -37.88 35.80 10.67
CA LEU D 707 -37.22 35.13 9.55
C LEU D 707 -35.71 35.12 9.72
N ILE D 708 -35.15 36.24 10.17
CA ILE D 708 -33.70 36.38 10.36
C ILE D 708 -33.42 36.31 11.85
N THR D 709 -32.46 35.48 12.23
CA THR D 709 -32.04 35.34 13.62
C THR D 709 -30.78 36.15 13.86
N PHE D 710 -30.83 37.04 14.85
CA PHE D 710 -29.70 37.89 15.20
C PHE D 710 -29.09 37.39 16.50
N ARG D 711 -27.77 37.30 16.53
CA ARG D 711 -27.07 36.81 17.72
C ARG D 711 -26.75 37.97 18.66
N GLY D 765 -37.56 54.45 16.94
CA GLY D 765 -36.82 53.90 18.05
C GLY D 765 -35.42 53.46 17.69
N ARG D 766 -34.51 53.51 18.67
CA ARG D 766 -33.14 53.08 18.42
C ARG D 766 -33.05 51.58 18.18
N ARG D 767 -33.99 50.81 18.73
CA ARG D 767 -33.96 49.37 18.54
C ARG D 767 -34.14 48.99 17.08
N CYS D 768 -35.02 49.71 16.37
CA CYS D 768 -35.20 49.47 14.94
C CYS D 768 -33.94 49.78 14.15
N LEU D 769 -33.28 50.91 14.46
CA LEU D 769 -32.08 51.29 13.75
C LEU D 769 -30.94 50.32 14.01
N ARG D 770 -30.86 49.79 15.24
CA ARG D 770 -29.82 48.81 15.56
C ARG D 770 -29.96 47.56 14.69
N ARG D 771 -31.19 47.04 14.56
CA ARG D 771 -31.41 45.87 13.72
C ARG D 771 -31.17 46.17 12.25
N TRP D 772 -31.57 47.36 11.80
CA TRP D 772 -31.31 47.77 10.43
C TRP D 772 -29.81 47.76 10.12
N PHE D 773 -29.02 48.41 10.97
CA PHE D 773 -27.57 48.46 10.75
C PHE D 773 -26.92 47.11 10.97
N HIS D 774 -27.53 46.24 11.79
CA HIS D 774 -27.00 44.89 11.95
C HIS D 774 -27.19 44.08 10.69
N PHE D 775 -28.36 44.19 10.05
CA PHE D 775 -28.59 43.43 8.83
C PHE D 775 -27.75 43.97 7.67
N TRP D 776 -27.78 45.29 7.47
CA TRP D 776 -27.14 45.84 6.29
C TRP D 776 -25.63 45.99 6.44
N GLY D 777 -25.10 45.87 7.64
CA GLY D 777 -23.66 45.98 7.84
C GLY D 777 -22.90 44.67 7.75
N ALA D 778 -23.60 43.56 7.54
CA ALA D 778 -22.93 42.27 7.49
C ALA D 778 -22.15 42.12 6.18
N PRO D 779 -20.97 41.50 6.21
CA PRO D 779 -20.23 41.31 4.95
C PRO D 779 -20.99 40.54 3.88
N VAL D 780 -21.79 39.55 4.25
CA VAL D 780 -22.53 38.78 3.26
C VAL D 780 -23.60 39.63 2.60
N THR D 781 -24.25 40.51 3.34
CA THR D 781 -25.25 41.41 2.76
C THR D 781 -24.60 42.42 1.83
N ILE D 782 -23.43 42.94 2.22
CA ILE D 782 -22.69 43.85 1.35
C ILE D 782 -22.27 43.13 0.08
N PHE D 783 -21.87 41.87 0.20
CA PHE D 783 -21.49 41.08 -0.98
C PHE D 783 -22.67 40.91 -1.92
N MET D 784 -23.85 40.58 -1.38
CA MET D 784 -25.03 40.41 -2.21
C MET D 784 -25.40 41.73 -2.90
N GLY D 785 -25.36 42.84 -2.14
CA GLY D 785 -25.65 44.13 -2.74
C GLY D 785 -24.68 44.49 -3.85
N ASN D 786 -23.40 44.18 -3.66
CA ASN D 786 -22.41 44.47 -4.69
C ASN D 786 -22.57 43.57 -5.90
N VAL D 787 -23.00 42.32 -5.71
CA VAL D 787 -23.30 41.46 -6.86
C VAL D 787 -24.42 42.06 -7.69
N VAL D 788 -25.49 42.49 -7.02
CA VAL D 788 -26.61 43.11 -7.73
C VAL D 788 -26.14 44.38 -8.45
N SER D 789 -25.35 45.20 -7.76
CA SER D 789 -24.87 46.45 -8.34
C SER D 789 -24.01 46.20 -9.56
N TYR D 790 -23.13 45.20 -9.50
CA TYR D 790 -22.24 44.93 -10.63
C TYR D 790 -23.00 44.36 -11.81
N LEU D 791 -24.01 43.51 -11.55
CA LEU D 791 -24.85 43.04 -12.66
C LEU D 791 -25.57 44.21 -13.32
N LEU D 792 -26.10 45.14 -12.52
CA LEU D 792 -26.77 46.31 -13.10
C LEU D 792 -25.79 47.20 -13.85
N PHE D 793 -24.56 47.33 -13.36
CA PHE D 793 -23.54 48.11 -14.06
C PHE D 793 -23.23 47.50 -15.43
N LEU D 794 -23.08 46.18 -15.48
CA LEU D 794 -22.85 45.53 -16.77
C LEU D 794 -24.04 45.68 -17.70
N LEU D 795 -25.26 45.60 -17.17
CA LEU D 795 -26.44 45.81 -18.00
C LEU D 795 -26.47 47.23 -18.58
N LEU D 796 -26.16 48.23 -17.75
CA LEU D 796 -26.10 49.61 -18.23
C LEU D 796 -25.00 49.79 -19.27
N PHE D 797 -23.84 49.17 -19.05
CA PHE D 797 -22.74 49.27 -20.00
C PHE D 797 -23.14 48.69 -21.34
N SER D 798 -23.77 47.52 -21.34
CA SER D 798 -24.20 46.91 -22.59
C SER D 798 -25.27 47.76 -23.28
N ARG D 799 -26.21 48.30 -22.50
CA ARG D 799 -27.25 49.16 -23.07
C ARG D 799 -26.63 50.36 -23.76
N VAL D 800 -25.71 51.05 -23.08
CA VAL D 800 -25.08 52.23 -23.67
C VAL D 800 -24.31 51.85 -24.93
N LEU D 801 -23.51 50.78 -24.85
CA LEU D 801 -22.66 50.39 -25.97
C LEU D 801 -23.50 50.04 -27.20
N LEU D 802 -24.61 49.33 -27.00
CA LEU D 802 -25.39 48.84 -28.13
C LEU D 802 -26.44 49.82 -28.63
N VAL D 803 -26.87 50.78 -27.82
CA VAL D 803 -27.94 51.67 -28.27
C VAL D 803 -27.55 53.14 -28.21
N ASP D 804 -26.97 53.57 -27.09
CA ASP D 804 -26.87 54.99 -26.80
C ASP D 804 -25.55 55.63 -27.21
N PHE D 805 -24.58 54.83 -27.68
CA PHE D 805 -23.25 55.32 -27.96
C PHE D 805 -23.13 55.87 -29.38
N GLN D 806 -23.70 57.05 -29.58
CA GLN D 806 -23.69 57.71 -30.86
C GLN D 806 -22.58 58.76 -30.94
N PRO D 807 -22.23 59.22 -32.14
CA PRO D 807 -21.22 60.28 -32.26
C PRO D 807 -21.64 61.60 -31.62
N ALA D 808 -22.93 61.79 -31.37
CA ALA D 808 -23.41 62.99 -30.71
C ALA D 808 -22.88 63.05 -29.27
N PRO D 809 -22.89 64.22 -28.65
CA PRO D 809 -22.41 64.30 -27.26
C PRO D 809 -23.23 63.42 -26.35
N PRO D 810 -22.62 62.92 -25.27
CA PRO D 810 -23.26 61.87 -24.46
C PRO D 810 -24.58 62.30 -23.86
N GLY D 811 -25.51 61.34 -23.78
CA GLY D 811 -26.81 61.55 -23.18
C GLY D 811 -26.80 61.26 -21.68
N SER D 812 -28.02 61.12 -21.14
CA SER D 812 -28.17 60.95 -19.69
C SER D 812 -27.63 59.60 -19.23
N LEU D 813 -27.97 58.52 -19.93
CA LEU D 813 -27.51 57.20 -19.51
C LEU D 813 -26.00 57.07 -19.59
N GLU D 814 -25.38 57.66 -20.60
CA GLU D 814 -23.92 57.61 -20.69
C GLU D 814 -23.26 58.40 -19.57
N LEU D 815 -23.83 59.55 -19.19
CA LEU D 815 -23.31 60.28 -18.05
C LEU D 815 -23.46 59.50 -16.76
N LEU D 816 -24.59 58.80 -16.61
CA LEU D 816 -24.77 57.92 -15.45
C LEU D 816 -23.71 56.83 -15.42
N LEU D 817 -23.41 56.24 -16.59
CA LEU D 817 -22.35 55.25 -16.67
C LEU D 817 -20.99 55.85 -16.29
N TYR D 818 -20.74 57.08 -16.75
CA TYR D 818 -19.49 57.77 -16.40
C TYR D 818 -19.37 57.93 -14.88
N PHE D 819 -20.45 58.37 -14.24
CA PHE D 819 -20.43 58.56 -12.80
C PHE D 819 -20.24 57.24 -12.06
N TRP D 820 -20.89 56.19 -12.54
CA TRP D 820 -20.72 54.86 -11.95
C TRP D 820 -19.28 54.40 -12.03
N ALA D 821 -18.64 54.58 -13.20
CA ALA D 821 -17.24 54.21 -13.33
C ALA D 821 -16.35 55.07 -12.45
N PHE D 822 -16.70 56.35 -12.29
CA PHE D 822 -15.94 57.22 -11.38
C PHE D 822 -16.01 56.72 -9.95
N THR D 823 -17.19 56.30 -9.50
CA THR D 823 -17.29 55.76 -8.14
C THR D 823 -16.53 54.46 -8.00
N LEU D 824 -16.51 53.63 -9.05
CA LEU D 824 -15.67 52.43 -9.02
C LEU D 824 -14.20 52.78 -8.87
N LEU D 825 -13.74 53.79 -9.61
CA LEU D 825 -12.35 54.23 -9.49
C LEU D 825 -12.06 54.77 -8.09
N CYS D 826 -13.01 55.51 -7.50
CA CYS D 826 -12.82 56.00 -6.15
C CYS D 826 -12.75 54.86 -5.14
N GLU D 827 -13.55 53.82 -5.34
CA GLU D 827 -13.47 52.65 -4.46
C GLU D 827 -12.11 51.95 -4.59
N GLU D 828 -11.59 51.85 -5.82
CA GLU D 828 -10.26 51.28 -6.00
C GLU D 828 -9.20 52.14 -5.31
N LEU D 829 -9.34 53.46 -5.39
CA LEU D 829 -8.41 54.35 -4.69
C LEU D 829 -8.48 54.15 -3.19
N ARG D 830 -9.69 54.02 -2.64
CA ARG D 830 -9.84 53.77 -1.21
C ARG D 830 -9.19 52.45 -0.81
N GLN D 831 -9.38 51.40 -1.60
CA GLN D 831 -8.74 50.12 -1.31
C GLN D 831 -7.21 50.24 -1.36
N GLY D 832 -6.69 50.99 -2.33
CA GLY D 832 -5.26 51.17 -2.42
C GLY D 832 -4.69 51.92 -1.23
N LEU D 833 -5.38 52.96 -0.79
CA LEU D 833 -4.90 53.76 0.34
C LEU D 833 -5.02 53.02 1.66
N SER D 834 -5.72 51.89 1.70
CA SER D 834 -5.83 51.08 2.90
C SER D 834 -5.00 49.81 2.84
N GLY D 835 -4.20 49.62 1.79
CA GLY D 835 -3.37 48.44 1.67
C GLY D 835 -4.09 47.20 1.20
N GLY D 836 -5.30 47.33 0.70
CA GLY D 836 -6.06 46.19 0.21
C GLY D 836 -6.59 45.31 1.34
N HIS D 849 1.04 50.92 11.53
CA HIS D 849 1.22 51.91 10.47
C HIS D 849 2.12 51.37 9.37
N ALA D 850 1.79 51.67 8.13
CA ALA D 850 2.58 51.24 6.98
C ALA D 850 2.78 52.42 6.05
N SER D 851 3.92 52.44 5.37
CA SER D 851 4.22 53.52 4.43
C SER D 851 3.29 53.43 3.23
N LEU D 852 3.14 54.57 2.53
CA LEU D 852 2.23 54.63 1.39
C LEU D 852 2.67 53.67 0.29
N SER D 853 3.97 53.61 0.01
CA SER D 853 4.46 52.70 -1.01
C SER D 853 4.23 51.24 -0.64
N GLN D 854 4.36 50.91 0.65
CA GLN D 854 4.09 49.54 1.09
C GLN D 854 2.63 49.18 0.88
N ARG D 855 1.71 50.08 1.25
CA ARG D 855 0.29 49.84 1.03
C ARG D 855 -0.03 49.70 -0.45
N LEU D 856 0.58 50.55 -1.28
CA LEU D 856 0.32 50.47 -2.71
C LEU D 856 0.86 49.20 -3.33
N ARG D 857 2.02 48.72 -2.86
CA ARG D 857 2.54 47.45 -3.35
C ARG D 857 1.66 46.28 -2.91
N LEU D 858 1.17 46.33 -1.67
CA LEU D 858 0.25 45.28 -1.21
C LEU D 858 -1.03 45.28 -2.05
N TYR D 859 -1.54 46.47 -2.39
CA TYR D 859 -2.72 46.57 -3.24
C TYR D 859 -2.44 46.02 -4.64
N LEU D 860 -1.29 46.37 -5.21
CA LEU D 860 -0.97 45.94 -6.57
C LEU D 860 -0.64 44.46 -6.65
N ALA D 861 -0.27 43.82 -5.54
CA ALA D 861 0.05 42.40 -5.58
C ALA D 861 -1.18 41.53 -5.88
N ASP D 862 -2.38 42.05 -5.65
CA ASP D 862 -3.60 41.28 -5.88
C ASP D 862 -3.97 41.31 -7.35
N SER D 863 -4.18 40.14 -7.95
CA SER D 863 -4.49 40.07 -9.37
C SER D 863 -5.86 40.64 -9.71
N TRP D 864 -6.84 40.53 -8.81
CA TRP D 864 -8.14 41.14 -9.06
C TRP D 864 -8.03 42.66 -9.09
N ASN D 865 -7.16 43.25 -8.26
CA ASN D 865 -6.92 44.67 -8.35
C ASN D 865 -6.23 45.06 -9.65
N GLN D 866 -5.36 44.19 -10.17
CA GLN D 866 -4.77 44.42 -11.48
C GLN D 866 -5.83 44.41 -12.57
N CYS D 867 -6.77 43.47 -12.49
CA CYS D 867 -7.87 43.45 -13.46
C CYS D 867 -8.73 44.70 -13.36
N ASP D 868 -9.02 45.15 -12.13
CA ASP D 868 -9.76 46.38 -11.94
C ASP D 868 -9.03 47.57 -12.55
N LEU D 869 -7.71 47.66 -12.34
CA LEU D 869 -6.94 48.76 -12.89
C LEU D 869 -6.94 48.73 -14.41
N VAL D 870 -6.80 47.55 -15.00
CA VAL D 870 -6.84 47.44 -16.46
C VAL D 870 -8.19 47.90 -16.99
N ALA D 871 -9.27 47.44 -16.35
CA ALA D 871 -10.61 47.80 -16.80
C ALA D 871 -10.84 49.31 -16.70
N LEU D 872 -10.47 49.91 -15.57
CA LEU D 872 -10.70 51.34 -15.39
C LEU D 872 -9.83 52.17 -16.31
N THR D 873 -8.57 51.77 -16.52
CA THR D 873 -7.70 52.49 -17.45
C THR D 873 -8.22 52.43 -18.87
N CYS D 874 -8.69 51.24 -19.31
CA CYS D 874 -9.26 51.14 -20.64
C CYS D 874 -10.55 51.94 -20.77
N PHE D 875 -11.37 51.98 -19.72
CA PHE D 875 -12.58 52.79 -19.75
C PHE D 875 -12.24 54.28 -19.90
N LEU D 876 -11.24 54.73 -19.13
CA LEU D 876 -10.84 56.13 -19.22
C LEU D 876 -10.27 56.47 -20.60
N LEU D 877 -9.45 55.58 -21.15
CA LEU D 877 -8.91 55.78 -22.49
C LEU D 877 -10.02 55.83 -23.53
N GLY D 878 -10.99 54.92 -23.44
CA GLY D 878 -12.08 54.92 -24.40
C GLY D 878 -12.93 56.18 -24.32
N VAL D 879 -13.24 56.63 -23.10
CA VAL D 879 -14.02 57.84 -22.95
C VAL D 879 -13.25 59.05 -23.46
N GLY D 880 -11.95 59.12 -23.17
CA GLY D 880 -11.15 60.21 -23.69
C GLY D 880 -11.10 60.25 -25.20
N CYS D 881 -10.97 59.08 -25.83
CA CYS D 881 -11.00 59.02 -27.28
C CYS D 881 -12.36 59.43 -27.82
N ARG D 882 -13.44 58.98 -27.15
CA ARG D 882 -14.78 59.30 -27.62
C ARG D 882 -15.07 60.79 -27.57
N LEU D 883 -14.62 61.48 -26.52
CA LEU D 883 -14.89 62.91 -26.40
C LEU D 883 -14.03 63.75 -27.34
N THR D 884 -13.05 63.17 -28.00
CA THR D 884 -12.17 63.85 -28.94
C THR D 884 -12.71 63.73 -30.35
N PRO D 885 -12.81 64.82 -31.10
CA PRO D 885 -13.25 64.72 -32.50
C PRO D 885 -12.28 63.89 -33.32
N GLY D 886 -12.82 63.02 -34.17
CA GLY D 886 -12.03 62.17 -35.02
C GLY D 886 -11.53 60.89 -34.40
N LEU D 887 -11.87 60.61 -33.15
CA LEU D 887 -11.48 59.39 -32.47
C LEU D 887 -12.66 58.60 -31.94
N TYR D 888 -13.85 58.80 -32.52
CA TYR D 888 -15.06 58.15 -32.00
C TYR D 888 -14.99 56.63 -32.17
N HIS D 889 -14.56 56.16 -33.35
CA HIS D 889 -14.51 54.73 -33.60
C HIS D 889 -13.46 54.03 -32.74
N LEU D 890 -12.31 54.68 -32.54
CA LEU D 890 -11.30 54.12 -31.66
C LEU D 890 -11.82 53.99 -30.24
N GLY D 891 -12.55 55.01 -29.75
CA GLY D 891 -13.17 54.91 -28.44
C GLY D 891 -14.18 53.79 -28.37
N ARG D 892 -14.97 53.63 -29.44
CA ARG D 892 -15.93 52.52 -29.50
C ARG D 892 -15.24 51.18 -29.33
N THR D 893 -14.17 50.95 -30.09
CA THR D 893 -13.50 49.65 -30.02
C THR D 893 -12.83 49.44 -28.67
N VAL D 894 -12.22 50.49 -28.11
CA VAL D 894 -11.59 50.37 -26.80
C VAL D 894 -12.63 50.04 -25.74
N LEU D 895 -13.81 50.66 -25.80
CA LEU D 895 -14.84 50.36 -24.82
C LEU D 895 -15.46 48.98 -25.07
N CYS D 896 -15.49 48.51 -26.32
CA CYS D 896 -15.95 47.15 -26.58
C CYS D 896 -15.04 46.12 -25.93
N ILE D 897 -13.72 46.32 -26.01
CA ILE D 897 -12.80 45.41 -25.32
C ILE D 897 -12.89 45.60 -23.81
N ASP D 898 -13.12 46.84 -23.37
CA ASP D 898 -13.24 47.12 -21.95
C ASP D 898 -14.43 46.42 -21.34
N PHE D 899 -15.54 46.29 -22.09
CA PHE D 899 -16.67 45.53 -21.60
C PHE D 899 -16.30 44.07 -21.35
N MET D 900 -15.50 43.47 -22.25
CA MET D 900 -15.02 42.12 -22.01
C MET D 900 -14.18 42.04 -20.75
N VAL D 901 -13.31 43.05 -20.54
CA VAL D 901 -12.48 43.06 -19.34
C VAL D 901 -13.36 43.14 -18.09
N PHE D 902 -14.40 43.97 -18.13
CA PHE D 902 -15.30 44.13 -16.99
C PHE D 902 -16.11 42.86 -16.73
N THR D 903 -16.52 42.16 -17.80
CA THR D 903 -17.42 41.02 -17.62
C THR D 903 -16.71 39.82 -17.01
N VAL D 904 -15.45 39.58 -17.40
CA VAL D 904 -14.71 38.46 -16.83
C VAL D 904 -14.42 38.67 -15.35
N ARG D 905 -14.53 39.91 -14.86
CA ARG D 905 -14.40 40.18 -13.44
C ARG D 905 -15.51 39.52 -12.62
N LEU D 906 -16.60 39.12 -13.27
CA LEU D 906 -17.69 38.43 -12.57
C LEU D 906 -17.24 37.11 -11.96
N LEU D 907 -16.15 36.53 -12.47
CA LEU D 907 -15.70 35.24 -11.97
C LEU D 907 -15.31 35.30 -10.49
N HIS D 908 -14.93 36.47 -9.99
CA HIS D 908 -14.59 36.58 -8.57
C HIS D 908 -15.78 36.29 -7.68
N ILE D 909 -17.00 36.57 -8.17
CA ILE D 909 -18.20 36.28 -7.40
C ILE D 909 -18.36 34.77 -7.19
N PHE D 910 -17.88 33.96 -8.14
CA PHE D 910 -18.06 32.52 -8.07
C PHE D 910 -17.38 31.90 -6.85
N THR D 911 -16.37 32.57 -6.28
CA THR D 911 -15.61 32.00 -5.18
C THR D 911 -16.40 31.89 -3.89
N VAL D 912 -17.60 32.48 -3.83
CA VAL D 912 -18.46 32.30 -2.68
C VAL D 912 -19.05 30.90 -2.63
N ASN D 913 -19.02 30.17 -3.75
CA ASN D 913 -19.65 28.87 -3.86
C ASN D 913 -18.58 27.79 -3.94
N LYS D 914 -18.82 26.69 -3.22
CA LYS D 914 -17.84 25.61 -3.15
C LYS D 914 -17.65 24.91 -4.48
N GLN D 915 -18.72 24.78 -5.26
CA GLN D 915 -18.63 24.11 -6.56
C GLN D 915 -17.96 24.99 -7.61
N LEU D 916 -18.29 26.28 -7.63
CA LEU D 916 -17.80 27.18 -8.66
C LEU D 916 -16.41 27.72 -8.39
N GLY D 917 -15.98 27.73 -7.12
CA GLY D 917 -14.72 28.33 -6.73
C GLY D 917 -13.48 27.77 -7.41
N PRO D 918 -13.17 26.50 -7.14
CA PRO D 918 -11.95 25.91 -7.71
C PRO D 918 -11.94 25.82 -9.22
N LYS D 919 -13.11 25.86 -9.87
CA LYS D 919 -13.14 25.84 -11.33
C LYS D 919 -12.45 27.06 -11.92
N ILE D 920 -12.44 28.18 -11.20
CA ILE D 920 -11.74 29.36 -11.66
C ILE D 920 -10.23 29.11 -11.72
N VAL D 921 -9.69 28.47 -10.68
CA VAL D 921 -8.28 28.09 -10.68
C VAL D 921 -7.99 27.12 -11.82
N ILE D 922 -8.91 26.16 -12.03
CA ILE D 922 -8.74 25.20 -13.12
C ILE D 922 -8.66 25.91 -14.46
N VAL D 923 -9.57 26.87 -14.69
CA VAL D 923 -9.57 27.62 -15.95
C VAL D 923 -8.30 28.43 -16.10
N SER D 924 -7.84 29.04 -15.00
CA SER D 924 -6.62 29.85 -15.05
C SER D 924 -5.41 29.00 -15.45
N LYS D 925 -5.33 27.76 -14.95
CA LYS D 925 -4.21 26.91 -15.33
C LYS D 925 -4.38 26.33 -16.74
N MET D 926 -5.63 26.07 -17.14
CA MET D 926 -5.88 25.65 -18.52
C MET D 926 -5.48 26.73 -19.52
N MET D 927 -5.53 28.00 -19.11
CA MET D 927 -5.04 29.05 -19.99
C MET D 927 -3.54 28.92 -20.25
N LYS D 928 -2.76 28.57 -19.23
CA LYS D 928 -1.33 28.30 -19.45
C LYS D 928 -1.13 27.08 -20.33
N ASP D 929 -1.97 26.05 -20.15
CA ASP D 929 -1.93 24.90 -21.05
C ASP D 929 -2.13 25.34 -22.51
N VAL D 930 -3.12 26.22 -22.75
CA VAL D 930 -3.36 26.72 -24.09
C VAL D 930 -2.15 27.50 -24.61
N PHE D 931 -1.55 28.32 -23.75
CA PHE D 931 -0.39 29.10 -24.15
C PHE D 931 0.73 28.18 -24.63
N PHE D 932 0.95 27.07 -23.93
CA PHE D 932 2.02 26.15 -24.36
C PHE D 932 1.63 25.36 -25.60
N PHE D 933 0.34 25.06 -25.77
CA PHE D 933 -0.14 24.36 -26.96
C PHE D 933 0.03 25.22 -28.20
N LEU D 934 -0.04 26.54 -28.04
CA LEU D 934 0.03 27.44 -29.19
C LEU D 934 1.36 27.35 -29.93
N PHE D 935 2.44 26.91 -29.28
CA PHE D 935 3.71 26.76 -29.99
C PHE D 935 3.63 25.65 -31.04
N PHE D 936 3.15 24.48 -30.63
CA PHE D 936 2.95 23.38 -31.58
C PHE D 936 1.96 23.78 -32.66
N LEU D 937 0.87 24.43 -32.27
CA LEU D 937 -0.13 24.85 -33.26
C LEU D 937 0.48 25.81 -34.28
N GLY D 938 1.30 26.76 -33.83
CA GLY D 938 1.91 27.70 -34.74
C GLY D 938 2.90 27.04 -35.69
N VAL D 939 3.71 26.12 -35.18
CA VAL D 939 4.67 25.44 -36.05
C VAL D 939 3.94 24.65 -37.14
N TRP D 940 2.92 23.87 -36.74
CA TRP D 940 2.20 23.08 -37.72
C TRP D 940 1.44 23.95 -38.71
N LEU D 941 0.85 25.05 -38.22
CA LEU D 941 0.14 25.96 -39.11
C LEU D 941 1.08 26.60 -40.12
N VAL D 942 2.27 27.02 -39.68
CA VAL D 942 3.22 27.61 -40.61
C VAL D 942 3.60 26.61 -41.69
N ALA D 943 3.98 25.39 -41.29
CA ALA D 943 4.38 24.40 -42.27
C ALA D 943 3.27 24.12 -43.28
N TYR D 944 2.09 23.75 -42.78
CA TYR D 944 0.99 23.35 -43.66
C TYR D 944 0.51 24.51 -44.52
N GLY D 945 0.33 25.69 -43.93
CA GLY D 945 -0.18 26.82 -44.68
C GLY D 945 0.75 27.28 -45.77
N VAL D 946 2.05 27.35 -45.46
CA VAL D 946 2.99 27.79 -46.49
C VAL D 946 3.09 26.75 -47.61
N ALA D 947 3.09 25.45 -47.25
CA ALA D 947 3.12 24.44 -48.31
C ALA D 947 1.89 24.52 -49.20
N THR D 948 0.71 24.66 -48.60
CA THR D 948 -0.52 24.73 -49.39
C THR D 948 -0.55 25.98 -50.27
N GLU D 949 -0.13 27.12 -49.71
CA GLU D 949 -0.11 28.36 -50.48
C GLU D 949 0.88 28.28 -51.64
N GLY D 950 2.03 27.65 -51.41
CA GLY D 950 2.99 27.46 -52.49
C GLY D 950 2.51 26.51 -53.56
N LEU D 951 1.77 25.48 -53.18
CA LEU D 951 1.23 24.54 -54.18
C LEU D 951 0.11 25.17 -54.98
N LEU D 952 -0.78 25.93 -54.34
CA LEU D 952 -1.94 26.47 -55.03
C LEU D 952 -1.58 27.66 -55.92
N ARG D 953 -0.60 28.47 -55.53
CA ARG D 953 -0.19 29.64 -56.27
C ARG D 953 -1.34 30.59 -56.63
N PRO D 954 -2.06 31.11 -55.64
CA PRO D 954 -3.14 32.05 -55.95
C PRO D 954 -2.61 33.30 -56.63
N ARG D 955 -3.35 33.79 -57.64
CA ARG D 955 -2.89 34.96 -58.38
C ARG D 955 -3.14 36.24 -57.60
N ASP D 956 -4.21 36.29 -56.80
CA ASP D 956 -4.48 37.44 -55.94
C ASP D 956 -3.64 37.29 -54.67
N SER D 957 -2.38 37.68 -54.78
CA SER D 957 -1.42 37.53 -53.69
C SER D 957 -0.99 38.90 -53.21
N ASP D 958 -1.24 39.17 -51.93
CA ASP D 958 -0.68 40.29 -51.21
C ASP D 958 -0.61 39.88 -49.75
N PHE D 959 0.17 40.64 -48.97
CA PHE D 959 0.50 40.21 -47.62
C PHE D 959 -0.73 39.87 -46.76
N PRO D 960 -1.79 40.69 -46.71
CA PRO D 960 -2.95 40.29 -45.91
C PRO D 960 -3.63 39.02 -46.40
N SER D 961 -3.77 38.86 -47.72
CA SER D 961 -4.40 37.65 -48.26
C SER D 961 -3.53 36.42 -48.00
N ILE D 962 -2.21 36.56 -48.16
CA ILE D 962 -1.31 35.45 -47.89
C ILE D 962 -1.39 35.04 -46.43
N LEU D 963 -1.39 36.02 -45.52
CA LEU D 963 -1.52 35.72 -44.10
C LEU D 963 -2.85 35.03 -43.81
N ARG D 964 -3.93 35.50 -44.43
CA ARG D 964 -5.25 34.91 -44.20
C ARG D 964 -5.29 33.46 -44.65
N ARG D 965 -4.71 33.16 -45.82
CA ARG D 965 -4.74 31.80 -46.32
C ARG D 965 -3.69 30.89 -45.69
N VAL D 966 -2.66 31.46 -45.05
CA VAL D 966 -1.65 30.63 -44.40
C VAL D 966 -2.05 30.31 -42.96
N PHE D 967 -2.61 31.27 -42.24
CA PHE D 967 -2.93 31.09 -40.83
C PHE D 967 -4.42 30.95 -40.55
N TYR D 968 -5.24 31.87 -41.08
CA TYR D 968 -6.64 31.91 -40.68
C TYR D 968 -7.43 30.74 -41.27
N ARG D 969 -7.29 30.48 -42.57
CA ARG D 969 -8.07 29.42 -43.18
C ARG D 969 -7.73 28.03 -42.67
N PRO D 970 -6.45 27.63 -42.51
CA PRO D 970 -6.19 26.33 -41.88
C PRO D 970 -6.67 26.25 -40.44
N TYR D 971 -6.68 27.37 -39.72
CA TYR D 971 -7.12 27.36 -38.33
C TYR D 971 -8.60 26.99 -38.21
N LEU D 972 -9.43 27.52 -39.10
CA LEU D 972 -10.85 27.21 -39.07
C LEU D 972 -11.15 25.77 -39.47
N GLN D 973 -10.21 25.09 -40.14
CA GLN D 973 -10.40 23.68 -40.46
C GLN D 973 -10.39 22.82 -39.21
N ILE D 974 -9.71 23.27 -38.14
CA ILE D 974 -9.72 22.53 -36.89
C ILE D 974 -11.13 22.48 -36.31
N PHE D 975 -11.97 23.46 -36.64
CA PHE D 975 -13.32 23.54 -36.12
C PHE D 975 -14.37 23.23 -37.19
N GLY D 976 -14.02 22.42 -38.19
CA GLY D 976 -14.97 21.90 -39.14
C GLY D 976 -15.29 22.79 -40.31
N GLN D 977 -14.55 23.88 -40.52
CA GLN D 977 -14.77 24.76 -41.66
C GLN D 977 -13.76 24.41 -42.74
N ILE D 978 -14.16 23.52 -43.65
CA ILE D 978 -13.28 22.96 -44.66
C ILE D 978 -13.80 23.39 -46.03
N PRO D 979 -13.16 24.39 -46.66
CA PRO D 979 -13.59 24.88 -48.00
C PRO D 979 -12.99 24.07 -49.14
N GLN D 980 -13.60 22.92 -49.43
CA GLN D 980 -13.09 22.04 -50.48
C GLN D 980 -13.10 22.72 -51.85
N GLU D 981 -14.13 23.53 -52.11
CA GLU D 981 -14.27 24.15 -53.42
C GLU D 981 -13.19 25.19 -53.70
N ASP D 982 -12.48 25.65 -52.66
CA ASP D 982 -11.42 26.63 -52.83
C ASP D 982 -10.03 26.01 -52.86
N MET D 983 -9.91 24.71 -52.63
CA MET D 983 -8.62 24.04 -52.63
C MET D 983 -8.53 22.88 -53.61
N ASP D 984 -9.65 22.26 -53.98
CA ASP D 984 -9.66 21.09 -54.85
C ASP D 984 -10.09 21.54 -56.24
N VAL D 985 -9.22 21.35 -57.23
CA VAL D 985 -9.50 21.81 -58.59
C VAL D 985 -10.48 20.90 -59.31
N ALA D 986 -10.77 19.72 -58.77
CA ALA D 986 -11.81 18.88 -59.33
C ALA D 986 -13.20 19.46 -59.10
N LEU D 987 -13.34 20.37 -58.14
CA LEU D 987 -14.60 21.03 -57.84
C LEU D 987 -14.68 22.44 -58.41
N MET D 988 -13.64 22.88 -59.12
CA MET D 988 -13.61 24.20 -59.73
C MET D 988 -13.84 24.10 -61.23
N GLU D 989 -14.12 25.23 -61.85
CA GLU D 989 -14.14 25.31 -63.29
C GLU D 989 -12.75 25.64 -63.81
N HIS D 990 -12.40 25.04 -64.94
CA HIS D 990 -11.07 25.20 -65.54
C HIS D 990 -11.15 26.27 -66.62
N SER D 991 -10.36 27.33 -66.45
CA SER D 991 -10.42 28.46 -67.37
C SER D 991 -9.02 29.02 -67.57
N ASN D 992 -8.83 29.71 -68.69
CA ASN D 992 -7.56 30.38 -69.00
C ASN D 992 -7.51 31.76 -68.33
N CYS D 993 -7.49 31.74 -67.00
CA CYS D 993 -7.45 32.96 -66.20
C CYS D 993 -6.03 33.31 -65.75
N SER D 994 -5.02 32.91 -66.51
CA SER D 994 -3.64 33.23 -66.17
C SER D 994 -2.83 33.31 -67.47
N SER D 995 -1.71 34.03 -67.39
CA SER D 995 -0.82 34.17 -68.53
C SER D 995 0.33 33.17 -68.50
N GLU D 996 0.61 32.57 -67.35
CA GLU D 996 1.71 31.64 -67.21
C GLU D 996 1.37 30.31 -67.89
N PRO D 997 2.39 29.55 -68.30
CA PRO D 997 2.13 28.21 -68.83
C PRO D 997 1.57 27.29 -67.77
N GLY D 998 0.78 26.31 -68.21
CA GLY D 998 0.14 25.38 -67.32
C GLY D 998 -1.36 25.53 -67.28
N PHE D 999 -1.99 24.68 -66.48
CA PHE D 999 -3.44 24.64 -66.35
C PHE D 999 -3.87 25.29 -65.04
N TRP D 1000 -4.95 26.06 -65.10
CA TRP D 1000 -5.41 26.86 -63.98
C TRP D 1000 -6.90 26.67 -63.77
N ALA D 1001 -7.36 26.96 -62.56
CA ALA D 1001 -8.76 26.81 -62.18
C ALA D 1001 -9.19 28.02 -61.38
N HIS D 1002 -10.50 28.27 -61.35
CA HIS D 1002 -11.06 29.44 -60.70
C HIS D 1002 -11.79 29.04 -59.43
N PRO D 1003 -11.31 29.41 -58.25
CA PRO D 1003 -12.07 29.15 -57.02
C PRO D 1003 -13.19 30.16 -56.86
N PRO D 1004 -14.34 29.73 -56.34
CA PRO D 1004 -15.46 30.67 -56.18
C PRO D 1004 -15.35 31.57 -54.97
N GLY D 1005 -14.48 31.26 -54.00
CA GLY D 1005 -14.39 32.06 -52.80
C GLY D 1005 -13.90 33.47 -53.07
N ALA D 1006 -14.41 34.42 -52.29
CA ALA D 1006 -14.01 35.81 -52.45
C ALA D 1006 -12.55 36.03 -52.08
N GLN D 1007 -12.08 35.38 -51.01
CA GLN D 1007 -10.71 35.52 -50.55
C GLN D 1007 -9.85 34.30 -50.86
N ALA D 1008 -10.27 33.46 -51.81
CA ALA D 1008 -9.54 32.25 -52.14
C ALA D 1008 -8.52 32.46 -53.26
N GLY D 1009 -8.40 33.67 -53.80
CA GLY D 1009 -7.57 33.90 -54.95
C GLY D 1009 -8.36 33.69 -56.23
N THR D 1010 -8.16 34.54 -57.23
CA THR D 1010 -8.95 34.43 -58.45
C THR D 1010 -8.60 33.19 -59.26
N CYS D 1011 -7.34 32.77 -59.24
CA CYS D 1011 -6.88 31.70 -60.12
C CYS D 1011 -5.80 30.91 -59.40
N VAL D 1012 -5.94 29.57 -59.39
CA VAL D 1012 -4.99 28.69 -58.73
C VAL D 1012 -4.48 27.66 -59.72
N SER D 1013 -3.32 27.09 -59.40
CA SER D 1013 -2.68 26.12 -60.28
C SER D 1013 -3.27 24.73 -60.09
N GLN D 1014 -3.40 24.00 -61.20
CA GLN D 1014 -3.88 22.62 -61.15
C GLN D 1014 -2.77 21.61 -60.93
N TYR D 1015 -1.50 22.04 -61.00
CA TYR D 1015 -0.39 21.09 -60.94
C TYR D 1015 -0.28 20.48 -59.55
N ALA D 1016 -0.29 19.14 -59.49
CA ALA D 1016 -0.13 18.39 -58.25
C ALA D 1016 -1.18 18.77 -57.20
N ASN D 1017 -2.43 18.91 -57.63
CA ASN D 1017 -3.50 19.20 -56.69
C ASN D 1017 -3.82 18.01 -55.79
N TRP D 1018 -3.53 16.80 -56.27
CA TRP D 1018 -3.63 15.62 -55.41
C TRP D 1018 -2.77 15.78 -54.17
N LEU D 1019 -1.64 16.47 -54.29
CA LEU D 1019 -0.79 16.71 -53.13
C LEU D 1019 -1.43 17.71 -52.16
N VAL D 1020 -2.16 18.70 -52.68
CA VAL D 1020 -2.93 19.59 -51.81
C VAL D 1020 -3.99 18.80 -51.05
N VAL D 1021 -4.68 17.89 -51.74
CA VAL D 1021 -5.70 17.07 -51.08
C VAL D 1021 -5.07 16.16 -50.03
N LEU D 1022 -3.90 15.58 -50.35
CA LEU D 1022 -3.21 14.74 -49.38
C LEU D 1022 -2.75 15.54 -48.17
N LEU D 1023 -2.29 16.77 -48.39
CA LEU D 1023 -1.90 17.63 -47.28
C LEU D 1023 -3.11 17.95 -46.40
N LEU D 1024 -4.27 18.18 -47.01
CA LEU D 1024 -5.49 18.38 -46.22
C LEU D 1024 -5.82 17.14 -45.40
N VAL D 1025 -5.69 15.96 -46.00
CA VAL D 1025 -5.98 14.71 -45.29
C VAL D 1025 -5.04 14.55 -44.09
N ILE D 1026 -3.75 14.86 -44.28
CA ILE D 1026 -2.79 14.75 -43.20
C ILE D 1026 -3.06 15.80 -42.13
N PHE D 1027 -3.46 17.01 -42.54
CA PHE D 1027 -3.76 18.08 -41.61
C PHE D 1027 -4.93 17.70 -40.71
N LEU D 1028 -5.98 17.13 -41.28
CA LEU D 1028 -7.16 16.78 -40.48
C LEU D 1028 -6.84 15.74 -39.43
N LEU D 1029 -5.78 14.95 -39.64
CA LEU D 1029 -5.39 13.95 -38.66
C LEU D 1029 -4.42 14.52 -37.63
N VAL D 1030 -3.46 15.34 -38.09
CA VAL D 1030 -2.44 15.88 -37.19
C VAL D 1030 -3.02 16.93 -36.26
N ALA D 1031 -3.85 17.84 -36.79
CA ALA D 1031 -4.31 18.99 -36.01
C ALA D 1031 -5.62 18.70 -35.28
N ASN D 1032 -6.65 18.28 -36.02
CA ASN D 1032 -7.97 18.13 -35.43
C ASN D 1032 -7.99 17.07 -34.34
N ILE D 1033 -7.14 16.04 -34.46
CA ILE D 1033 -7.18 14.94 -33.50
C ILE D 1033 -5.95 14.98 -32.59
N LEU D 1034 -4.75 14.91 -33.17
CA LEU D 1034 -3.56 14.68 -32.36
C LEU D 1034 -3.24 15.88 -31.48
N LEU D 1035 -3.10 17.06 -32.06
CA LEU D 1035 -2.71 18.24 -31.28
C LEU D 1035 -3.83 18.67 -30.33
N VAL D 1036 -5.07 18.64 -30.81
CA VAL D 1036 -6.21 19.00 -29.97
C VAL D 1036 -6.31 18.07 -28.77
N ASN D 1037 -6.10 16.77 -28.98
CA ASN D 1037 -6.18 15.84 -27.87
C ASN D 1037 -4.94 15.86 -26.99
N LEU D 1038 -3.79 16.29 -27.51
CA LEU D 1038 -2.66 16.61 -26.63
C LEU D 1038 -3.01 17.73 -25.67
N LEU D 1039 -3.63 18.79 -26.19
CA LEU D 1039 -4.09 19.88 -25.34
C LEU D 1039 -5.13 19.39 -24.35
N ILE D 1040 -6.03 18.51 -24.79
CA ILE D 1040 -7.08 18.00 -23.91
C ILE D 1040 -6.50 17.12 -22.80
N ALA D 1041 -5.45 16.35 -23.12
CA ALA D 1041 -4.80 15.56 -22.08
C ALA D 1041 -4.11 16.44 -21.06
N MET D 1042 -3.47 17.52 -21.53
CA MET D 1042 -2.93 18.51 -20.59
C MET D 1042 -4.03 19.09 -19.72
N PHE D 1043 -5.19 19.39 -20.33
CA PHE D 1043 -6.34 19.90 -19.59
C PHE D 1043 -6.78 18.91 -18.51
N SER D 1044 -6.84 17.63 -18.86
CA SER D 1044 -7.28 16.62 -17.91
C SER D 1044 -6.31 16.49 -16.74
N TYR D 1045 -5.01 16.53 -17.03
CA TYR D 1045 -4.02 16.47 -15.96
C TYR D 1045 -4.15 17.68 -15.03
N THR D 1046 -4.29 18.88 -15.60
CA THR D 1046 -4.48 20.08 -14.81
C THR D 1046 -5.75 20.00 -13.97
N PHE D 1047 -6.85 19.52 -14.56
CA PHE D 1047 -8.11 19.42 -13.85
C PHE D 1047 -7.99 18.46 -12.67
N GLY D 1048 -7.35 17.31 -12.88
CA GLY D 1048 -7.20 16.35 -11.81
C GLY D 1048 -6.35 16.86 -10.67
N LYS D 1049 -5.31 17.64 -10.98
CA LYS D 1049 -4.46 18.17 -9.93
C LYS D 1049 -5.25 19.06 -8.98
N VAL D 1050 -6.14 19.92 -9.51
CA VAL D 1050 -6.90 20.81 -8.65
C VAL D 1050 -8.10 20.10 -8.03
N GLN D 1051 -8.70 19.16 -8.75
CA GLN D 1051 -9.84 18.42 -8.22
C GLN D 1051 -9.42 17.54 -7.06
N GLY D 1052 -8.15 17.15 -7.00
CA GLY D 1052 -7.67 16.44 -5.82
C GLY D 1052 -7.77 17.23 -4.54
N ASN D 1053 -7.54 18.54 -4.59
CA ASN D 1053 -7.53 19.40 -3.40
C ASN D 1053 -8.51 20.57 -3.52
N SER D 1054 -9.72 20.32 -4.02
CA SER D 1054 -10.63 21.43 -4.30
C SER D 1054 -11.08 22.16 -3.04
N ASP D 1055 -11.27 21.44 -1.93
CA ASP D 1055 -11.75 22.06 -0.71
C ASP D 1055 -10.73 23.03 -0.13
N LEU D 1056 -9.45 22.67 -0.18
CA LEU D 1056 -8.40 23.58 0.30
C LEU D 1056 -8.39 24.87 -0.51
N TYR D 1057 -8.45 24.75 -1.84
CA TYR D 1057 -8.50 25.93 -2.71
C TYR D 1057 -9.71 26.79 -2.37
N TRP D 1058 -10.88 26.16 -2.21
CA TRP D 1058 -12.09 26.94 -1.98
C TRP D 1058 -12.06 27.63 -0.63
N LYS D 1059 -11.47 26.98 0.38
CA LYS D 1059 -11.45 27.60 1.71
C LYS D 1059 -10.44 28.73 1.78
N ALA D 1060 -9.33 28.63 1.06
CA ALA D 1060 -8.45 29.80 0.91
C ALA D 1060 -9.17 30.94 0.19
N GLN D 1061 -9.87 30.62 -0.90
CA GLN D 1061 -10.65 31.64 -1.61
C GLN D 1061 -11.69 32.27 -0.70
N ARG D 1062 -12.31 31.45 0.15
CA ARG D 1062 -13.33 31.94 1.07
C ARG D 1062 -12.73 32.91 2.07
N TYR D 1063 -11.54 32.59 2.60
CA TYR D 1063 -10.86 33.55 3.47
C TYR D 1063 -10.61 34.86 2.73
N ARG D 1064 -10.12 34.79 1.49
CA ARG D 1064 -9.83 36.01 0.75
C ARG D 1064 -11.09 36.85 0.54
N LEU D 1065 -12.19 36.20 0.17
CA LEU D 1065 -13.45 36.92 -0.07
C LEU D 1065 -13.98 37.56 1.21
N ILE D 1066 -13.96 36.80 2.33
CA ILE D 1066 -14.45 37.34 3.59
C ILE D 1066 -13.60 38.52 4.04
N ARG D 1067 -12.29 38.41 3.88
CA ARG D 1067 -11.41 39.53 4.23
C ARG D 1067 -11.67 40.74 3.34
N GLU D 1068 -11.93 40.51 2.05
CA GLU D 1068 -12.22 41.61 1.14
C GLU D 1068 -13.48 42.35 1.54
N PHE D 1069 -14.55 41.62 1.86
CA PHE D 1069 -15.81 42.29 2.13
C PHE D 1069 -16.02 42.64 3.60
N HIS D 1070 -15.06 42.32 4.47
CA HIS D 1070 -15.18 42.70 5.87
C HIS D 1070 -14.94 44.19 6.08
N SER D 1071 -14.21 44.84 5.16
CA SER D 1071 -13.86 46.24 5.31
C SER D 1071 -14.47 47.15 4.24
N ARG D 1072 -15.24 46.60 3.30
CA ARG D 1072 -15.84 47.42 2.26
C ARG D 1072 -16.99 48.26 2.83
N PRO D 1073 -17.21 49.47 2.30
CA PRO D 1073 -18.37 50.25 2.72
C PRO D 1073 -19.68 49.52 2.44
N ALA D 1074 -20.68 49.81 3.27
CA ALA D 1074 -21.95 49.09 3.21
C ALA D 1074 -22.82 49.49 2.03
N LEU D 1075 -22.56 50.64 1.41
CA LEU D 1075 -23.35 51.08 0.27
C LEU D 1075 -22.69 50.63 -1.04
N ALA D 1076 -23.48 50.04 -1.91
CA ALA D 1076 -22.98 49.59 -3.20
C ALA D 1076 -22.95 50.75 -4.19
N PRO D 1077 -22.08 50.68 -5.20
CA PRO D 1077 -22.03 51.74 -6.22
C PRO D 1077 -23.34 51.82 -6.98
N PRO D 1078 -23.70 53.00 -7.50
CA PRO D 1078 -22.97 54.27 -7.44
C PRO D 1078 -23.26 55.03 -6.15
N PHE D 1079 -24.08 54.46 -5.26
CA PHE D 1079 -24.38 55.11 -3.98
C PHE D 1079 -23.20 55.07 -3.02
N ILE D 1080 -22.13 54.35 -3.37
CA ILE D 1080 -20.95 54.23 -2.53
C ILE D 1080 -20.26 55.59 -2.40
N VAL D 1081 -20.64 56.55 -3.24
CA VAL D 1081 -20.09 57.90 -3.15
C VAL D 1081 -20.43 58.53 -1.81
N ILE D 1082 -21.56 58.16 -1.21
CA ILE D 1082 -21.92 58.68 0.10
C ILE D 1082 -20.93 58.21 1.16
N SER D 1083 -20.58 56.92 1.13
CA SER D 1083 -19.64 56.39 2.10
C SER D 1083 -18.24 56.99 1.91
N HIS D 1084 -17.82 57.15 0.66
CA HIS D 1084 -16.51 57.77 0.41
C HIS D 1084 -16.50 59.21 0.90
N LEU D 1085 -17.59 59.94 0.70
CA LEU D 1085 -17.67 61.32 1.18
C LEU D 1085 -17.64 61.37 2.70
N ARG D 1086 -18.34 60.43 3.35
CA ARG D 1086 -18.30 60.36 4.81
C ARG D 1086 -16.88 60.09 5.31
N LEU D 1087 -16.19 59.15 4.68
CA LEU D 1087 -14.81 58.85 5.07
C LEU D 1087 -13.91 60.06 4.85
N LEU D 1088 -14.09 60.76 3.73
CA LEU D 1088 -13.28 61.94 3.45
C LEU D 1088 -13.51 63.04 4.48
N LEU D 1089 -14.78 63.24 4.87
CA LEU D 1089 -15.07 64.23 5.91
C LEU D 1089 -14.51 63.79 7.26
N ARG D 1090 -14.58 62.50 7.57
CA ARG D 1090 -14.02 62.00 8.81
C ARG D 1090 -12.51 62.22 8.89
N GLN D 1091 -11.82 62.07 7.77
CA GLN D 1091 -10.38 62.31 7.74
C GLN D 1091 -10.01 63.78 7.71
N LEU D 1092 -10.75 64.59 6.95
CA LEU D 1092 -10.38 65.98 6.73
C LEU D 1092 -10.85 66.90 7.86
N CYS D 1093 -11.66 66.40 8.79
CA CYS D 1093 -12.16 67.22 9.89
C CYS D 1093 -12.02 66.49 11.21
N TYR D 1112 0.07 47.43 30.66
CA TYR D 1112 0.45 46.34 31.56
C TYR D 1112 -0.58 45.21 31.53
N LEU D 1113 -1.88 45.58 31.47
CA LEU D 1113 -2.92 44.57 31.40
C LEU D 1113 -2.87 43.79 30.09
N SER D 1114 -2.57 44.46 28.98
CA SER D 1114 -2.47 43.78 27.69
C SER D 1114 -1.39 42.72 27.72
N LYS D 1115 -0.23 43.05 28.29
CA LYS D 1115 0.86 42.07 28.38
C LYS D 1115 0.52 40.95 29.35
N GLU D 1116 -0.26 41.24 30.40
CA GLU D 1116 -0.73 40.19 31.29
C GLU D 1116 -1.60 39.19 30.55
N ALA D 1117 -2.56 39.69 29.78
CA ALA D 1117 -3.42 38.79 29.00
C ALA D 1117 -2.61 38.05 27.95
N GLU D 1118 -1.63 38.71 27.35
CA GLU D 1118 -0.76 38.05 26.38
C GLU D 1118 0.00 36.90 27.02
N ARG D 1119 0.55 37.12 28.22
CA ARG D 1119 1.29 36.07 28.91
C ARG D 1119 0.38 34.91 29.27
N LYS D 1120 -0.84 35.20 29.74
CA LYS D 1120 -1.78 34.13 30.06
C LYS D 1120 -2.14 33.31 28.83
N LEU D 1121 -2.40 33.99 27.70
CA LEU D 1121 -2.73 33.29 26.46
C LEU D 1121 -1.57 32.44 25.98
N LEU D 1122 -0.35 32.96 26.05
CA LEU D 1122 0.81 32.19 25.61
C LEU D 1122 1.07 31.01 26.52
N THR D 1123 0.84 31.14 27.83
CA THR D 1123 0.97 30.00 28.72
C THR D 1123 -0.05 28.91 28.38
N TRP D 1124 -1.28 29.32 28.11
CA TRP D 1124 -2.30 28.36 27.69
C TRP D 1124 -1.88 27.63 26.41
N GLU D 1125 -1.38 28.37 25.43
CA GLU D 1125 -0.94 27.76 24.18
C GLU D 1125 0.23 26.81 24.40
N SER D 1126 1.19 27.19 25.24
CA SER D 1126 2.35 26.34 25.46
C SER D 1126 1.97 25.07 26.23
N VAL D 1127 1.00 25.17 27.15
CA VAL D 1127 0.52 23.98 27.83
C VAL D 1127 -0.13 23.02 26.82
N HIS D 1128 -0.93 23.56 25.89
CA HIS D 1128 -1.53 22.66 24.91
C HIS D 1128 -0.50 22.11 23.93
N LYS D 1129 0.54 22.88 23.62
CA LYS D 1129 1.64 22.32 22.83
C LYS D 1129 2.33 21.18 23.56
N GLU D 1130 2.52 21.31 24.87
CA GLU D 1130 3.12 20.23 25.64
C GLU D 1130 2.23 18.99 25.64
N ASN D 1131 0.92 19.17 25.78
CA ASN D 1131 0.02 18.01 25.70
C ASN D 1131 0.10 17.35 24.33
N PHE D 1132 0.15 18.15 23.26
CA PHE D 1132 0.26 17.63 21.91
C PHE D 1132 1.55 16.81 21.73
N LEU D 1133 2.67 17.35 22.23
CA LEU D 1133 3.94 16.65 22.11
C LEU D 1133 3.97 15.37 22.94
N LEU D 1134 3.38 15.41 24.15
CA LEU D 1134 3.30 14.22 24.97
C LEU D 1134 2.47 13.14 24.29
N ALA D 1135 1.35 13.53 23.67
CA ALA D 1135 0.54 12.56 22.95
C ALA D 1135 1.31 11.95 21.79
N ARG D 1136 2.06 12.77 21.06
CA ARG D 1136 2.87 12.23 19.97
C ARG D 1136 3.94 11.26 20.48
N ALA D 1137 4.62 11.61 21.56
CA ALA D 1137 5.65 10.74 22.12
C ALA D 1137 5.04 9.43 22.61
N ARG D 1138 3.87 9.50 23.25
CA ARG D 1138 3.22 8.30 23.74
C ARG D 1138 2.76 7.41 22.59
N ASP D 1139 2.29 8.00 21.50
CA ASP D 1139 1.95 7.20 20.32
C ASP D 1139 3.19 6.55 19.72
N LYS D 1140 4.32 7.26 19.70
CA LYS D 1140 5.55 6.69 19.16
C LYS D 1140 6.05 5.53 20.01
N ARG D 1141 5.92 5.66 21.34
CA ARG D 1141 6.44 4.63 22.24
C ARG D 1141 5.73 3.30 22.04
N GLU D 1142 4.45 3.33 21.67
CA GLU D 1142 3.65 2.11 21.56
C GLU D 1142 3.64 1.53 20.16
N SER D 1143 4.45 2.04 19.23
CA SER D 1143 4.53 1.46 17.90
C SER D 1143 5.19 0.08 17.97
N ASP D 1144 4.96 -0.71 16.92
CA ASP D 1144 5.50 -2.07 16.90
C ASP D 1144 7.02 -2.08 16.84
N SER D 1145 7.60 -1.12 16.11
CA SER D 1145 9.06 -1.07 16.00
C SER D 1145 9.70 -0.81 17.37
N GLU D 1146 9.16 0.13 18.14
CA GLU D 1146 9.69 0.41 19.46
C GLU D 1146 9.44 -0.75 20.42
N ARG D 1147 8.29 -1.41 20.32
CA ARG D 1147 8.05 -2.60 21.13
C ARG D 1147 9.08 -3.67 20.84
N LEU D 1148 9.37 -3.91 19.55
CA LEU D 1148 10.36 -4.93 19.19
C LEU D 1148 11.75 -4.53 19.68
N LYS D 1149 12.10 -3.25 19.59
CA LYS D 1149 13.40 -2.79 20.08
C LYS D 1149 13.52 -3.01 21.59
N ARG D 1150 12.48 -2.66 22.34
CA ARG D 1150 12.52 -2.87 23.78
C ARG D 1150 12.54 -4.35 24.13
N THR D 1151 11.84 -5.19 23.35
CA THR D 1151 11.89 -6.62 23.57
C THR D 1151 13.30 -7.16 23.36
N SER D 1152 13.97 -6.70 22.31
CA SER D 1152 15.35 -7.11 22.08
C SER D 1152 16.25 -6.69 23.24
N GLN D 1153 16.08 -5.46 23.73
CA GLN D 1153 16.89 -5.00 24.85
C GLN D 1153 16.63 -5.81 26.12
N LYS D 1154 15.36 -6.14 26.39
CA LYS D 1154 15.06 -6.92 27.58
C LYS D 1154 15.52 -8.37 27.44
N VAL D 1155 15.55 -8.91 26.22
CA VAL D 1155 16.15 -10.23 26.02
C VAL D 1155 17.66 -10.17 26.25
N ASP D 1156 18.29 -9.04 25.87
CA ASP D 1156 19.70 -8.87 26.20
C ASP D 1156 19.91 -8.84 27.71
N LEU D 1157 19.04 -8.17 28.44
CA LEU D 1157 19.13 -8.16 29.90
C LEU D 1157 18.94 -9.55 30.48
N ALA D 1158 18.00 -10.32 29.92
CA ALA D 1158 17.80 -11.70 30.37
C ALA D 1158 19.02 -12.56 30.10
N LEU D 1159 19.66 -12.36 28.94
CA LEU D 1159 20.90 -13.08 28.64
C LEU D 1159 22.00 -12.70 29.63
N LYS D 1160 22.08 -11.42 29.99
CA LYS D 1160 23.06 -10.99 30.99
C LYS D 1160 22.80 -11.66 32.33
N GLN D 1161 21.52 -11.74 32.73
CA GLN D 1161 21.17 -12.40 33.98
C GLN D 1161 21.55 -13.88 33.95
N LEU D 1162 21.26 -14.55 32.83
CA LEU D 1162 21.63 -15.96 32.70
C LEU D 1162 23.14 -16.17 32.70
N GLY D 1163 23.90 -15.28 32.07
CA GLY D 1163 25.35 -15.39 32.13
C GLY D 1163 25.88 -15.19 33.54
N HIS D 1164 25.31 -14.22 34.26
CA HIS D 1164 25.78 -13.94 35.62
C HIS D 1164 25.36 -15.04 36.59
N ILE D 1165 24.27 -15.76 36.30
CA ILE D 1165 23.79 -16.78 37.24
C ILE D 1165 24.62 -18.05 37.19
N ARG D 1166 25.40 -18.27 36.13
CA ARG D 1166 26.25 -19.45 36.05
C ARG D 1166 27.64 -19.16 36.60
O12 PT5 E . -32.77 6.70 -9.17
P1 PT5 E . -32.67 8.05 -8.57
O13 PT5 E . -33.13 9.12 -9.65
O11 PT5 E . -33.44 8.34 -7.33
O6 PT5 E . -29.34 7.72 -6.33
O1 PT5 E . -31.11 8.50 -8.42
C1 PT5 E . -30.66 9.43 -7.41
C6 PT5 E . -29.28 9.02 -6.93
C2 PT5 E . -30.63 10.83 -8.02
O2 PT5 E . -29.77 10.83 -9.15
C3 PT5 E . -30.16 11.84 -6.99
O3 PT5 E . -30.12 13.14 -7.56
C4 PT5 E . -28.78 11.44 -6.49
O4 PT5 E . -28.38 12.36 -5.45
P4 PT5 E . -27.44 13.67 -5.71
O41 PT5 E . -26.60 13.82 -4.47
O42 PT5 E . -26.62 13.34 -6.94
O43 PT5 E . -28.40 14.82 -5.93
C5 PT5 E . -28.77 10.03 -5.92
O5 PT5 E . -27.40 9.69 -5.59
P5 PT5 E . -26.77 9.63 -4.09
O52 PT5 E . -27.48 8.49 -3.39
O51 PT5 E . -25.30 9.36 -4.28
O53 PT5 E . -27.05 10.97 -3.45
C7 PT5 E . -32.41 9.29 -10.88
C8 PT5 E . -33.34 9.89 -11.91
C9 PT5 E . -34.07 11.08 -11.36
O16 PT5 E . -32.51 10.36 -13.02
C10 PT5 E . -33.10 10.49 -14.22
O17 PT5 E . -34.26 10.24 -14.43
O18 PT5 E . -35.41 10.67 -11.00
C11 PT5 E . -36.45 11.31 -11.54
O19 PT5 E . -37.60 11.03 -11.31
C12 PT5 E . -32.12 10.97 -15.26
C13 PT5 E . -32.14 12.49 -15.42
C14 PT5 E . -33.47 13.05 -15.90
C31 PT5 E . -36.02 12.42 -12.46
C32 PT5 E . -37.09 12.79 -13.48
C33 PT5 E . -36.66 13.98 -14.35
C34 PT5 E . -37.65 14.34 -15.45
C35 PT5 E . -37.14 15.44 -16.38
C36 PT5 E . -37.98 15.64 -17.64
C37 PT5 E . -37.25 16.44 -18.71
C38 PT5 E . -37.93 16.41 -20.07
C39 PT5 E . -39.11 17.36 -20.20
C40 PT5 E . -38.72 18.82 -20.25
C41 PT5 E . -37.83 19.18 -21.44
C42 PT5 E . -37.56 20.67 -21.56
C43 PT5 E . -38.83 21.51 -21.71
C44 PT5 E . -38.60 23.00 -21.56
C45 PT5 E . -39.90 23.80 -21.54
C46 PT5 E . -39.73 25.28 -21.26
C47 PT5 E . -41.05 26.03 -21.23
CA CA F . -45.96 6.71 -9.42
CA CA G . -6.13 3.38 49.05
O12 PT5 H . -10.88 -12.53 -30.45
P1 PT5 H . -12.26 -12.67 -29.91
O13 PT5 H . -13.26 -11.94 -30.90
O11 PT5 H . -12.80 -14.03 -29.68
O6 PT5 H . -11.64 -12.31 -25.96
O1 PT5 H . -12.46 -11.71 -28.61
C1 PT5 H . -13.42 -12.01 -27.57
C6 PT5 H . -12.84 -11.58 -26.23
C2 PT5 H . -14.71 -11.27 -27.86
O2 PT5 H . -14.45 -9.88 -27.94
C3 PT5 H . -15.73 -11.55 -26.78
O3 PT5 H . -16.94 -10.86 -27.06
C4 PT5 H . -15.18 -11.14 -25.43
O4 PT5 H . -16.13 -11.50 -24.41
P4 PT5 H . -17.23 -10.46 -23.79
O41 PT5 H . -17.38 -10.84 -22.34
O42 PT5 H . -16.65 -9.08 -23.99
O43 PT5 H . -18.50 -10.69 -24.60
C5 PT5 H . -13.86 -11.82 -25.13
O5 PT5 H . -13.33 -11.28 -23.90
P5 PT5 H . -13.34 -12.01 -22.45
O52 PT5 H . -12.42 -13.21 -22.59
O51 PT5 H . -12.82 -10.99 -21.47
O53 PT5 H . -14.77 -12.42 -22.17
C7 PT5 H . -13.18 -10.53 -31.15
C8 PT5 H . -13.80 -10.22 -32.49
C9 PT5 H . -15.15 -10.88 -32.63
O16 PT5 H . -14.01 -8.78 -32.56
C10 PT5 H . -14.10 -8.23 -33.78
O17 PT5 H . -14.02 -8.85 -34.81
O18 PT5 H . -15.00 -12.08 -33.43
C11 PT5 H . -15.74 -12.21 -34.53
O19 PT5 H . -15.68 -13.15 -35.27
C12 PT5 H . -14.31 -6.74 -33.69
C13 PT5 H . -15.78 -6.34 -33.73
C14 PT5 H . -16.49 -6.72 -35.02
C31 PT5 H . -16.66 -11.04 -34.75
C32 PT5 H . -17.09 -10.87 -36.21
C33 PT5 H . -18.09 -9.73 -36.38
C34 PT5 H . -18.48 -9.45 -37.83
C35 PT5 H . -19.38 -8.23 -37.98
C36 PT5 H . -19.57 -7.77 -39.43
C37 PT5 H . -20.12 -6.35 -39.53
C38 PT5 H . -20.05 -5.76 -40.93
C39 PT5 H . -21.16 -6.23 -41.86
C40 PT5 H . -22.53 -5.67 -41.52
C41 PT5 H . -22.61 -4.15 -41.60
C42 PT5 H . -24.01 -3.61 -41.40
C43 PT5 H . -25.02 -4.14 -42.40
C44 PT5 H . -26.46 -3.83 -42.06
C45 PT5 H . -27.46 -4.51 -42.99
C46 PT5 H . -28.91 -4.33 -42.60
C47 PT5 H . -29.86 -5.05 -43.54
CA CA I . -13.01 -20.67 -40.62
CA CA J . -9.67 -40.13 27.40
O12 PT5 K . 13.85 13.68 -28.70
P1 PT5 K . 13.70 12.38 -29.40
O13 PT5 K . 12.94 12.63 -30.77
O11 PT5 K . 14.92 11.61 -29.73
O6 PT5 K . 13.02 9.86 -26.34
O1 PT5 K . 12.59 11.45 -28.66
C1 PT5 K . 12.61 10.01 -28.72
C6 PT5 K . 12.14 9.45 -27.39
C2 PT5 K . 11.71 9.55 -29.85
O2 PT5 K . 10.39 10.04 -29.64
C3 PT5 K . 11.70 8.04 -29.94
O3 PT5 K . 10.86 7.61 -31.00
C4 PT5 K . 11.23 7.45 -28.63
O4 PT5 K . 11.32 6.01 -28.70
P4 PT5 K . 10.06 5.05 -29.08
O41 PT5 K . 10.25 3.79 -28.27
O42 PT5 K . 8.82 5.83 -28.69
O43 PT5 K . 10.17 4.82 -30.57
C5 PT5 K . 12.09 7.93 -27.47
O5 PT5 K . 11.51 7.44 -26.24
P5 PT5 K . 12.07 6.20 -25.33
O52 PT5 K . 13.41 6.67 -24.80
O51 PT5 K . 11.04 5.99 -24.25
O53 PT5 K . 12.20 5.02 -26.26
C7 PT5 K . 11.59 13.14 -30.79
C8 PT5 K . 11.33 13.80 -32.12
C9 PT5 K . 11.77 12.93 -33.27
O16 PT5 K . 9.89 14.00 -32.25
C10 PT5 K . 9.47 14.97 -33.08
O17 PT5 K . 10.20 15.67 -33.72
O18 PT5 K . 13.06 13.41 -33.74
C11 PT5 K . 13.19 13.74 -35.02
O19 PT5 K . 14.21 14.16 -35.51
C12 PT5 K . 7.97 15.04 -33.09
C13 PT5 K . 7.34 14.22 -34.22
C14 PT5 K . 7.74 14.67 -35.61
C31 PT5 K . 11.92 13.55 -35.80
C32 PT5 K . 11.84 14.40 -37.06
C33 PT5 K . 10.58 14.12 -37.87
C34 PT5 K . 10.40 15.01 -39.09
C35 PT5 K . 9.07 14.80 -39.80
C36 PT5 K . 8.75 15.85 -40.87
C37 PT5 K . 7.29 15.85 -41.28
C38 PT5 K . 6.86 17.05 -42.11
C39 PT5 K . 7.25 16.96 -43.58
C40 PT5 K . 6.45 15.95 -44.36
C41 PT5 K . 4.95 16.24 -44.39
C42 PT5 K . 4.16 15.30 -45.30
C43 PT5 K . 4.63 15.32 -46.74
C44 PT5 K . 4.05 14.21 -47.60
C45 PT5 K . 4.67 14.15 -48.99
C46 PT5 K . 4.21 12.98 -49.83
C47 PT5 K . 4.86 12.95 -51.20
CA CA L . 22.60 18.45 -37.35
CA CA M . 34.80 -34.26 8.34
O12 PT5 N . -8.03 32.91 -7.42
P1 PT5 N . -6.70 33.11 -8.05
O13 PT5 N . -6.93 33.69 -9.51
O11 PT5 N . -5.72 33.97 -7.39
O6 PT5 N . -4.68 29.89 -6.72
O1 PT5 N . -6.06 31.66 -8.47
C1 PT5 N . -4.63 31.45 -8.56
C6 PT5 N . -4.31 30.05 -8.09
C2 PT5 N . -4.21 31.65 -10.01
O2 PT5 N . -4.92 30.75 -10.84
C3 PT5 N . -2.71 31.43 -10.15
O3 PT5 N . -2.32 31.61 -11.51
C4 PT5 N . -2.36 30.03 -9.68
O4 PT5 N . -0.93 29.87 -9.74
P4 PT5 N . -0.15 29.18 -11.00
O41 PT5 N . 1.03 28.46 -10.40
O42 PT5 N . -1.15 28.25 -11.64
O43 PT5 N . 0.26 30.33 -11.90
C5 PT5 N . -2.82 29.79 -8.26
O5 PT5 N . -2.57 28.40 -7.93
P5 PT5 N . -1.36 27.85 -6.98
O52 PT5 N . -1.66 28.37 -5.59
O51 PT5 N . -1.44 26.34 -7.07
O53 PT5 N . -0.08 28.41 -7.54
C7 PT5 N . -7.64 32.95 -10.52
C8 PT5 N . -8.19 33.92 -11.54
C9 PT5 N . -7.14 34.89 -12.00
O16 PT5 N . -8.61 33.14 -12.70
C10 PT5 N . -9.53 33.68 -13.52
O17 PT5 N . -10.03 34.76 -13.34
O18 PT5 N . -7.35 36.15 -11.31
C11 PT5 N . -7.51 37.26 -12.03
O19 PT5 N . -7.71 38.35 -11.54
C12 PT5 N . -9.85 32.76 -14.66
C13 PT5 N . -9.02 33.05 -15.91
C14 PT5 N . -9.24 34.44 -16.49
C31 PT5 N . -7.45 37.00 -13.50
C32 PT5 N . -8.16 38.07 -14.34
C33 PT5 N . -8.00 37.83 -15.83
C34 PT5 N . -8.77 38.80 -16.71
C35 PT5 N . -8.69 38.46 -18.20
C36 PT5 N . -9.66 39.25 -19.08
C37 PT5 N . -9.85 38.63 -20.46
C38 PT5 N . -11.01 39.23 -21.25
C39 PT5 N . -10.70 40.55 -21.92
C40 PT5 N . -9.75 40.44 -23.09
C41 PT5 N . -10.28 39.57 -24.23
C42 PT5 N . -9.39 39.58 -25.46
C43 PT5 N . -9.18 40.97 -26.05
C44 PT5 N . -8.09 41.04 -27.10
C45 PT5 N . -7.77 42.47 -27.54
C46 PT5 N . -6.60 42.59 -28.50
C47 PT5 N . -6.32 44.02 -28.89
CA CA O . -10.35 45.85 -6.15
CA CA P . 38.34 9.25 29.99
#